data_2JZA
#
_entry.id   2JZA
#
_entity_poly.entity_id   1
_entity_poly.type   'polypeptide(L)'
_entity_poly.pdbx_seq_one_letter_code
;MSQWTTVCKLDDILPGTGVCALVEQQQIAVFRPRNDEQVYAISNIDPFAQASVLSRGIVAEHQDDLWVASPLKKQHFRLY
DGFCLEDGAYSVAAYDTQVTNGNVQISIADSDVAVDNSQPLPLEHHHHHH
;
_entity_poly.pdbx_strand_id   A
#
# COMPACT_ATOMS: atom_id res chain seq x y z
N MET A 1 0.69 -19.00 8.22
CA MET A 1 0.25 -17.67 8.71
C MET A 1 0.50 -17.55 10.21
N SER A 2 1.51 -16.77 10.58
CA SER A 2 1.82 -16.56 11.99
C SER A 2 1.61 -15.09 12.36
N GLN A 3 2.50 -14.23 11.87
CA GLN A 3 2.42 -12.79 12.14
C GLN A 3 1.94 -12.07 10.88
N TRP A 4 1.28 -12.82 10.02
CA TRP A 4 0.82 -12.30 8.74
C TRP A 4 -0.65 -11.91 8.83
N THR A 5 -0.92 -10.62 8.74
CA THR A 5 -2.27 -10.12 8.85
C THR A 5 -2.86 -9.85 7.47
N THR A 6 -4.12 -10.22 7.29
CA THR A 6 -4.81 -10.03 6.03
C THR A 6 -5.10 -8.56 5.77
N VAL A 7 -4.77 -8.09 4.59
CA VAL A 7 -5.05 -6.70 4.21
C VAL A 7 -6.46 -6.60 3.63
N CYS A 8 -6.64 -7.14 2.43
CA CYS A 8 -7.91 -7.14 1.75
C CYS A 8 -7.99 -8.31 0.77
N LYS A 9 -9.11 -8.45 0.10
CA LYS A 9 -9.27 -9.49 -0.91
C LYS A 9 -8.57 -9.06 -2.19
N LEU A 10 -7.98 -10.02 -2.88
CA LEU A 10 -7.29 -9.75 -4.13
C LEU A 10 -8.27 -9.25 -5.19
N ASP A 11 -9.45 -9.82 -5.19
CA ASP A 11 -10.46 -9.55 -6.21
C ASP A 11 -11.07 -8.17 -6.04
N ASP A 12 -11.17 -7.72 -4.79
CA ASP A 12 -11.71 -6.40 -4.50
C ASP A 12 -10.75 -5.32 -4.97
N ILE A 13 -9.50 -5.71 -5.21
CA ILE A 13 -8.51 -4.78 -5.70
C ILE A 13 -8.52 -4.76 -7.22
N LEU A 14 -8.95 -3.65 -7.79
CA LEU A 14 -9.03 -3.50 -9.24
C LEU A 14 -7.65 -3.49 -9.87
N PRO A 15 -7.46 -4.26 -10.95
CA PRO A 15 -6.19 -4.30 -11.70
C PRO A 15 -5.76 -2.91 -12.16
N GLY A 16 -4.50 -2.60 -11.95
CA GLY A 16 -3.96 -1.31 -12.30
C GLY A 16 -4.30 -0.25 -11.27
N THR A 17 -4.48 -0.68 -10.01
CA THR A 17 -4.96 0.22 -8.97
C THR A 17 -4.42 -0.19 -7.60
N GLY A 18 -4.74 0.58 -6.57
CA GLY A 18 -4.31 0.25 -5.23
C GLY A 18 -4.66 1.34 -4.24
N VAL A 19 -5.28 0.96 -3.13
CA VAL A 19 -5.67 1.92 -2.11
C VAL A 19 -5.10 1.54 -0.75
N CYS A 20 -5.07 2.49 0.17
CA CYS A 20 -4.55 2.24 1.50
C CYS A 20 -5.64 1.71 2.42
N ALA A 21 -5.25 0.82 3.32
CA ALA A 21 -6.13 0.33 4.35
C ALA A 21 -5.45 0.45 5.70
N LEU A 22 -6.24 0.69 6.73
CA LEU A 22 -5.71 0.76 8.09
C LEU A 22 -5.43 -0.65 8.59
N VAL A 23 -4.19 -1.08 8.42
CA VAL A 23 -3.81 -2.43 8.82
C VAL A 23 -3.20 -2.41 10.22
N GLU A 24 -4.05 -2.67 11.21
CA GLU A 24 -3.65 -2.76 12.61
C GLU A 24 -3.12 -1.43 13.16
N GLN A 25 -1.87 -1.12 12.84
CA GLN A 25 -1.21 0.08 13.35
C GLN A 25 -0.77 0.99 12.21
N GLN A 26 -0.62 0.44 11.02
CA GLN A 26 -0.01 1.18 9.92
C GLN A 26 -0.90 1.15 8.68
N GLN A 27 -0.89 2.23 7.91
CA GLN A 27 -1.61 2.26 6.64
C GLN A 27 -0.77 1.61 5.55
N ILE A 28 -1.37 0.69 4.82
CA ILE A 28 -0.68 -0.03 3.76
C ILE A 28 -1.47 0.06 2.46
N ALA A 29 -0.78 0.37 1.38
CA ALA A 29 -1.40 0.47 0.07
C ALA A 29 -1.06 -0.76 -0.76
N VAL A 30 -2.02 -1.25 -1.52
CA VAL A 30 -1.83 -2.50 -2.25
C VAL A 30 -1.84 -2.26 -3.76
N PHE A 31 -0.66 -2.23 -4.36
CA PHE A 31 -0.52 -2.09 -5.80
C PHE A 31 -0.93 -3.38 -6.50
N ARG A 32 -1.96 -3.34 -7.32
CA ARG A 32 -2.28 -4.50 -8.14
C ARG A 32 -2.01 -4.19 -9.61
N PRO A 33 -0.90 -4.71 -10.15
CA PRO A 33 -0.54 -4.49 -11.54
C PRO A 33 -1.46 -5.23 -12.51
N ARG A 34 -1.58 -6.54 -12.32
CA ARG A 34 -2.38 -7.38 -13.20
C ARG A 34 -3.45 -8.12 -12.40
N ASN A 35 -4.18 -9.00 -13.07
CA ASN A 35 -5.21 -9.82 -12.43
C ASN A 35 -4.55 -11.02 -11.71
N ASP A 36 -3.24 -10.95 -11.56
CA ASP A 36 -2.48 -11.99 -10.87
C ASP A 36 -2.68 -11.84 -9.36
N GLU A 37 -2.07 -12.72 -8.60
CA GLU A 37 -2.15 -12.69 -7.16
C GLU A 37 -0.98 -11.89 -6.59
N GLN A 38 0.10 -11.81 -7.36
CA GLN A 38 1.28 -11.10 -6.94
C GLN A 38 1.04 -9.59 -6.96
N VAL A 39 0.76 -9.04 -5.79
CA VAL A 39 0.55 -7.62 -5.64
C VAL A 39 1.63 -7.02 -4.75
N TYR A 40 1.58 -5.72 -4.55
CA TYR A 40 2.58 -5.04 -3.75
C TYR A 40 1.91 -4.24 -2.64
N ALA A 41 1.92 -4.79 -1.45
CA ALA A 41 1.30 -4.12 -0.31
C ALA A 41 2.37 -3.49 0.57
N ILE A 42 2.60 -2.21 0.37
CA ILE A 42 3.64 -1.50 1.11
C ILE A 42 3.11 -0.20 1.68
N SER A 43 3.90 0.46 2.50
CA SER A 43 3.50 1.73 3.10
C SER A 43 3.91 2.88 2.18
N ASN A 44 3.03 3.21 1.24
CA ASN A 44 3.27 4.30 0.31
C ASN A 44 2.13 5.29 0.37
N ILE A 45 2.19 6.18 1.35
CA ILE A 45 1.12 7.14 1.61
C ILE A 45 1.67 8.55 1.53
N ASP A 46 0.90 9.47 0.97
CA ASP A 46 1.30 10.86 0.93
C ASP A 46 0.74 11.60 2.13
N PRO A 47 1.60 12.25 2.93
CA PRO A 47 1.20 12.92 4.17
C PRO A 47 0.25 14.09 3.95
N PHE A 48 0.07 14.50 2.70
CA PHE A 48 -0.82 15.61 2.38
C PHE A 48 -2.22 15.09 2.01
N ALA A 49 -2.32 13.79 1.76
CA ALA A 49 -3.57 13.21 1.29
C ALA A 49 -4.08 12.12 2.23
N GLN A 50 -3.16 11.50 2.96
CA GLN A 50 -3.48 10.43 3.91
C GLN A 50 -3.96 9.16 3.21
N ALA A 51 -3.78 9.12 1.89
CA ALA A 51 -4.22 7.99 1.08
C ALA A 51 -3.13 7.56 0.13
N SER A 52 -3.39 6.50 -0.61
CA SER A 52 -2.45 5.91 -1.54
C SER A 52 -2.40 6.67 -2.86
N VAL A 53 -2.31 8.00 -2.79
CA VAL A 53 -2.31 8.81 -4.00
C VAL A 53 -0.97 8.62 -4.73
N LEU A 54 0.01 8.17 -3.99
CA LEU A 54 1.33 7.85 -4.54
C LEU A 54 1.30 6.45 -5.15
N SER A 55 0.22 5.73 -4.90
CA SER A 55 0.07 4.37 -5.39
C SER A 55 -0.85 4.33 -6.62
N ARG A 56 -1.64 5.38 -6.78
CA ARG A 56 -2.59 5.45 -7.88
C ARG A 56 -1.97 6.20 -9.06
N GLY A 57 -0.65 6.27 -9.06
CA GLY A 57 0.06 6.94 -10.13
C GLY A 57 0.23 6.04 -11.34
N ILE A 58 1.29 6.27 -12.10
CA ILE A 58 1.54 5.50 -13.31
C ILE A 58 2.38 4.27 -12.99
N VAL A 59 1.72 3.13 -12.95
CA VAL A 59 2.38 1.86 -12.71
C VAL A 59 2.86 1.28 -14.03
N ALA A 60 4.15 1.37 -14.27
CA ALA A 60 4.75 0.91 -15.51
C ALA A 60 6.16 0.41 -15.29
N GLU A 61 6.75 -0.13 -16.34
CA GLU A 61 8.11 -0.63 -16.27
C GLU A 61 9.09 0.50 -16.60
N HIS A 62 9.96 0.81 -15.65
CA HIS A 62 10.91 1.90 -15.82
C HIS A 62 12.16 1.42 -16.53
N GLN A 63 12.53 0.17 -16.27
CA GLN A 63 13.73 -0.40 -16.85
C GLN A 63 13.57 -1.90 -17.00
N ASP A 64 13.45 -2.59 -15.88
CA ASP A 64 13.34 -4.03 -15.87
C ASP A 64 12.23 -4.49 -14.93
N ASP A 65 11.89 -3.64 -13.99
CA ASP A 65 10.98 -4.02 -12.93
C ASP A 65 9.74 -3.12 -12.94
N LEU A 66 8.88 -3.29 -11.96
CA LEU A 66 7.65 -2.52 -11.88
C LEU A 66 7.85 -1.29 -11.00
N TRP A 67 7.64 -0.13 -11.59
CA TRP A 67 7.83 1.13 -10.90
C TRP A 67 6.54 1.93 -10.92
N VAL A 68 6.35 2.79 -9.93
CA VAL A 68 5.22 3.68 -9.92
C VAL A 68 5.69 5.13 -10.05
N ALA A 69 5.20 5.81 -11.07
CA ALA A 69 5.52 7.21 -11.27
C ALA A 69 4.56 8.08 -10.46
N SER A 70 5.11 8.78 -9.47
CA SER A 70 4.30 9.65 -8.64
C SER A 70 3.70 10.79 -9.48
N PRO A 71 2.38 10.98 -9.37
CA PRO A 71 1.68 12.04 -10.09
C PRO A 71 2.06 13.43 -9.59
N LEU A 72 2.37 13.52 -8.30
CA LEU A 72 2.70 14.80 -7.68
C LEU A 72 4.21 14.97 -7.55
N LYS A 73 4.86 14.03 -6.89
CA LYS A 73 6.28 14.15 -6.57
C LYS A 73 7.15 13.68 -7.73
N LYS A 74 6.56 12.90 -8.63
CA LYS A 74 7.19 12.47 -9.90
C LYS A 74 8.30 11.43 -9.71
N GLN A 75 8.90 11.38 -8.52
CA GLN A 75 9.91 10.37 -8.22
C GLN A 75 9.42 8.97 -8.59
N HIS A 76 10.34 8.11 -9.04
CA HIS A 76 9.97 6.78 -9.52
C HIS A 76 10.24 5.73 -8.44
N PHE A 77 9.18 5.25 -7.82
CA PHE A 77 9.31 4.27 -6.76
C PHE A 77 9.26 2.87 -7.35
N ARG A 78 10.30 2.08 -7.11
CA ARG A 78 10.25 0.67 -7.47
C ARG A 78 9.38 -0.05 -6.44
N LEU A 79 8.33 -0.70 -6.91
CA LEU A 79 7.24 -1.18 -6.05
C LEU A 79 7.71 -2.00 -4.85
N TYR A 80 8.55 -2.98 -5.09
CA TYR A 80 8.98 -3.89 -4.03
C TYR A 80 10.23 -3.36 -3.31
N ASP A 81 10.75 -2.23 -3.78
CA ASP A 81 11.98 -1.70 -3.24
C ASP A 81 11.71 -0.53 -2.30
N GLY A 82 11.10 0.52 -2.84
CA GLY A 82 10.76 1.67 -2.04
C GLY A 82 11.59 2.89 -2.34
N PHE A 83 12.76 2.71 -2.97
CA PHE A 83 13.64 3.84 -3.26
C PHE A 83 13.11 4.63 -4.45
N CYS A 84 13.51 5.89 -4.55
CA CYS A 84 12.93 6.81 -5.52
C CYS A 84 13.89 7.14 -6.65
N LEU A 85 13.78 6.40 -7.75
CA LEU A 85 14.51 6.67 -8.99
C LEU A 85 16.02 6.56 -8.80
N GLU A 86 16.62 7.59 -8.22
CA GLU A 86 18.04 7.60 -7.97
C GLU A 86 18.33 8.01 -6.52
N ASP A 87 17.80 9.17 -6.14
CA ASP A 87 18.03 9.70 -4.80
C ASP A 87 16.82 9.43 -3.91
N GLY A 88 17.02 8.60 -2.90
CA GLY A 88 15.94 8.22 -2.02
C GLY A 88 15.68 9.23 -0.92
N ALA A 89 15.17 10.39 -1.29
CA ALA A 89 14.84 11.44 -0.32
C ALA A 89 13.38 11.35 0.09
N TYR A 90 12.71 10.30 -0.37
CA TYR A 90 11.28 10.13 -0.11
C TYR A 90 10.93 8.64 -0.14
N SER A 91 11.91 7.81 0.23
CA SER A 91 11.75 6.37 0.20
C SER A 91 10.67 5.90 1.17
N VAL A 92 9.88 4.91 0.74
CA VAL A 92 8.79 4.39 1.57
C VAL A 92 9.17 3.05 2.20
N ALA A 93 8.23 2.47 2.94
CA ALA A 93 8.49 1.22 3.66
C ALA A 93 7.89 0.03 2.92
N ALA A 94 8.70 -1.00 2.72
CA ALA A 94 8.28 -2.17 1.98
C ALA A 94 8.31 -3.41 2.87
N TYR A 95 7.14 -3.85 3.27
CA TYR A 95 7.00 -5.05 4.09
C TYR A 95 6.73 -6.26 3.20
N ASP A 96 7.01 -7.45 3.71
CA ASP A 96 6.84 -8.67 2.93
C ASP A 96 5.38 -9.15 2.98
N THR A 97 4.95 -9.82 1.92
CA THR A 97 3.56 -10.20 1.76
C THR A 97 3.43 -11.66 1.33
N GLN A 98 2.32 -12.29 1.70
CA GLN A 98 2.01 -13.64 1.22
C GLN A 98 0.55 -13.72 0.81
N VAL A 99 0.23 -14.68 -0.03
CA VAL A 99 -1.15 -14.89 -0.47
C VAL A 99 -1.65 -16.24 0.01
N THR A 100 -2.55 -16.23 0.98
CA THR A 100 -3.08 -17.47 1.54
C THR A 100 -4.08 -18.12 0.58
N ASN A 101 -5.28 -17.57 0.51
CA ASN A 101 -6.30 -18.07 -0.40
C ASN A 101 -7.12 -16.90 -0.94
N GLY A 102 -6.65 -16.31 -2.03
CA GLY A 102 -7.36 -15.19 -2.63
C GLY A 102 -7.22 -13.91 -1.84
N ASN A 103 -6.53 -13.98 -0.71
CA ASN A 103 -6.35 -12.83 0.16
C ASN A 103 -4.88 -12.59 0.41
N VAL A 104 -4.48 -11.33 0.44
CA VAL A 104 -3.09 -10.97 0.61
C VAL A 104 -2.81 -10.55 2.05
N GLN A 105 -1.75 -11.09 2.62
CA GLN A 105 -1.37 -10.79 4.00
C GLN A 105 0.05 -10.22 4.04
N ILE A 106 0.32 -9.40 5.04
CA ILE A 106 1.65 -8.83 5.21
C ILE A 106 2.21 -9.18 6.59
N SER A 107 3.53 -9.19 6.70
CA SER A 107 4.17 -9.41 7.98
C SER A 107 4.22 -8.09 8.74
N ILE A 108 3.32 -7.92 9.70
CA ILE A 108 3.19 -6.65 10.40
C ILE A 108 4.25 -6.46 11.47
N ALA A 109 5.40 -5.95 11.06
CA ALA A 109 6.41 -5.52 11.99
C ALA A 109 6.32 -4.01 12.15
N ASP A 110 5.58 -3.57 13.17
CA ASP A 110 5.33 -2.15 13.37
C ASP A 110 6.62 -1.40 13.63
N SER A 111 6.88 -0.40 12.81
CA SER A 111 8.12 0.35 12.88
C SER A 111 7.88 1.72 13.50
N ASP A 112 6.94 2.46 12.93
CA ASP A 112 6.60 3.79 13.42
C ASP A 112 5.09 3.96 13.45
N VAL A 113 4.53 3.97 14.64
CA VAL A 113 3.09 4.09 14.81
C VAL A 113 2.70 5.49 15.26
N ALA A 114 1.77 6.10 14.57
CA ALA A 114 1.33 7.45 14.89
C ALA A 114 -0.14 7.45 15.29
N VAL A 115 -0.59 8.55 15.87
CA VAL A 115 -1.98 8.68 16.30
C VAL A 115 -2.85 9.18 15.15
N ASP A 116 -4.11 8.74 15.11
CA ASP A 116 -5.02 9.13 14.05
C ASP A 116 -5.33 10.61 14.11
N ASN A 117 -5.56 11.21 12.95
CA ASN A 117 -5.72 12.66 12.84
C ASN A 117 -7.17 13.07 13.11
N SER A 118 -7.34 14.25 13.66
CA SER A 118 -8.67 14.79 13.86
C SER A 118 -8.91 15.92 12.86
N GLN A 119 -9.13 15.52 11.62
CA GLN A 119 -9.37 16.46 10.54
C GLN A 119 -10.87 16.61 10.28
N PRO A 120 -11.32 17.81 9.95
CA PRO A 120 -12.72 18.07 9.61
C PRO A 120 -13.12 17.30 8.36
N LEU A 121 -14.15 16.45 8.49
CA LEU A 121 -14.60 15.61 7.40
C LEU A 121 -15.18 16.46 6.26
N PRO A 122 -15.30 15.88 5.05
CA PRO A 122 -15.87 16.55 3.88
C PRO A 122 -17.20 17.23 4.19
N LEU A 123 -17.27 18.51 3.90
CA LEU A 123 -18.48 19.29 4.15
C LEU A 123 -19.29 19.39 2.87
N GLU A 124 -20.58 19.08 2.97
CA GLU A 124 -21.48 19.14 1.83
C GLU A 124 -21.74 20.58 1.40
N HIS A 125 -21.68 20.81 0.10
CA HIS A 125 -22.00 22.11 -0.46
C HIS A 125 -23.50 22.23 -0.67
N HIS A 126 -24.19 22.86 0.28
CA HIS A 126 -25.63 23.04 0.15
C HIS A 126 -25.94 24.05 -0.94
N HIS A 127 -26.82 23.64 -1.86
CA HIS A 127 -27.14 24.43 -3.05
C HIS A 127 -27.62 25.84 -2.68
N HIS A 128 -27.02 26.83 -3.33
CA HIS A 128 -27.39 28.23 -3.12
C HIS A 128 -28.33 28.67 -4.23
N HIS A 129 -29.53 29.09 -3.86
CA HIS A 129 -30.56 29.53 -4.81
C HIS A 129 -31.11 28.34 -5.62
N HIS A 130 -32.37 28.43 -5.99
CA HIS A 130 -32.98 27.44 -6.87
C HIS A 130 -32.85 27.89 -8.32
N MET A 1 2.85 -17.88 9.97
CA MET A 1 1.95 -16.74 10.20
C MET A 1 1.95 -16.32 11.67
N SER A 2 2.96 -15.56 12.05
CA SER A 2 3.04 -15.01 13.38
C SER A 2 2.63 -13.54 13.36
N GLN A 3 3.25 -12.77 12.48
CA GLN A 3 2.97 -11.34 12.37
C GLN A 3 2.21 -11.02 11.09
N TRP A 4 1.53 -12.02 10.55
CA TRP A 4 0.76 -11.84 9.33
C TRP A 4 -0.70 -11.55 9.68
N THR A 5 -1.16 -10.37 9.31
CA THR A 5 -2.53 -9.98 9.59
C THR A 5 -3.37 -10.02 8.31
N THR A 6 -4.52 -10.70 8.39
CA THR A 6 -5.43 -10.78 7.27
C THR A 6 -6.10 -9.42 7.02
N VAL A 7 -5.82 -8.82 5.87
CA VAL A 7 -6.37 -7.51 5.54
C VAL A 7 -7.73 -7.67 4.87
N CYS A 8 -7.72 -8.02 3.59
CA CYS A 8 -8.95 -8.15 2.81
C CYS A 8 -8.79 -9.25 1.78
N LYS A 9 -9.89 -9.59 1.10
CA LYS A 9 -9.85 -10.54 0.01
C LYS A 9 -9.43 -9.85 -1.28
N LEU A 10 -8.62 -10.53 -2.08
CA LEU A 10 -8.14 -9.97 -3.34
C LEU A 10 -9.27 -9.86 -4.36
N ASP A 11 -10.31 -10.65 -4.15
CA ASP A 11 -11.48 -10.65 -5.03
C ASP A 11 -12.16 -9.27 -5.01
N ASP A 12 -12.13 -8.63 -3.85
CA ASP A 12 -12.75 -7.32 -3.70
C ASP A 12 -11.76 -6.21 -4.07
N ILE A 13 -10.50 -6.58 -4.21
CA ILE A 13 -9.47 -5.62 -4.59
C ILE A 13 -9.46 -5.44 -6.11
N LEU A 14 -9.87 -4.26 -6.54
CA LEU A 14 -10.02 -3.93 -7.96
C LEU A 14 -8.73 -4.16 -8.75
N PRO A 15 -8.81 -4.89 -9.87
CA PRO A 15 -7.67 -5.09 -10.76
C PRO A 15 -7.25 -3.80 -11.44
N GLY A 16 -6.00 -3.40 -11.24
CA GLY A 16 -5.52 -2.16 -11.80
C GLY A 16 -5.56 -1.01 -10.81
N THR A 17 -5.31 -1.30 -9.54
CA THR A 17 -5.37 -0.26 -8.51
C THR A 17 -4.18 -0.35 -7.56
N GLY A 18 -4.23 0.43 -6.48
CA GLY A 18 -3.16 0.42 -5.51
C GLY A 18 -3.29 1.56 -4.53
N VAL A 19 -3.90 1.28 -3.36
CA VAL A 19 -4.10 2.30 -2.33
C VAL A 19 -3.71 1.78 -0.97
N CYS A 20 -3.58 2.67 0.00
CA CYS A 20 -3.15 2.31 1.35
C CYS A 20 -4.31 1.72 2.16
N ALA A 21 -4.14 0.49 2.60
CA ALA A 21 -5.10 -0.14 3.49
C ALA A 21 -4.66 0.10 4.94
N LEU A 22 -5.61 0.15 5.85
CA LEU A 22 -5.33 0.47 7.24
C LEU A 22 -5.27 -0.82 8.08
N VAL A 23 -4.07 -1.19 8.47
CA VAL A 23 -3.89 -2.34 9.36
C VAL A 23 -3.35 -1.85 10.70
N GLU A 24 -4.16 -2.00 11.75
CA GLU A 24 -3.86 -1.45 13.08
C GLU A 24 -3.86 0.08 13.01
N GLN A 25 -2.73 0.63 12.62
CA GLN A 25 -2.64 2.04 12.25
C GLN A 25 -1.48 2.24 11.29
N GLN A 26 -1.07 1.13 10.68
CA GLN A 26 -0.04 1.14 9.65
C GLN A 26 -0.70 1.02 8.29
N GLN A 27 -0.34 1.91 7.38
CA GLN A 27 -0.92 1.92 6.05
C GLN A 27 0.03 1.29 5.04
N ILE A 28 -0.49 0.38 4.26
CA ILE A 28 0.27 -0.22 3.17
C ILE A 28 -0.52 -0.13 1.87
N ALA A 29 0.12 0.36 0.84
CA ALA A 29 -0.52 0.54 -0.45
C ALA A 29 -0.43 -0.76 -1.26
N VAL A 30 -1.58 -1.37 -1.49
CA VAL A 30 -1.61 -2.66 -2.15
C VAL A 30 -1.88 -2.48 -3.64
N PHE A 31 -0.82 -2.52 -4.42
CA PHE A 31 -0.92 -2.37 -5.85
C PHE A 31 -1.29 -3.71 -6.49
N ARG A 32 -2.34 -3.68 -7.28
CA ARG A 32 -2.68 -4.81 -8.12
C ARG A 32 -2.66 -4.37 -9.59
N PRO A 33 -1.46 -4.26 -10.18
CA PRO A 33 -1.28 -3.73 -11.52
C PRO A 33 -1.66 -4.75 -12.58
N ARG A 34 -1.68 -6.01 -12.19
CA ARG A 34 -2.07 -7.08 -13.08
C ARG A 34 -3.47 -7.55 -12.73
N ASN A 35 -4.16 -8.09 -13.72
CA ASN A 35 -5.48 -8.70 -13.49
C ASN A 35 -5.31 -10.07 -12.86
N ASP A 36 -4.07 -10.40 -12.55
CA ASP A 36 -3.72 -11.65 -11.90
C ASP A 36 -3.78 -11.45 -10.37
N GLU A 37 -3.11 -12.32 -9.62
CA GLU A 37 -3.18 -12.29 -8.17
C GLU A 37 -1.85 -11.80 -7.58
N GLN A 38 -0.91 -11.45 -8.45
CA GLN A 38 0.37 -10.90 -8.01
C GLN A 38 0.19 -9.46 -7.54
N VAL A 39 0.18 -9.26 -6.22
CA VAL A 39 -0.02 -7.94 -5.65
C VAL A 39 1.29 -7.39 -5.09
N TYR A 40 1.30 -6.09 -4.85
CA TYR A 40 2.46 -5.41 -4.27
C TYR A 40 2.02 -4.44 -3.18
N ALA A 41 2.19 -4.85 -1.93
CA ALA A 41 1.80 -4.00 -0.81
C ALA A 41 3.02 -3.29 -0.22
N ILE A 42 3.25 -2.07 -0.66
CA ILE A 42 4.38 -1.29 -0.19
C ILE A 42 3.89 -0.06 0.56
N SER A 43 4.76 0.57 1.33
CA SER A 43 4.38 1.74 2.10
C SER A 43 4.40 2.99 1.21
N ASN A 44 3.48 3.03 0.27
CA ASN A 44 3.34 4.20 -0.61
C ASN A 44 2.31 5.14 0.00
N ILE A 45 2.80 6.08 0.79
CA ILE A 45 1.94 6.99 1.54
C ILE A 45 2.49 8.41 1.47
N ASP A 46 1.60 9.38 1.42
CA ASP A 46 2.00 10.78 1.55
C ASP A 46 2.00 11.16 3.03
N PRO A 47 2.99 11.94 3.45
CA PRO A 47 3.11 12.32 4.86
C PRO A 47 2.26 13.54 5.22
N PHE A 48 1.31 13.88 4.36
CA PHE A 48 0.46 15.04 4.59
C PHE A 48 -0.90 14.60 5.14
N ALA A 49 -1.58 13.75 4.38
CA ALA A 49 -2.91 13.31 4.74
C ALA A 49 -2.95 11.80 4.91
N GLN A 50 -1.81 11.17 4.67
CA GLN A 50 -1.66 9.73 4.86
C GLN A 50 -2.58 8.92 3.94
N ALA A 51 -2.24 8.92 2.66
CA ALA A 51 -2.92 8.10 1.66
C ALA A 51 -1.96 7.78 0.54
N SER A 52 -2.37 6.93 -0.39
CA SER A 52 -1.50 6.55 -1.48
C SER A 52 -1.74 7.46 -2.68
N VAL A 53 -1.39 8.74 -2.52
CA VAL A 53 -1.54 9.69 -3.60
C VAL A 53 -0.32 9.66 -4.51
N LEU A 54 0.71 8.97 -4.05
CA LEU A 54 1.93 8.78 -4.83
C LEU A 54 1.78 7.59 -5.76
N SER A 55 0.56 7.07 -5.83
CA SER A 55 0.24 5.95 -6.68
C SER A 55 -0.05 6.41 -8.10
N ARG A 56 -1.11 7.21 -8.25
CA ARG A 56 -1.51 7.78 -9.55
C ARG A 56 -2.08 6.70 -10.48
N GLY A 57 -1.89 5.44 -10.09
CA GLY A 57 -2.34 4.34 -10.91
C GLY A 57 -1.41 4.07 -12.08
N ILE A 58 -0.31 4.79 -12.12
CA ILE A 58 0.63 4.68 -13.23
C ILE A 58 1.78 3.76 -12.86
N VAL A 59 1.74 2.57 -13.42
CA VAL A 59 2.78 1.59 -13.23
C VAL A 59 3.74 1.59 -14.41
N ALA A 60 4.88 2.23 -14.24
CA ALA A 60 5.87 2.32 -15.29
C ALA A 60 6.86 1.17 -15.20
N GLU A 61 7.49 0.86 -16.32
CA GLU A 61 8.41 -0.26 -16.38
C GLU A 61 9.72 0.20 -16.99
N HIS A 62 10.83 -0.06 -16.30
CA HIS A 62 12.14 0.25 -16.83
C HIS A 62 12.53 -0.84 -17.82
N GLN A 63 12.33 -2.08 -17.39
CA GLN A 63 12.58 -3.26 -18.21
C GLN A 63 12.27 -4.49 -17.38
N ASP A 64 13.15 -4.76 -16.42
CA ASP A 64 12.96 -5.86 -15.50
C ASP A 64 12.45 -5.34 -14.16
N ASP A 65 12.57 -4.02 -13.98
CA ASP A 65 12.17 -3.38 -12.74
C ASP A 65 10.93 -2.54 -12.96
N LEU A 66 10.10 -2.40 -11.93
CA LEU A 66 8.83 -1.70 -12.03
C LEU A 66 8.84 -0.46 -11.16
N TRP A 67 8.43 0.67 -11.74
CA TRP A 67 8.51 1.94 -11.04
C TRP A 67 7.16 2.65 -11.08
N VAL A 68 6.59 2.91 -9.90
CA VAL A 68 5.37 3.69 -9.82
C VAL A 68 5.67 5.17 -10.08
N ALA A 69 4.82 5.83 -10.84
CA ALA A 69 5.03 7.23 -11.19
C ALA A 69 4.02 8.14 -10.49
N SER A 70 4.50 8.91 -9.53
CA SER A 70 3.65 9.80 -8.76
C SER A 70 3.20 11.00 -9.60
N PRO A 71 2.03 11.60 -9.26
CA PRO A 71 1.46 12.71 -10.02
C PRO A 71 2.18 14.04 -9.82
N LEU A 72 3.14 14.07 -8.90
CA LEU A 72 3.88 15.28 -8.60
C LEU A 72 4.73 15.72 -9.79
N LYS A 73 5.85 15.03 -10.01
CA LYS A 73 6.75 15.35 -11.09
C LYS A 73 6.95 14.14 -12.00
N LYS A 74 5.95 13.25 -11.99
CA LYS A 74 6.01 11.99 -12.74
C LYS A 74 7.27 11.21 -12.35
N GLN A 75 7.62 11.34 -11.08
CA GLN A 75 8.82 10.71 -10.54
C GLN A 75 8.55 9.25 -10.21
N HIS A 76 9.53 8.41 -10.48
CA HIS A 76 9.42 6.97 -10.30
C HIS A 76 9.93 6.57 -8.93
N PHE A 77 9.07 5.94 -8.14
CA PHE A 77 9.42 5.55 -6.78
C PHE A 77 9.89 4.09 -6.68
N ARG A 78 9.60 3.30 -7.73
CA ARG A 78 9.98 1.88 -7.77
C ARG A 78 9.12 1.05 -6.81
N LEU A 79 8.57 -0.04 -7.32
CA LEU A 79 7.61 -0.85 -6.57
C LEU A 79 8.28 -2.04 -5.89
N TYR A 80 9.60 -2.12 -5.98
CA TYR A 80 10.31 -3.27 -5.45
C TYR A 80 10.71 -3.04 -3.99
N ASP A 81 10.89 -1.79 -3.61
CA ASP A 81 11.31 -1.44 -2.26
C ASP A 81 10.97 0.00 -1.92
N GLY A 82 11.68 0.92 -2.56
CA GLY A 82 11.45 2.33 -2.31
C GLY A 82 12.63 3.19 -2.72
N PHE A 83 13.57 2.60 -3.47
CA PHE A 83 14.67 3.36 -4.02
C PHE A 83 14.21 4.06 -5.30
N CYS A 84 13.83 5.32 -5.15
CA CYS A 84 13.22 6.07 -6.23
C CYS A 84 14.28 6.61 -7.20
N LEU A 85 13.83 6.98 -8.39
CA LEU A 85 14.73 7.49 -9.41
C LEU A 85 14.84 9.01 -9.31
N GLU A 86 13.74 9.70 -9.58
CA GLU A 86 13.73 11.16 -9.53
C GLU A 86 13.43 11.66 -8.11
N ASP A 87 13.21 10.73 -7.20
CA ASP A 87 12.93 11.09 -5.81
C ASP A 87 14.04 10.65 -4.88
N GLY A 88 14.45 11.56 -4.01
CA GLY A 88 15.39 11.23 -2.96
C GLY A 88 14.97 11.87 -1.66
N ALA A 89 13.72 12.33 -1.61
CA ALA A 89 13.20 13.04 -0.46
C ALA A 89 12.14 12.23 0.27
N TYR A 90 11.32 11.52 -0.50
CA TYR A 90 10.26 10.70 0.09
C TYR A 90 10.78 9.30 0.38
N SER A 91 11.01 8.52 -0.67
CA SER A 91 11.49 7.14 -0.55
C SER A 91 10.53 6.27 0.26
N VAL A 92 9.71 5.50 -0.45
CA VAL A 92 8.72 4.64 0.21
C VAL A 92 9.37 3.38 0.79
N ALA A 93 8.58 2.61 1.52
CA ALA A 93 9.06 1.37 2.12
C ALA A 93 8.29 0.18 1.57
N ALA A 94 8.63 -1.02 2.02
CA ALA A 94 8.02 -2.23 1.50
C ALA A 94 7.94 -3.31 2.57
N TYR A 95 6.72 -3.69 2.91
CA TYR A 95 6.49 -4.77 3.87
C TYR A 95 6.16 -6.06 3.15
N ASP A 96 6.45 -7.17 3.80
CA ASP A 96 6.18 -8.49 3.23
C ASP A 96 4.68 -8.75 3.16
N THR A 97 4.25 -9.35 2.07
CA THR A 97 2.85 -9.66 1.84
C THR A 97 2.73 -11.09 1.31
N GLN A 98 1.55 -11.67 1.45
CA GLN A 98 1.27 -12.98 0.91
C GLN A 98 -0.22 -13.17 0.69
N VAL A 99 -0.56 -13.90 -0.36
CA VAL A 99 -1.94 -14.20 -0.66
C VAL A 99 -2.25 -15.65 -0.34
N THR A 100 -2.90 -15.88 0.79
CA THR A 100 -3.32 -17.21 1.16
C THR A 100 -4.63 -17.54 0.45
N ASN A 101 -4.49 -18.01 -0.79
CA ASN A 101 -5.63 -18.39 -1.65
C ASN A 101 -6.37 -17.16 -2.15
N GLY A 102 -7.00 -16.45 -1.24
CA GLY A 102 -7.71 -15.23 -1.61
C GLY A 102 -7.58 -14.16 -0.56
N ASN A 103 -6.79 -14.44 0.47
CA ASN A 103 -6.63 -13.52 1.59
C ASN A 103 -5.30 -12.79 1.50
N VAL A 104 -5.36 -11.48 1.37
CA VAL A 104 -4.15 -10.66 1.33
C VAL A 104 -3.68 -10.35 2.74
N GLN A 105 -2.51 -10.86 3.08
CA GLN A 105 -1.96 -10.69 4.42
C GLN A 105 -0.59 -10.02 4.37
N ILE A 106 -0.40 -9.05 5.24
CA ILE A 106 0.87 -8.33 5.32
C ILE A 106 1.51 -8.52 6.70
N SER A 107 2.78 -8.14 6.81
CA SER A 107 3.48 -8.22 8.08
C SER A 107 3.56 -6.85 8.74
N ILE A 108 3.09 -6.76 9.97
CA ILE A 108 3.14 -5.49 10.70
C ILE A 108 4.36 -5.41 11.61
N ALA A 109 5.32 -4.58 11.22
CA ALA A 109 6.54 -4.40 11.99
C ALA A 109 6.87 -2.92 12.15
N ASP A 110 6.34 -2.33 13.20
CA ASP A 110 6.61 -0.92 13.52
C ASP A 110 6.31 -0.66 14.99
N SER A 111 7.13 0.17 15.61
CA SER A 111 6.99 0.45 17.04
C SER A 111 6.16 1.71 17.27
N ASP A 112 5.88 2.44 16.21
CA ASP A 112 5.15 3.70 16.34
C ASP A 112 3.66 3.46 16.20
N VAL A 113 3.01 3.26 17.34
CA VAL A 113 1.57 3.04 17.36
C VAL A 113 0.85 4.28 17.86
N ALA A 114 -0.07 4.78 17.06
CA ALA A 114 -0.88 5.93 17.43
C ALA A 114 -2.14 5.49 18.16
N VAL A 115 -2.65 6.35 19.03
CA VAL A 115 -3.87 6.07 19.77
C VAL A 115 -5.07 6.01 18.83
N ASP A 116 -5.92 5.00 19.02
CA ASP A 116 -7.10 4.84 18.18
C ASP A 116 -8.31 4.46 19.01
N ASN A 117 -9.49 4.83 18.55
CA ASN A 117 -10.74 4.54 19.25
C ASN A 117 -11.86 4.34 18.24
N SER A 118 -11.51 3.82 17.06
CA SER A 118 -12.46 3.66 15.96
C SER A 118 -13.63 2.76 16.37
N GLN A 119 -13.33 1.57 16.86
CA GLN A 119 -14.37 0.61 17.22
C GLN A 119 -14.01 -0.11 18.51
N PRO A 120 -14.99 -0.79 19.13
CA PRO A 120 -14.73 -1.67 20.27
C PRO A 120 -13.97 -2.91 19.83
N LEU A 121 -12.99 -3.32 20.61
CA LEU A 121 -12.21 -4.51 20.31
C LEU A 121 -13.08 -5.76 20.48
N PRO A 122 -12.77 -6.83 19.71
CA PRO A 122 -13.53 -8.10 19.79
C PRO A 122 -13.72 -8.55 21.23
N LEU A 123 -14.94 -8.99 21.55
CA LEU A 123 -15.27 -9.37 22.92
C LEU A 123 -14.65 -10.70 23.27
N GLU A 124 -13.52 -10.66 23.94
CA GLU A 124 -12.87 -11.87 24.41
C GLU A 124 -13.13 -12.06 25.89
N HIS A 125 -13.66 -13.22 26.25
CA HIS A 125 -13.85 -13.57 27.64
C HIS A 125 -13.28 -14.95 27.91
N HIS A 126 -12.15 -15.24 27.25
CA HIS A 126 -11.48 -16.53 27.40
C HIS A 126 -11.02 -16.70 28.84
N HIS A 127 -11.71 -17.58 29.56
CA HIS A 127 -11.44 -17.80 30.97
C HIS A 127 -11.86 -19.22 31.34
N HIS A 128 -10.87 -20.10 31.46
CA HIS A 128 -11.13 -21.51 31.74
C HIS A 128 -10.83 -21.85 33.20
N HIS A 129 -11.58 -22.80 33.72
CA HIS A 129 -11.23 -23.45 34.96
C HIS A 129 -10.67 -24.83 34.63
N HIS A 130 -10.94 -25.25 33.40
CA HIS A 130 -10.41 -26.48 32.85
C HIS A 130 -10.13 -26.28 31.37
N MET A 1 8.63 -17.64 8.62
CA MET A 1 7.93 -16.41 8.19
C MET A 1 6.67 -16.21 9.03
N SER A 2 6.72 -15.23 9.94
CA SER A 2 5.60 -14.98 10.84
C SER A 2 5.10 -13.55 10.69
N GLN A 3 4.12 -13.19 11.52
CA GLN A 3 3.53 -11.86 11.54
C GLN A 3 2.83 -11.54 10.23
N TRP A 4 1.69 -12.20 10.02
CA TRP A 4 0.89 -11.98 8.83
C TRP A 4 -0.47 -11.43 9.23
N THR A 5 -0.79 -10.26 8.70
CA THR A 5 -2.08 -9.63 8.96
C THR A 5 -3.00 -9.81 7.75
N THR A 6 -4.24 -10.20 8.00
CA THR A 6 -5.20 -10.40 6.93
C THR A 6 -5.77 -9.05 6.49
N VAL A 7 -5.52 -8.69 5.23
CA VAL A 7 -5.99 -7.42 4.70
C VAL A 7 -7.46 -7.51 4.32
N CYS A 8 -7.73 -8.34 3.32
CA CYS A 8 -9.08 -8.52 2.81
C CYS A 8 -9.06 -9.60 1.72
N LYS A 9 -10.15 -9.68 0.97
CA LYS A 9 -10.27 -10.67 -0.11
C LYS A 9 -9.29 -10.37 -1.24
N LEU A 10 -8.88 -11.42 -1.93
CA LEU A 10 -8.12 -11.28 -3.18
C LEU A 10 -9.04 -10.71 -4.26
N ASP A 11 -10.34 -10.81 -3.98
CA ASP A 11 -11.39 -10.34 -4.88
C ASP A 11 -11.82 -8.92 -4.53
N ASP A 12 -11.60 -8.54 -3.28
CA ASP A 12 -12.01 -7.23 -2.79
C ASP A 12 -10.96 -6.18 -3.13
N ILE A 13 -9.72 -6.63 -3.27
CA ILE A 13 -8.64 -5.74 -3.66
C ILE A 13 -8.64 -5.56 -5.17
N LEU A 14 -8.98 -4.36 -5.62
CA LEU A 14 -9.16 -4.08 -7.02
C LEU A 14 -7.86 -4.22 -7.82
N PRO A 15 -7.98 -4.67 -9.08
CA PRO A 15 -6.83 -4.80 -9.98
C PRO A 15 -6.39 -3.47 -10.57
N GLY A 16 -5.11 -3.38 -10.90
CA GLY A 16 -4.57 -2.20 -11.53
C GLY A 16 -4.65 -0.97 -10.65
N THR A 17 -4.63 -1.16 -9.34
CA THR A 17 -4.77 -0.04 -8.43
C THR A 17 -3.89 -0.23 -7.20
N GLY A 18 -3.99 0.70 -6.27
CA GLY A 18 -3.27 0.62 -5.02
C GLY A 18 -3.87 1.54 -4.00
N VAL A 19 -4.60 0.98 -3.04
CA VAL A 19 -5.33 1.79 -2.07
C VAL A 19 -4.67 1.80 -0.70
N CYS A 20 -4.70 2.96 -0.05
CA CYS A 20 -4.20 3.09 1.30
C CYS A 20 -5.17 2.48 2.30
N ALA A 21 -4.71 1.45 2.99
CA ALA A 21 -5.52 0.80 4.02
C ALA A 21 -4.87 0.98 5.38
N LEU A 22 -5.71 1.16 6.40
CA LEU A 22 -5.24 1.28 7.76
C LEU A 22 -5.06 -0.11 8.35
N VAL A 23 -3.84 -0.62 8.22
CA VAL A 23 -3.51 -1.94 8.72
C VAL A 23 -2.41 -1.84 9.75
N GLU A 24 -2.61 -2.48 10.91
CA GLU A 24 -1.62 -2.47 11.99
C GLU A 24 -1.52 -1.07 12.58
N GLN A 25 -2.53 -0.31 12.26
CA GLN A 25 -2.70 1.07 12.74
C GLN A 25 -1.76 2.03 11.99
N GLN A 26 -1.39 1.65 10.77
CA GLN A 26 -0.56 2.49 9.93
C GLN A 26 -1.11 2.50 8.50
N GLN A 27 -0.62 3.42 7.68
CA GLN A 27 -1.08 3.54 6.31
C GLN A 27 -0.21 2.72 5.36
N ILE A 28 -0.84 1.77 4.69
CA ILE A 28 -0.16 0.90 3.73
C ILE A 28 -1.01 0.78 2.46
N ALA A 29 -0.38 1.01 1.32
CA ALA A 29 -1.08 0.91 0.04
C ALA A 29 -0.93 -0.49 -0.54
N VAL A 30 -2.03 -1.04 -1.03
CA VAL A 30 -2.01 -2.39 -1.58
C VAL A 30 -2.21 -2.35 -3.09
N PHE A 31 -1.15 -2.69 -3.81
CA PHE A 31 -1.15 -2.64 -5.26
C PHE A 31 -1.57 -3.97 -5.88
N ARG A 32 -2.25 -3.89 -7.02
CA ARG A 32 -2.52 -5.08 -7.83
C ARG A 32 -2.37 -4.79 -9.34
N PRO A 33 -1.21 -4.26 -9.77
CA PRO A 33 -1.01 -3.79 -11.15
C PRO A 33 -1.13 -4.91 -12.19
N ARG A 34 -0.47 -6.04 -11.92
CA ARG A 34 -0.47 -7.16 -12.87
C ARG A 34 -1.83 -7.82 -12.97
N ASN A 35 -2.59 -7.76 -11.88
CA ASN A 35 -3.84 -8.51 -11.73
C ASN A 35 -3.56 -10.01 -11.80
N ASP A 36 -3.40 -10.61 -10.62
CA ASP A 36 -3.00 -12.00 -10.51
C ASP A 36 -2.96 -12.37 -9.03
N GLU A 37 -1.86 -12.94 -8.57
CA GLU A 37 -1.66 -13.14 -7.14
C GLU A 37 -0.67 -12.12 -6.60
N GLN A 38 -0.04 -11.37 -7.50
CA GLN A 38 0.92 -10.36 -7.12
C GLN A 38 0.24 -9.17 -6.45
N VAL A 39 0.36 -9.13 -5.13
CA VAL A 39 -0.13 -8.01 -4.35
C VAL A 39 1.05 -7.28 -3.71
N TYR A 40 0.98 -5.96 -3.64
CA TYR A 40 2.09 -5.19 -3.13
C TYR A 40 1.63 -4.23 -2.06
N ALA A 41 1.92 -4.55 -0.81
CA ALA A 41 1.54 -3.70 0.30
C ALA A 41 2.75 -2.94 0.82
N ILE A 42 2.83 -1.66 0.49
CA ILE A 42 3.91 -0.80 0.94
C ILE A 42 3.35 0.53 1.43
N SER A 43 4.07 1.20 2.32
CA SER A 43 3.62 2.49 2.84
C SER A 43 3.89 3.61 1.84
N ASN A 44 3.38 3.44 0.64
CA ASN A 44 3.51 4.44 -0.42
C ASN A 44 2.32 5.38 -0.37
N ILE A 45 2.27 6.17 0.69
CA ILE A 45 1.11 6.98 1.00
C ILE A 45 1.49 8.45 1.09
N ASP A 46 0.65 9.31 0.53
CA ASP A 46 0.85 10.74 0.63
C ASP A 46 0.73 11.22 2.07
N PRO A 47 1.71 12.01 2.54
CA PRO A 47 1.74 12.51 3.92
C PRO A 47 0.97 13.81 4.11
N PHE A 48 0.16 14.19 3.13
CA PHE A 48 -0.61 15.42 3.20
C PHE A 48 -2.06 15.13 3.57
N ALA A 49 -2.71 14.27 2.79
CA ALA A 49 -4.12 13.97 3.00
C ALA A 49 -4.31 12.49 3.34
N GLN A 50 -3.19 11.77 3.36
CA GLN A 50 -3.17 10.35 3.66
C GLN A 50 -3.97 9.54 2.63
N ALA A 51 -3.41 9.39 1.46
CA ALA A 51 -4.04 8.62 0.39
C ALA A 51 -2.96 8.13 -0.57
N SER A 52 -3.24 7.01 -1.20
CA SER A 52 -2.31 6.45 -2.16
C SER A 52 -2.47 7.10 -3.52
N VAL A 53 -1.84 8.25 -3.69
CA VAL A 53 -1.85 8.93 -4.98
C VAL A 53 -0.53 8.70 -5.70
N LEU A 54 0.26 7.80 -5.14
CA LEU A 54 1.53 7.42 -5.72
C LEU A 54 1.44 6.01 -6.29
N SER A 55 0.22 5.52 -6.42
CA SER A 55 -0.03 4.16 -6.87
C SER A 55 -0.70 4.14 -8.25
N ARG A 56 -1.91 4.67 -8.31
CA ARG A 56 -2.70 4.68 -9.55
C ARG A 56 -2.27 5.83 -10.45
N GLY A 57 -0.98 5.94 -10.70
CA GLY A 57 -0.47 6.98 -11.55
C GLY A 57 0.09 6.45 -12.85
N ILE A 58 1.40 6.53 -12.99
CA ILE A 58 2.07 6.05 -14.19
C ILE A 58 2.89 4.81 -13.87
N VAL A 59 2.49 3.69 -14.45
CA VAL A 59 3.20 2.44 -14.27
C VAL A 59 4.35 2.37 -15.27
N ALA A 60 5.55 2.44 -14.74
CA ALA A 60 6.75 2.44 -15.57
C ALA A 60 7.46 1.09 -15.50
N GLU A 61 7.54 0.42 -16.62
CA GLU A 61 8.27 -0.84 -16.69
C GLU A 61 9.66 -0.57 -17.23
N HIS A 62 10.66 -0.93 -16.43
CA HIS A 62 12.05 -0.69 -16.79
C HIS A 62 12.70 -2.01 -17.16
N GLN A 63 12.39 -2.48 -18.38
CA GLN A 63 12.83 -3.79 -18.87
C GLN A 63 12.19 -4.93 -18.09
N ASP A 64 12.68 -5.15 -16.88
CA ASP A 64 12.16 -6.22 -16.02
C ASP A 64 11.65 -5.64 -14.71
N ASP A 65 12.15 -4.46 -14.35
CA ASP A 65 11.80 -3.84 -13.08
C ASP A 65 10.50 -3.06 -13.21
N LEU A 66 9.74 -2.99 -12.13
CA LEU A 66 8.43 -2.36 -12.16
C LEU A 66 8.39 -1.14 -11.24
N TRP A 67 8.20 0.01 -11.85
CA TRP A 67 8.20 1.27 -11.13
C TRP A 67 6.84 1.95 -11.24
N VAL A 68 6.60 2.91 -10.36
CA VAL A 68 5.37 3.66 -10.38
C VAL A 68 5.66 5.15 -10.16
N ALA A 69 4.99 5.99 -10.93
CA ALA A 69 5.14 7.42 -10.79
C ALA A 69 3.82 8.05 -10.38
N SER A 70 3.86 8.92 -9.38
CA SER A 70 2.67 9.64 -8.95
C SER A 70 2.25 10.64 -10.04
N PRO A 71 0.96 10.67 -10.37
CA PRO A 71 0.44 11.57 -11.42
C PRO A 71 0.57 13.04 -11.03
N LEU A 72 0.45 13.31 -9.74
CA LEU A 72 0.47 14.68 -9.24
C LEU A 72 1.83 15.04 -8.67
N LYS A 73 2.28 14.26 -7.69
CA LYS A 73 3.52 14.56 -6.98
C LYS A 73 4.74 14.14 -7.79
N LYS A 74 4.50 13.24 -8.74
CA LYS A 74 5.53 12.77 -9.68
C LYS A 74 6.74 12.17 -8.99
N GLN A 75 6.50 11.50 -7.87
CA GLN A 75 7.54 10.68 -7.24
C GLN A 75 7.59 9.32 -7.92
N HIS A 76 8.79 8.80 -8.15
CA HIS A 76 8.96 7.55 -8.86
C HIS A 76 9.57 6.49 -7.95
N PHE A 77 8.82 5.43 -7.67
CA PHE A 77 9.30 4.36 -6.78
C PHE A 77 9.12 3.00 -7.44
N ARG A 78 9.74 1.98 -6.87
CA ARG A 78 9.50 0.60 -7.28
C ARG A 78 8.22 0.08 -6.61
N LEU A 79 7.50 -0.77 -7.31
CA LEU A 79 6.24 -1.33 -6.79
C LEU A 79 6.49 -2.26 -5.60
N TYR A 80 7.66 -2.88 -5.57
CA TYR A 80 7.96 -3.88 -4.56
C TYR A 80 9.33 -3.66 -3.91
N ASP A 81 9.68 -2.39 -3.70
CA ASP A 81 10.97 -2.06 -3.12
C ASP A 81 10.89 -0.79 -2.30
N GLY A 82 10.57 0.32 -2.95
CA GLY A 82 10.36 1.56 -2.21
C GLY A 82 11.40 2.62 -2.52
N PHE A 83 12.49 2.24 -3.19
CA PHE A 83 13.52 3.21 -3.54
C PHE A 83 13.09 4.09 -4.70
N CYS A 84 13.76 5.24 -4.83
CA CYS A 84 13.39 6.23 -5.81
C CYS A 84 14.08 5.98 -7.15
N LEU A 85 13.44 6.41 -8.23
CA LEU A 85 14.02 6.30 -9.56
C LEU A 85 14.87 7.53 -9.88
N GLU A 86 14.23 8.69 -9.84
CA GLU A 86 14.89 9.95 -10.17
C GLU A 86 14.72 10.92 -9.01
N ASP A 87 14.39 10.37 -7.85
CA ASP A 87 13.95 11.18 -6.72
C ASP A 87 14.82 10.93 -5.51
N GLY A 88 14.50 11.62 -4.42
CA GLY A 88 15.16 11.40 -3.16
C GLY A 88 14.43 12.08 -2.03
N ALA A 89 13.14 12.31 -2.23
CA ALA A 89 12.34 13.05 -1.26
C ALA A 89 11.75 12.12 -0.19
N TYR A 90 10.97 11.14 -0.62
CA TYR A 90 10.31 10.24 0.33
C TYR A 90 11.17 9.02 0.63
N SER A 91 11.20 8.07 -0.32
CA SER A 91 11.84 6.76 -0.13
C SER A 91 11.09 5.95 0.94
N VAL A 92 10.28 5.00 0.48
CA VAL A 92 9.41 4.25 1.38
C VAL A 92 9.91 2.83 1.61
N ALA A 93 9.22 2.10 2.47
CA ALA A 93 9.60 0.73 2.82
C ALA A 93 8.71 -0.28 2.11
N ALA A 94 9.12 -1.54 2.14
CA ALA A 94 8.41 -2.60 1.45
C ALA A 94 8.09 -3.75 2.40
N TYR A 95 6.82 -3.93 2.67
CA TYR A 95 6.37 -5.00 3.54
C TYR A 95 6.19 -6.28 2.74
N ASP A 96 6.23 -7.42 3.42
CA ASP A 96 6.12 -8.71 2.76
C ASP A 96 4.64 -9.04 2.53
N THR A 97 4.38 -9.99 1.64
CA THR A 97 3.02 -10.30 1.22
C THR A 97 2.88 -11.78 0.86
N GLN A 98 1.68 -12.32 0.98
CA GLN A 98 1.42 -13.69 0.55
C GLN A 98 -0.05 -13.88 0.19
N VAL A 99 -0.30 -14.85 -0.67
CA VAL A 99 -1.65 -15.25 -1.01
C VAL A 99 -1.79 -16.75 -0.74
N THR A 100 -2.07 -17.07 0.52
CA THR A 100 -2.12 -18.45 0.97
C THR A 100 -3.56 -18.97 0.98
N ASN A 101 -4.49 -18.11 0.60
CA ASN A 101 -5.90 -18.43 0.67
C ASN A 101 -6.66 -17.48 -0.24
N GLY A 102 -7.98 -17.42 -0.06
CA GLY A 102 -8.79 -16.47 -0.81
C GLY A 102 -8.64 -15.07 -0.27
N ASN A 103 -8.02 -14.95 0.90
CA ASN A 103 -7.75 -13.66 1.50
C ASN A 103 -6.25 -13.36 1.44
N VAL A 104 -5.92 -12.08 1.40
CA VAL A 104 -4.54 -11.65 1.25
C VAL A 104 -3.95 -11.26 2.61
N GLN A 105 -2.72 -11.68 2.85
CA GLN A 105 -2.02 -11.34 4.08
C GLN A 105 -0.67 -10.72 3.77
N ILE A 106 -0.25 -9.79 4.63
CA ILE A 106 1.04 -9.16 4.51
C ILE A 106 1.83 -9.32 5.80
N SER A 107 3.14 -9.20 5.73
CA SER A 107 3.98 -9.36 6.90
C SER A 107 4.43 -8.00 7.41
N ILE A 108 4.06 -7.71 8.65
CA ILE A 108 4.37 -6.42 9.27
C ILE A 108 5.21 -6.63 10.53
N ALA A 109 6.43 -6.11 10.52
CA ALA A 109 7.32 -6.25 11.66
C ALA A 109 7.64 -4.89 12.27
N ASP A 110 6.83 -3.92 11.94
CA ASP A 110 7.00 -2.54 12.43
C ASP A 110 5.81 -1.71 12.01
N SER A 111 5.37 -0.81 12.88
CA SER A 111 4.15 -0.05 12.62
C SER A 111 4.40 1.45 12.61
N ASP A 112 4.64 2.01 13.81
CA ASP A 112 4.62 3.46 14.03
C ASP A 112 3.18 3.95 14.02
N VAL A 113 2.70 4.40 15.17
CA VAL A 113 1.30 4.74 15.33
C VAL A 113 0.87 5.89 14.42
N ALA A 114 -0.03 5.59 13.52
CA ALA A 114 -0.63 6.58 12.65
C ALA A 114 -2.06 6.86 13.11
N VAL A 115 -2.21 7.88 13.93
CA VAL A 115 -3.50 8.16 14.54
C VAL A 115 -4.33 9.13 13.71
N ASP A 116 -5.30 8.57 13.01
CA ASP A 116 -6.28 9.34 12.26
C ASP A 116 -7.65 8.80 12.58
N ASN A 117 -8.53 9.68 13.06
CA ASN A 117 -9.84 9.25 13.54
C ASN A 117 -10.63 8.56 12.44
N SER A 118 -11.06 7.35 12.71
CA SER A 118 -11.83 6.59 11.76
C SER A 118 -13.24 6.35 12.30
N GLN A 119 -14.08 7.36 12.15
CA GLN A 119 -15.46 7.28 12.58
C GLN A 119 -16.24 6.37 11.63
N PRO A 120 -16.77 5.24 12.15
CA PRO A 120 -17.53 4.29 11.34
C PRO A 120 -18.79 4.92 10.77
N LEU A 121 -18.82 5.10 9.46
CA LEU A 121 -19.96 5.72 8.80
C LEU A 121 -21.11 4.73 8.70
N PRO A 122 -22.27 5.09 9.27
CA PRO A 122 -23.47 4.25 9.22
C PRO A 122 -23.91 4.02 7.79
N LEU A 123 -23.93 2.76 7.37
CA LEU A 123 -24.29 2.40 6.02
C LEU A 123 -25.33 1.30 6.04
N GLU A 124 -26.54 1.62 5.63
CA GLU A 124 -27.60 0.64 5.53
C GLU A 124 -28.08 0.53 4.10
N HIS A 125 -28.39 -0.68 3.68
CA HIS A 125 -28.96 -0.90 2.36
C HIS A 125 -30.27 -1.67 2.51
N HIS A 126 -31.34 -0.94 2.76
CA HIS A 126 -32.65 -1.54 2.92
C HIS A 126 -33.42 -1.46 1.62
N HIS A 127 -33.82 -2.60 1.08
CA HIS A 127 -34.63 -2.60 -0.11
C HIS A 127 -36.05 -3.02 0.25
N HIS A 128 -36.79 -2.06 0.79
CA HIS A 128 -38.16 -2.30 1.19
C HIS A 128 -39.08 -1.39 0.41
N HIS A 129 -39.48 -1.83 -0.76
CA HIS A 129 -40.38 -1.05 -1.59
C HIS A 129 -41.52 -1.93 -2.10
N HIS A 130 -42.73 -1.41 -1.98
CA HIS A 130 -43.90 -2.10 -2.49
C HIS A 130 -43.96 -1.95 -4.01
N MET A 1 -0.47 -18.94 11.12
CA MET A 1 -0.17 -17.50 11.02
C MET A 1 0.63 -17.02 12.22
N SER A 2 1.90 -16.69 11.99
CA SER A 2 2.75 -16.14 13.04
C SER A 2 2.38 -14.69 13.33
N GLN A 3 2.77 -13.78 12.44
CA GLN A 3 2.41 -12.38 12.57
C GLN A 3 1.79 -11.87 11.27
N TRP A 4 1.28 -12.79 10.47
CA TRP A 4 0.60 -12.46 9.23
C TRP A 4 -0.78 -11.90 9.52
N THR A 5 -0.96 -10.61 9.27
CA THR A 5 -2.25 -9.97 9.50
C THR A 5 -3.05 -9.94 8.21
N THR A 6 -4.34 -10.21 8.29
CA THR A 6 -5.19 -10.24 7.11
C THR A 6 -5.67 -8.83 6.76
N VAL A 7 -5.49 -8.45 5.51
CA VAL A 7 -5.97 -7.17 5.03
C VAL A 7 -7.33 -7.32 4.36
N CYS A 8 -7.32 -7.86 3.15
CA CYS A 8 -8.53 -8.06 2.38
C CYS A 8 -8.35 -9.25 1.43
N LYS A 9 -9.32 -9.49 0.57
CA LYS A 9 -9.23 -10.58 -0.40
C LYS A 9 -8.33 -10.20 -1.56
N LEU A 10 -7.90 -11.18 -2.32
CA LEU A 10 -7.26 -10.93 -3.61
C LEU A 10 -8.33 -10.54 -4.64
N ASP A 11 -9.57 -10.89 -4.31
CA ASP A 11 -10.73 -10.60 -5.16
C ASP A 11 -11.35 -9.26 -4.78
N ASP A 12 -11.15 -8.86 -3.53
CA ASP A 12 -11.71 -7.61 -3.03
C ASP A 12 -10.90 -6.43 -3.57
N ILE A 13 -9.67 -6.72 -3.97
CA ILE A 13 -8.80 -5.72 -4.56
C ILE A 13 -8.86 -5.84 -6.09
N LEU A 14 -9.57 -4.91 -6.71
CA LEU A 14 -9.84 -4.97 -8.14
C LEU A 14 -8.59 -4.68 -8.97
N PRO A 15 -8.50 -5.28 -10.16
CA PRO A 15 -7.41 -5.02 -11.10
C PRO A 15 -7.37 -3.57 -11.54
N GLY A 16 -6.27 -2.90 -11.27
CA GLY A 16 -6.11 -1.51 -11.63
C GLY A 16 -6.30 -0.59 -10.44
N THR A 17 -5.90 -1.06 -9.25
CA THR A 17 -6.07 -0.27 -8.04
C THR A 17 -4.80 -0.25 -7.20
N GLY A 18 -4.86 0.49 -6.11
CA GLY A 18 -3.74 0.59 -5.20
C GLY A 18 -4.06 1.56 -4.09
N VAL A 19 -4.60 1.05 -2.99
CA VAL A 19 -5.10 1.91 -1.92
C VAL A 19 -4.41 1.66 -0.59
N CYS A 20 -4.35 2.70 0.24
CA CYS A 20 -3.79 2.59 1.57
C CYS A 20 -4.79 1.93 2.53
N ALA A 21 -4.60 0.65 2.75
CA ALA A 21 -5.44 -0.09 3.69
C ALA A 21 -4.96 0.16 5.10
N LEU A 22 -5.87 0.57 5.97
CA LEU A 22 -5.51 0.85 7.36
C LEU A 22 -5.42 -0.45 8.15
N VAL A 23 -4.21 -0.79 8.55
CA VAL A 23 -3.97 -1.96 9.38
C VAL A 23 -3.32 -1.54 10.69
N GLU A 24 -4.09 -1.59 11.76
CA GLU A 24 -3.63 -1.24 13.11
C GLU A 24 -3.32 0.26 13.23
N GLN A 25 -2.14 0.64 12.75
CA GLN A 25 -1.71 2.03 12.81
C GLN A 25 -1.02 2.43 11.51
N GLN A 26 -0.96 1.48 10.59
CA GLN A 26 -0.20 1.66 9.36
C GLN A 26 -1.12 1.65 8.14
N GLN A 27 -0.97 2.65 7.29
CA GLN A 27 -1.65 2.64 6.00
C GLN A 27 -0.76 1.96 4.98
N ILE A 28 -1.23 0.82 4.49
CA ILE A 28 -0.44 0.02 3.57
C ILE A 28 -1.06 0.05 2.18
N ALA A 29 -0.31 0.56 1.22
CA ALA A 29 -0.78 0.67 -0.16
C ALA A 29 -0.62 -0.68 -0.85
N VAL A 30 -1.74 -1.23 -1.30
CA VAL A 30 -1.71 -2.53 -1.97
C VAL A 30 -1.79 -2.35 -3.47
N PHE A 31 -0.68 -2.59 -4.15
CA PHE A 31 -0.59 -2.39 -5.59
C PHE A 31 -1.23 -3.55 -6.34
N ARG A 32 -2.28 -3.26 -7.09
CA ARG A 32 -2.94 -4.29 -7.88
C ARG A 32 -3.13 -3.83 -9.32
N PRO A 33 -2.05 -3.82 -10.13
CA PRO A 33 -2.11 -3.43 -11.54
C PRO A 33 -2.48 -4.58 -12.46
N ARG A 34 -2.02 -5.79 -12.13
CA ARG A 34 -2.24 -6.95 -12.99
C ARG A 34 -3.50 -7.70 -12.59
N ASN A 35 -3.78 -8.78 -13.30
CA ASN A 35 -4.90 -9.65 -12.99
C ASN A 35 -4.39 -11.00 -12.49
N ASP A 36 -3.13 -10.99 -12.07
CA ASP A 36 -2.47 -12.20 -11.58
C ASP A 36 -2.83 -12.44 -10.10
N GLU A 37 -2.05 -13.24 -9.40
CA GLU A 37 -2.32 -13.54 -8.01
C GLU A 37 -1.18 -13.06 -7.11
N GLN A 38 -0.16 -12.43 -7.70
CA GLN A 38 0.90 -11.81 -6.92
C GLN A 38 0.39 -10.55 -6.24
N VAL A 39 1.00 -10.18 -5.12
CA VAL A 39 0.58 -8.98 -4.40
C VAL A 39 1.77 -8.18 -3.91
N TYR A 40 1.59 -6.86 -3.84
CA TYR A 40 2.58 -5.97 -3.28
C TYR A 40 1.91 -4.92 -2.42
N ALA A 41 1.93 -5.13 -1.11
CA ALA A 41 1.35 -4.19 -0.18
C ALA A 41 2.42 -3.65 0.77
N ILE A 42 2.80 -2.40 0.55
CA ILE A 42 3.80 -1.75 1.39
C ILE A 42 3.31 -0.37 1.80
N SER A 43 3.94 0.22 2.79
CA SER A 43 3.56 1.55 3.24
C SER A 43 4.11 2.62 2.30
N ASN A 44 3.62 2.60 1.07
CA ASN A 44 4.01 3.58 0.06
C ASN A 44 2.96 4.68 0.00
N ILE A 45 3.01 5.56 1.00
CA ILE A 45 1.97 6.56 1.16
C ILE A 45 2.56 7.96 1.22
N ASP A 46 1.91 8.89 0.54
CA ASP A 46 2.28 10.29 0.63
C ASP A 46 1.59 10.91 1.84
N PRO A 47 2.38 11.41 2.81
CA PRO A 47 1.85 11.95 4.06
C PRO A 47 1.24 13.34 3.90
N PHE A 48 1.27 13.87 2.69
CA PHE A 48 0.73 15.19 2.42
C PHE A 48 -0.75 15.08 2.07
N ALA A 49 -1.12 13.95 1.46
CA ALA A 49 -2.51 13.68 1.12
C ALA A 49 -3.04 12.56 2.01
N GLN A 50 -2.11 11.80 2.58
CA GLN A 50 -2.41 10.71 3.50
C GLN A 50 -3.21 9.61 2.81
N ALA A 51 -2.89 9.38 1.55
CA ALA A 51 -3.51 8.34 0.74
C ALA A 51 -2.51 7.82 -0.26
N SER A 52 -2.83 6.69 -0.86
CA SER A 52 -1.95 6.07 -1.83
C SER A 52 -2.02 6.78 -3.18
N VAL A 53 -1.35 7.91 -3.28
CA VAL A 53 -1.27 8.63 -4.54
C VAL A 53 0.00 8.21 -5.28
N LEU A 54 0.83 7.44 -4.60
CA LEU A 54 2.08 6.94 -5.14
C LEU A 54 1.83 5.64 -5.91
N SER A 55 0.56 5.30 -6.08
CA SER A 55 0.17 4.11 -6.80
C SER A 55 -0.89 4.44 -7.85
N ARG A 56 -1.14 5.73 -8.04
CA ARG A 56 -2.17 6.17 -8.97
C ARG A 56 -1.54 6.84 -10.18
N GLY A 57 -0.27 6.59 -10.38
CA GLY A 57 0.44 7.20 -11.48
C GLY A 57 0.66 6.26 -12.62
N ILE A 58 1.65 6.57 -13.45
CA ILE A 58 1.96 5.74 -14.60
C ILE A 58 2.91 4.63 -14.20
N VAL A 59 2.40 3.42 -14.17
CA VAL A 59 3.21 2.24 -13.91
C VAL A 59 4.08 1.98 -15.13
N ALA A 60 5.27 2.55 -15.13
CA ALA A 60 6.12 2.52 -16.30
C ALA A 60 7.28 1.54 -16.13
N GLU A 61 7.67 0.93 -17.23
CA GLU A 61 8.82 0.08 -17.26
C GLU A 61 10.03 0.93 -17.63
N HIS A 62 10.76 1.31 -16.61
CA HIS A 62 11.81 2.31 -16.74
C HIS A 62 13.13 1.64 -17.02
N GLN A 63 13.38 0.59 -16.27
CA GLN A 63 14.53 -0.26 -16.47
C GLN A 63 14.01 -1.67 -16.66
N ASP A 64 14.77 -2.66 -16.23
CA ASP A 64 14.26 -4.03 -16.20
C ASP A 64 13.43 -4.23 -14.93
N ASP A 65 12.58 -3.26 -14.62
CA ASP A 65 11.78 -3.29 -13.40
C ASP A 65 10.55 -2.41 -13.56
N LEU A 66 9.78 -2.25 -12.49
CA LEU A 66 8.50 -1.56 -12.54
C LEU A 66 8.55 -0.31 -11.66
N TRP A 67 8.45 0.85 -12.28
CA TRP A 67 8.55 2.11 -11.57
C TRP A 67 7.28 2.93 -11.80
N VAL A 68 6.68 3.39 -10.72
CA VAL A 68 5.47 4.20 -10.82
C VAL A 68 5.82 5.68 -10.92
N ALA A 69 5.31 6.32 -11.93
CA ALA A 69 5.46 7.76 -12.09
C ALA A 69 4.32 8.45 -11.38
N SER A 70 4.60 8.94 -10.17
CA SER A 70 3.60 9.58 -9.34
C SER A 70 3.00 10.79 -10.06
N PRO A 71 1.66 10.87 -10.14
CA PRO A 71 0.97 11.94 -10.87
C PRO A 71 1.08 13.29 -10.16
N LEU A 72 1.04 13.24 -8.83
CA LEU A 72 1.09 14.46 -8.03
C LEU A 72 2.52 14.84 -7.70
N LYS A 73 3.32 13.85 -7.32
CA LYS A 73 4.70 14.08 -6.89
C LYS A 73 5.62 14.21 -8.10
N LYS A 74 5.23 13.55 -9.19
CA LYS A 74 5.97 13.59 -10.46
C LYS A 74 7.37 13.01 -10.33
N GLN A 75 7.57 12.18 -9.32
CA GLN A 75 8.82 11.46 -9.15
C GLN A 75 8.57 9.96 -9.25
N HIS A 76 9.63 9.20 -9.48
CA HIS A 76 9.50 7.77 -9.71
C HIS A 76 9.65 6.99 -8.41
N PHE A 77 8.84 5.96 -8.24
CA PHE A 77 8.98 5.07 -7.08
C PHE A 77 9.02 3.62 -7.55
N ARG A 78 9.89 2.84 -6.93
CA ARG A 78 9.98 1.42 -7.25
C ARG A 78 9.17 0.61 -6.27
N LEU A 79 8.29 -0.23 -6.81
CA LEU A 79 7.35 -1.01 -5.99
C LEU A 79 8.10 -1.88 -4.97
N TYR A 80 8.94 -2.77 -5.46
CA TYR A 80 9.71 -3.63 -4.56
C TYR A 80 11.11 -3.04 -4.37
N ASP A 81 11.18 -2.01 -3.55
CA ASP A 81 12.44 -1.32 -3.28
C ASP A 81 12.22 -0.21 -2.26
N GLY A 82 11.34 0.73 -2.62
CA GLY A 82 10.97 1.78 -1.69
C GLY A 82 11.63 3.11 -2.00
N PHE A 83 12.68 3.08 -2.81
CA PHE A 83 13.41 4.30 -3.13
C PHE A 83 12.78 5.03 -4.31
N CYS A 84 13.13 6.31 -4.46
CA CYS A 84 12.52 7.17 -5.46
C CYS A 84 13.38 7.24 -6.73
N LEU A 85 13.93 6.08 -7.14
CA LEU A 85 14.79 5.99 -8.31
C LEU A 85 16.04 6.86 -8.17
N GLU A 86 15.92 8.13 -8.50
CA GLU A 86 17.04 9.06 -8.45
C GLU A 86 16.85 10.07 -7.33
N ASP A 87 15.61 10.19 -6.87
CA ASP A 87 15.29 11.14 -5.81
C ASP A 87 15.36 10.46 -4.45
N GLY A 88 15.24 11.27 -3.41
CA GLY A 88 15.23 10.75 -2.06
C GLY A 88 14.31 11.55 -1.17
N ALA A 89 13.04 11.57 -1.54
CA ALA A 89 12.05 12.40 -0.87
C ALA A 89 11.31 11.65 0.22
N TYR A 90 11.18 10.34 0.06
CA TYR A 90 10.43 9.54 1.02
C TYR A 90 11.18 8.28 1.44
N SER A 91 11.36 7.34 0.52
CA SER A 91 11.89 6.02 0.83
C SER A 91 10.96 5.30 1.81
N VAL A 92 9.99 4.59 1.25
CA VAL A 92 8.89 4.03 2.03
C VAL A 92 9.23 2.67 2.64
N ALA A 93 8.29 2.11 3.38
CA ALA A 93 8.48 0.84 4.07
C ALA A 93 8.07 -0.34 3.19
N ALA A 94 8.40 -1.54 3.62
CA ALA A 94 8.13 -2.74 2.84
C ALA A 94 7.86 -3.92 3.76
N TYR A 95 6.68 -4.50 3.64
CA TYR A 95 6.27 -5.62 4.47
C TYR A 95 6.12 -6.88 3.63
N ASP A 96 6.29 -8.03 4.26
CA ASP A 96 6.10 -9.31 3.58
C ASP A 96 4.63 -9.62 3.43
N THR A 97 4.19 -9.77 2.19
CA THR A 97 2.80 -10.02 1.89
C THR A 97 2.64 -11.35 1.15
N GLN A 98 1.54 -12.05 1.42
CA GLN A 98 1.27 -13.31 0.75
C GLN A 98 -0.23 -13.58 0.66
N VAL A 99 -0.63 -14.25 -0.40
CA VAL A 99 -2.01 -14.70 -0.54
C VAL A 99 -2.09 -16.17 -0.17
N THR A 100 -2.73 -16.46 0.95
CA THR A 100 -2.77 -17.82 1.48
C THR A 100 -4.05 -18.54 1.07
N ASN A 101 -5.17 -18.01 1.54
CA ASN A 101 -6.47 -18.60 1.28
C ASN A 101 -7.39 -17.59 0.64
N GLY A 102 -6.94 -17.02 -0.47
CA GLY A 102 -7.70 -15.97 -1.13
C GLY A 102 -7.58 -14.64 -0.42
N ASN A 103 -6.84 -14.64 0.68
CA ASN A 103 -6.67 -13.45 1.51
C ASN A 103 -5.25 -12.92 1.41
N VAL A 104 -5.10 -11.61 1.45
CA VAL A 104 -3.79 -10.98 1.43
C VAL A 104 -3.33 -10.70 2.85
N GLN A 105 -2.27 -11.39 3.26
CA GLN A 105 -1.72 -11.20 4.60
C GLN A 105 -0.40 -10.45 4.53
N ILE A 106 -0.23 -9.48 5.43
CA ILE A 106 1.03 -8.76 5.55
C ILE A 106 1.68 -9.11 6.88
N SER A 107 3.00 -9.08 6.93
CA SER A 107 3.72 -9.42 8.14
C SER A 107 3.92 -8.19 9.01
N ILE A 108 3.11 -8.07 10.06
CA ILE A 108 3.25 -6.98 11.00
C ILE A 108 4.09 -7.43 12.19
N ALA A 109 5.38 -7.13 12.13
CA ALA A 109 6.29 -7.51 13.19
C ALA A 109 6.32 -6.45 14.28
N ASP A 110 6.73 -6.86 15.47
CA ASP A 110 6.81 -5.94 16.60
C ASP A 110 8.06 -5.08 16.51
N SER A 111 7.93 -3.83 16.95
CA SER A 111 9.04 -2.90 16.91
C SER A 111 8.90 -1.89 18.05
N ASP A 112 8.14 -0.83 17.80
CA ASP A 112 7.86 0.19 18.80
C ASP A 112 6.90 1.20 18.17
N VAL A 113 7.04 2.46 18.57
CA VAL A 113 6.23 3.55 18.05
C VAL A 113 4.74 3.24 18.18
N ALA A 114 4.33 3.00 19.40
CA ALA A 114 2.93 2.75 19.70
C ALA A 114 2.14 4.05 19.64
N VAL A 115 1.74 4.43 18.43
CA VAL A 115 0.98 5.64 18.21
C VAL A 115 -0.40 5.34 17.65
N ASP A 116 -1.26 6.34 17.66
CA ASP A 116 -2.60 6.22 17.09
C ASP A 116 -2.80 7.31 16.05
N ASN A 117 -2.86 6.91 14.78
CA ASN A 117 -3.05 7.84 13.69
C ASN A 117 -3.72 7.15 12.51
N SER A 118 -4.34 7.94 11.64
CA SER A 118 -5.03 7.42 10.46
C SER A 118 -6.25 6.58 10.85
N GLN A 119 -7.42 7.22 10.85
CA GLN A 119 -8.68 6.58 11.19
C GLN A 119 -8.68 6.04 12.63
N PRO A 120 -8.87 6.92 13.61
CA PRO A 120 -8.91 6.53 15.03
C PRO A 120 -10.21 5.85 15.39
N LEU A 121 -10.18 4.99 16.41
CA LEU A 121 -11.36 4.25 16.81
C LEU A 121 -11.74 4.52 18.25
N PRO A 122 -12.63 5.50 18.49
CA PRO A 122 -13.19 5.75 19.82
C PRO A 122 -14.26 4.72 20.17
N LEU A 123 -14.78 4.79 21.39
CA LEU A 123 -15.81 3.87 21.83
C LEU A 123 -17.11 4.10 21.07
N GLU A 124 -17.55 5.34 21.04
CA GLU A 124 -18.83 5.68 20.43
C GLU A 124 -18.67 6.02 18.95
N HIS A 125 -19.58 5.49 18.14
CA HIS A 125 -19.66 5.84 16.72
C HIS A 125 -21.11 6.05 16.35
N HIS A 126 -21.44 7.22 15.82
CA HIS A 126 -22.81 7.52 15.45
C HIS A 126 -23.17 6.82 14.13
N HIS A 127 -23.32 5.52 14.20
CA HIS A 127 -23.81 4.73 13.08
C HIS A 127 -25.26 4.36 13.32
N HIS A 128 -26.00 4.14 12.25
CA HIS A 128 -27.40 3.78 12.37
C HIS A 128 -27.80 2.81 11.26
N HIS A 129 -28.12 1.60 11.66
CA HIS A 129 -28.54 0.56 10.74
C HIS A 129 -30.05 0.67 10.50
N HIS A 130 -30.49 0.31 9.30
CA HIS A 130 -31.91 0.25 9.01
C HIS A 130 -32.38 -1.18 9.18
N MET A 1 -3.09 -15.65 12.29
CA MET A 1 -1.63 -15.71 12.49
C MET A 1 -1.15 -14.41 13.12
N SER A 2 -0.23 -14.52 14.08
CA SER A 2 0.22 -13.38 14.86
C SER A 2 0.88 -12.30 14.00
N GLN A 3 1.96 -12.65 13.33
CA GLN A 3 2.75 -11.66 12.59
C GLN A 3 2.26 -11.51 11.16
N TRP A 4 1.25 -12.28 10.81
CA TRP A 4 0.66 -12.22 9.49
C TRP A 4 -0.79 -11.80 9.58
N THR A 5 -1.02 -10.50 9.43
CA THR A 5 -2.36 -9.95 9.58
C THR A 5 -3.06 -9.88 8.23
N THR A 6 -4.32 -10.30 8.21
CA THR A 6 -5.11 -10.27 7.00
C THR A 6 -5.58 -8.85 6.70
N VAL A 7 -5.22 -8.35 5.52
CA VAL A 7 -5.62 -7.02 5.10
C VAL A 7 -7.04 -7.07 4.55
N CYS A 8 -7.19 -7.71 3.39
CA CYS A 8 -8.49 -7.82 2.74
C CYS A 8 -8.46 -8.96 1.72
N LYS A 9 -9.58 -9.17 1.05
CA LYS A 9 -9.67 -10.22 0.05
C LYS A 9 -8.95 -9.83 -1.23
N LEU A 10 -8.22 -10.77 -1.80
CA LEU A 10 -7.59 -10.57 -3.10
C LEU A 10 -8.65 -10.56 -4.19
N ASP A 11 -9.87 -10.89 -3.77
CA ASP A 11 -11.02 -10.92 -4.65
C ASP A 11 -11.68 -9.55 -4.72
N ASP A 12 -11.31 -8.68 -3.78
CA ASP A 12 -11.86 -7.33 -3.72
C ASP A 12 -10.89 -6.32 -4.32
N ILE A 13 -9.61 -6.66 -4.29
CA ILE A 13 -8.58 -5.78 -4.82
C ILE A 13 -8.69 -5.65 -6.34
N LEU A 14 -9.04 -4.45 -6.81
CA LEU A 14 -9.27 -4.20 -8.22
C LEU A 14 -7.97 -4.23 -9.02
N PRO A 15 -7.95 -5.00 -10.12
CA PRO A 15 -6.77 -5.13 -11.00
C PRO A 15 -6.46 -3.84 -11.74
N GLY A 16 -5.21 -3.41 -11.67
CA GLY A 16 -4.80 -2.19 -12.33
C GLY A 16 -4.92 -0.99 -11.43
N THR A 17 -4.80 -1.20 -10.12
CA THR A 17 -4.97 -0.12 -9.15
C THR A 17 -4.41 -0.51 -7.79
N GLY A 18 -4.30 0.47 -6.90
CA GLY A 18 -3.81 0.22 -5.56
C GLY A 18 -4.12 1.39 -4.64
N VAL A 19 -4.69 1.09 -3.48
CA VAL A 19 -5.07 2.14 -2.54
C VAL A 19 -4.60 1.81 -1.12
N CYS A 20 -4.81 2.75 -0.22
CA CYS A 20 -4.38 2.59 1.16
C CYS A 20 -5.36 1.74 1.98
N ALA A 21 -4.81 0.87 2.79
CA ALA A 21 -5.59 0.10 3.74
C ALA A 21 -5.03 0.28 5.14
N LEU A 22 -5.90 0.63 6.07
CA LEU A 22 -5.47 0.84 7.46
C LEU A 22 -5.46 -0.51 8.18
N VAL A 23 -4.27 -1.07 8.32
CA VAL A 23 -4.11 -2.35 9.00
C VAL A 23 -3.46 -2.13 10.35
N GLU A 24 -4.23 -2.39 11.41
CA GLU A 24 -3.80 -2.14 12.78
C GLU A 24 -3.55 -0.66 13.02
N GLN A 25 -2.34 -0.20 12.72
CA GLN A 25 -2.00 1.21 12.81
C GLN A 25 -1.27 1.66 11.56
N GLN A 26 -0.97 0.69 10.69
CA GLN A 26 -0.13 0.93 9.54
C GLN A 26 -0.93 1.35 8.32
N GLN A 27 -0.40 2.33 7.58
CA GLN A 27 -0.99 2.75 6.33
C GLN A 27 -0.22 2.14 5.17
N ILE A 28 -0.79 1.11 4.55
CA ILE A 28 -0.11 0.44 3.44
C ILE A 28 -0.96 0.54 2.18
N ALA A 29 -0.30 0.70 1.04
CA ALA A 29 -0.97 0.73 -0.24
C ALA A 29 -0.77 -0.58 -0.96
N VAL A 30 -1.84 -1.16 -1.47
CA VAL A 30 -1.76 -2.47 -2.09
C VAL A 30 -1.93 -2.37 -3.59
N PHE A 31 -0.81 -2.40 -4.30
CA PHE A 31 -0.81 -2.33 -5.75
C PHE A 31 -1.24 -3.65 -6.35
N ARG A 32 -2.26 -3.62 -7.19
CA ARG A 32 -2.52 -4.75 -8.06
C ARG A 32 -2.21 -4.33 -9.49
N PRO A 33 -0.94 -4.49 -9.90
CA PRO A 33 -0.47 -3.96 -11.18
C PRO A 33 -0.84 -4.84 -12.36
N ARG A 34 -1.27 -6.05 -12.06
CA ARG A 34 -1.71 -6.97 -13.09
C ARG A 34 -3.17 -7.30 -12.92
N ASN A 35 -3.76 -7.85 -13.96
CA ASN A 35 -5.14 -8.34 -13.91
C ASN A 35 -5.17 -9.71 -13.25
N ASP A 36 -3.98 -10.19 -12.90
CA ASP A 36 -3.83 -11.47 -12.23
C ASP A 36 -3.82 -11.26 -10.72
N GLU A 37 -3.71 -12.33 -9.97
CA GLU A 37 -3.79 -12.30 -8.52
C GLU A 37 -2.42 -12.00 -7.89
N GLN A 38 -1.72 -11.01 -8.43
CA GLN A 38 -0.43 -10.60 -7.91
C GLN A 38 -0.51 -9.17 -7.41
N VAL A 39 -0.06 -8.95 -6.18
CA VAL A 39 -0.14 -7.62 -5.56
C VAL A 39 1.17 -7.19 -4.91
N TYR A 40 1.27 -5.90 -4.64
CA TYR A 40 2.43 -5.32 -3.96
C TYR A 40 1.96 -4.37 -2.86
N ALA A 41 2.09 -4.80 -1.61
CA ALA A 41 1.69 -3.96 -0.48
C ALA A 41 2.88 -3.21 0.10
N ILE A 42 3.00 -1.94 -0.25
CA ILE A 42 4.08 -1.10 0.28
C ILE A 42 3.51 0.20 0.83
N SER A 43 4.20 0.82 1.76
CA SER A 43 3.67 1.98 2.44
C SER A 43 4.04 3.28 1.74
N ASN A 44 3.23 3.67 0.76
CA ASN A 44 3.43 4.94 0.05
C ASN A 44 2.11 5.69 -0.12
N ILE A 45 1.53 6.10 0.99
CA ILE A 45 0.21 6.71 1.01
C ILE A 45 0.29 8.19 0.71
N ASP A 46 1.50 8.73 0.81
CA ASP A 46 1.76 10.17 0.66
C ASP A 46 1.12 10.95 1.81
N PRO A 47 1.94 11.69 2.57
CA PRO A 47 1.50 12.37 3.79
C PRO A 47 0.67 13.64 3.50
N PHE A 48 0.54 13.99 2.23
CA PHE A 48 -0.19 15.20 1.86
C PHE A 48 -1.61 14.86 1.42
N ALA A 49 -1.78 13.68 0.81
CA ALA A 49 -3.07 13.29 0.26
C ALA A 49 -3.71 12.21 1.10
N GLN A 50 -2.87 11.38 1.70
CA GLN A 50 -3.31 10.32 2.60
C GLN A 50 -4.19 9.27 1.90
N ALA A 51 -4.14 9.25 0.57
CA ALA A 51 -4.98 8.32 -0.20
C ALA A 51 -4.16 7.58 -1.24
N SER A 52 -2.86 7.48 -0.99
CA SER A 52 -1.96 6.71 -1.84
C SER A 52 -1.91 7.29 -3.26
N VAL A 53 -1.54 8.56 -3.36
CA VAL A 53 -1.42 9.19 -4.67
C VAL A 53 -0.10 8.80 -5.31
N LEU A 54 0.79 8.23 -4.50
CA LEU A 54 2.02 7.66 -5.01
C LEU A 54 1.70 6.33 -5.68
N SER A 55 0.57 5.75 -5.28
CA SER A 55 0.09 4.50 -5.85
C SER A 55 -0.82 4.79 -7.05
N ARG A 56 -1.63 5.84 -6.90
CA ARG A 56 -2.53 6.28 -7.96
C ARG A 56 -1.80 7.12 -9.01
N GLY A 57 -0.52 6.84 -9.18
CA GLY A 57 0.26 7.52 -10.18
C GLY A 57 0.39 6.69 -11.44
N ILE A 58 1.52 6.81 -12.12
CA ILE A 58 1.77 6.04 -13.33
C ILE A 58 2.64 4.83 -13.03
N VAL A 59 2.01 3.69 -12.94
CA VAL A 59 2.70 2.44 -12.70
C VAL A 59 3.24 1.90 -14.01
N ALA A 60 4.48 2.21 -14.31
CA ALA A 60 5.08 1.85 -15.58
C ALA A 60 6.19 0.83 -15.40
N GLU A 61 6.79 0.43 -16.51
CA GLU A 61 7.87 -0.53 -16.50
C GLU A 61 9.15 0.12 -17.02
N HIS A 62 10.27 -0.45 -16.61
CA HIS A 62 11.57 -0.03 -17.11
C HIS A 62 12.29 -1.27 -17.62
N GLN A 63 11.51 -2.14 -18.26
CA GLN A 63 11.95 -3.47 -18.68
C GLN A 63 12.16 -4.37 -17.48
N ASP A 64 11.19 -5.26 -17.26
CA ASP A 64 11.19 -6.23 -16.15
C ASP A 64 10.85 -5.56 -14.82
N ASP A 65 11.57 -4.51 -14.48
CA ASP A 65 11.34 -3.79 -13.24
C ASP A 65 10.10 -2.92 -13.34
N LEU A 66 9.38 -2.83 -12.23
CA LEU A 66 8.16 -2.03 -12.15
C LEU A 66 8.44 -0.74 -11.40
N TRP A 67 8.22 0.38 -12.07
CA TRP A 67 8.51 1.69 -11.49
C TRP A 67 7.26 2.56 -11.52
N VAL A 68 6.77 2.94 -10.36
CA VAL A 68 5.63 3.81 -10.29
C VAL A 68 6.07 5.28 -10.19
N ALA A 69 5.49 6.11 -11.03
CA ALA A 69 5.79 7.53 -11.04
C ALA A 69 4.62 8.31 -10.44
N SER A 70 4.88 8.97 -9.33
CA SER A 70 3.85 9.73 -8.64
C SER A 70 3.66 11.10 -9.28
N PRO A 71 2.40 11.55 -9.44
CA PRO A 71 2.11 12.84 -10.07
C PRO A 71 2.53 14.03 -9.22
N LEU A 72 2.53 13.86 -7.91
CA LEU A 72 2.86 14.94 -6.99
C LEU A 72 4.37 15.02 -6.75
N LYS A 73 4.97 13.89 -6.37
CA LYS A 73 6.39 13.87 -6.04
C LYS A 73 7.23 13.74 -7.30
N LYS A 74 6.69 13.06 -8.29
CA LYS A 74 7.36 12.88 -9.59
C LYS A 74 8.67 12.13 -9.44
N GLN A 75 8.67 11.16 -8.55
CA GLN A 75 9.81 10.29 -8.35
C GLN A 75 9.46 8.86 -8.73
N HIS A 76 10.43 8.13 -9.25
CA HIS A 76 10.22 6.77 -9.69
C HIS A 76 10.54 5.80 -8.56
N PHE A 77 9.52 5.07 -8.12
CA PHE A 77 9.69 4.08 -7.06
C PHE A 77 9.65 2.67 -7.66
N ARG A 78 10.73 1.91 -7.47
CA ARG A 78 10.75 0.53 -7.95
C ARG A 78 10.11 -0.39 -6.92
N LEU A 79 9.18 -1.22 -7.38
CA LEU A 79 8.45 -2.13 -6.49
C LEU A 79 9.37 -3.23 -5.97
N TYR A 80 9.91 -3.00 -4.78
CA TYR A 80 10.81 -3.93 -4.12
C TYR A 80 10.86 -3.58 -2.64
N ASP A 81 11.27 -2.35 -2.36
CA ASP A 81 11.21 -1.78 -1.03
C ASP A 81 10.73 -0.34 -1.14
N GLY A 82 11.67 0.55 -1.40
CA GLY A 82 11.34 1.95 -1.61
C GLY A 82 12.42 2.67 -2.37
N PHE A 83 13.07 1.94 -3.27
CA PHE A 83 14.19 2.49 -4.03
C PHE A 83 13.70 3.48 -5.05
N CYS A 84 14.18 4.71 -4.93
CA CYS A 84 13.79 5.78 -5.84
C CYS A 84 14.88 6.00 -6.89
N LEU A 85 14.46 6.28 -8.12
CA LEU A 85 15.40 6.41 -9.23
C LEU A 85 16.23 7.68 -9.14
N GLU A 86 15.57 8.82 -9.23
CA GLU A 86 16.27 10.10 -9.29
C GLU A 86 16.59 10.65 -7.91
N ASP A 87 15.60 10.73 -7.04
CA ASP A 87 15.81 11.29 -5.71
C ASP A 87 15.59 10.21 -4.64
N GLY A 88 15.18 10.62 -3.46
CA GLY A 88 14.92 9.69 -2.38
C GLY A 88 14.28 10.40 -1.20
N ALA A 89 13.25 11.19 -1.49
CA ALA A 89 12.62 12.04 -0.50
C ALA A 89 11.93 11.24 0.60
N TYR A 90 11.55 10.01 0.28
CA TYR A 90 10.85 9.18 1.24
C TYR A 90 11.52 7.82 1.36
N SER A 91 11.61 7.10 0.24
CA SER A 91 12.09 5.73 0.23
C SER A 91 11.23 4.87 1.16
N VAL A 92 10.11 4.43 0.63
CA VAL A 92 9.07 3.80 1.42
C VAL A 92 9.46 2.40 1.92
N ALA A 93 8.71 1.88 2.87
CA ALA A 93 8.98 0.57 3.45
C ALA A 93 8.10 -0.49 2.80
N ALA A 94 8.65 -1.68 2.69
CA ALA A 94 7.94 -2.80 2.07
C ALA A 94 7.89 -3.99 3.02
N TYR A 95 6.71 -4.24 3.56
CA TYR A 95 6.51 -5.39 4.42
C TYR A 95 6.23 -6.61 3.58
N ASP A 96 6.71 -7.77 4.03
CA ASP A 96 6.54 -9.00 3.28
C ASP A 96 5.08 -9.44 3.29
N THR A 97 4.57 -9.85 2.14
CA THR A 97 3.17 -10.19 2.00
C THR A 97 3.02 -11.58 1.38
N GLN A 98 2.01 -12.33 1.81
CA GLN A 98 1.70 -13.60 1.19
C GLN A 98 0.20 -13.79 1.06
N VAL A 99 -0.21 -14.38 -0.06
CA VAL A 99 -1.60 -14.69 -0.30
C VAL A 99 -1.80 -16.19 -0.25
N THR A 100 -2.27 -16.69 0.89
CA THR A 100 -2.35 -18.13 1.10
C THR A 100 -3.76 -18.53 1.57
N ASN A 101 -4.62 -17.55 1.75
CA ASN A 101 -5.95 -17.81 2.29
C ASN A 101 -7.00 -17.03 1.49
N GLY A 102 -6.67 -16.71 0.24
CA GLY A 102 -7.56 -15.89 -0.57
C GLY A 102 -7.45 -14.42 -0.20
N ASN A 103 -7.01 -14.19 1.02
CA ASN A 103 -6.78 -12.86 1.52
C ASN A 103 -5.29 -12.58 1.53
N VAL A 104 -4.92 -11.30 1.44
CA VAL A 104 -3.53 -10.91 1.48
C VAL A 104 -3.09 -10.66 2.91
N GLN A 105 -2.11 -11.42 3.37
CA GLN A 105 -1.63 -11.28 4.74
C GLN A 105 -0.19 -10.76 4.73
N ILE A 106 0.05 -9.69 5.49
CA ILE A 106 1.35 -9.05 5.52
C ILE A 106 2.05 -9.31 6.85
N SER A 107 3.38 -9.29 6.83
CA SER A 107 4.16 -9.43 8.04
C SER A 107 4.26 -8.07 8.74
N ILE A 108 3.56 -7.93 9.84
CA ILE A 108 3.48 -6.65 10.53
C ILE A 108 4.69 -6.40 11.43
N ALA A 109 5.37 -5.31 11.15
CA ALA A 109 6.47 -4.85 11.99
C ALA A 109 6.05 -3.58 12.71
N ASP A 110 4.73 -3.44 12.84
CA ASP A 110 4.13 -2.27 13.46
C ASP A 110 4.31 -2.28 14.97
N SER A 111 4.55 -1.12 15.53
CA SER A 111 4.71 -0.98 16.96
C SER A 111 3.71 0.04 17.51
N ASP A 112 3.99 1.32 17.30
CA ASP A 112 3.10 2.40 17.75
C ASP A 112 3.23 3.61 16.84
N VAL A 113 2.16 3.90 16.12
CA VAL A 113 2.12 5.07 15.25
C VAL A 113 0.77 5.77 15.35
N ALA A 114 0.79 7.08 15.52
CA ALA A 114 -0.43 7.84 15.68
C ALA A 114 -0.83 8.48 14.35
N VAL A 115 -1.72 7.81 13.64
CA VAL A 115 -2.18 8.28 12.35
C VAL A 115 -3.21 9.38 12.50
N ASP A 116 -3.53 10.04 11.39
CA ASP A 116 -4.51 11.11 11.38
C ASP A 116 -5.91 10.49 11.23
N ASN A 117 -6.93 11.30 10.98
CA ASN A 117 -8.28 10.77 10.83
C ASN A 117 -8.46 10.19 9.43
N SER A 118 -8.67 8.88 9.38
CA SER A 118 -8.87 8.19 8.12
C SER A 118 -10.20 8.60 7.51
N GLN A 119 -11.21 8.68 8.36
CA GLN A 119 -12.52 9.15 7.95
C GLN A 119 -12.61 10.66 8.09
N PRO A 120 -13.04 11.35 7.02
CA PRO A 120 -13.17 12.80 7.00
C PRO A 120 -14.39 13.29 7.79
N LEU A 121 -14.53 14.60 7.88
CA LEU A 121 -15.64 15.21 8.61
C LEU A 121 -16.81 15.45 7.66
N PRO A 122 -18.04 15.16 8.10
CA PRO A 122 -19.24 15.34 7.29
C PRO A 122 -19.48 16.82 6.95
N LEU A 123 -19.45 17.13 5.67
CA LEU A 123 -19.66 18.49 5.21
C LEU A 123 -21.14 18.77 5.00
N GLU A 124 -21.49 20.04 4.87
CA GLU A 124 -22.87 20.44 4.68
C GLU A 124 -23.05 21.14 3.34
N HIS A 125 -24.10 20.79 2.63
CA HIS A 125 -24.45 21.45 1.39
C HIS A 125 -25.96 21.63 1.33
N HIS A 126 -26.41 22.87 1.46
CA HIS A 126 -27.83 23.19 1.50
C HIS A 126 -28.54 22.72 0.24
N HIS A 127 -29.57 21.89 0.44
CA HIS A 127 -30.39 21.41 -0.66
C HIS A 127 -31.06 22.58 -1.36
N HIS A 128 -30.90 22.65 -2.67
CA HIS A 128 -31.49 23.74 -3.44
C HIS A 128 -32.81 23.32 -4.06
N HIS A 129 -33.88 23.89 -3.54
CA HIS A 129 -35.23 23.60 -4.01
C HIS A 129 -36.06 24.86 -3.86
N HIS A 130 -36.94 25.11 -4.82
CA HIS A 130 -37.82 26.26 -4.74
C HIS A 130 -39.11 25.89 -4.00
N MET A 1 1.41 -19.68 11.79
CA MET A 1 0.68 -18.39 11.66
C MET A 1 1.29 -17.35 12.58
N SER A 2 2.27 -16.63 12.05
CA SER A 2 2.89 -15.53 12.78
C SER A 2 2.09 -14.25 12.57
N GLN A 3 2.74 -13.10 12.77
CA GLN A 3 2.06 -11.81 12.59
C GLN A 3 1.81 -11.53 11.12
N TRP A 4 0.78 -12.17 10.58
CA TRP A 4 0.35 -11.96 9.22
C TRP A 4 -1.06 -11.37 9.22
N THR A 5 -1.15 -10.07 9.11
CA THR A 5 -2.44 -9.39 9.15
C THR A 5 -3.16 -9.54 7.82
N THR A 6 -4.32 -10.16 7.86
CA THR A 6 -5.16 -10.29 6.69
C THR A 6 -5.71 -8.92 6.28
N VAL A 7 -5.27 -8.44 5.13
CA VAL A 7 -5.65 -7.10 4.67
C VAL A 7 -6.90 -7.15 3.81
N CYS A 8 -6.79 -7.79 2.66
CA CYS A 8 -7.84 -7.78 1.67
C CYS A 8 -8.11 -9.18 1.13
N LYS A 9 -9.22 -9.33 0.42
CA LYS A 9 -9.60 -10.60 -0.16
C LYS A 9 -8.93 -10.78 -1.50
N LEU A 10 -8.10 -9.82 -1.84
CA LEU A 10 -7.42 -9.75 -3.12
C LEU A 10 -8.41 -9.40 -4.25
N ASP A 11 -9.59 -9.99 -4.17
CA ASP A 11 -10.61 -9.85 -5.19
C ASP A 11 -11.26 -8.48 -5.13
N ASP A 12 -11.37 -7.91 -3.93
CA ASP A 12 -11.94 -6.56 -3.81
C ASP A 12 -10.86 -5.49 -4.04
N ILE A 13 -9.69 -5.91 -4.51
CA ILE A 13 -8.67 -4.96 -4.96
C ILE A 13 -8.85 -4.69 -6.45
N LEU A 14 -8.91 -3.41 -6.81
CA LEU A 14 -9.11 -3.02 -8.20
C LEU A 14 -7.89 -3.33 -9.06
N PRO A 15 -8.09 -4.07 -10.17
CA PRO A 15 -7.02 -4.41 -11.10
C PRO A 15 -6.44 -3.18 -11.81
N GLY A 16 -5.13 -3.03 -11.73
CA GLY A 16 -4.46 -1.89 -12.31
C GLY A 16 -4.49 -0.70 -11.38
N THR A 17 -4.50 -0.95 -10.07
CA THR A 17 -4.68 0.12 -9.09
C THR A 17 -3.96 -0.22 -7.79
N GLY A 18 -3.95 0.74 -6.87
CA GLY A 18 -3.37 0.53 -5.56
C GLY A 18 -4.11 1.35 -4.53
N VAL A 19 -4.30 0.82 -3.33
CA VAL A 19 -5.08 1.54 -2.31
C VAL A 19 -4.40 1.53 -0.95
N CYS A 20 -4.59 2.61 -0.20
CA CYS A 20 -4.10 2.70 1.16
C CYS A 20 -4.98 1.88 2.10
N ALA A 21 -4.42 0.81 2.63
CA ALA A 21 -5.11 -0.03 3.58
C ALA A 21 -4.88 0.49 4.99
N LEU A 22 -5.93 1.04 5.58
CA LEU A 22 -5.86 1.53 6.94
C LEU A 22 -5.81 0.36 7.91
N VAL A 23 -4.63 0.08 8.42
CA VAL A 23 -4.44 -0.99 9.37
C VAL A 23 -4.52 -0.41 10.78
N GLU A 24 -4.74 -1.27 11.76
CA GLU A 24 -4.94 -0.85 13.15
C GLU A 24 -3.90 0.18 13.60
N GLN A 25 -2.63 -0.13 13.43
CA GLN A 25 -1.56 0.82 13.74
C GLN A 25 -0.57 0.94 12.58
N GLN A 26 -1.02 0.62 11.38
CA GLN A 26 -0.13 0.59 10.22
C GLN A 26 -0.78 1.19 8.98
N GLN A 27 0.05 1.63 8.04
CA GLN A 27 -0.41 2.16 6.77
C GLN A 27 0.29 1.45 5.61
N ILE A 28 -0.40 0.54 4.96
CA ILE A 28 0.15 -0.22 3.85
C ILE A 28 -0.68 0.00 2.59
N ALA A 29 -0.01 0.21 1.46
CA ALA A 29 -0.68 0.38 0.19
C ALA A 29 -0.61 -0.92 -0.60
N VAL A 30 -1.72 -1.33 -1.18
CA VAL A 30 -1.78 -2.60 -1.89
C VAL A 30 -1.92 -2.36 -3.39
N PHE A 31 -0.85 -2.64 -4.12
CA PHE A 31 -0.84 -2.42 -5.55
C PHE A 31 -1.23 -3.70 -6.27
N ARG A 32 -2.20 -3.62 -7.16
CA ARG A 32 -2.54 -4.72 -8.03
C ARG A 32 -2.35 -4.29 -9.47
N PRO A 33 -1.12 -4.42 -10.00
CA PRO A 33 -0.78 -3.94 -11.35
C PRO A 33 -1.63 -4.59 -12.42
N ARG A 34 -1.93 -5.86 -12.22
CA ARG A 34 -2.74 -6.62 -13.16
C ARG A 34 -3.80 -7.39 -12.40
N ASN A 35 -4.82 -7.87 -13.10
CA ASN A 35 -5.91 -8.61 -12.48
C ASN A 35 -5.47 -10.05 -12.19
N ASP A 36 -4.38 -10.18 -11.44
CA ASP A 36 -3.81 -11.48 -11.12
C ASP A 36 -3.51 -11.55 -9.63
N GLU A 37 -2.83 -12.60 -9.23
CA GLU A 37 -2.51 -12.82 -7.83
C GLU A 37 -1.20 -12.13 -7.45
N GLN A 38 -0.57 -11.47 -8.41
CA GLN A 38 0.67 -10.76 -8.17
C GLN A 38 0.38 -9.34 -7.70
N VAL A 39 0.46 -9.14 -6.40
CA VAL A 39 0.18 -7.83 -5.80
C VAL A 39 1.36 -7.38 -4.93
N TYR A 40 1.36 -6.11 -4.58
CA TYR A 40 2.42 -5.55 -3.76
C TYR A 40 1.83 -4.70 -2.64
N ALA A 41 1.89 -5.21 -1.43
CA ALA A 41 1.40 -4.49 -0.27
C ALA A 41 2.54 -3.97 0.57
N ILE A 42 2.91 -2.71 0.35
CA ILE A 42 4.00 -2.08 1.09
C ILE A 42 3.56 -0.70 1.57
N SER A 43 4.29 -0.12 2.50
CA SER A 43 3.92 1.18 3.07
C SER A 43 4.25 2.33 2.13
N ASN A 44 3.76 2.25 0.90
CA ASN A 44 4.00 3.27 -0.11
C ASN A 44 2.78 4.16 -0.22
N ILE A 45 2.51 4.91 0.84
CA ILE A 45 1.30 5.70 0.97
C ILE A 45 1.53 7.15 0.58
N ASP A 46 2.79 7.54 0.62
CA ASP A 46 3.18 8.94 0.48
C ASP A 46 2.60 9.75 1.64
N PRO A 47 3.41 9.99 2.68
CA PRO A 47 3.01 10.72 3.89
C PRO A 47 2.57 12.16 3.60
N PHE A 48 2.62 12.56 2.35
CA PHE A 48 2.19 13.90 1.96
C PHE A 48 0.72 13.88 1.54
N ALA A 49 0.16 12.70 1.29
CA ALA A 49 -1.19 12.60 0.75
C ALA A 49 -2.09 11.64 1.54
N GLN A 50 -1.48 10.60 2.13
CA GLN A 50 -2.20 9.64 2.98
C GLN A 50 -3.04 8.63 2.17
N ALA A 51 -3.25 8.91 0.88
CA ALA A 51 -4.15 8.08 0.07
C ALA A 51 -3.39 7.30 -1.00
N SER A 52 -2.18 6.88 -0.66
CA SER A 52 -1.35 6.05 -1.53
C SER A 52 -1.30 6.61 -2.96
N VAL A 53 -0.88 7.86 -3.08
CA VAL A 53 -0.85 8.51 -4.38
C VAL A 53 0.34 8.02 -5.19
N LEU A 54 1.11 7.15 -4.57
CA LEU A 54 2.22 6.51 -5.23
C LEU A 54 1.76 5.17 -5.82
N SER A 55 0.46 5.06 -6.07
CA SER A 55 -0.11 3.90 -6.73
C SER A 55 -1.27 4.28 -7.63
N ARG A 56 -2.09 5.23 -7.17
CA ARG A 56 -3.22 5.71 -7.94
C ARG A 56 -2.75 6.75 -8.96
N GLY A 57 -1.85 6.32 -9.82
CA GLY A 57 -1.35 7.19 -10.87
C GLY A 57 -0.90 6.39 -12.08
N ILE A 58 0.41 6.35 -12.30
CA ILE A 58 0.94 5.61 -13.44
C ILE A 58 1.90 4.52 -12.96
N VAL A 59 1.43 3.30 -13.00
CA VAL A 59 2.24 2.14 -12.70
C VAL A 59 3.00 1.76 -13.96
N ALA A 60 4.27 2.13 -13.99
CA ALA A 60 5.05 2.03 -15.21
C ALA A 60 6.24 1.09 -15.07
N GLU A 61 6.21 0.02 -15.84
CA GLU A 61 7.38 -0.83 -15.97
C GLU A 61 8.41 -0.10 -16.80
N HIS A 62 9.43 0.43 -16.13
CA HIS A 62 10.39 1.33 -16.74
C HIS A 62 11.08 0.64 -17.92
N GLN A 63 11.71 -0.49 -17.64
CA GLN A 63 12.36 -1.28 -18.67
C GLN A 63 12.14 -2.76 -18.37
N ASP A 64 12.74 -3.20 -17.28
CA ASP A 64 12.65 -4.59 -16.85
C ASP A 64 12.08 -4.66 -15.43
N ASP A 65 11.93 -3.51 -14.80
CA ASP A 65 11.53 -3.45 -13.40
C ASP A 65 10.25 -2.64 -13.25
N LEU A 66 9.68 -2.64 -12.05
CA LEU A 66 8.37 -2.04 -11.82
C LEU A 66 8.49 -0.79 -10.96
N TRP A 67 8.20 0.35 -11.56
CA TRP A 67 8.27 1.63 -10.86
C TRP A 67 6.92 2.33 -10.99
N VAL A 68 6.71 3.37 -10.22
CA VAL A 68 5.47 4.14 -10.30
C VAL A 68 5.76 5.62 -10.39
N ALA A 69 4.92 6.33 -11.15
CA ALA A 69 5.06 7.77 -11.31
C ALA A 69 4.01 8.50 -10.47
N SER A 70 4.47 9.43 -9.66
CA SER A 70 3.58 10.22 -8.83
C SER A 70 3.15 11.49 -9.56
N PRO A 71 1.84 11.79 -9.55
CA PRO A 71 1.31 13.01 -10.16
C PRO A 71 1.70 14.27 -9.38
N LEU A 72 2.13 14.08 -8.14
CA LEU A 72 2.56 15.19 -7.29
C LEU A 72 4.04 15.45 -7.48
N LYS A 73 4.84 14.40 -7.34
CA LYS A 73 6.27 14.48 -7.52
C LYS A 73 6.69 13.43 -8.53
N LYS A 74 6.96 13.90 -9.75
CA LYS A 74 7.28 13.03 -10.87
C LYS A 74 8.63 12.32 -10.68
N GLN A 75 8.61 11.29 -9.88
CA GLN A 75 9.76 10.45 -9.65
C GLN A 75 9.37 8.99 -9.81
N HIS A 76 10.31 8.16 -10.21
CA HIS A 76 10.03 6.75 -10.41
C HIS A 76 10.25 5.96 -9.12
N PHE A 77 9.20 5.78 -8.35
CA PHE A 77 9.27 5.01 -7.11
C PHE A 77 9.25 3.52 -7.43
N ARG A 78 10.28 2.80 -7.01
CA ARG A 78 10.37 1.38 -7.30
C ARG A 78 9.51 0.58 -6.35
N LEU A 79 8.58 -0.19 -6.90
CA LEU A 79 7.63 -0.96 -6.11
C LEU A 79 8.29 -2.19 -5.48
N TYR A 80 9.46 -2.54 -6.00
CA TYR A 80 10.18 -3.73 -5.52
C TYR A 80 11.40 -3.33 -4.69
N ASP A 81 11.42 -2.08 -4.25
CA ASP A 81 12.56 -1.56 -3.49
C ASP A 81 12.11 -0.52 -2.47
N GLY A 82 11.61 0.60 -2.97
CA GLY A 82 11.21 1.69 -2.10
C GLY A 82 11.85 3.00 -2.52
N PHE A 83 13.05 2.91 -3.09
CA PHE A 83 13.76 4.10 -3.54
C PHE A 83 13.08 4.69 -4.78
N CYS A 84 13.25 5.99 -4.98
CA CYS A 84 12.52 6.71 -6.00
C CYS A 84 13.39 6.93 -7.25
N LEU A 85 14.32 6.01 -7.50
CA LEU A 85 15.24 6.07 -8.65
C LEU A 85 16.02 7.38 -8.74
N GLU A 86 15.36 8.39 -9.27
CA GLU A 86 15.99 9.66 -9.62
C GLU A 86 16.35 10.48 -8.39
N ASP A 87 15.68 10.20 -7.28
CA ASP A 87 15.87 10.94 -6.05
C ASP A 87 15.22 10.16 -4.90
N GLY A 88 14.95 10.84 -3.80
CA GLY A 88 14.24 10.24 -2.71
C GLY A 88 12.99 11.01 -2.40
N ALA A 89 12.53 10.91 -1.17
CA ALA A 89 11.30 11.57 -0.71
C ALA A 89 10.94 11.08 0.67
N TYR A 90 10.53 9.82 0.74
CA TYR A 90 10.12 9.19 1.97
C TYR A 90 10.49 7.73 1.92
N SER A 91 11.48 7.35 2.71
CA SER A 91 11.89 5.94 2.82
C SER A 91 10.70 5.07 3.24
N VAL A 92 10.16 4.32 2.30
CA VAL A 92 9.00 3.48 2.57
C VAL A 92 9.43 2.06 2.93
N ALA A 93 8.58 1.36 3.64
CA ALA A 93 8.89 0.02 4.11
C ALA A 93 8.21 -1.05 3.25
N ALA A 94 9.02 -1.92 2.67
CA ALA A 94 8.52 -3.03 1.88
C ALA A 94 8.42 -4.27 2.75
N TYR A 95 7.23 -4.50 3.30
CA TYR A 95 6.98 -5.66 4.15
C TYR A 95 6.85 -6.93 3.33
N ASP A 96 6.94 -8.07 4.01
CA ASP A 96 6.78 -9.36 3.35
C ASP A 96 5.31 -9.73 3.30
N THR A 97 4.85 -10.14 2.13
CA THR A 97 3.43 -10.38 1.89
C THR A 97 3.20 -11.78 1.32
N GLN A 98 2.11 -12.40 1.70
CA GLN A 98 1.74 -13.70 1.14
C GLN A 98 0.25 -13.73 0.79
N VAL A 99 -0.08 -14.49 -0.24
CA VAL A 99 -1.47 -14.69 -0.62
C VAL A 99 -1.94 -16.05 -0.16
N THR A 100 -2.71 -16.08 0.91
CA THR A 100 -3.18 -17.33 1.49
C THR A 100 -4.43 -17.82 0.77
N ASN A 101 -4.20 -18.41 -0.40
CA ASN A 101 -5.26 -19.00 -1.24
C ASN A 101 -6.13 -17.93 -1.90
N GLY A 102 -6.52 -16.93 -1.13
CA GLY A 102 -7.33 -15.85 -1.66
C GLY A 102 -7.02 -14.53 -1.00
N ASN A 103 -6.99 -14.52 0.32
CA ASN A 103 -6.73 -13.30 1.07
C ASN A 103 -5.24 -12.99 1.11
N VAL A 104 -4.91 -11.70 1.21
CA VAL A 104 -3.53 -11.26 1.24
C VAL A 104 -3.13 -10.87 2.66
N GLN A 105 -2.03 -11.44 3.13
CA GLN A 105 -1.53 -11.16 4.48
C GLN A 105 -0.12 -10.58 4.41
N ILE A 106 0.15 -9.57 5.21
CA ILE A 106 1.47 -8.97 5.27
C ILE A 106 2.09 -9.22 6.65
N SER A 107 3.41 -9.30 6.69
CA SER A 107 4.12 -9.45 7.95
C SER A 107 4.36 -8.08 8.56
N ILE A 108 3.59 -7.76 9.60
CA ILE A 108 3.68 -6.45 10.23
C ILE A 108 4.83 -6.40 11.24
N ALA A 109 5.43 -5.23 11.36
CA ALA A 109 6.48 -5.01 12.34
C ALA A 109 5.92 -4.21 13.50
N ASP A 110 6.50 -4.40 14.68
CA ASP A 110 6.04 -3.70 15.87
C ASP A 110 6.62 -2.29 15.91
N SER A 111 6.18 -1.48 16.85
CA SER A 111 6.60 -0.08 16.89
C SER A 111 6.56 0.47 18.32
N ASP A 112 5.37 0.45 18.94
CA ASP A 112 5.16 1.06 20.26
C ASP A 112 5.34 2.57 20.19
N VAL A 113 4.23 3.29 20.13
CA VAL A 113 4.26 4.74 19.98
C VAL A 113 2.96 5.35 20.51
N ALA A 114 3.05 6.57 21.02
CA ALA A 114 1.88 7.28 21.52
C ALA A 114 0.95 7.66 20.36
N VAL A 115 -0.31 7.28 20.49
CA VAL A 115 -1.29 7.53 19.43
C VAL A 115 -1.62 9.02 19.33
N ASP A 116 -2.05 9.42 18.15
CA ASP A 116 -2.42 10.81 17.89
C ASP A 116 -3.80 11.10 18.48
N ASN A 117 -3.87 12.13 19.32
CA ASN A 117 -5.12 12.50 19.98
C ASN A 117 -6.20 12.88 18.97
N SER A 118 -7.37 12.26 19.10
CA SER A 118 -8.46 12.52 18.19
C SER A 118 -9.66 13.09 18.94
N GLN A 119 -9.54 13.22 20.25
CA GLN A 119 -10.63 13.77 21.06
C GLN A 119 -10.22 15.09 21.71
N PRO A 120 -10.57 16.22 21.10
CA PRO A 120 -10.38 17.53 21.69
C PRO A 120 -11.47 17.80 22.73
N LEU A 121 -11.07 18.13 23.94
CA LEU A 121 -12.01 18.31 25.03
C LEU A 121 -12.34 19.79 25.22
N PRO A 122 -13.54 20.20 24.80
CA PRO A 122 -14.00 21.58 24.89
C PRO A 122 -14.74 21.86 26.20
N LEU A 123 -14.50 21.01 27.17
CA LEU A 123 -15.07 21.17 28.50
C LEU A 123 -14.31 22.25 29.25
N GLU A 124 -15.01 23.01 30.08
CA GLU A 124 -14.39 24.16 30.71
C GLU A 124 -14.70 24.23 32.20
N HIS A 125 -13.99 25.11 32.87
CA HIS A 125 -14.25 25.45 34.26
C HIS A 125 -13.62 26.80 34.56
N HIS A 126 -14.26 27.85 34.07
CA HIS A 126 -13.75 29.20 34.28
C HIS A 126 -14.08 29.66 35.71
N HIS A 127 -13.04 29.82 36.50
CA HIS A 127 -13.21 30.15 37.91
C HIS A 127 -12.89 31.62 38.14
N HIS A 128 -13.71 32.29 38.94
CA HIS A 128 -13.48 33.69 39.26
C HIS A 128 -12.29 33.83 40.19
N HIS A 129 -11.39 34.73 39.84
CA HIS A 129 -10.19 34.94 40.63
C HIS A 129 -10.46 36.03 41.66
N HIS A 130 -11.03 37.14 41.18
CA HIS A 130 -11.47 38.24 42.03
C HIS A 130 -12.05 39.34 41.14
N MET A 1 -0.42 -15.40 8.97
CA MET A 1 0.07 -16.30 10.04
C MET A 1 0.87 -15.51 11.08
N SER A 2 0.16 -15.04 12.12
CA SER A 2 0.78 -14.33 13.24
C SER A 2 1.33 -12.96 12.83
N GLN A 3 2.47 -12.95 12.14
CA GLN A 3 3.12 -11.71 11.72
C GLN A 3 2.53 -11.22 10.40
N TRP A 4 1.40 -11.80 10.04
CA TRP A 4 0.71 -11.49 8.79
C TRP A 4 -0.74 -11.17 9.09
N THR A 5 -1.21 -10.02 8.65
CA THR A 5 -2.58 -9.61 8.93
C THR A 5 -3.42 -9.55 7.66
N THR A 6 -4.64 -10.08 7.75
CA THR A 6 -5.56 -10.11 6.63
C THR A 6 -6.01 -8.70 6.26
N VAL A 7 -5.62 -8.26 5.07
CA VAL A 7 -5.95 -6.92 4.61
C VAL A 7 -7.29 -6.90 3.88
N CYS A 8 -7.28 -7.35 2.62
CA CYS A 8 -8.46 -7.31 1.79
C CYS A 8 -8.53 -8.54 0.90
N LYS A 9 -9.61 -8.62 0.13
CA LYS A 9 -9.83 -9.75 -0.76
C LYS A 9 -9.10 -9.54 -2.09
N LEU A 10 -8.15 -10.42 -2.40
CA LEU A 10 -7.37 -10.31 -3.64
C LEU A 10 -8.27 -10.54 -4.85
N ASP A 11 -9.39 -11.19 -4.61
CA ASP A 11 -10.34 -11.52 -5.67
C ASP A 11 -11.24 -10.32 -5.94
N ASP A 12 -11.19 -9.36 -5.03
CA ASP A 12 -12.01 -8.16 -5.12
C ASP A 12 -11.15 -6.96 -5.56
N ILE A 13 -9.88 -7.01 -5.19
CA ILE A 13 -8.95 -5.93 -5.55
C ILE A 13 -8.69 -5.91 -7.06
N LEU A 14 -8.99 -4.78 -7.70
CA LEU A 14 -8.82 -4.64 -9.14
C LEU A 14 -7.34 -4.64 -9.53
N PRO A 15 -7.02 -5.28 -10.66
CA PRO A 15 -5.67 -5.26 -11.22
C PRO A 15 -5.30 -3.88 -11.75
N GLY A 16 -4.06 -3.49 -11.55
CA GLY A 16 -3.60 -2.19 -11.99
C GLY A 16 -3.96 -1.10 -11.00
N THR A 17 -4.05 -1.46 -9.73
CA THR A 17 -4.50 -0.51 -8.71
C THR A 17 -3.65 -0.67 -7.44
N GLY A 18 -3.91 0.15 -6.44
CA GLY A 18 -3.19 0.09 -5.19
C GLY A 18 -3.63 1.16 -4.22
N VAL A 19 -4.15 0.76 -3.07
CA VAL A 19 -4.66 1.71 -2.09
C VAL A 19 -4.09 1.46 -0.70
N CYS A 20 -4.08 2.50 0.13
CA CYS A 20 -3.62 2.39 1.50
C CYS A 20 -4.71 1.80 2.38
N ALA A 21 -4.52 0.56 2.80
CA ALA A 21 -5.46 -0.09 3.68
C ALA A 21 -5.09 0.18 5.13
N LEU A 22 -6.08 0.46 5.95
CA LEU A 22 -5.87 0.75 7.36
C LEU A 22 -5.73 -0.56 8.14
N VAL A 23 -4.49 -0.94 8.44
CA VAL A 23 -4.23 -2.13 9.21
C VAL A 23 -3.92 -1.74 10.65
N GLU A 24 -4.95 -1.85 11.50
CA GLU A 24 -4.86 -1.46 12.91
C GLU A 24 -4.64 0.05 13.07
N GLN A 25 -3.41 0.49 12.84
CA GLN A 25 -3.08 1.90 12.97
C GLN A 25 -2.09 2.34 11.90
N GLN A 26 -1.80 1.44 10.97
CA GLN A 26 -0.84 1.73 9.91
C GLN A 26 -1.51 1.74 8.54
N GLN A 27 -1.04 2.61 7.67
CA GLN A 27 -1.50 2.64 6.30
C GLN A 27 -0.44 2.04 5.39
N ILE A 28 -0.83 1.06 4.59
CA ILE A 28 0.07 0.44 3.62
C ILE A 28 -0.62 0.38 2.27
N ALA A 29 0.08 0.84 1.24
CA ALA A 29 -0.46 0.85 -0.11
C ALA A 29 -0.27 -0.50 -0.76
N VAL A 30 -1.36 -1.19 -1.02
CA VAL A 30 -1.30 -2.53 -1.58
C VAL A 30 -1.48 -2.48 -3.09
N PHE A 31 -0.36 -2.53 -3.79
CA PHE A 31 -0.36 -2.51 -5.25
C PHE A 31 -0.76 -3.87 -5.81
N ARG A 32 -1.56 -3.85 -6.86
CA ARG A 32 -1.74 -5.02 -7.68
C ARG A 32 -1.39 -4.67 -9.12
N PRO A 33 -0.10 -4.57 -9.43
CA PRO A 33 0.37 -4.20 -10.77
C PRO A 33 0.16 -5.34 -11.76
N ARG A 34 0.09 -6.54 -11.22
CA ARG A 34 -0.12 -7.73 -12.02
C ARG A 34 -1.59 -8.08 -12.04
N ASN A 35 -2.08 -8.45 -13.20
CA ASN A 35 -3.48 -8.84 -13.36
C ASN A 35 -3.65 -10.32 -13.06
N ASP A 36 -2.61 -10.90 -12.47
CA ASP A 36 -2.62 -12.30 -12.11
C ASP A 36 -2.61 -12.49 -10.59
N GLU A 37 -1.43 -12.66 -9.99
CA GLU A 37 -1.33 -12.97 -8.59
C GLU A 37 -0.53 -11.93 -7.79
N GLN A 38 0.68 -11.64 -8.26
CA GLN A 38 1.64 -10.83 -7.51
C GLN A 38 1.10 -9.46 -7.09
N VAL A 39 1.27 -9.14 -5.82
CA VAL A 39 0.91 -7.85 -5.26
C VAL A 39 2.08 -7.26 -4.49
N TYR A 40 1.98 -6.00 -4.11
CA TYR A 40 3.04 -5.31 -3.37
C TYR A 40 2.49 -4.33 -2.35
N ALA A 41 2.65 -4.66 -1.08
CA ALA A 41 2.23 -3.76 -0.02
C ALA A 41 3.41 -2.92 0.47
N ILE A 42 3.44 -1.66 0.06
CA ILE A 42 4.54 -0.78 0.41
C ILE A 42 4.05 0.47 1.15
N SER A 43 4.97 1.13 1.83
CA SER A 43 4.64 2.33 2.62
C SER A 43 4.44 3.54 1.72
N ASN A 44 3.68 3.38 0.65
CA ASN A 44 3.56 4.42 -0.37
C ASN A 44 2.33 5.28 -0.12
N ILE A 45 2.33 5.94 1.03
CA ILE A 45 1.23 6.82 1.42
C ILE A 45 1.77 8.21 1.70
N ASP A 46 1.15 9.21 1.10
CA ASP A 46 1.53 10.60 1.36
C ASP A 46 0.76 11.13 2.57
N PRO A 47 1.48 11.62 3.59
CA PRO A 47 0.89 12.06 4.85
C PRO A 47 -0.05 13.26 4.71
N PHE A 48 0.11 14.02 3.64
CA PHE A 48 -0.69 15.22 3.44
C PHE A 48 -2.05 14.86 2.85
N ALA A 49 -2.12 13.70 2.21
CA ALA A 49 -3.36 13.24 1.61
C ALA A 49 -3.93 12.10 2.44
N GLN A 50 -3.05 11.49 3.24
CA GLN A 50 -3.41 10.38 4.11
C GLN A 50 -3.95 9.21 3.27
N ALA A 51 -3.49 9.15 2.04
CA ALA A 51 -3.94 8.14 1.09
C ALA A 51 -2.83 7.83 0.10
N SER A 52 -3.00 6.73 -0.61
CA SER A 52 -2.01 6.29 -1.57
C SER A 52 -2.14 7.05 -2.90
N VAL A 53 -2.04 8.37 -2.81
CA VAL A 53 -2.13 9.22 -4.00
C VAL A 53 -0.85 9.12 -4.81
N LEU A 54 0.15 8.48 -4.23
CA LEU A 54 1.40 8.20 -4.92
C LEU A 54 1.34 6.79 -5.51
N SER A 55 0.23 6.13 -5.28
CA SER A 55 0.03 4.75 -5.69
C SER A 55 -1.05 4.64 -6.77
N ARG A 56 -2.22 5.22 -6.48
CA ARG A 56 -3.35 5.16 -7.39
C ARG A 56 -3.23 6.25 -8.44
N GLY A 57 -2.15 6.19 -9.19
CA GLY A 57 -1.92 7.12 -10.27
C GLY A 57 -1.52 6.42 -11.55
N ILE A 58 -0.22 6.24 -11.75
CA ILE A 58 0.30 5.56 -12.92
C ILE A 58 1.29 4.48 -12.51
N VAL A 59 1.12 3.30 -13.07
CA VAL A 59 2.01 2.20 -12.80
C VAL A 59 2.55 1.65 -14.12
N ALA A 60 3.87 1.67 -14.27
CA ALA A 60 4.50 1.28 -15.52
C ALA A 60 5.96 0.91 -15.30
N GLU A 61 6.51 0.21 -16.28
CA GLU A 61 7.89 -0.20 -16.23
C GLU A 61 8.78 0.90 -16.80
N HIS A 62 10.04 0.89 -16.41
CA HIS A 62 10.99 1.88 -16.86
C HIS A 62 12.26 1.20 -17.35
N GLN A 63 12.31 1.00 -18.67
CA GLN A 63 13.46 0.41 -19.35
C GLN A 63 13.56 -1.09 -19.11
N ASP A 64 13.61 -1.48 -17.84
CA ASP A 64 13.75 -2.88 -17.48
C ASP A 64 13.09 -3.18 -16.14
N ASP A 65 13.19 -2.22 -15.22
CA ASP A 65 12.62 -2.39 -13.88
C ASP A 65 11.18 -1.90 -13.83
N LEU A 66 10.51 -2.20 -12.72
CA LEU A 66 9.13 -1.81 -12.50
C LEU A 66 9.05 -0.71 -11.45
N TRP A 67 8.46 0.40 -11.80
CA TRP A 67 8.38 1.55 -10.90
C TRP A 67 6.94 2.05 -10.84
N VAL A 68 6.68 3.02 -9.99
CA VAL A 68 5.39 3.67 -9.95
C VAL A 68 5.54 5.16 -10.24
N ALA A 69 4.56 5.73 -10.92
CA ALA A 69 4.58 7.15 -11.25
C ALA A 69 3.53 7.90 -10.45
N SER A 70 3.98 8.61 -9.43
CA SER A 70 3.10 9.42 -8.62
C SER A 70 2.68 10.67 -9.37
N PRO A 71 1.36 10.90 -9.50
CA PRO A 71 0.83 12.04 -10.25
C PRO A 71 1.26 13.39 -9.67
N LEU A 72 1.42 13.44 -8.35
CA LEU A 72 1.77 14.68 -7.66
C LEU A 72 3.28 14.87 -7.58
N LYS A 73 3.95 13.96 -6.87
CA LYS A 73 5.39 14.06 -6.63
C LYS A 73 6.20 13.78 -7.89
N LYS A 74 5.63 12.99 -8.80
CA LYS A 74 6.30 12.56 -10.03
C LYS A 74 7.55 11.72 -9.74
N GLN A 75 7.64 11.24 -8.51
CA GLN A 75 8.73 10.37 -8.12
C GLN A 75 8.45 8.95 -8.59
N HIS A 76 9.47 8.26 -9.03
CA HIS A 76 9.32 6.88 -9.50
C HIS A 76 9.85 5.91 -8.46
N PHE A 77 8.97 5.38 -7.65
CA PHE A 77 9.37 4.42 -6.61
C PHE A 77 9.46 3.02 -7.23
N ARG A 78 10.64 2.41 -7.15
CA ARG A 78 10.79 1.05 -7.62
C ARG A 78 10.06 0.11 -6.67
N LEU A 79 9.18 -0.73 -7.22
CA LEU A 79 8.22 -1.49 -6.43
C LEU A 79 8.87 -2.64 -5.65
N TYR A 80 9.69 -2.26 -4.66
CA TYR A 80 10.31 -3.20 -3.72
C TYR A 80 11.39 -2.48 -2.93
N ASP A 81 12.29 -1.82 -3.65
CA ASP A 81 13.43 -1.18 -3.02
C ASP A 81 13.02 0.09 -2.26
N GLY A 82 12.17 0.89 -2.90
CA GLY A 82 11.67 2.09 -2.24
C GLY A 82 12.30 3.37 -2.77
N PHE A 83 13.40 3.23 -3.50
CA PHE A 83 14.09 4.39 -4.06
C PHE A 83 13.19 5.10 -5.06
N CYS A 84 13.16 6.42 -4.99
CA CYS A 84 12.22 7.22 -5.78
C CYS A 84 12.83 7.63 -7.12
N LEU A 85 13.82 6.87 -7.57
CA LEU A 85 14.58 7.14 -8.78
C LEU A 85 15.29 8.51 -8.74
N GLU A 86 14.53 9.59 -8.86
CA GLU A 86 15.10 10.93 -8.86
C GLU A 86 15.36 11.41 -7.44
N ASP A 87 14.35 11.28 -6.59
CA ASP A 87 14.39 11.85 -5.26
C ASP A 87 14.61 10.77 -4.22
N GLY A 88 14.57 11.17 -2.96
CA GLY A 88 14.72 10.24 -1.86
C GLY A 88 14.03 10.76 -0.62
N ALA A 89 12.94 11.47 -0.84
CA ALA A 89 12.15 12.06 0.24
C ALA A 89 11.30 11.00 0.91
N TYR A 90 10.60 10.23 0.11
CA TYR A 90 9.76 9.16 0.63
C TYR A 90 10.46 7.82 0.45
N SER A 91 11.39 7.53 1.34
CA SER A 91 12.06 6.24 1.36
C SER A 91 11.11 5.17 1.88
N VAL A 92 10.26 4.67 1.00
CA VAL A 92 9.21 3.73 1.38
C VAL A 92 9.74 2.32 1.58
N ALA A 93 9.11 1.58 2.48
CA ALA A 93 9.48 0.21 2.72
C ALA A 93 8.56 -0.74 1.97
N ALA A 94 8.97 -1.99 1.86
CA ALA A 94 8.19 -2.99 1.16
C ALA A 94 7.84 -4.14 2.08
N TYR A 95 6.60 -4.18 2.51
CA TYR A 95 6.13 -5.24 3.39
C TYR A 95 5.72 -6.45 2.56
N ASP A 96 6.22 -7.61 2.95
CA ASP A 96 5.95 -8.85 2.24
C ASP A 96 4.47 -9.23 2.35
N THR A 97 3.98 -9.97 1.37
CA THR A 97 2.57 -10.36 1.34
C THR A 97 2.43 -11.84 1.02
N GLN A 98 1.60 -12.54 1.79
CA GLN A 98 1.29 -13.93 1.49
C GLN A 98 -0.19 -14.06 1.12
N VAL A 99 -0.49 -15.04 0.28
CA VAL A 99 -1.86 -15.31 -0.12
C VAL A 99 -2.39 -16.52 0.63
N THR A 100 -3.10 -16.27 1.71
CA THR A 100 -3.63 -17.33 2.54
C THR A 100 -4.70 -18.11 1.81
N ASN A 101 -5.79 -17.43 1.49
CA ASN A 101 -6.89 -18.03 0.76
C ASN A 101 -7.91 -16.96 0.41
N GLY A 102 -7.82 -16.43 -0.80
CA GLY A 102 -8.71 -15.38 -1.24
C GLY A 102 -8.31 -14.02 -0.73
N ASN A 103 -7.88 -13.97 0.52
CA ASN A 103 -7.48 -12.73 1.16
C ASN A 103 -5.96 -12.63 1.25
N VAL A 104 -5.45 -11.41 1.26
CA VAL A 104 -4.02 -11.17 1.32
C VAL A 104 -3.60 -10.78 2.73
N GLN A 105 -2.50 -11.35 3.20
CA GLN A 105 -1.95 -10.99 4.50
C GLN A 105 -0.54 -10.42 4.34
N ILE A 106 -0.32 -9.24 4.89
CA ILE A 106 0.99 -8.58 4.80
C ILE A 106 1.79 -8.79 6.07
N SER A 107 3.11 -8.72 5.94
CA SER A 107 4.00 -8.86 7.08
C SER A 107 4.03 -7.58 7.91
N ILE A 108 3.73 -7.71 9.19
CA ILE A 108 3.76 -6.58 10.10
C ILE A 108 4.82 -6.78 11.17
N ALA A 109 6.07 -6.61 10.80
CA ALA A 109 7.17 -6.71 11.75
C ALA A 109 7.51 -5.34 12.32
N ASP A 110 6.56 -4.44 12.21
CA ASP A 110 6.70 -3.08 12.73
C ASP A 110 5.32 -2.49 12.92
N SER A 111 5.18 -1.58 13.87
CA SER A 111 3.87 -1.02 14.20
C SER A 111 3.96 0.48 14.41
N ASP A 112 5.06 1.07 13.93
CA ASP A 112 5.34 2.50 14.13
C ASP A 112 5.30 2.82 15.62
N VAL A 113 6.41 2.59 16.29
CA VAL A 113 6.46 2.64 17.74
C VAL A 113 6.25 4.06 18.28
N ALA A 114 5.40 4.15 19.29
CA ALA A 114 5.13 5.40 19.98
C ALA A 114 4.73 5.09 21.42
N VAL A 115 4.35 6.10 22.17
CA VAL A 115 3.91 5.89 23.54
C VAL A 115 2.46 5.40 23.58
N ASP A 116 2.33 4.17 23.14
CA ASP A 116 1.04 3.49 22.99
C ASP A 116 0.10 4.33 22.11
N ASN A 117 -1.21 4.11 22.23
CA ASN A 117 -2.16 4.85 21.40
C ASN A 117 -3.58 4.69 21.96
N SER A 118 -4.49 5.50 21.46
CA SER A 118 -5.88 5.43 21.87
C SER A 118 -6.74 5.05 20.66
N GLN A 119 -6.74 3.76 20.34
CA GLN A 119 -7.49 3.24 19.21
C GLN A 119 -8.99 3.46 19.39
N PRO A 120 -9.60 4.30 18.53
CA PRO A 120 -11.04 4.50 18.51
C PRO A 120 -11.71 3.43 17.66
N LEU A 121 -12.38 2.49 18.31
CA LEU A 121 -12.98 1.35 17.63
C LEU A 121 -14.16 1.78 16.78
N PRO A 122 -14.00 1.78 15.44
CA PRO A 122 -15.04 2.20 14.52
C PRO A 122 -15.95 1.05 14.13
N LEU A 123 -17.21 1.35 13.90
CA LEU A 123 -18.14 0.33 13.47
C LEU A 123 -18.19 0.27 11.94
N GLU A 124 -18.16 -0.95 11.42
CA GLU A 124 -18.22 -1.16 9.98
C GLU A 124 -19.65 -1.54 9.62
N HIS A 125 -19.92 -1.72 8.34
CA HIS A 125 -21.21 -2.26 7.90
C HIS A 125 -21.26 -3.73 8.26
N HIS A 126 -21.50 -4.00 9.54
CA HIS A 126 -21.40 -5.34 10.08
C HIS A 126 -22.59 -6.17 9.66
N HIS A 127 -22.43 -6.92 8.59
CA HIS A 127 -23.49 -7.78 8.09
C HIS A 127 -23.46 -9.14 8.79
N HIS A 128 -24.09 -9.20 9.95
CA HIS A 128 -24.17 -10.45 10.70
C HIS A 128 -25.50 -11.12 10.43
N HIS A 129 -25.53 -11.96 9.41
CA HIS A 129 -26.74 -12.70 9.06
C HIS A 129 -26.68 -14.07 9.71
N HIS A 130 -25.55 -14.74 9.54
CA HIS A 130 -25.28 -16.01 10.20
C HIS A 130 -23.83 -16.41 9.95
N MET A 1 5.45 -20.78 11.56
CA MET A 1 4.56 -19.71 11.08
C MET A 1 4.89 -18.39 11.77
N SER A 2 5.12 -17.36 10.98
CA SER A 2 5.46 -16.05 11.50
C SER A 2 4.21 -15.23 11.77
N GLN A 3 4.39 -13.96 12.08
CA GLN A 3 3.28 -13.06 12.38
C GLN A 3 2.70 -12.51 11.09
N TRP A 4 1.55 -13.02 10.69
CA TRP A 4 0.88 -12.56 9.49
C TRP A 4 -0.43 -11.88 9.85
N THR A 5 -0.70 -10.76 9.20
CA THR A 5 -1.94 -10.04 9.43
C THR A 5 -2.74 -9.96 8.14
N THR A 6 -4.02 -10.34 8.22
CA THR A 6 -4.89 -10.33 7.06
C THR A 6 -5.38 -8.91 6.77
N VAL A 7 -4.97 -8.36 5.63
CA VAL A 7 -5.42 -7.03 5.25
C VAL A 7 -6.79 -7.12 4.58
N CYS A 8 -6.81 -7.59 3.35
CA CYS A 8 -8.04 -7.76 2.60
C CYS A 8 -7.91 -9.01 1.72
N LYS A 9 -9.01 -9.45 1.15
CA LYS A 9 -8.98 -10.62 0.28
C LYS A 9 -8.76 -10.19 -1.17
N LEU A 10 -8.43 -11.15 -2.03
CA LEU A 10 -8.16 -10.88 -3.44
C LEU A 10 -9.46 -10.54 -4.16
N ASP A 11 -10.57 -10.70 -3.45
CA ASP A 11 -11.89 -10.40 -3.97
C ASP A 11 -12.29 -8.97 -3.61
N ASP A 12 -11.61 -8.43 -2.60
CA ASP A 12 -11.89 -7.08 -2.13
C ASP A 12 -11.15 -6.05 -2.99
N ILE A 13 -10.04 -6.48 -3.56
CA ILE A 13 -9.20 -5.58 -4.34
C ILE A 13 -9.60 -5.63 -5.81
N LEU A 14 -9.65 -4.46 -6.46
CA LEU A 14 -10.06 -4.37 -7.84
C LEU A 14 -8.85 -4.44 -8.77
N PRO A 15 -9.03 -4.99 -9.98
CA PRO A 15 -7.98 -5.00 -11.00
C PRO A 15 -7.63 -3.60 -11.47
N GLY A 16 -6.37 -3.23 -11.31
CA GLY A 16 -5.91 -1.93 -11.74
C GLY A 16 -6.17 -0.86 -10.71
N THR A 17 -5.86 -1.15 -9.44
CA THR A 17 -6.10 -0.19 -8.37
C THR A 17 -4.97 -0.22 -7.35
N GLY A 18 -5.04 0.69 -6.40
CA GLY A 18 -4.09 0.73 -5.31
C GLY A 18 -4.62 1.58 -4.19
N VAL A 19 -4.96 0.97 -3.06
CA VAL A 19 -5.59 1.69 -1.97
C VAL A 19 -4.85 1.53 -0.65
N CYS A 20 -4.68 2.65 0.06
CA CYS A 20 -4.10 2.62 1.38
C CYS A 20 -5.13 2.19 2.41
N ALA A 21 -5.02 0.96 2.86
CA ALA A 21 -5.93 0.43 3.86
C ALA A 21 -5.38 0.70 5.25
N LEU A 22 -6.26 0.90 6.21
CA LEU A 22 -5.88 1.12 7.59
C LEU A 22 -5.72 -0.23 8.27
N VAL A 23 -4.49 -0.55 8.64
CA VAL A 23 -4.21 -1.81 9.32
C VAL A 23 -3.80 -1.55 10.76
N GLU A 24 -4.79 -1.60 11.65
CA GLU A 24 -4.59 -1.42 13.09
C GLU A 24 -4.16 0.01 13.42
N GLN A 25 -2.90 0.32 13.16
CA GLN A 25 -2.34 1.60 13.54
C GLN A 25 -1.58 2.24 12.37
N GLN A 26 -1.40 1.49 11.29
CA GLN A 26 -0.61 1.96 10.17
C GLN A 26 -1.42 1.95 8.88
N GLN A 27 -0.93 2.66 7.88
CA GLN A 27 -1.54 2.65 6.56
C GLN A 27 -0.70 1.80 5.61
N ILE A 28 -1.35 0.87 4.93
CA ILE A 28 -0.68 0.01 3.95
C ILE A 28 -1.43 0.07 2.62
N ALA A 29 -0.73 0.54 1.60
CA ALA A 29 -1.32 0.68 0.28
C ALA A 29 -1.16 -0.60 -0.51
N VAL A 30 -2.27 -1.13 -1.00
CA VAL A 30 -2.23 -2.37 -1.74
C VAL A 30 -2.47 -2.11 -3.22
N PHE A 31 -1.40 -2.20 -3.99
CA PHE A 31 -1.48 -1.99 -5.43
C PHE A 31 -1.72 -3.31 -6.15
N ARG A 32 -2.71 -3.31 -7.03
CA ARG A 32 -3.01 -4.49 -7.83
C ARG A 32 -3.14 -4.10 -9.29
N PRO A 33 -2.09 -4.35 -10.09
CA PRO A 33 -2.05 -3.97 -11.50
C PRO A 33 -2.92 -4.87 -12.39
N ARG A 34 -3.02 -6.14 -12.03
CA ARG A 34 -3.75 -7.11 -12.83
C ARG A 34 -4.76 -7.87 -11.97
N ASN A 35 -5.68 -8.58 -12.61
CA ASN A 35 -6.75 -9.29 -11.91
C ASN A 35 -6.27 -10.64 -11.42
N ASP A 36 -4.98 -10.78 -11.19
CA ASP A 36 -4.40 -12.05 -10.75
C ASP A 36 -3.87 -11.93 -9.34
N GLU A 37 -2.90 -12.79 -9.02
CA GLU A 37 -2.38 -12.90 -7.67
C GLU A 37 -1.30 -11.87 -7.38
N GLN A 38 -0.80 -11.22 -8.44
CA GLN A 38 0.27 -10.25 -8.30
C GLN A 38 -0.24 -8.95 -7.66
N VAL A 39 0.02 -8.81 -6.37
CA VAL A 39 -0.36 -7.62 -5.62
C VAL A 39 0.83 -7.10 -4.83
N TYR A 40 0.81 -5.82 -4.51
CA TYR A 40 1.89 -5.20 -3.73
C TYR A 40 1.32 -4.39 -2.58
N ALA A 41 1.38 -4.94 -1.38
CA ALA A 41 0.90 -4.26 -0.19
C ALA A 41 2.08 -3.70 0.61
N ILE A 42 2.37 -2.43 0.41
CA ILE A 42 3.48 -1.77 1.08
C ILE A 42 3.05 -0.41 1.62
N SER A 43 3.98 0.30 2.25
CA SER A 43 3.68 1.65 2.71
C SER A 43 3.77 2.64 1.56
N ASN A 44 2.93 2.43 0.55
CA ASN A 44 2.97 3.21 -0.68
C ASN A 44 2.03 4.41 -0.60
N ILE A 45 2.09 5.11 0.52
CA ILE A 45 1.24 6.27 0.77
C ILE A 45 2.05 7.55 0.57
N ASP A 46 1.50 8.49 -0.19
CA ASP A 46 2.13 9.79 -0.38
C ASP A 46 1.79 10.68 0.80
N PRO A 47 2.81 11.17 1.53
CA PRO A 47 2.62 11.96 2.75
C PRO A 47 1.79 13.23 2.53
N PHE A 48 1.76 13.72 1.30
CA PHE A 48 1.06 14.96 1.00
C PHE A 48 -0.43 14.70 0.76
N ALA A 49 -0.78 13.46 0.45
CA ALA A 49 -2.16 13.13 0.10
C ALA A 49 -2.78 12.19 1.14
N GLN A 50 -1.91 11.51 1.88
CA GLN A 50 -2.33 10.54 2.90
C GLN A 50 -3.05 9.35 2.26
N ALA A 51 -2.84 9.18 0.97
CA ALA A 51 -3.47 8.12 0.21
C ALA A 51 -2.46 7.48 -0.73
N SER A 52 -2.85 6.38 -1.32
CA SER A 52 -1.99 5.64 -2.22
C SER A 52 -2.00 6.24 -3.63
N VAL A 53 -1.78 7.54 -3.71
CA VAL A 53 -1.75 8.22 -5.00
C VAL A 53 -0.50 7.81 -5.77
N LEU A 54 0.49 7.28 -5.03
CA LEU A 54 1.68 6.73 -5.64
C LEU A 54 1.29 5.54 -6.52
N SER A 55 0.40 4.70 -5.99
CA SER A 55 -0.04 3.50 -6.69
C SER A 55 -0.94 3.86 -7.88
N ARG A 56 -1.54 5.04 -7.83
CA ARG A 56 -2.48 5.46 -8.86
C ARG A 56 -1.78 6.38 -9.87
N GLY A 57 -0.46 6.30 -9.89
CA GLY A 57 0.31 7.07 -10.85
C GLY A 57 0.59 6.26 -12.11
N ILE A 58 1.73 6.54 -12.74
CA ILE A 58 2.11 5.82 -13.95
C ILE A 58 2.93 4.60 -13.58
N VAL A 59 2.40 3.43 -13.89
CA VAL A 59 3.04 2.18 -13.56
C VAL A 59 3.49 1.47 -14.83
N ALA A 60 4.80 1.37 -14.99
CA ALA A 60 5.39 0.69 -16.14
C ALA A 60 6.83 0.30 -15.84
N GLU A 61 7.36 -0.66 -16.59
CA GLU A 61 8.74 -1.06 -16.45
C GLU A 61 9.64 -0.03 -17.11
N HIS A 62 10.91 -0.09 -16.77
CA HIS A 62 11.90 0.81 -17.38
C HIS A 62 13.00 -0.03 -18.03
N GLN A 63 12.55 -1.04 -18.80
CA GLN A 63 13.45 -1.91 -19.56
C GLN A 63 14.49 -2.57 -18.65
N ASP A 64 14.15 -2.71 -17.38
CA ASP A 64 15.06 -3.28 -16.39
C ASP A 64 14.32 -3.67 -15.13
N ASP A 65 13.60 -2.72 -14.55
CA ASP A 65 12.91 -2.94 -13.29
C ASP A 65 11.50 -2.37 -13.36
N LEU A 66 10.80 -2.38 -12.22
CA LEU A 66 9.43 -1.90 -12.13
C LEU A 66 9.40 -0.57 -11.39
N TRP A 67 9.10 0.51 -12.11
CA TRP A 67 9.15 1.84 -11.52
C TRP A 67 7.81 2.55 -11.65
N VAL A 68 7.32 3.07 -10.54
CA VAL A 68 6.07 3.81 -10.54
C VAL A 68 6.34 5.31 -10.45
N ALA A 69 5.51 6.11 -11.10
CA ALA A 69 5.64 7.55 -11.08
C ALA A 69 4.42 8.20 -10.43
N SER A 70 4.65 8.88 -9.32
CA SER A 70 3.59 9.57 -8.58
C SER A 70 3.11 10.82 -9.31
N PRO A 71 1.83 11.16 -9.21
CA PRO A 71 1.30 12.42 -9.73
C PRO A 71 1.74 13.62 -8.88
N LEU A 72 2.14 13.35 -7.65
CA LEU A 72 2.60 14.40 -6.74
C LEU A 72 4.12 14.46 -6.72
N LYS A 73 4.75 13.42 -6.18
CA LYS A 73 6.20 13.34 -6.12
C LYS A 73 6.81 13.25 -7.52
N LYS A 74 6.15 12.50 -8.39
CA LYS A 74 6.59 12.30 -9.78
C LYS A 74 7.95 11.59 -9.82
N GLN A 75 8.38 11.07 -8.68
CA GLN A 75 9.62 10.35 -8.59
C GLN A 75 9.36 8.87 -8.89
N HIS A 76 10.36 8.20 -9.44
CA HIS A 76 10.22 6.80 -9.78
C HIS A 76 10.64 5.91 -8.61
N PHE A 77 9.72 5.09 -8.15
CA PHE A 77 9.99 4.17 -7.05
C PHE A 77 9.86 2.73 -7.52
N ARG A 78 10.71 1.85 -7.01
CA ARG A 78 10.58 0.42 -7.30
C ARG A 78 9.48 -0.18 -6.42
N LEU A 79 8.45 -0.73 -7.06
CA LEU A 79 7.25 -1.23 -6.39
C LEU A 79 7.57 -2.19 -5.25
N TYR A 80 8.30 -3.25 -5.56
CA TYR A 80 8.54 -4.32 -4.59
C TYR A 80 9.83 -4.06 -3.79
N ASP A 81 10.30 -2.83 -3.84
CA ASP A 81 11.58 -2.49 -3.22
C ASP A 81 11.43 -1.40 -2.19
N GLY A 82 10.97 -0.24 -2.62
CA GLY A 82 10.75 0.86 -1.70
C GLY A 82 11.68 2.04 -1.92
N PHE A 83 12.83 1.78 -2.54
CA PHE A 83 13.80 2.85 -2.78
C PHE A 83 13.44 3.63 -4.04
N CYS A 84 14.08 4.78 -4.20
CA CYS A 84 13.69 5.74 -5.22
C CYS A 84 14.75 5.87 -6.30
N LEU A 85 14.38 6.50 -7.42
CA LEU A 85 15.32 6.82 -8.48
C LEU A 85 15.84 8.25 -8.31
N GLU A 86 14.98 9.22 -8.54
CA GLU A 86 15.36 10.63 -8.46
C GLU A 86 15.22 11.15 -7.03
N ASP A 87 14.43 10.45 -6.23
CA ASP A 87 14.19 10.87 -4.86
C ASP A 87 15.13 10.13 -3.89
N GLY A 88 14.70 9.94 -2.67
CA GLY A 88 15.51 9.26 -1.68
C GLY A 88 15.00 9.52 -0.28
N ALA A 89 14.48 10.73 -0.09
CA ALA A 89 13.89 11.14 1.18
C ALA A 89 12.58 10.40 1.43
N TYR A 90 11.88 10.07 0.36
CA TYR A 90 10.62 9.35 0.46
C TYR A 90 10.78 7.91 0.01
N SER A 91 11.64 7.18 0.71
CA SER A 91 11.80 5.76 0.47
C SER A 91 10.86 4.99 1.37
N VAL A 92 10.00 4.19 0.77
CA VAL A 92 8.91 3.54 1.50
C VAL A 92 9.29 2.14 1.97
N ALA A 93 8.51 1.62 2.91
CA ALA A 93 8.75 0.31 3.47
C ALA A 93 7.98 -0.76 2.70
N ALA A 94 8.68 -1.82 2.33
CA ALA A 94 8.08 -2.92 1.60
C ALA A 94 8.01 -4.16 2.48
N TYR A 95 6.84 -4.39 3.06
CA TYR A 95 6.62 -5.55 3.90
C TYR A 95 6.42 -6.80 3.04
N ASP A 96 6.79 -7.95 3.59
CA ASP A 96 6.63 -9.22 2.88
C ASP A 96 5.16 -9.61 2.88
N THR A 97 4.61 -9.80 1.70
CA THR A 97 3.19 -10.09 1.54
C THR A 97 2.98 -11.38 0.76
N GLN A 98 1.80 -11.98 0.88
CA GLN A 98 1.44 -13.14 0.08
C GLN A 98 -0.04 -13.44 0.21
N VAL A 99 -0.60 -14.03 -0.84
CA VAL A 99 -1.96 -14.51 -0.82
C VAL A 99 -1.96 -15.99 -0.44
N THR A 100 -2.38 -16.29 0.78
CA THR A 100 -2.25 -17.64 1.30
C THR A 100 -3.58 -18.39 1.31
N ASN A 101 -4.67 -17.68 1.56
CA ASN A 101 -6.00 -18.29 1.62
C ASN A 101 -6.99 -17.47 0.81
N GLY A 102 -6.51 -16.85 -0.25
CA GLY A 102 -7.34 -15.96 -1.03
C GLY A 102 -7.32 -14.56 -0.46
N ASN A 103 -6.58 -14.40 0.62
CA ASN A 103 -6.43 -13.12 1.28
C ASN A 103 -4.99 -12.64 1.19
N VAL A 104 -4.81 -11.33 1.19
CA VAL A 104 -3.47 -10.75 1.15
C VAL A 104 -2.99 -10.45 2.56
N GLN A 105 -1.97 -11.16 2.99
CA GLN A 105 -1.43 -10.99 4.33
C GLN A 105 0.00 -10.46 4.28
N ILE A 106 0.30 -9.56 5.19
CA ILE A 106 1.65 -9.01 5.30
C ILE A 106 2.29 -9.49 6.60
N SER A 107 3.61 -9.58 6.60
CA SER A 107 4.34 -9.91 7.82
C SER A 107 4.63 -8.61 8.57
N ILE A 108 3.88 -8.37 9.62
CA ILE A 108 3.92 -7.10 10.32
C ILE A 108 5.19 -6.94 11.16
N ALA A 109 5.78 -5.76 11.07
CA ALA A 109 6.91 -5.40 11.89
C ALA A 109 6.60 -4.10 12.63
N ASP A 110 5.97 -4.23 13.78
CA ASP A 110 5.51 -3.08 14.54
C ASP A 110 6.67 -2.40 15.26
N SER A 111 6.67 -1.08 15.21
CA SER A 111 7.67 -0.29 15.90
C SER A 111 7.06 0.35 17.15
N ASP A 112 6.37 1.47 16.97
CA ASP A 112 5.64 2.12 18.06
C ASP A 112 4.88 3.33 17.53
N VAL A 113 3.58 3.15 17.32
CA VAL A 113 2.73 4.22 16.82
C VAL A 113 1.38 4.18 17.55
N ALA A 114 0.94 5.35 18.00
CA ALA A 114 -0.36 5.47 18.66
C ALA A 114 -1.50 5.37 17.64
N VAL A 115 -2.72 5.18 18.13
CA VAL A 115 -3.86 5.04 17.24
C VAL A 115 -4.48 6.40 16.91
N ASP A 116 -4.36 6.80 15.65
CA ASP A 116 -4.99 8.03 15.18
C ASP A 116 -6.33 7.72 14.55
N ASN A 117 -7.40 8.04 15.26
CA ASN A 117 -8.73 7.81 14.75
C ASN A 117 -9.42 9.14 14.49
N SER A 118 -8.64 10.13 14.09
CA SER A 118 -9.15 11.45 13.76
C SER A 118 -10.17 11.35 12.63
N GLN A 119 -9.94 10.41 11.73
CA GLN A 119 -10.90 10.08 10.70
C GLN A 119 -11.86 9.01 11.23
N PRO A 120 -13.15 9.33 11.33
CA PRO A 120 -14.16 8.41 11.88
C PRO A 120 -14.27 7.11 11.09
N LEU A 121 -14.56 6.02 11.79
CA LEU A 121 -14.72 4.72 11.18
C LEU A 121 -15.91 4.72 10.22
N PRO A 122 -15.80 3.96 9.13
CA PRO A 122 -16.87 3.86 8.12
C PRO A 122 -18.21 3.45 8.74
N LEU A 123 -19.25 4.20 8.43
CA LEU A 123 -20.58 3.90 8.92
C LEU A 123 -21.20 2.81 8.06
N GLU A 124 -21.41 3.14 6.78
CA GLU A 124 -21.89 2.19 5.77
C GLU A 124 -23.15 1.43 6.22
N HIS A 125 -23.93 2.07 7.07
CA HIS A 125 -25.24 1.54 7.47
C HIS A 125 -26.31 2.18 6.62
N HIS A 126 -25.87 2.70 5.47
CA HIS A 126 -26.73 3.37 4.51
C HIS A 126 -27.83 2.43 4.04
N HIS A 127 -27.42 1.35 3.39
CA HIS A 127 -28.33 0.32 2.87
C HIS A 127 -29.26 0.88 1.79
N HIS A 128 -30.09 0.01 1.24
CA HIS A 128 -30.98 0.39 0.16
C HIS A 128 -32.39 0.63 0.66
N HIS A 129 -32.91 1.81 0.44
CA HIS A 129 -34.29 2.11 0.75
C HIS A 129 -35.18 1.72 -0.42
N HIS A 130 -35.54 0.45 -0.49
CA HIS A 130 -36.33 -0.06 -1.60
C HIS A 130 -37.53 -0.83 -1.06
N MET A 1 3.53 -18.15 11.47
CA MET A 1 2.57 -17.17 10.93
C MET A 1 1.81 -16.49 12.07
N SER A 2 2.35 -15.38 12.55
CA SER A 2 1.71 -14.64 13.64
C SER A 2 1.74 -13.15 13.38
N GLN A 3 2.79 -12.67 12.73
CA GLN A 3 2.95 -11.25 12.44
C GLN A 3 2.26 -10.87 11.14
N TRP A 4 1.37 -11.75 10.68
CA TRP A 4 0.71 -11.55 9.40
C TRP A 4 -0.76 -11.20 9.59
N THR A 5 -1.11 -9.96 9.29
CA THR A 5 -2.48 -9.51 9.39
C THR A 5 -3.16 -9.52 8.02
N THR A 6 -4.42 -9.92 7.98
CA THR A 6 -5.16 -9.95 6.74
C THR A 6 -5.67 -8.56 6.38
N VAL A 7 -5.29 -8.07 5.19
CA VAL A 7 -5.74 -6.77 4.73
C VAL A 7 -7.23 -6.80 4.42
N CYS A 8 -7.57 -7.32 3.24
CA CYS A 8 -8.97 -7.54 2.86
C CYS A 8 -9.07 -8.80 2.00
N LYS A 9 -8.85 -8.65 0.71
CA LYS A 9 -8.93 -9.78 -0.22
C LYS A 9 -8.00 -9.58 -1.41
N LEU A 10 -7.54 -10.69 -1.97
CA LEU A 10 -6.74 -10.66 -3.21
C LEU A 10 -7.67 -10.62 -4.40
N ASP A 11 -8.94 -10.89 -4.13
CA ASP A 11 -9.97 -10.97 -5.16
C ASP A 11 -10.58 -9.59 -5.39
N ASP A 12 -10.56 -8.77 -4.35
CA ASP A 12 -11.18 -7.45 -4.40
C ASP A 12 -10.27 -6.43 -5.08
N ILE A 13 -8.98 -6.75 -5.15
CA ILE A 13 -8.00 -5.83 -5.72
C ILE A 13 -8.09 -5.81 -7.25
N LEU A 14 -8.41 -4.65 -7.80
CA LEU A 14 -8.63 -4.50 -9.24
C LEU A 14 -7.31 -4.25 -9.98
N PRO A 15 -7.32 -4.43 -11.32
CA PRO A 15 -6.13 -4.24 -12.17
C PRO A 15 -5.62 -2.80 -12.11
N GLY A 16 -4.34 -2.64 -11.78
CA GLY A 16 -3.76 -1.33 -11.66
C GLY A 16 -4.46 -0.48 -10.62
N THR A 17 -4.82 -1.11 -9.50
CA THR A 17 -5.58 -0.41 -8.47
C THR A 17 -5.22 -0.98 -7.09
N GLY A 18 -5.76 -0.33 -6.05
CA GLY A 18 -5.54 -0.75 -4.69
C GLY A 18 -5.97 0.32 -3.72
N VAL A 19 -6.11 -0.01 -2.45
CA VAL A 19 -6.58 0.94 -1.46
C VAL A 19 -5.66 0.99 -0.24
N CYS A 20 -5.81 2.04 0.56
CA CYS A 20 -5.09 2.17 1.81
C CYS A 20 -5.78 1.40 2.92
N ALA A 21 -5.02 0.57 3.61
CA ALA A 21 -5.53 -0.18 4.75
C ALA A 21 -4.94 0.37 6.04
N LEU A 22 -5.81 0.73 6.97
CA LEU A 22 -5.39 1.32 8.22
C LEU A 22 -5.28 0.22 9.28
N VAL A 23 -4.10 -0.38 9.39
CA VAL A 23 -3.90 -1.49 10.29
C VAL A 23 -2.99 -1.10 11.45
N GLU A 24 -3.59 -0.88 12.62
CA GLU A 24 -2.88 -0.57 13.85
C GLU A 24 -2.08 0.72 13.75
N GLN A 25 -0.89 0.65 13.20
CA GLN A 25 -0.02 1.81 13.06
C GLN A 25 0.55 1.90 11.65
N GLN A 26 0.14 0.99 10.78
CA GLN A 26 0.64 0.93 9.42
C GLN A 26 -0.34 1.51 8.43
N GLN A 27 0.15 2.42 7.59
CA GLN A 27 -0.64 2.94 6.49
C GLN A 27 -0.18 2.28 5.20
N ILE A 28 -0.78 1.15 4.89
CA ILE A 28 -0.34 0.33 3.77
C ILE A 28 -1.30 0.46 2.60
N ALA A 29 -0.76 0.62 1.40
CA ALA A 29 -1.57 0.70 0.21
C ALA A 29 -1.24 -0.46 -0.72
N VAL A 30 -2.27 -1.05 -1.29
CA VAL A 30 -2.09 -2.18 -2.19
C VAL A 30 -2.07 -1.68 -3.63
N PHE A 31 -1.29 -2.33 -4.47
CA PHE A 31 -1.25 -2.03 -5.89
C PHE A 31 -1.14 -3.32 -6.69
N ARG A 32 -2.01 -3.48 -7.68
CA ARG A 32 -1.99 -4.69 -8.50
C ARG A 32 -1.54 -4.36 -9.93
N PRO A 33 -0.23 -4.45 -10.21
CA PRO A 33 0.33 -4.03 -11.51
C PRO A 33 0.00 -4.99 -12.65
N ARG A 34 0.35 -6.27 -12.48
CA ARG A 34 0.20 -7.25 -13.55
C ARG A 34 -1.18 -7.90 -13.51
N ASN A 35 -1.99 -7.49 -12.54
CA ASN A 35 -3.35 -8.02 -12.37
C ASN A 35 -3.32 -9.52 -12.07
N ASP A 36 -2.23 -9.97 -11.46
CA ASP A 36 -2.08 -11.38 -11.11
C ASP A 36 -2.11 -11.54 -9.60
N GLU A 37 -1.72 -12.73 -9.13
CA GLU A 37 -1.71 -13.05 -7.71
C GLU A 37 -0.75 -12.16 -6.93
N GLN A 38 0.31 -11.70 -7.59
CA GLN A 38 1.29 -10.86 -6.94
C GLN A 38 0.84 -9.41 -6.88
N VAL A 39 0.42 -9.00 -5.70
CA VAL A 39 0.09 -7.61 -5.45
C VAL A 39 1.18 -6.97 -4.61
N TYR A 40 1.27 -5.65 -4.66
CA TYR A 40 2.29 -4.93 -3.92
C TYR A 40 1.65 -4.10 -2.83
N ALA A 41 1.62 -4.65 -1.63
CA ALA A 41 1.12 -3.91 -0.49
C ALA A 41 2.28 -3.24 0.23
N ILE A 42 2.52 -1.98 -0.13
CA ILE A 42 3.68 -1.26 0.37
C ILE A 42 3.25 0.07 1.00
N SER A 43 4.22 0.88 1.37
CA SER A 43 3.96 2.20 1.93
C SER A 43 3.56 3.18 0.82
N ASN A 44 2.62 2.75 -0.03
CA ASN A 44 2.28 3.47 -1.25
C ASN A 44 1.26 4.59 -0.96
N ILE A 45 1.47 5.28 0.16
CA ILE A 45 0.55 6.32 0.59
C ILE A 45 1.23 7.69 0.56
N ASP A 46 0.64 8.62 -0.17
CA ASP A 46 1.11 9.99 -0.16
C ASP A 46 0.44 10.73 0.99
N PRO A 47 1.22 11.28 1.92
CA PRO A 47 0.70 11.97 3.11
C PRO A 47 -0.25 13.13 2.78
N PHE A 48 -0.08 13.71 1.60
CA PHE A 48 -0.87 14.86 1.20
C PHE A 48 -2.26 14.43 0.76
N ALA A 49 -2.44 13.13 0.52
CA ALA A 49 -3.72 12.61 0.07
C ALA A 49 -4.29 11.65 1.11
N GLN A 50 -3.39 10.91 1.77
CA GLN A 50 -3.73 9.96 2.83
C GLN A 50 -4.55 8.79 2.26
N ALA A 51 -4.50 8.62 0.95
CA ALA A 51 -5.18 7.54 0.28
C ALA A 51 -4.28 6.98 -0.81
N SER A 52 -4.68 5.87 -1.40
CA SER A 52 -3.88 5.22 -2.42
C SER A 52 -4.01 5.95 -3.76
N VAL A 53 -3.26 7.04 -3.89
CA VAL A 53 -3.22 7.78 -5.14
C VAL A 53 -2.11 7.26 -6.04
N LEU A 54 -1.15 6.59 -5.41
CA LEU A 54 -0.02 6.02 -6.13
C LEU A 54 -0.37 4.63 -6.66
N SER A 55 -1.43 4.04 -6.10
CA SER A 55 -1.88 2.73 -6.51
C SER A 55 -2.74 2.80 -7.77
N ARG A 56 -2.74 3.97 -8.40
CA ARG A 56 -3.49 4.18 -9.64
C ARG A 56 -2.78 5.22 -10.49
N GLY A 57 -1.46 5.23 -10.39
CA GLY A 57 -0.65 6.17 -11.13
C GLY A 57 -0.08 5.58 -12.40
N ILE A 58 1.13 6.00 -12.76
CA ILE A 58 1.74 5.59 -14.01
C ILE A 58 2.72 4.44 -13.77
N VAL A 59 2.50 3.35 -14.49
CA VAL A 59 3.38 2.20 -14.42
C VAL A 59 4.49 2.33 -15.45
N ALA A 60 5.67 2.71 -15.00
CA ALA A 60 6.80 2.94 -15.88
C ALA A 60 7.78 1.78 -15.82
N GLU A 61 7.83 1.00 -16.89
CA GLU A 61 8.75 -0.12 -16.98
C GLU A 61 10.11 0.36 -17.46
N HIS A 62 11.12 0.21 -16.63
CA HIS A 62 12.46 0.62 -16.98
C HIS A 62 13.30 -0.59 -17.34
N GLN A 63 13.29 -0.94 -18.63
CA GLN A 63 14.06 -2.06 -19.18
C GLN A 63 13.58 -3.39 -18.60
N ASP A 64 14.07 -3.74 -17.42
CA ASP A 64 13.69 -4.99 -16.76
C ASP A 64 12.90 -4.70 -15.48
N ASP A 65 13.11 -3.50 -14.95
CA ASP A 65 12.54 -3.13 -13.66
C ASP A 65 11.19 -2.46 -13.81
N LEU A 66 10.38 -2.57 -12.77
CA LEU A 66 9.06 -1.97 -12.74
C LEU A 66 8.99 -0.85 -11.72
N TRP A 67 8.78 0.37 -12.20
CA TRP A 67 8.73 1.53 -11.33
C TRP A 67 7.36 2.19 -11.45
N VAL A 68 6.92 2.84 -10.40
CA VAL A 68 5.68 3.59 -10.45
C VAL A 68 5.97 5.08 -10.39
N ALA A 69 5.39 5.81 -11.31
CA ALA A 69 5.59 7.25 -11.38
C ALA A 69 4.55 7.96 -10.52
N SER A 70 5.02 8.61 -9.47
CA SER A 70 4.14 9.37 -8.59
C SER A 70 3.50 10.51 -9.38
N PRO A 71 2.16 10.48 -9.53
CA PRO A 71 1.44 11.51 -10.28
C PRO A 71 1.45 12.86 -9.57
N LEU A 72 1.93 12.87 -8.34
CA LEU A 72 1.98 14.09 -7.54
C LEU A 72 3.42 14.54 -7.31
N LYS A 73 4.26 13.63 -6.84
CA LYS A 73 5.62 13.97 -6.46
C LYS A 73 6.59 13.77 -7.63
N LYS A 74 6.07 13.24 -8.73
CA LYS A 74 6.78 13.21 -10.02
C LYS A 74 8.04 12.32 -9.97
N GLN A 75 8.18 11.53 -8.91
CA GLN A 75 9.34 10.66 -8.75
C GLN A 75 8.99 9.22 -9.09
N HIS A 76 9.97 8.47 -9.57
CA HIS A 76 9.76 7.08 -9.97
C HIS A 76 10.37 6.15 -8.95
N PHE A 77 9.55 5.48 -8.15
CA PHE A 77 10.07 4.55 -7.17
C PHE A 77 9.72 3.11 -7.54
N ARG A 78 10.66 2.21 -7.28
CA ARG A 78 10.51 0.82 -7.66
C ARG A 78 9.75 0.05 -6.59
N LEU A 79 8.65 -0.58 -7.00
CA LEU A 79 7.74 -1.27 -6.09
C LEU A 79 8.46 -2.23 -5.14
N TYR A 80 9.20 -3.18 -5.72
CA TYR A 80 9.89 -4.21 -4.95
C TYR A 80 11.28 -3.74 -4.51
N ASP A 81 11.38 -2.47 -4.15
CA ASP A 81 12.66 -1.92 -3.72
C ASP A 81 12.44 -0.77 -2.73
N GLY A 82 11.59 0.16 -3.11
CA GLY A 82 11.24 1.26 -2.21
C GLY A 82 11.91 2.55 -2.57
N PHE A 83 13.05 2.47 -3.23
CA PHE A 83 13.83 3.66 -3.57
C PHE A 83 13.34 4.27 -4.88
N CYS A 84 13.44 5.59 -4.97
CA CYS A 84 12.85 6.33 -6.08
C CYS A 84 13.89 6.73 -7.13
N LEU A 85 14.74 5.78 -7.51
CA LEU A 85 15.76 5.98 -8.53
C LEU A 85 16.71 7.12 -8.18
N GLU A 86 16.43 8.31 -8.70
CA GLU A 86 17.33 9.45 -8.54
C GLU A 86 16.77 10.47 -7.57
N ASP A 87 15.45 10.53 -7.47
CA ASP A 87 14.79 11.45 -6.55
C ASP A 87 14.13 10.67 -5.43
N GLY A 88 14.96 10.20 -4.51
CA GLY A 88 14.50 9.28 -3.49
C GLY A 88 13.98 9.96 -2.25
N ALA A 89 12.91 10.73 -2.41
CA ALA A 89 12.30 11.42 -1.29
C ALA A 89 11.40 10.47 -0.50
N TYR A 90 10.41 9.90 -1.17
CA TYR A 90 9.49 8.98 -0.53
C TYR A 90 9.99 7.56 -0.63
N SER A 91 11.00 7.26 0.17
CA SER A 91 11.56 5.92 0.22
C SER A 91 10.60 5.00 0.97
N VAL A 92 9.83 4.22 0.23
CA VAL A 92 8.80 3.37 0.81
C VAL A 92 9.37 2.00 1.18
N ALA A 93 8.61 1.24 1.94
CA ALA A 93 9.03 -0.09 2.34
C ALA A 93 8.17 -1.15 1.67
N ALA A 94 8.82 -2.19 1.17
CA ALA A 94 8.13 -3.28 0.52
C ALA A 94 7.91 -4.41 1.51
N TYR A 95 6.77 -4.39 2.17
CA TYR A 95 6.44 -5.38 3.18
C TYR A 95 6.26 -6.76 2.57
N ASP A 96 6.45 -7.79 3.38
CA ASP A 96 6.30 -9.16 2.90
C ASP A 96 4.84 -9.56 2.97
N THR A 97 4.40 -10.33 1.98
CA THR A 97 3.00 -10.69 1.85
C THR A 97 2.84 -12.18 1.56
N GLN A 98 1.86 -12.82 2.19
CA GLN A 98 1.54 -14.20 1.89
C GLN A 98 0.27 -14.29 1.07
N VAL A 99 0.23 -15.23 0.16
CA VAL A 99 -0.98 -15.54 -0.58
C VAL A 99 -1.62 -16.78 0.05
N THR A 100 -2.28 -16.55 1.18
CA THR A 100 -2.83 -17.62 1.98
C THR A 100 -4.10 -18.19 1.36
N ASN A 101 -4.85 -17.32 0.71
CA ASN A 101 -6.12 -17.69 0.10
C ASN A 101 -6.50 -16.59 -0.87
N GLY A 102 -7.80 -16.34 -1.02
CA GLY A 102 -8.24 -15.22 -1.83
C GLY A 102 -8.11 -13.90 -1.07
N ASN A 103 -7.05 -13.81 -0.28
CA ASN A 103 -6.82 -12.66 0.59
C ASN A 103 -5.31 -12.38 0.69
N VAL A 104 -4.97 -11.19 1.16
CA VAL A 104 -3.58 -10.78 1.27
C VAL A 104 -3.21 -10.55 2.73
N GLN A 105 -2.17 -11.21 3.19
CA GLN A 105 -1.68 -11.03 4.54
C GLN A 105 -0.26 -10.47 4.52
N ILE A 106 -0.09 -9.27 5.06
CA ILE A 106 1.22 -8.64 5.12
C ILE A 106 1.87 -8.89 6.48
N SER A 107 3.18 -8.90 6.51
CA SER A 107 3.90 -9.06 7.76
C SER A 107 4.11 -7.70 8.40
N ILE A 108 3.67 -7.57 9.65
CA ILE A 108 3.79 -6.31 10.36
C ILE A 108 5.25 -6.00 10.69
N ALA A 109 5.87 -5.19 9.85
CA ALA A 109 7.17 -4.64 10.15
C ALA A 109 6.99 -3.46 11.09
N ASP A 110 7.87 -3.30 12.05
CA ASP A 110 7.71 -2.23 13.02
C ASP A 110 8.10 -0.91 12.39
N SER A 111 7.32 0.11 12.69
CA SER A 111 7.56 1.44 12.19
C SER A 111 7.01 2.45 13.19
N ASP A 112 7.88 2.88 14.08
CA ASP A 112 7.50 3.86 15.09
C ASP A 112 7.20 5.18 14.42
N VAL A 113 5.92 5.43 14.25
CA VAL A 113 5.41 6.60 13.56
C VAL A 113 6.09 7.88 14.03
N ALA A 114 6.58 8.65 13.07
CA ALA A 114 7.18 9.95 13.37
C ALA A 114 6.06 10.96 13.59
N VAL A 115 6.00 11.50 14.80
CA VAL A 115 4.89 12.34 15.19
C VAL A 115 5.13 13.81 14.84
N ASP A 116 4.24 14.35 14.03
CA ASP A 116 4.26 15.77 13.71
C ASP A 116 3.12 16.45 14.45
N ASN A 117 2.60 17.57 13.94
CA ASN A 117 1.53 18.27 14.63
C ASN A 117 0.49 18.85 13.67
N SER A 118 -0.57 18.07 13.45
CA SER A 118 -1.77 18.52 12.74
C SER A 118 -1.53 18.79 11.24
N GLN A 119 -2.10 17.94 10.41
CA GLN A 119 -2.13 18.18 8.98
C GLN A 119 -3.57 18.39 8.54
N PRO A 120 -3.96 19.65 8.30
CA PRO A 120 -5.35 20.00 7.98
C PRO A 120 -5.78 19.53 6.59
N LEU A 121 -7.03 19.12 6.48
CA LEU A 121 -7.59 18.68 5.22
C LEU A 121 -8.61 19.70 4.71
N PRO A 122 -8.25 20.47 3.68
CA PRO A 122 -9.14 21.47 3.11
C PRO A 122 -10.06 20.88 2.04
N LEU A 123 -11.26 20.50 2.46
CA LEU A 123 -12.24 19.92 1.54
C LEU A 123 -13.46 20.81 1.41
N GLU A 124 -13.44 21.68 0.41
CA GLU A 124 -14.58 22.51 0.08
C GLU A 124 -15.01 22.21 -1.36
N HIS A 125 -16.29 21.95 -1.55
CA HIS A 125 -16.77 21.54 -2.86
C HIS A 125 -18.02 22.32 -3.24
N HIS A 126 -17.84 23.40 -3.98
CA HIS A 126 -18.95 24.14 -4.54
C HIS A 126 -19.00 23.95 -6.05
N HIS A 127 -20.17 23.64 -6.57
CA HIS A 127 -20.33 23.38 -8.00
C HIS A 127 -21.67 23.93 -8.48
N HIS A 128 -21.60 24.95 -9.33
CA HIS A 128 -22.81 25.59 -9.84
C HIS A 128 -23.23 24.94 -11.16
N HIS A 129 -24.45 24.43 -11.19
CA HIS A 129 -24.99 23.83 -12.40
C HIS A 129 -25.74 24.89 -13.19
N HIS A 130 -26.74 25.51 -12.56
CA HIS A 130 -27.43 26.65 -13.15
C HIS A 130 -28.40 27.24 -12.13
N MET A 1 3.08 -17.14 6.73
CA MET A 1 2.36 -16.85 7.99
C MET A 1 3.32 -16.79 9.17
N SER A 2 3.00 -15.93 10.13
CA SER A 2 3.81 -15.74 11.34
C SER A 2 3.19 -14.61 12.18
N GLN A 3 3.27 -13.40 11.65
CA GLN A 3 2.56 -12.25 12.22
C GLN A 3 1.85 -11.51 11.10
N TRP A 4 1.71 -12.19 9.98
CA TRP A 4 1.03 -11.67 8.80
C TRP A 4 -0.42 -11.33 9.14
N THR A 5 -0.76 -10.06 9.03
CA THR A 5 -2.10 -9.60 9.34
C THR A 5 -2.99 -9.67 8.10
N THR A 6 -4.17 -10.24 8.26
CA THR A 6 -5.12 -10.37 7.16
C THR A 6 -5.76 -9.02 6.87
N VAL A 7 -5.54 -8.53 5.64
CA VAL A 7 -6.05 -7.22 5.24
C VAL A 7 -7.46 -7.34 4.69
N CYS A 8 -7.57 -7.92 3.51
CA CYS A 8 -8.84 -8.00 2.79
C CYS A 8 -8.76 -9.10 1.74
N LYS A 9 -9.81 -9.27 0.97
CA LYS A 9 -9.82 -10.28 -0.09
C LYS A 9 -9.22 -9.71 -1.37
N LEU A 10 -8.51 -10.56 -2.11
CA LEU A 10 -7.94 -10.18 -3.40
C LEU A 10 -9.05 -9.92 -4.41
N ASP A 11 -10.25 -10.34 -4.06
CA ASP A 11 -11.40 -10.26 -4.94
C ASP A 11 -12.00 -8.86 -4.95
N ASP A 12 -11.63 -8.06 -3.96
CA ASP A 12 -12.14 -6.69 -3.85
C ASP A 12 -11.05 -5.68 -4.20
N ILE A 13 -9.82 -6.18 -4.35
CA ILE A 13 -8.69 -5.32 -4.68
C ILE A 13 -8.73 -4.91 -6.15
N LEU A 14 -8.66 -3.60 -6.40
CA LEU A 14 -8.76 -3.06 -7.75
C LEU A 14 -7.52 -3.40 -8.59
N PRO A 15 -7.73 -3.79 -9.86
CA PRO A 15 -6.66 -4.16 -10.76
C PRO A 15 -5.95 -2.95 -11.37
N GLY A 16 -4.63 -2.93 -11.25
CA GLY A 16 -3.83 -1.87 -11.84
C GLY A 16 -3.72 -0.66 -10.94
N THR A 17 -3.88 -0.85 -9.64
CA THR A 17 -3.93 0.27 -8.71
C THR A 17 -3.47 -0.14 -7.31
N GLY A 18 -3.22 0.86 -6.47
CA GLY A 18 -2.86 0.59 -5.10
C GLY A 18 -3.74 1.35 -4.13
N VAL A 19 -4.09 0.73 -3.02
CA VAL A 19 -4.97 1.37 -2.04
C VAL A 19 -4.37 1.36 -0.65
N CYS A 20 -4.53 2.47 0.08
CA CYS A 20 -4.08 2.57 1.46
C CYS A 20 -4.96 1.71 2.36
N ALA A 21 -4.48 0.52 2.68
CA ALA A 21 -5.21 -0.39 3.53
C ALA A 21 -4.93 -0.10 5.00
N LEU A 22 -5.98 -0.02 5.80
CA LEU A 22 -5.84 0.24 7.22
C LEU A 22 -5.64 -1.10 7.95
N VAL A 23 -4.40 -1.39 8.28
CA VAL A 23 -4.07 -2.64 8.96
C VAL A 23 -3.40 -2.34 10.29
N GLU A 24 -4.08 -2.67 11.40
CA GLU A 24 -3.54 -2.47 12.75
C GLU A 24 -3.27 -0.99 13.03
N GLN A 25 -3.92 -0.16 12.24
CA GLN A 25 -3.84 1.30 12.32
C GLN A 25 -2.59 1.81 11.60
N GLN A 26 -2.06 0.99 10.73
CA GLN A 26 -1.01 1.40 9.80
C GLN A 26 -1.55 1.36 8.39
N GLN A 27 -1.22 2.37 7.59
CA GLN A 27 -1.72 2.45 6.22
C GLN A 27 -0.68 1.97 5.23
N ILE A 28 -0.93 0.81 4.66
CA ILE A 28 -0.04 0.24 3.66
C ILE A 28 -0.73 0.25 2.30
N ALA A 29 -0.04 0.75 1.28
CA ALA A 29 -0.62 0.84 -0.05
C ALA A 29 -0.43 -0.46 -0.79
N VAL A 30 -1.53 -1.13 -1.07
CA VAL A 30 -1.49 -2.44 -1.71
C VAL A 30 -1.67 -2.29 -3.22
N PHE A 31 -0.56 -2.38 -3.93
CA PHE A 31 -0.58 -2.31 -5.39
C PHE A 31 -1.02 -3.65 -5.96
N ARG A 32 -1.99 -3.62 -6.84
CA ARG A 32 -2.33 -4.79 -7.62
C ARG A 32 -2.00 -4.52 -9.08
N PRO A 33 -0.72 -4.72 -9.48
CA PRO A 33 -0.24 -4.38 -10.81
C PRO A 33 -0.91 -5.21 -11.89
N ARG A 34 -1.26 -6.44 -11.54
CA ARG A 34 -1.95 -7.34 -12.46
C ARG A 34 -3.39 -7.53 -12.00
N ASN A 35 -4.21 -8.05 -12.88
CA ASN A 35 -5.57 -8.41 -12.55
C ASN A 35 -5.60 -9.87 -12.10
N ASP A 36 -4.41 -10.41 -11.92
CA ASP A 36 -4.22 -11.82 -11.63
C ASP A 36 -4.10 -12.08 -10.13
N GLU A 37 -2.90 -12.45 -9.67
CA GLU A 37 -2.71 -12.92 -8.31
C GLU A 37 -1.82 -11.99 -7.48
N GLN A 38 -0.54 -11.92 -7.86
CA GLN A 38 0.47 -11.22 -7.05
C GLN A 38 0.15 -9.74 -6.86
N VAL A 39 0.24 -9.31 -5.61
CA VAL A 39 0.07 -7.91 -5.23
C VAL A 39 1.28 -7.43 -4.46
N TYR A 40 1.38 -6.12 -4.24
CA TYR A 40 2.50 -5.54 -3.52
C TYR A 40 2.04 -4.47 -2.55
N ALA A 41 2.02 -4.79 -1.27
CA ALA A 41 1.66 -3.82 -0.26
C ALA A 41 2.89 -3.19 0.37
N ILE A 42 3.12 -1.93 0.03
CA ILE A 42 4.25 -1.18 0.56
C ILE A 42 3.76 0.16 1.12
N SER A 43 4.55 0.79 1.96
CA SER A 43 4.18 2.08 2.53
C SER A 43 4.31 3.19 1.49
N ASN A 44 3.36 3.24 0.57
CA ASN A 44 3.33 4.24 -0.48
C ASN A 44 2.18 5.21 -0.24
N ILE A 45 2.34 6.05 0.76
CA ILE A 45 1.32 6.98 1.18
C ILE A 45 1.88 8.39 1.23
N ASP A 46 1.16 9.34 0.67
CA ASP A 46 1.60 10.73 0.68
C ASP A 46 1.11 11.41 1.94
N PRO A 47 2.02 12.03 2.72
CA PRO A 47 1.70 12.65 4.01
C PRO A 47 0.74 13.84 3.88
N PHE A 48 0.51 14.30 2.66
CA PHE A 48 -0.39 15.42 2.43
C PHE A 48 -1.84 14.94 2.28
N ALA A 49 -2.01 13.65 2.03
CA ALA A 49 -3.35 13.12 1.75
C ALA A 49 -3.69 11.91 2.63
N GLN A 50 -2.66 11.19 3.07
CA GLN A 50 -2.84 9.99 3.90
C GLN A 50 -3.63 8.91 3.13
N ALA A 51 -3.40 8.87 1.84
CA ALA A 51 -4.03 7.88 0.96
C ALA A 51 -3.04 7.46 -0.11
N SER A 52 -3.39 6.42 -0.85
CA SER A 52 -2.52 5.89 -1.89
C SER A 52 -2.62 6.71 -3.17
N VAL A 53 -2.46 8.03 -3.03
CA VAL A 53 -2.55 8.92 -4.17
C VAL A 53 -1.31 8.80 -5.04
N LEU A 54 -0.26 8.25 -4.45
CA LEU A 54 0.99 8.01 -5.15
C LEU A 54 0.90 6.69 -5.91
N SER A 55 -0.07 5.86 -5.51
CA SER A 55 -0.22 4.52 -6.04
C SER A 55 -1.10 4.49 -7.29
N ARG A 56 -1.81 5.58 -7.54
CA ARG A 56 -2.73 5.64 -8.66
C ARG A 56 -2.16 6.47 -9.80
N GLY A 57 -0.84 6.48 -9.91
CA GLY A 57 -0.20 7.19 -10.99
C GLY A 57 0.08 6.29 -12.18
N ILE A 58 1.31 6.33 -12.65
CA ILE A 58 1.71 5.49 -13.77
C ILE A 58 2.55 4.33 -13.29
N VAL A 59 1.97 3.16 -13.32
CA VAL A 59 2.63 1.95 -12.88
C VAL A 59 3.09 1.13 -14.08
N ALA A 60 4.40 1.11 -14.29
CA ALA A 60 4.97 0.46 -15.46
C ALA A 60 6.33 -0.15 -15.15
N GLU A 61 6.79 -1.01 -16.06
CA GLU A 61 8.08 -1.65 -15.93
C GLU A 61 9.14 -0.83 -16.66
N HIS A 62 10.15 -0.39 -15.91
CA HIS A 62 11.22 0.44 -16.46
C HIS A 62 11.98 -0.35 -17.54
N GLN A 63 12.83 -1.25 -17.09
CA GLN A 63 13.50 -2.18 -17.98
C GLN A 63 13.35 -3.58 -17.42
N ASP A 64 13.56 -3.70 -16.11
CA ASP A 64 13.47 -4.99 -15.43
C ASP A 64 12.64 -4.86 -14.16
N ASP A 65 12.52 -3.63 -13.66
CA ASP A 65 11.88 -3.38 -12.38
C ASP A 65 10.54 -2.66 -12.57
N LEU A 66 9.81 -2.47 -11.48
CA LEU A 66 8.48 -1.89 -11.52
C LEU A 66 8.44 -0.56 -10.78
N TRP A 67 8.00 0.47 -11.46
CA TRP A 67 7.98 1.81 -10.89
C TRP A 67 6.58 2.40 -10.97
N VAL A 68 6.20 3.16 -9.95
CA VAL A 68 4.95 3.89 -9.99
C VAL A 68 5.23 5.40 -9.94
N ALA A 69 4.83 6.09 -10.98
CA ALA A 69 5.00 7.52 -11.06
C ALA A 69 3.78 8.22 -10.50
N SER A 70 3.96 8.95 -9.42
CA SER A 70 2.85 9.70 -8.81
C SER A 70 2.27 10.71 -9.81
N PRO A 71 0.94 10.81 -9.89
CA PRO A 71 0.26 11.66 -10.88
C PRO A 71 0.54 13.15 -10.66
N LEU A 72 0.74 13.53 -9.41
CA LEU A 72 0.91 14.94 -9.07
C LEU A 72 2.39 15.33 -9.04
N LYS A 73 3.17 14.63 -8.23
CA LYS A 73 4.55 14.99 -7.97
C LYS A 73 5.50 14.32 -8.96
N LYS A 74 4.99 13.32 -9.67
CA LYS A 74 5.74 12.61 -10.73
C LYS A 74 6.97 11.87 -10.21
N GLN A 75 7.10 11.80 -8.90
CA GLN A 75 8.17 11.01 -8.31
C GLN A 75 7.94 9.54 -8.62
N HIS A 76 8.95 8.89 -9.16
CA HIS A 76 8.83 7.50 -9.58
C HIS A 76 9.25 6.58 -8.45
N PHE A 77 8.28 6.05 -7.73
CA PHE A 77 8.56 5.17 -6.61
C PHE A 77 8.77 3.74 -7.09
N ARG A 78 9.94 3.21 -6.83
CA ARG A 78 10.26 1.84 -7.21
C ARG A 78 9.62 0.87 -6.23
N LEU A 79 8.77 -0.01 -6.76
CA LEU A 79 7.98 -0.91 -5.92
C LEU A 79 8.84 -1.95 -5.21
N TYR A 80 9.87 -2.42 -5.89
CA TYR A 80 10.72 -3.47 -5.35
C TYR A 80 11.75 -2.91 -4.35
N ASP A 81 12.00 -1.62 -4.43
CA ASP A 81 13.08 -1.02 -3.68
C ASP A 81 12.57 -0.04 -2.63
N GLY A 82 12.14 1.13 -3.08
CA GLY A 82 11.69 2.17 -2.17
C GLY A 82 12.14 3.55 -2.61
N PHE A 83 13.26 3.60 -3.33
CA PHE A 83 13.78 4.88 -3.82
C PHE A 83 12.82 5.53 -4.80
N CYS A 84 12.87 6.85 -4.86
CA CYS A 84 11.94 7.63 -5.66
C CYS A 84 12.62 8.11 -6.95
N LEU A 85 13.26 7.18 -7.67
CA LEU A 85 13.94 7.49 -8.93
C LEU A 85 15.15 8.40 -8.71
N GLU A 86 14.90 9.70 -8.64
CA GLU A 86 15.98 10.67 -8.43
C GLU A 86 15.89 11.27 -7.04
N ASP A 87 14.85 10.89 -6.31
CA ASP A 87 14.66 11.39 -4.95
C ASP A 87 14.73 10.25 -3.95
N GLY A 88 14.98 10.60 -2.70
CA GLY A 88 14.97 9.61 -1.63
C GLY A 88 14.34 10.17 -0.39
N ALA A 89 13.43 11.12 -0.58
CA ALA A 89 12.75 11.78 0.52
C ALA A 89 11.68 10.87 1.11
N TYR A 90 10.93 10.21 0.24
CA TYR A 90 9.87 9.33 0.67
C TYR A 90 10.15 7.90 0.26
N SER A 91 11.24 7.35 0.77
CA SER A 91 11.59 5.97 0.52
C SER A 91 10.55 5.05 1.15
N VAL A 92 9.72 4.45 0.30
CA VAL A 92 8.61 3.64 0.77
C VAL A 92 9.09 2.38 1.46
N ALA A 93 8.47 2.06 2.59
CA ALA A 93 8.79 0.84 3.31
C ALA A 93 8.27 -0.37 2.54
N ALA A 94 9.18 -1.10 1.92
CA ALA A 94 8.82 -2.25 1.12
C ALA A 94 8.54 -3.46 2.00
N TYR A 95 7.29 -3.58 2.43
CA TYR A 95 6.85 -4.74 3.18
C TYR A 95 6.56 -5.89 2.24
N ASP A 96 6.22 -7.04 2.78
CA ASP A 96 5.92 -8.19 1.97
C ASP A 96 4.46 -8.58 2.12
N THR A 97 3.89 -9.09 1.05
CA THR A 97 2.48 -9.47 1.02
C THR A 97 2.35 -10.90 0.50
N GLN A 98 1.25 -11.55 0.82
CA GLN A 98 0.97 -12.89 0.30
C GLN A 98 -0.52 -13.16 0.26
N VAL A 99 -0.93 -13.87 -0.77
CA VAL A 99 -2.31 -14.29 -0.92
C VAL A 99 -2.40 -15.80 -0.68
N THR A 100 -2.78 -16.17 0.53
CA THR A 100 -2.70 -17.55 0.95
C THR A 100 -4.01 -18.31 0.72
N ASN A 101 -5.13 -17.63 0.89
CA ASN A 101 -6.44 -18.28 0.71
C ASN A 101 -7.38 -17.38 -0.07
N GLY A 102 -6.82 -16.58 -0.97
CA GLY A 102 -7.60 -15.60 -1.69
C GLY A 102 -7.66 -14.29 -0.95
N ASN A 103 -7.21 -14.32 0.28
CA ASN A 103 -7.14 -13.13 1.11
C ASN A 103 -5.70 -12.63 1.18
N VAL A 104 -5.57 -11.33 1.34
CA VAL A 104 -4.28 -10.67 1.31
C VAL A 104 -3.73 -10.46 2.72
N GLN A 105 -2.57 -11.02 3.00
CA GLN A 105 -1.91 -10.82 4.28
C GLN A 105 -0.58 -10.09 4.07
N ILE A 106 -0.26 -9.19 4.99
CA ILE A 106 0.96 -8.42 4.94
C ILE A 106 1.79 -8.64 6.19
N SER A 107 3.10 -8.45 6.08
CA SER A 107 3.98 -8.57 7.23
C SER A 107 4.58 -7.22 7.57
N ILE A 108 4.04 -6.59 8.60
CA ILE A 108 4.52 -5.28 9.03
C ILE A 108 5.26 -5.39 10.36
N ALA A 109 6.58 -5.19 10.33
CA ALA A 109 7.38 -5.18 11.54
C ALA A 109 7.60 -3.75 12.02
N ASP A 110 6.83 -2.86 11.45
CA ASP A 110 6.89 -1.44 11.78
C ASP A 110 5.54 -0.79 11.51
N SER A 111 5.09 0.00 12.46
CA SER A 111 3.79 0.65 12.36
C SER A 111 3.94 2.15 12.21
N ASP A 112 5.13 2.58 11.80
CA ASP A 112 5.48 4.00 11.64
C ASP A 112 5.21 4.77 12.92
N VAL A 113 4.02 5.33 12.98
CA VAL A 113 3.50 5.98 14.16
C VAL A 113 2.03 5.61 14.31
N ALA A 114 1.70 4.98 15.42
CA ALA A 114 0.35 4.46 15.63
C ALA A 114 -0.64 5.58 15.88
N VAL A 115 -1.67 5.63 15.07
CA VAL A 115 -2.78 6.55 15.25
C VAL A 115 -4.09 5.86 14.86
N ASP A 116 -5.03 5.85 15.79
CA ASP A 116 -6.26 5.07 15.60
C ASP A 116 -7.35 5.88 14.90
N ASN A 117 -7.93 5.28 13.87
CA ASN A 117 -9.12 5.81 13.24
C ASN A 117 -10.18 4.72 13.20
N SER A 118 -11.42 5.07 13.50
CA SER A 118 -12.48 4.09 13.65
C SER A 118 -13.42 4.06 12.44
N GLN A 119 -13.34 5.06 11.58
CA GLN A 119 -14.27 5.17 10.45
C GLN A 119 -13.78 4.37 9.24
N PRO A 120 -14.56 3.36 8.84
CA PRO A 120 -14.28 2.58 7.64
C PRO A 120 -15.01 3.14 6.42
N LEU A 121 -14.81 2.50 5.27
CA LEU A 121 -15.46 2.95 4.04
C LEU A 121 -16.25 1.81 3.40
N PRO A 122 -17.58 1.86 3.51
CA PRO A 122 -18.46 0.84 2.93
C PRO A 122 -18.90 1.19 1.50
N LEU A 123 -19.85 0.42 0.98
CA LEU A 123 -20.42 0.66 -0.33
C LEU A 123 -21.89 0.28 -0.34
N GLU A 124 -22.63 0.70 -1.35
CA GLU A 124 -24.05 0.42 -1.41
C GLU A 124 -24.32 -0.79 -2.29
N HIS A 125 -25.02 -1.77 -1.73
CA HIS A 125 -25.43 -2.95 -2.48
C HIS A 125 -26.95 -2.95 -2.64
N HIS A 126 -27.40 -3.16 -3.86
CA HIS A 126 -28.81 -3.04 -4.19
C HIS A 126 -29.18 -3.93 -5.37
N HIS A 127 -30.10 -4.84 -5.15
CA HIS A 127 -30.53 -5.79 -6.18
C HIS A 127 -31.68 -5.22 -7.00
N HIS A 128 -31.85 -5.75 -8.20
CA HIS A 128 -32.95 -5.35 -9.08
C HIS A 128 -33.64 -6.58 -9.65
N HIS A 129 -34.75 -6.36 -10.33
CA HIS A 129 -35.48 -7.44 -11.00
C HIS A 129 -36.29 -6.87 -12.15
N HIS A 130 -36.76 -7.73 -13.03
CA HIS A 130 -37.64 -7.29 -14.11
C HIS A 130 -39.06 -7.17 -13.57
N MET A 1 -1.60 -18.65 11.26
CA MET A 1 -0.91 -17.35 11.06
C MET A 1 -0.66 -16.68 12.40
N SER A 2 0.60 -16.46 12.74
CA SER A 2 0.94 -15.84 14.00
C SER A 2 0.92 -14.32 13.89
N GLN A 3 1.89 -13.74 13.17
CA GLN A 3 2.00 -12.30 13.06
C GLN A 3 1.44 -11.79 11.74
N TRP A 4 0.81 -12.68 11.01
CA TRP A 4 0.23 -12.33 9.72
C TRP A 4 -1.11 -11.66 9.92
N THR A 5 -1.17 -10.38 9.60
CA THR A 5 -2.37 -9.60 9.80
C THR A 5 -3.19 -9.55 8.51
N THR A 6 -4.46 -9.91 8.59
CA THR A 6 -5.33 -9.89 7.43
C THR A 6 -5.70 -8.46 7.04
N VAL A 7 -5.56 -8.16 5.76
CA VAL A 7 -5.99 -6.87 5.24
C VAL A 7 -7.42 -6.96 4.74
N CYS A 8 -7.59 -7.72 3.67
CA CYS A 8 -8.90 -7.92 3.05
C CYS A 8 -8.80 -9.03 2.01
N LYS A 9 -9.82 -9.17 1.19
CA LYS A 9 -9.82 -10.17 0.13
C LYS A 9 -8.95 -9.71 -1.04
N LEU A 10 -8.44 -10.66 -1.80
CA LEU A 10 -7.79 -10.35 -3.07
C LEU A 10 -8.87 -10.03 -4.10
N ASP A 11 -10.04 -10.61 -3.86
CA ASP A 11 -11.21 -10.42 -4.71
C ASP A 11 -11.76 -9.01 -4.56
N ASP A 12 -11.60 -8.47 -3.35
CA ASP A 12 -12.08 -7.12 -3.03
C ASP A 12 -11.12 -6.08 -3.58
N ILE A 13 -9.92 -6.52 -3.95
CA ILE A 13 -8.92 -5.63 -4.51
C ILE A 13 -9.02 -5.63 -6.04
N LEU A 14 -9.35 -4.48 -6.60
CA LEU A 14 -9.52 -4.34 -8.04
C LEU A 14 -8.21 -4.57 -8.78
N PRO A 15 -8.23 -5.45 -9.79
CA PRO A 15 -7.06 -5.75 -10.62
C PRO A 15 -6.63 -4.54 -11.46
N GLY A 16 -5.38 -4.16 -11.30
CA GLY A 16 -4.85 -3.01 -12.01
C GLY A 16 -4.87 -1.75 -11.16
N THR A 17 -4.77 -1.92 -9.84
CA THR A 17 -4.85 -0.79 -8.91
C THR A 17 -4.31 -1.16 -7.54
N GLY A 18 -4.16 -0.16 -6.68
CA GLY A 18 -3.71 -0.40 -5.32
C GLY A 18 -4.49 0.44 -4.33
N VAL A 19 -4.76 -0.10 -3.14
CA VAL A 19 -5.56 0.60 -2.15
C VAL A 19 -4.87 0.68 -0.79
N CYS A 20 -5.09 1.80 -0.08
CA CYS A 20 -4.53 1.99 1.24
C CYS A 20 -5.42 1.39 2.32
N ALA A 21 -4.81 0.65 3.22
CA ALA A 21 -5.52 0.10 4.36
C ALA A 21 -4.81 0.46 5.66
N LEU A 22 -5.54 1.07 6.59
CA LEU A 22 -5.01 1.36 7.90
C LEU A 22 -4.91 0.07 8.69
N VAL A 23 -3.70 -0.47 8.75
CA VAL A 23 -3.47 -1.75 9.40
C VAL A 23 -2.69 -1.55 10.71
N GLU A 24 -3.42 -1.62 11.82
CA GLU A 24 -2.84 -1.55 13.17
C GLU A 24 -2.31 -0.15 13.51
N GLN A 25 -1.44 0.40 12.66
CA GLN A 25 -0.81 1.68 12.96
C GLN A 25 -0.61 2.54 11.71
N GLN A 26 -0.04 1.96 10.66
CA GLN A 26 0.21 2.72 9.44
C GLN A 26 -0.71 2.24 8.32
N GLN A 27 -0.76 3.02 7.25
CA GLN A 27 -1.52 2.64 6.08
C GLN A 27 -0.61 1.96 5.06
N ILE A 28 -1.01 0.78 4.62
CA ILE A 28 -0.25 0.04 3.63
C ILE A 28 -1.03 0.03 2.32
N ALA A 29 -0.33 0.30 1.22
CA ALA A 29 -0.95 0.28 -0.09
C ALA A 29 -0.75 -1.08 -0.73
N VAL A 30 -1.85 -1.73 -1.08
CA VAL A 30 -1.77 -3.07 -1.65
C VAL A 30 -2.04 -3.02 -3.14
N PHE A 31 -0.97 -3.15 -3.90
CA PHE A 31 -1.06 -3.12 -5.36
C PHE A 31 -1.51 -4.47 -5.90
N ARG A 32 -2.44 -4.42 -6.84
CA ARG A 32 -2.73 -5.57 -7.66
C ARG A 32 -2.46 -5.18 -9.10
N PRO A 33 -1.19 -5.23 -9.54
CA PRO A 33 -0.79 -4.72 -10.86
C PRO A 33 -1.26 -5.61 -12.00
N ARG A 34 -1.47 -6.89 -11.69
CA ARG A 34 -1.94 -7.84 -12.68
C ARG A 34 -3.37 -8.27 -12.34
N ASN A 35 -4.02 -8.93 -13.26
CA ASN A 35 -5.38 -9.41 -13.02
C ASN A 35 -5.35 -10.76 -12.30
N ASP A 36 -4.15 -11.21 -11.99
CA ASP A 36 -3.97 -12.49 -11.30
C ASP A 36 -3.77 -12.27 -9.80
N GLU A 37 -3.04 -13.16 -9.14
CA GLU A 37 -2.98 -13.19 -7.68
C GLU A 37 -1.66 -12.64 -7.13
N GLN A 38 -0.96 -11.84 -7.92
CA GLN A 38 0.26 -11.21 -7.43
C GLN A 38 -0.03 -9.80 -6.94
N VAL A 39 0.31 -9.54 -5.69
CA VAL A 39 0.08 -8.24 -5.08
C VAL A 39 1.38 -7.63 -4.57
N TYR A 40 1.32 -6.36 -4.23
CA TYR A 40 2.46 -5.65 -3.65
C TYR A 40 1.98 -4.72 -2.53
N ALA A 41 2.23 -5.11 -1.29
CA ALA A 41 1.82 -4.30 -0.16
C ALA A 41 3.02 -3.55 0.41
N ILE A 42 3.11 -2.26 0.08
CA ILE A 42 4.21 -1.42 0.54
C ILE A 42 3.66 -0.11 1.12
N SER A 43 4.54 0.70 1.69
CA SER A 43 4.13 1.98 2.23
C SER A 43 4.07 3.02 1.13
N ASN A 44 3.11 2.85 0.22
CA ASN A 44 3.01 3.71 -0.95
C ASN A 44 1.95 4.78 -0.70
N ILE A 45 1.89 5.23 0.55
CA ILE A 45 0.90 6.19 0.97
C ILE A 45 1.54 7.56 1.19
N ASP A 46 1.23 8.48 0.30
CA ASP A 46 1.71 9.84 0.43
C ASP A 46 0.97 10.52 1.58
N PRO A 47 1.69 10.90 2.65
CA PRO A 47 1.11 11.51 3.86
C PRO A 47 0.30 12.78 3.58
N PHE A 48 0.51 13.37 2.41
CA PHE A 48 -0.19 14.59 2.03
C PHE A 48 -1.63 14.26 1.60
N ALA A 49 -1.88 12.98 1.32
CA ALA A 49 -3.19 12.55 0.87
C ALA A 49 -3.76 11.44 1.74
N GLN A 50 -2.86 10.63 2.30
CA GLN A 50 -3.25 9.52 3.18
C GLN A 50 -4.09 8.47 2.44
N ALA A 51 -3.73 8.24 1.19
CA ALA A 51 -4.39 7.25 0.35
C ALA A 51 -3.41 6.79 -0.72
N SER A 52 -3.78 5.75 -1.46
CA SER A 52 -2.93 5.25 -2.52
C SER A 52 -3.01 6.14 -3.76
N VAL A 53 -2.60 7.39 -3.59
CA VAL A 53 -2.62 8.35 -4.69
C VAL A 53 -1.41 8.15 -5.58
N LEU A 54 -0.37 7.54 -5.03
CA LEU A 54 0.83 7.24 -5.78
C LEU A 54 0.61 5.97 -6.59
N SER A 55 -0.37 5.19 -6.16
CA SER A 55 -0.70 3.93 -6.80
C SER A 55 -1.53 4.16 -8.06
N ARG A 56 -2.08 5.36 -8.19
CA ARG A 56 -2.90 5.71 -9.34
C ARG A 56 -2.08 6.51 -10.33
N GLY A 57 -0.76 6.43 -10.21
CA GLY A 57 0.11 7.19 -11.07
C GLY A 57 0.35 6.51 -12.40
N ILE A 58 1.45 6.84 -13.04
CA ILE A 58 1.78 6.28 -14.34
C ILE A 58 2.78 5.15 -14.21
N VAL A 59 2.43 3.99 -14.74
CA VAL A 59 3.30 2.84 -14.69
C VAL A 59 4.41 2.99 -15.73
N ALA A 60 5.58 3.38 -15.24
CA ALA A 60 6.73 3.58 -16.11
C ALA A 60 7.71 2.44 -15.92
N GLU A 61 7.61 1.45 -16.78
CA GLU A 61 8.43 0.26 -16.66
C GLU A 61 9.87 0.56 -17.09
N HIS A 62 10.81 0.04 -16.32
CA HIS A 62 12.23 0.24 -16.60
C HIS A 62 12.66 -0.71 -17.73
N GLN A 63 13.97 -0.82 -17.97
CA GLN A 63 14.50 -1.77 -18.94
C GLN A 63 13.98 -3.16 -18.59
N ASP A 64 13.92 -3.44 -17.29
CA ASP A 64 13.25 -4.63 -16.77
C ASP A 64 13.00 -4.47 -15.27
N ASP A 65 12.23 -3.45 -14.92
CA ASP A 65 11.88 -3.22 -13.52
C ASP A 65 10.59 -2.41 -13.45
N LEU A 66 10.06 -2.22 -12.25
CA LEU A 66 8.74 -1.61 -12.09
C LEU A 66 8.83 -0.32 -11.29
N TRP A 67 8.44 0.79 -11.91
CA TRP A 67 8.48 2.10 -11.27
C TRP A 67 7.20 2.87 -11.57
N VAL A 68 6.52 3.34 -10.55
CA VAL A 68 5.30 4.09 -10.73
C VAL A 68 5.56 5.59 -10.56
N ALA A 69 5.09 6.38 -11.52
CA ALA A 69 5.29 7.81 -11.49
C ALA A 69 4.22 8.50 -10.66
N SER A 70 4.66 9.11 -9.57
CA SER A 70 3.78 9.88 -8.70
C SER A 70 3.17 11.07 -9.45
N PRO A 71 1.84 11.21 -9.43
CA PRO A 71 1.15 12.34 -10.05
C PRO A 71 1.25 13.61 -9.19
N LEU A 72 1.84 13.47 -8.02
CA LEU A 72 1.97 14.59 -7.10
C LEU A 72 3.42 15.05 -7.00
N LYS A 73 4.31 14.13 -6.64
CA LYS A 73 5.70 14.45 -6.41
C LYS A 73 6.52 14.28 -7.69
N LYS A 74 5.94 13.57 -8.65
CA LYS A 74 6.62 13.20 -9.90
C LYS A 74 7.93 12.47 -9.62
N GLN A 75 7.80 11.24 -9.11
CA GLN A 75 8.94 10.38 -8.87
C GLN A 75 8.56 8.95 -9.23
N HIS A 76 9.54 8.16 -9.62
CA HIS A 76 9.31 6.77 -9.99
C HIS A 76 9.53 5.87 -8.79
N PHE A 77 8.44 5.46 -8.16
CA PHE A 77 8.51 4.60 -6.98
C PHE A 77 8.57 3.14 -7.40
N ARG A 78 9.59 2.44 -6.92
CA ARG A 78 9.75 1.02 -7.22
C ARG A 78 8.74 0.23 -6.41
N LEU A 79 7.90 -0.54 -7.10
CA LEU A 79 6.72 -1.17 -6.50
C LEU A 79 7.04 -2.32 -5.54
N TYR A 80 8.32 -2.59 -5.31
CA TYR A 80 8.69 -3.68 -4.42
C TYR A 80 10.07 -3.45 -3.80
N ASP A 81 10.43 -2.19 -3.64
CA ASP A 81 11.75 -1.86 -3.12
C ASP A 81 11.70 -0.60 -2.25
N GLY A 82 11.52 0.55 -2.87
CA GLY A 82 11.44 1.79 -2.12
C GLY A 82 12.20 2.93 -2.76
N PHE A 83 13.15 2.62 -3.63
CA PHE A 83 13.92 3.66 -4.30
C PHE A 83 13.07 4.43 -5.30
N CYS A 84 13.51 5.65 -5.61
CA CYS A 84 12.79 6.54 -6.50
C CYS A 84 13.55 6.70 -7.82
N LEU A 85 14.42 5.73 -8.10
CA LEU A 85 15.22 5.69 -9.34
C LEU A 85 16.28 6.78 -9.36
N GLU A 86 15.90 7.98 -9.79
CA GLU A 86 16.85 9.07 -9.93
C GLU A 86 16.90 9.96 -8.70
N ASP A 87 15.78 10.60 -8.39
CA ASP A 87 15.73 11.49 -7.24
C ASP A 87 15.17 10.75 -6.03
N GLY A 88 16.07 10.19 -5.23
CA GLY A 88 15.65 9.37 -4.10
C GLY A 88 15.37 10.19 -2.86
N ALA A 89 14.26 10.91 -2.87
CA ALA A 89 13.89 11.75 -1.74
C ALA A 89 12.63 11.24 -1.06
N TYR A 90 12.05 10.17 -1.59
CA TYR A 90 10.81 9.65 -1.07
C TYR A 90 10.89 8.13 -0.91
N SER A 91 11.94 7.68 -0.24
CA SER A 91 12.18 6.26 -0.04
C SER A 91 11.08 5.63 0.83
N VAL A 92 10.35 4.70 0.24
CA VAL A 92 9.28 4.01 0.96
C VAL A 92 9.71 2.60 1.38
N ALA A 93 8.94 1.96 2.24
CA ALA A 93 9.29 0.64 2.75
C ALA A 93 8.53 -0.45 2.02
N ALA A 94 9.11 -1.65 2.02
CA ALA A 94 8.51 -2.79 1.34
C ALA A 94 8.29 -3.91 2.35
N TYR A 95 7.04 -4.15 2.68
CA TYR A 95 6.68 -5.17 3.65
C TYR A 95 6.60 -6.55 3.00
N ASP A 96 6.24 -7.55 3.79
CA ASP A 96 6.05 -8.89 3.26
C ASP A 96 4.58 -9.27 3.34
N THR A 97 4.07 -9.89 2.29
CA THR A 97 2.65 -10.21 2.21
C THR A 97 2.43 -11.63 1.73
N GLN A 98 1.25 -12.17 1.97
CA GLN A 98 0.91 -13.51 1.50
C GLN A 98 -0.53 -13.53 0.97
N VAL A 99 -0.77 -14.45 0.05
CA VAL A 99 -2.11 -14.72 -0.45
C VAL A 99 -2.35 -16.21 -0.33
N THR A 100 -3.41 -16.61 0.37
CA THR A 100 -3.63 -18.03 0.60
C THR A 100 -5.06 -18.47 0.29
N ASN A 101 -6.02 -17.94 1.04
CA ASN A 101 -7.41 -18.37 0.92
C ASN A 101 -8.21 -17.37 0.11
N GLY A 102 -7.53 -16.68 -0.79
CA GLY A 102 -8.18 -15.64 -1.57
C GLY A 102 -8.16 -14.32 -0.84
N ASN A 103 -7.52 -14.33 0.32
CA ASN A 103 -7.37 -13.13 1.13
C ASN A 103 -5.92 -12.71 1.18
N VAL A 104 -5.69 -11.44 1.48
CA VAL A 104 -4.35 -10.90 1.53
C VAL A 104 -3.95 -10.56 2.96
N GLN A 105 -2.86 -11.15 3.44
CA GLN A 105 -2.37 -10.91 4.78
C GLN A 105 -0.91 -10.48 4.73
N ILE A 106 -0.55 -9.47 5.50
CA ILE A 106 0.83 -8.97 5.51
C ILE A 106 1.52 -9.34 6.81
N SER A 107 2.83 -9.45 6.76
CA SER A 107 3.63 -9.69 7.93
C SER A 107 4.32 -8.40 8.34
N ILE A 108 3.72 -7.70 9.29
CA ILE A 108 4.29 -6.48 9.80
C ILE A 108 4.75 -6.64 11.23
N ALA A 109 5.91 -7.27 11.40
CA ALA A 109 6.46 -7.46 12.73
C ALA A 109 7.10 -6.18 13.21
N ASP A 110 7.42 -5.35 12.26
CA ASP A 110 8.04 -4.06 12.51
C ASP A 110 7.60 -3.04 11.47
N SER A 111 7.21 -1.87 11.96
CA SER A 111 6.86 -0.74 11.12
C SER A 111 6.98 0.53 11.96
N ASP A 112 5.98 0.75 12.79
CA ASP A 112 6.02 1.80 13.80
C ASP A 112 5.16 1.35 14.98
N VAL A 113 5.79 1.21 16.14
CA VAL A 113 5.12 0.64 17.30
C VAL A 113 3.82 1.36 17.63
N ALA A 114 2.73 0.63 17.58
CA ALA A 114 1.42 1.19 17.85
C ALA A 114 1.11 1.21 19.34
N VAL A 115 1.53 2.28 20.00
CA VAL A 115 1.19 2.49 21.39
C VAL A 115 -0.13 3.23 21.47
N ASP A 116 -1.19 2.48 21.60
CA ASP A 116 -2.54 3.03 21.59
C ASP A 116 -3.45 2.12 22.40
N ASN A 117 -4.72 2.04 22.03
CA ASN A 117 -5.68 1.20 22.73
C ASN A 117 -5.38 -0.28 22.48
N SER A 118 -5.47 -1.07 23.54
CA SER A 118 -5.28 -2.52 23.44
C SER A 118 -6.40 -3.10 22.57
N GLN A 119 -7.61 -2.66 22.84
CA GLN A 119 -8.75 -3.00 22.01
C GLN A 119 -9.39 -1.74 21.48
N PRO A 120 -9.58 -1.66 20.15
CA PRO A 120 -10.26 -0.52 19.52
C PRO A 120 -11.74 -0.49 19.86
N LEU A 121 -12.42 0.56 19.42
CA LEU A 121 -13.86 0.67 19.61
C LEU A 121 -14.58 -0.45 18.87
N PRO A 122 -15.78 -0.83 19.32
CA PRO A 122 -16.56 -1.91 18.71
C PRO A 122 -16.72 -1.74 17.19
N LEU A 123 -16.00 -2.55 16.44
CA LEU A 123 -16.06 -2.51 14.99
C LEU A 123 -16.94 -3.65 14.49
N GLU A 124 -17.79 -3.33 13.53
CA GLU A 124 -18.73 -4.31 12.98
C GLU A 124 -17.99 -5.35 12.15
N HIS A 125 -17.85 -6.53 12.73
CA HIS A 125 -17.22 -7.65 12.03
C HIS A 125 -18.27 -8.70 11.72
N HIS A 126 -18.83 -8.62 10.51
CA HIS A 126 -19.93 -9.48 10.11
C HIS A 126 -19.43 -10.58 9.18
N HIS A 127 -19.29 -11.77 9.72
CA HIS A 127 -18.85 -12.94 8.97
C HIS A 127 -18.86 -14.14 9.89
N HIS A 128 -19.14 -15.32 9.35
CA HIS A 128 -19.14 -16.56 10.14
C HIS A 128 -17.82 -16.72 10.88
N HIS A 129 -17.84 -16.42 12.17
CA HIS A 129 -16.63 -16.38 12.97
C HIS A 129 -16.32 -17.75 13.56
N HIS A 130 -15.05 -18.13 13.49
CA HIS A 130 -14.58 -19.34 14.16
C HIS A 130 -13.95 -18.97 15.49
N MET A 1 -2.29 -17.11 9.54
CA MET A 1 -1.95 -15.89 10.29
C MET A 1 -0.95 -16.22 11.40
N SER A 2 0.28 -15.77 11.23
CA SER A 2 1.30 -15.94 12.26
C SER A 2 1.93 -14.59 12.61
N GLN A 3 2.92 -14.18 11.83
CA GLN A 3 3.50 -12.86 11.96
C GLN A 3 2.96 -11.99 10.83
N TRP A 4 1.85 -12.45 10.27
CA TRP A 4 1.23 -11.82 9.12
C TRP A 4 -0.15 -11.32 9.49
N THR A 5 -0.35 -10.02 9.41
CA THR A 5 -1.65 -9.45 9.71
C THR A 5 -2.51 -9.43 8.46
N THR A 6 -3.78 -9.78 8.62
CA THR A 6 -4.69 -9.92 7.49
C THR A 6 -5.20 -8.55 7.02
N VAL A 7 -4.97 -8.23 5.76
CA VAL A 7 -5.40 -6.96 5.20
C VAL A 7 -6.84 -7.05 4.72
N CYS A 8 -7.02 -7.59 3.53
CA CYS A 8 -8.33 -7.71 2.92
C CYS A 8 -8.31 -8.86 1.91
N LYS A 9 -9.44 -9.08 1.24
CA LYS A 9 -9.53 -10.11 0.21
C LYS A 9 -8.74 -9.70 -1.03
N LEU A 10 -8.19 -10.69 -1.71
CA LEU A 10 -7.38 -10.47 -2.89
C LEU A 10 -8.23 -9.91 -4.04
N ASP A 11 -9.51 -10.24 -4.00
CA ASP A 11 -10.42 -9.90 -5.09
C ASP A 11 -11.21 -8.64 -4.76
N ASP A 12 -11.06 -8.18 -3.52
CA ASP A 12 -11.63 -6.90 -3.12
C ASP A 12 -10.93 -5.78 -3.87
N ILE A 13 -9.67 -6.04 -4.18
CA ILE A 13 -8.84 -5.09 -4.90
C ILE A 13 -8.72 -5.50 -6.37
N LEU A 14 -9.04 -4.57 -7.27
CA LEU A 14 -9.06 -4.87 -8.69
C LEU A 14 -7.71 -4.57 -9.33
N PRO A 15 -7.32 -5.38 -10.34
CA PRO A 15 -6.07 -5.19 -11.09
C PRO A 15 -6.02 -3.82 -11.77
N GLY A 16 -4.81 -3.28 -11.89
CA GLY A 16 -4.63 -1.97 -12.48
C GLY A 16 -4.95 -0.87 -11.49
N THR A 17 -4.79 -1.16 -10.20
CA THR A 17 -5.13 -0.20 -9.15
C THR A 17 -4.11 -0.29 -8.02
N GLY A 18 -4.27 0.55 -7.01
CA GLY A 18 -3.37 0.53 -5.87
C GLY A 18 -3.67 1.64 -4.89
N VAL A 19 -4.28 1.30 -3.76
CA VAL A 19 -4.63 2.28 -2.74
C VAL A 19 -4.27 1.78 -1.35
N CYS A 20 -4.36 2.66 -0.37
CA CYS A 20 -4.04 2.32 1.01
C CYS A 20 -5.21 1.64 1.70
N ALA A 21 -4.90 0.56 2.41
CA ALA A 21 -5.89 -0.13 3.23
C ALA A 21 -5.55 0.04 4.70
N LEU A 22 -6.57 0.17 5.53
CA LEU A 22 -6.37 0.36 6.96
C LEU A 22 -6.06 -0.99 7.61
N VAL A 23 -4.78 -1.22 7.87
CA VAL A 23 -4.34 -2.46 8.47
C VAL A 23 -4.06 -2.26 9.95
N GLU A 24 -5.14 -2.27 10.73
CA GLU A 24 -5.08 -2.10 12.19
C GLU A 24 -4.59 -0.72 12.59
N GLN A 25 -3.30 -0.48 12.46
CA GLN A 25 -2.70 0.79 12.88
C GLN A 25 -2.10 1.55 11.70
N GLN A 26 -1.54 0.82 10.74
CA GLN A 26 -0.85 1.45 9.62
C GLN A 26 -1.69 1.42 8.36
N GLN A 27 -1.42 2.38 7.48
CA GLN A 27 -2.00 2.37 6.14
C GLN A 27 -1.02 1.70 5.19
N ILE A 28 -1.42 0.59 4.60
CA ILE A 28 -0.57 -0.11 3.64
C ILE A 28 -1.21 -0.04 2.25
N ALA A 29 -0.43 0.40 1.28
CA ALA A 29 -0.91 0.50 -0.09
C ALA A 29 -0.72 -0.82 -0.80
N VAL A 30 -1.77 -1.28 -1.45
CA VAL A 30 -1.72 -2.57 -2.12
C VAL A 30 -1.74 -2.35 -3.63
N PHE A 31 -0.55 -2.37 -4.22
CA PHE A 31 -0.41 -2.19 -5.66
C PHE A 31 -0.89 -3.43 -6.40
N ARG A 32 -1.53 -3.21 -7.52
CA ARG A 32 -1.98 -4.31 -8.36
C ARG A 32 -1.62 -4.04 -9.82
N PRO A 33 -0.32 -3.87 -10.14
CA PRO A 33 0.14 -3.63 -11.50
C PRO A 33 0.19 -4.92 -12.30
N ARG A 34 0.27 -6.02 -11.57
CA ARG A 34 0.23 -7.35 -12.16
C ARG A 34 -1.20 -7.76 -12.41
N ASN A 35 -1.41 -8.58 -13.42
CA ASN A 35 -2.75 -9.08 -13.73
C ASN A 35 -3.16 -10.15 -12.72
N ASP A 36 -3.53 -9.68 -11.53
CA ASP A 36 -3.98 -10.54 -10.44
C ASP A 36 -2.86 -11.47 -9.97
N GLU A 37 -3.17 -12.29 -8.95
CA GLU A 37 -2.29 -13.31 -8.42
C GLU A 37 -1.05 -12.76 -7.71
N GLN A 38 -0.64 -11.55 -8.05
CA GLN A 38 0.52 -10.93 -7.44
C GLN A 38 0.22 -9.49 -7.05
N VAL A 39 0.23 -9.23 -5.76
CA VAL A 39 0.01 -7.88 -5.24
C VAL A 39 1.28 -7.32 -4.64
N TYR A 40 1.30 -6.01 -4.45
CA TYR A 40 2.41 -5.36 -3.78
C TYR A 40 1.90 -4.49 -2.63
N ALA A 41 1.72 -5.09 -1.47
CA ALA A 41 1.25 -4.37 -0.31
C ALA A 41 2.43 -3.83 0.49
N ILE A 42 2.74 -2.56 0.28
CA ILE A 42 3.92 -1.96 0.89
C ILE A 42 3.58 -0.63 1.54
N SER A 43 4.55 -0.04 2.20
CA SER A 43 4.36 1.25 2.86
C SER A 43 4.56 2.38 1.85
N ASN A 44 3.58 2.58 0.99
CA ASN A 44 3.67 3.63 -0.03
C ASN A 44 2.40 4.46 -0.03
N ILE A 45 2.36 5.46 0.83
CA ILE A 45 1.20 6.33 0.95
C ILE A 45 1.64 7.75 0.66
N ASP A 46 1.37 8.64 1.60
CA ASP A 46 1.79 10.02 1.52
C ASP A 46 1.42 10.71 2.82
N PRO A 47 2.27 11.60 3.32
CA PRO A 47 2.01 12.31 4.55
C PRO A 47 1.36 13.67 4.33
N PHE A 48 0.58 13.78 3.25
CA PHE A 48 -0.10 15.03 2.95
C PHE A 48 -1.61 14.82 2.98
N ALA A 49 -2.08 13.77 2.33
CA ALA A 49 -3.51 13.50 2.24
C ALA A 49 -3.84 12.11 2.77
N GLN A 50 -2.81 11.26 2.90
CA GLN A 50 -2.99 9.89 3.34
C GLN A 50 -3.93 9.11 2.41
N ALA A 51 -3.56 8.98 1.14
CA ALA A 51 -4.39 8.28 0.17
C ALA A 51 -3.55 7.62 -0.90
N SER A 52 -2.26 7.48 -0.64
CA SER A 52 -1.34 6.85 -1.57
C SER A 52 -1.27 7.63 -2.88
N VAL A 53 -0.91 8.90 -2.79
CA VAL A 53 -0.79 9.75 -3.97
C VAL A 53 0.46 9.38 -4.76
N LEU A 54 1.29 8.54 -4.15
CA LEU A 54 2.49 8.02 -4.80
C LEU A 54 2.17 6.76 -5.58
N SER A 55 0.95 6.26 -5.38
CA SER A 55 0.52 5.01 -6.01
C SER A 55 -0.41 5.27 -7.20
N ARG A 56 -1.35 6.20 -7.01
CA ARG A 56 -2.39 6.47 -8.00
C ARG A 56 -1.89 7.38 -9.12
N GLY A 57 -0.74 7.03 -9.69
CA GLY A 57 -0.18 7.83 -10.76
C GLY A 57 0.10 7.03 -12.02
N ILE A 58 1.36 6.94 -12.36
CA ILE A 58 1.81 6.28 -13.58
C ILE A 58 2.49 4.96 -13.26
N VAL A 59 1.93 3.89 -13.80
CA VAL A 59 2.54 2.58 -13.68
C VAL A 59 3.57 2.40 -14.79
N ALA A 60 4.83 2.65 -14.46
CA ALA A 60 5.90 2.57 -15.44
C ALA A 60 6.72 1.30 -15.24
N GLU A 61 6.73 0.45 -16.25
CA GLU A 61 7.54 -0.75 -16.22
C GLU A 61 8.88 -0.48 -16.87
N HIS A 62 9.95 -0.67 -16.12
CA HIS A 62 11.27 -0.33 -16.60
C HIS A 62 12.13 -1.58 -16.70
N GLN A 63 12.30 -2.07 -17.93
CA GLN A 63 13.05 -3.30 -18.20
C GLN A 63 12.33 -4.52 -17.63
N ASP A 64 12.52 -4.79 -16.35
CA ASP A 64 11.86 -5.92 -15.70
C ASP A 64 11.04 -5.45 -14.50
N ASP A 65 11.50 -4.38 -13.87
CA ASP A 65 10.90 -3.93 -12.62
C ASP A 65 9.70 -3.03 -12.87
N LEU A 66 8.88 -2.89 -11.85
CA LEU A 66 7.70 -2.04 -11.92
C LEU A 66 7.92 -0.80 -11.07
N TRP A 67 8.01 0.35 -11.71
CA TRP A 67 8.30 1.59 -11.01
C TRP A 67 7.08 2.49 -11.02
N VAL A 68 6.43 2.63 -9.88
CA VAL A 68 5.26 3.48 -9.77
C VAL A 68 5.70 4.94 -9.69
N ALA A 69 5.04 5.79 -10.47
CA ALA A 69 5.36 7.20 -10.48
C ALA A 69 4.15 8.02 -10.05
N SER A 70 4.38 8.96 -9.16
CA SER A 70 3.32 9.86 -8.71
C SER A 70 3.00 10.89 -9.80
N PRO A 71 1.72 11.29 -9.91
CA PRO A 71 1.26 12.20 -10.97
C PRO A 71 2.00 13.53 -10.97
N LEU A 72 2.03 14.19 -9.81
CA LEU A 72 2.66 15.50 -9.70
C LEU A 72 4.13 15.39 -9.28
N LYS A 73 4.39 14.57 -8.26
CA LYS A 73 5.74 14.40 -7.75
C LYS A 73 6.65 13.75 -8.79
N LYS A 74 6.05 12.86 -9.58
CA LYS A 74 6.75 12.18 -10.68
C LYS A 74 7.92 11.35 -10.15
N GLN A 75 7.79 10.89 -8.93
CA GLN A 75 8.83 10.09 -8.29
C GLN A 75 8.59 8.60 -8.53
N HIS A 76 9.67 7.89 -8.85
CA HIS A 76 9.60 6.50 -9.23
C HIS A 76 10.01 5.59 -8.08
N PHE A 77 9.16 4.64 -7.74
CA PHE A 77 9.46 3.68 -6.68
C PHE A 77 9.38 2.26 -7.23
N ARG A 78 10.46 1.50 -7.06
CA ARG A 78 10.49 0.12 -7.52
C ARG A 78 9.63 -0.76 -6.63
N LEU A 79 8.53 -1.24 -7.18
CA LEU A 79 7.59 -2.08 -6.44
C LEU A 79 8.15 -3.48 -6.28
N TYR A 80 8.99 -3.65 -5.26
CA TYR A 80 9.60 -4.92 -4.96
C TYR A 80 10.37 -4.80 -3.65
N ASP A 81 11.30 -3.87 -3.60
CA ASP A 81 12.09 -3.62 -2.41
C ASP A 81 11.93 -2.17 -1.95
N GLY A 82 11.34 -1.35 -2.81
CA GLY A 82 11.12 0.05 -2.47
C GLY A 82 12.22 0.94 -2.97
N PHE A 83 13.11 0.39 -3.78
CA PHE A 83 14.24 1.14 -4.33
C PHE A 83 13.77 2.29 -5.20
N CYS A 84 14.19 3.48 -4.85
CA CYS A 84 13.91 4.65 -5.65
C CYS A 84 15.08 4.89 -6.60
N LEU A 85 14.81 5.38 -7.80
CA LEU A 85 15.87 5.64 -8.77
C LEU A 85 16.76 6.76 -8.25
N GLU A 86 16.16 7.93 -8.09
CA GLU A 86 16.80 9.08 -7.44
C GLU A 86 15.73 9.84 -6.68
N ASP A 87 14.60 9.17 -6.54
CA ASP A 87 13.36 9.77 -6.08
C ASP A 87 13.18 9.57 -4.58
N GLY A 88 14.30 9.53 -3.86
CA GLY A 88 14.25 9.27 -2.43
C GLY A 88 13.84 10.49 -1.61
N ALA A 89 12.81 11.19 -2.08
CA ALA A 89 12.31 12.36 -1.37
C ALA A 89 11.29 11.93 -0.32
N TYR A 90 10.72 10.74 -0.53
CA TYR A 90 9.80 10.14 0.41
C TYR A 90 10.29 8.75 0.78
N SER A 91 11.08 8.68 1.83
CA SER A 91 11.67 7.44 2.28
C SER A 91 10.60 6.41 2.67
N VAL A 92 10.34 5.48 1.77
CA VAL A 92 9.36 4.43 2.01
C VAL A 92 10.02 3.06 1.88
N ALA A 93 9.36 2.04 2.42
CA ALA A 93 9.90 0.68 2.38
C ALA A 93 8.80 -0.30 2.04
N ALA A 94 9.17 -1.56 1.83
CA ALA A 94 8.23 -2.57 1.48
C ALA A 94 7.91 -3.43 2.70
N TYR A 95 7.42 -4.61 2.43
CA TYR A 95 7.03 -5.56 3.47
C TYR A 95 7.05 -6.97 2.91
N ASP A 96 6.91 -7.95 3.80
CA ASP A 96 6.73 -9.33 3.38
C ASP A 96 5.24 -9.59 3.22
N THR A 97 4.85 -10.11 2.06
CA THR A 97 3.43 -10.30 1.76
C THR A 97 3.17 -11.73 1.29
N GLN A 98 2.16 -12.37 1.84
CA GLN A 98 1.73 -13.66 1.36
C GLN A 98 0.28 -13.61 0.92
N VAL A 99 -0.03 -14.30 -0.17
CA VAL A 99 -1.37 -14.34 -0.68
C VAL A 99 -2.01 -15.69 -0.35
N THR A 100 -2.68 -15.74 0.77
CA THR A 100 -3.32 -16.96 1.23
C THR A 100 -4.68 -17.15 0.57
N ASN A 101 -4.66 -17.70 -0.64
CA ASN A 101 -5.87 -18.11 -1.36
C ASN A 101 -6.67 -16.91 -1.84
N GLY A 102 -7.48 -16.34 -0.96
CA GLY A 102 -8.34 -15.25 -1.35
C GLY A 102 -8.17 -14.02 -0.47
N ASN A 103 -7.17 -14.04 0.39
CA ASN A 103 -6.88 -12.89 1.25
C ASN A 103 -5.38 -12.64 1.33
N VAL A 104 -5.01 -11.39 1.56
CA VAL A 104 -3.60 -11.00 1.60
C VAL A 104 -3.17 -10.71 3.03
N GLN A 105 -2.04 -11.28 3.43
CA GLN A 105 -1.49 -11.06 4.76
C GLN A 105 -0.03 -10.61 4.66
N ILE A 106 0.30 -9.50 5.31
CA ILE A 106 1.65 -8.98 5.27
C ILE A 106 2.29 -8.98 6.65
N SER A 107 3.61 -9.00 6.69
CA SER A 107 4.34 -8.97 7.93
C SER A 107 4.79 -7.54 8.23
N ILE A 108 4.14 -6.90 9.18
CA ILE A 108 4.47 -5.52 9.53
C ILE A 108 5.70 -5.46 10.43
N ALA A 109 6.52 -4.44 10.22
CA ALA A 109 7.77 -4.30 10.95
C ALA A 109 7.86 -2.92 11.58
N ASP A 110 6.72 -2.29 11.76
CA ASP A 110 6.67 -0.94 12.33
C ASP A 110 5.25 -0.64 12.81
N SER A 111 5.05 0.56 13.32
CA SER A 111 3.74 0.99 13.80
C SER A 111 3.45 2.41 13.36
N ASP A 112 4.42 3.03 12.68
CA ASP A 112 4.36 4.42 12.26
C ASP A 112 4.24 5.36 13.46
N VAL A 113 5.39 5.87 13.90
CA VAL A 113 5.41 6.85 14.97
C VAL A 113 5.61 8.23 14.38
N ALA A 114 4.60 9.06 14.48
CA ALA A 114 4.63 10.40 13.93
C ALA A 114 4.00 11.39 14.89
N VAL A 115 4.35 12.66 14.74
CA VAL A 115 3.77 13.70 15.57
C VAL A 115 2.45 14.17 14.99
N ASP A 116 1.48 14.44 15.87
CA ASP A 116 0.15 14.83 15.43
C ASP A 116 0.16 16.26 14.90
N ASN A 117 -0.70 16.52 13.92
CA ASN A 117 -0.90 17.88 13.47
C ASN A 117 -1.94 18.56 14.35
N SER A 118 -1.45 19.24 15.38
CA SER A 118 -2.29 19.84 16.39
C SER A 118 -3.18 20.94 15.81
N GLN A 119 -2.79 21.46 14.66
CA GLN A 119 -3.61 22.43 13.95
C GLN A 119 -3.90 21.93 12.55
N PRO A 120 -5.04 21.24 12.38
CA PRO A 120 -5.50 20.76 11.08
C PRO A 120 -6.15 21.88 10.26
N LEU A 121 -6.35 21.62 8.98
CA LEU A 121 -7.00 22.58 8.10
C LEU A 121 -8.48 22.25 7.96
N PRO A 122 -9.34 23.27 7.99
CA PRO A 122 -10.79 23.09 7.85
C PRO A 122 -11.16 22.44 6.53
N LEU A 123 -11.68 21.22 6.61
CA LEU A 123 -12.07 20.47 5.42
C LEU A 123 -13.41 20.96 4.89
N GLU A 124 -14.10 21.77 5.69
CA GLU A 124 -15.42 22.26 5.33
C GLU A 124 -15.34 23.40 4.33
N HIS A 125 -16.15 23.31 3.29
CA HIS A 125 -16.36 24.46 2.40
C HIS A 125 -17.50 25.28 2.99
N HIS A 126 -17.15 26.35 3.69
CA HIS A 126 -18.10 27.07 4.51
C HIS A 126 -19.08 27.87 3.63
N HIS A 127 -18.62 29.01 3.15
CA HIS A 127 -19.49 29.88 2.37
C HIS A 127 -18.64 30.93 1.66
N HIS A 128 -19.03 31.28 0.44
CA HIS A 128 -18.31 32.29 -0.32
C HIS A 128 -18.47 33.65 0.36
N HIS A 129 -17.36 34.35 0.55
CA HIS A 129 -17.38 35.65 1.21
C HIS A 129 -18.05 36.67 0.31
N HIS A 130 -17.66 36.67 -0.96
CA HIS A 130 -18.34 37.45 -1.98
C HIS A 130 -18.09 36.80 -3.34
N MET A 1 -2.98 -13.77 11.29
CA MET A 1 -2.23 -15.05 11.38
C MET A 1 -1.20 -14.98 12.50
N SER A 2 -0.03 -14.43 12.21
CA SER A 2 1.01 -14.26 13.21
C SER A 2 1.52 -12.81 13.17
N GLN A 3 2.42 -12.53 12.25
CA GLN A 3 2.77 -11.17 11.91
C GLN A 3 2.18 -10.84 10.56
N TRP A 4 1.55 -11.86 10.00
CA TRP A 4 0.82 -11.72 8.74
C TRP A 4 -0.61 -11.26 9.04
N THR A 5 -0.91 -10.04 8.67
CA THR A 5 -2.24 -9.51 8.83
C THR A 5 -2.99 -9.58 7.50
N THR A 6 -4.24 -10.00 7.54
CA THR A 6 -5.00 -10.24 6.33
C THR A 6 -5.58 -8.95 5.74
N VAL A 7 -5.28 -8.72 4.46
CA VAL A 7 -5.82 -7.57 3.72
C VAL A 7 -7.26 -7.87 3.29
N CYS A 8 -7.70 -9.08 3.63
CA CYS A 8 -9.10 -9.51 3.52
C CYS A 8 -9.41 -10.07 2.14
N LYS A 9 -9.23 -9.27 1.10
CA LYS A 9 -9.53 -9.74 -0.25
C LYS A 9 -8.57 -9.15 -1.27
N LEU A 10 -8.27 -9.94 -2.30
CA LEU A 10 -7.65 -9.45 -3.51
C LEU A 10 -8.75 -8.91 -4.41
N ASP A 11 -9.94 -9.45 -4.20
CA ASP A 11 -11.14 -9.10 -4.96
C ASP A 11 -11.48 -7.63 -4.79
N ASP A 12 -11.31 -7.14 -3.57
CA ASP A 12 -11.68 -5.77 -3.25
C ASP A 12 -10.62 -4.82 -3.77
N ILE A 13 -9.50 -5.37 -4.21
CA ILE A 13 -8.43 -4.56 -4.76
C ILE A 13 -8.57 -4.47 -6.27
N LEU A 14 -8.85 -3.28 -6.77
CA LEU A 14 -9.04 -3.07 -8.20
C LEU A 14 -7.73 -3.22 -8.97
N PRO A 15 -7.79 -3.88 -10.15
CA PRO A 15 -6.62 -4.07 -11.01
C PRO A 15 -6.12 -2.76 -11.61
N GLY A 16 -4.84 -2.50 -11.46
CA GLY A 16 -4.24 -1.29 -11.98
C GLY A 16 -4.34 -0.14 -10.99
N THR A 17 -4.34 -0.45 -9.69
CA THR A 17 -4.52 0.57 -8.67
C THR A 17 -4.02 0.09 -7.31
N GLY A 18 -4.00 1.00 -6.34
CA GLY A 18 -3.61 0.65 -4.99
C GLY A 18 -4.02 1.71 -4.00
N VAL A 19 -4.52 1.28 -2.84
CA VAL A 19 -4.94 2.22 -1.80
C VAL A 19 -4.38 1.82 -0.45
N CYS A 20 -4.49 2.72 0.52
CA CYS A 20 -3.97 2.47 1.86
C CYS A 20 -4.90 1.56 2.65
N ALA A 21 -4.45 0.33 2.87
CA ALA A 21 -5.18 -0.60 3.71
C ALA A 21 -5.02 -0.21 5.17
N LEU A 22 -6.09 0.34 5.75
CA LEU A 22 -6.06 0.78 7.13
C LEU A 22 -6.19 -0.42 8.05
N VAL A 23 -5.07 -0.79 8.66
CA VAL A 23 -5.06 -1.89 9.60
C VAL A 23 -4.63 -1.39 10.98
N GLU A 24 -5.63 -1.04 11.79
CA GLU A 24 -5.41 -0.57 13.17
C GLU A 24 -4.56 0.71 13.21
N GLN A 25 -3.25 0.54 13.18
CA GLN A 25 -2.33 1.66 13.31
C GLN A 25 -1.46 1.79 12.06
N GLN A 26 -1.64 0.87 11.12
CA GLN A 26 -0.78 0.83 9.95
C GLN A 26 -1.54 1.26 8.70
N GLN A 27 -0.87 2.03 7.85
CA GLN A 27 -1.39 2.40 6.54
C GLN A 27 -0.37 2.09 5.47
N ILE A 28 -0.69 1.14 4.61
CA ILE A 28 0.17 0.80 3.49
C ILE A 28 -0.64 0.69 2.20
N ALA A 29 -0.05 1.14 1.11
CA ALA A 29 -0.71 1.14 -0.17
C ALA A 29 -0.52 -0.20 -0.86
N VAL A 30 -1.61 -0.87 -1.16
CA VAL A 30 -1.54 -2.20 -1.77
C VAL A 30 -1.80 -2.12 -3.26
N PHE A 31 -0.72 -2.14 -4.03
CA PHE A 31 -0.81 -2.11 -5.48
C PHE A 31 -1.32 -3.43 -6.03
N ARG A 32 -2.25 -3.37 -6.96
CA ARG A 32 -2.57 -4.53 -7.77
C ARG A 32 -2.33 -4.19 -9.23
N PRO A 33 -1.08 -4.27 -9.69
CA PRO A 33 -0.69 -3.87 -11.04
C PRO A 33 -1.32 -4.75 -12.11
N ARG A 34 -1.52 -6.02 -11.80
CA ARG A 34 -2.05 -6.96 -12.78
C ARG A 34 -3.17 -7.82 -12.19
N ASN A 35 -3.53 -8.89 -12.90
CA ASN A 35 -4.76 -9.61 -12.62
C ASN A 35 -4.64 -10.58 -11.44
N ASP A 36 -3.43 -10.93 -11.07
CA ASP A 36 -3.24 -12.03 -10.12
C ASP A 36 -2.72 -11.54 -8.77
N GLU A 37 -2.23 -12.48 -7.96
CA GLU A 37 -1.85 -12.23 -6.56
C GLU A 37 -0.60 -11.35 -6.43
N GLN A 38 -0.11 -10.83 -7.54
CA GLN A 38 1.06 -9.95 -7.52
C GLN A 38 0.69 -8.57 -6.98
N VAL A 39 0.66 -8.45 -5.66
CA VAL A 39 0.35 -7.20 -5.02
C VAL A 39 1.59 -6.59 -4.37
N TYR A 40 1.55 -5.30 -4.11
CA TYR A 40 2.68 -4.61 -3.51
C TYR A 40 2.20 -3.67 -2.42
N ALA A 41 2.48 -4.02 -1.17
CA ALA A 41 2.09 -3.20 -0.04
C ALA A 41 3.25 -2.34 0.44
N ILE A 42 3.29 -1.11 -0.04
CA ILE A 42 4.40 -0.21 0.30
C ILE A 42 3.88 1.06 0.98
N SER A 43 4.80 1.84 1.53
CA SER A 43 4.45 3.07 2.24
C SER A 43 4.16 4.21 1.27
N ASN A 44 3.33 3.96 0.27
CA ASN A 44 3.07 4.93 -0.79
C ASN A 44 1.79 5.69 -0.51
N ILE A 45 1.64 6.15 0.73
CA ILE A 45 0.42 6.81 1.18
C ILE A 45 0.43 8.28 0.81
N ASP A 46 1.62 8.81 0.62
CA ASP A 46 1.83 10.22 0.29
C ASP A 46 1.47 11.14 1.47
N PRO A 47 2.42 11.96 1.91
CA PRO A 47 2.25 12.84 3.06
C PRO A 47 1.50 14.12 2.71
N PHE A 48 0.78 14.11 1.59
CA PHE A 48 0.01 15.27 1.17
C PHE A 48 -1.50 14.99 1.26
N ALA A 49 -1.90 13.75 0.97
CA ALA A 49 -3.31 13.41 0.94
C ALA A 49 -3.63 12.26 1.90
N GLN A 50 -2.62 11.48 2.25
CA GLN A 50 -2.75 10.37 3.19
C GLN A 50 -3.67 9.25 2.65
N ALA A 51 -3.88 9.22 1.34
CA ALA A 51 -4.81 8.26 0.75
C ALA A 51 -4.15 7.44 -0.35
N SER A 52 -2.83 7.35 -0.29
CA SER A 52 -2.06 6.56 -1.27
C SER A 52 -2.31 7.06 -2.68
N VAL A 53 -2.39 8.37 -2.81
CA VAL A 53 -2.72 8.99 -4.09
C VAL A 53 -1.62 8.78 -5.12
N LEU A 54 -0.42 8.45 -4.64
CA LEU A 54 0.70 8.18 -5.52
C LEU A 54 0.53 6.80 -6.15
N SER A 55 -0.32 5.98 -5.57
CA SER A 55 -0.55 4.64 -6.06
C SER A 55 -1.64 4.64 -7.13
N ARG A 56 -2.13 5.82 -7.44
CA ARG A 56 -3.13 5.99 -8.49
C ARG A 56 -2.42 6.54 -9.74
N GLY A 57 -1.10 6.52 -9.70
CA GLY A 57 -0.31 7.05 -10.80
C GLY A 57 -0.13 6.07 -11.93
N ILE A 58 0.98 6.19 -12.64
CA ILE A 58 1.23 5.38 -13.81
C ILE A 58 2.13 4.20 -13.46
N VAL A 59 1.71 3.02 -13.87
CA VAL A 59 2.50 1.83 -13.73
C VAL A 59 3.56 1.81 -14.82
N ALA A 60 4.77 2.23 -14.46
CA ALA A 60 5.85 2.35 -15.42
C ALA A 60 6.81 1.17 -15.31
N GLU A 61 6.62 0.20 -16.19
CA GLU A 61 7.48 -0.96 -16.24
C GLU A 61 8.71 -0.63 -17.09
N HIS A 62 9.85 -0.55 -16.44
CA HIS A 62 11.10 -0.25 -17.13
C HIS A 62 11.74 -1.55 -17.58
N GLN A 63 11.44 -1.96 -18.82
CA GLN A 63 11.95 -3.20 -19.40
C GLN A 63 11.40 -4.42 -18.67
N ASP A 64 11.92 -4.67 -17.48
CA ASP A 64 11.53 -5.81 -16.67
C ASP A 64 11.13 -5.36 -15.27
N ASP A 65 11.65 -4.21 -14.86
CA ASP A 65 11.46 -3.72 -13.50
C ASP A 65 10.11 -3.01 -13.38
N LEU A 66 9.68 -2.78 -12.15
CA LEU A 66 8.35 -2.21 -11.91
C LEU A 66 8.46 -0.93 -11.08
N TRP A 67 8.20 0.19 -11.73
CA TRP A 67 8.27 1.49 -11.08
C TRP A 67 6.89 2.15 -11.10
N VAL A 68 6.55 2.88 -10.05
CA VAL A 68 5.34 3.65 -10.06
C VAL A 68 5.66 5.12 -10.31
N ALA A 69 5.03 5.69 -11.32
CA ALA A 69 5.22 7.09 -11.65
C ALA A 69 4.32 7.96 -10.79
N SER A 70 4.91 8.68 -9.86
CA SER A 70 4.17 9.54 -8.96
C SER A 70 3.41 10.61 -9.72
N PRO A 71 2.08 10.67 -9.55
CA PRO A 71 1.25 11.68 -10.22
C PRO A 71 1.43 13.07 -9.62
N LEU A 72 2.14 13.14 -8.50
CA LEU A 72 2.37 14.40 -7.82
C LEU A 72 3.84 14.80 -7.87
N LYS A 73 4.72 13.88 -7.52
CA LYS A 73 6.15 14.15 -7.46
C LYS A 73 6.86 13.76 -8.75
N LYS A 74 6.13 13.11 -9.67
CA LYS A 74 6.65 12.76 -11.00
C LYS A 74 7.66 11.59 -10.95
N GLN A 75 8.46 11.55 -9.90
CA GLN A 75 9.52 10.55 -9.74
C GLN A 75 8.96 9.12 -9.73
N HIS A 76 9.85 8.19 -10.02
CA HIS A 76 9.51 6.76 -10.05
C HIS A 76 9.94 6.09 -8.76
N PHE A 77 8.99 5.46 -8.09
CA PHE A 77 9.30 4.64 -6.93
C PHE A 77 9.33 3.18 -7.36
N ARG A 78 10.43 2.49 -7.09
CA ARG A 78 10.54 1.08 -7.46
C ARG A 78 9.81 0.24 -6.43
N LEU A 79 8.76 -0.45 -6.89
CA LEU A 79 7.82 -1.14 -6.01
C LEU A 79 8.50 -2.14 -5.08
N TYR A 80 9.28 -3.04 -5.65
CA TYR A 80 9.88 -4.12 -4.88
C TYR A 80 11.26 -3.72 -4.37
N ASP A 81 11.43 -2.45 -4.08
CA ASP A 81 12.72 -1.91 -3.67
C ASP A 81 12.56 -0.80 -2.64
N GLY A 82 11.82 0.23 -3.00
CA GLY A 82 11.56 1.32 -2.09
C GLY A 82 12.21 2.63 -2.52
N PHE A 83 13.35 2.54 -3.18
CA PHE A 83 14.08 3.73 -3.59
C PHE A 83 13.47 4.37 -4.83
N CYS A 84 13.89 5.59 -5.12
CA CYS A 84 13.38 6.33 -6.26
C CYS A 84 14.42 6.38 -7.38
N LEU A 85 13.97 6.64 -8.60
CA LEU A 85 14.85 6.62 -9.76
C LEU A 85 15.59 7.94 -9.93
N GLU A 86 14.85 9.00 -10.20
CA GLU A 86 15.44 10.30 -10.49
C GLU A 86 15.59 11.15 -9.24
N ASP A 87 14.97 10.71 -8.16
CA ASP A 87 15.04 11.42 -6.89
C ASP A 87 15.27 10.41 -5.77
N GLY A 88 15.01 10.80 -4.52
CA GLY A 88 15.20 9.88 -3.42
C GLY A 88 14.99 10.53 -2.07
N ALA A 89 14.16 11.57 -2.03
CA ALA A 89 13.91 12.29 -0.80
C ALA A 89 12.82 11.60 0.03
N TYR A 90 12.34 10.47 -0.44
CA TYR A 90 11.30 9.73 0.27
C TYR A 90 11.76 8.33 0.63
N SER A 91 11.74 7.42 -0.35
CA SER A 91 12.08 6.02 -0.15
C SER A 91 11.05 5.33 0.74
N VAL A 92 10.25 4.46 0.14
CA VAL A 92 9.18 3.78 0.86
C VAL A 92 9.62 2.41 1.37
N ALA A 93 8.85 1.86 2.30
CA ALA A 93 9.10 0.51 2.78
C ALA A 93 8.16 -0.47 2.08
N ALA A 94 8.43 -1.75 2.21
CA ALA A 94 7.64 -2.78 1.54
C ALA A 94 7.46 -3.97 2.45
N TYR A 95 6.21 -4.29 2.75
CA TYR A 95 5.90 -5.44 3.59
C TYR A 95 5.77 -6.71 2.77
N ASP A 96 6.13 -7.83 3.38
CA ASP A 96 5.99 -9.13 2.74
C ASP A 96 4.53 -9.47 2.54
N THR A 97 4.22 -10.06 1.40
CA THR A 97 2.86 -10.47 1.10
C THR A 97 2.77 -11.99 0.95
N GLN A 98 1.89 -12.61 1.72
CA GLN A 98 1.69 -14.04 1.67
C GLN A 98 0.39 -14.38 0.98
N VAL A 99 0.45 -15.41 0.16
CA VAL A 99 -0.72 -15.96 -0.49
C VAL A 99 -1.26 -17.09 0.35
N THR A 100 -2.27 -16.79 1.14
CA THR A 100 -2.78 -17.76 2.11
C THR A 100 -3.84 -18.67 1.49
N ASN A 101 -4.37 -18.26 0.34
CA ASN A 101 -5.44 -18.98 -0.33
C ASN A 101 -5.86 -18.23 -1.59
N GLY A 102 -6.62 -17.17 -1.37
CA GLY A 102 -6.98 -16.27 -2.43
C GLY A 102 -7.13 -14.88 -1.87
N ASN A 103 -6.46 -14.68 -0.74
CA ASN A 103 -6.52 -13.45 0.02
C ASN A 103 -5.11 -13.06 0.43
N VAL A 104 -4.87 -11.77 0.63
CA VAL A 104 -3.52 -11.28 0.84
C VAL A 104 -3.23 -11.07 2.32
N GLN A 105 -2.03 -11.43 2.75
CA GLN A 105 -1.57 -11.12 4.10
C GLN A 105 -0.20 -10.46 4.05
N ILE A 106 -0.04 -9.36 4.77
CA ILE A 106 1.24 -8.68 4.82
C ILE A 106 1.86 -8.79 6.22
N SER A 107 3.18 -8.90 6.27
CA SER A 107 3.90 -8.93 7.53
C SER A 107 4.01 -7.52 8.10
N ILE A 108 3.25 -7.24 9.14
CA ILE A 108 3.33 -5.93 9.77
C ILE A 108 4.52 -5.85 10.71
N ALA A 109 5.15 -4.69 10.76
CA ALA A 109 6.31 -4.49 11.62
C ALA A 109 6.25 -3.12 12.26
N ASP A 110 5.94 -2.16 11.43
CA ASP A 110 5.77 -0.75 11.81
C ASP A 110 7.10 -0.11 12.18
N SER A 111 7.35 1.06 11.60
CA SER A 111 8.55 1.81 11.88
C SER A 111 8.24 2.94 12.84
N ASP A 112 7.78 4.06 12.29
CA ASP A 112 7.42 5.21 13.11
C ASP A 112 6.26 5.96 12.48
N VAL A 113 5.08 5.79 13.07
CA VAL A 113 3.88 6.48 12.63
C VAL A 113 3.43 7.45 13.71
N ALA A 114 2.94 8.61 13.31
CA ALA A 114 2.49 9.62 14.26
C ALA A 114 1.19 9.19 14.91
N VAL A 115 1.21 9.08 16.23
CA VAL A 115 0.05 8.64 16.98
C VAL A 115 -0.89 9.82 17.24
N ASP A 116 -2.18 9.59 17.09
CA ASP A 116 -3.19 10.61 17.30
C ASP A 116 -3.25 11.04 18.76
N ASN A 117 -3.93 12.14 19.01
CA ASN A 117 -4.08 12.66 20.36
C ASN A 117 -5.55 12.74 20.74
N SER A 118 -6.08 11.65 21.27
CA SER A 118 -7.48 11.60 21.68
C SER A 118 -7.63 12.28 23.03
N GLN A 119 -7.36 13.58 23.05
CA GLN A 119 -7.42 14.36 24.28
C GLN A 119 -8.84 14.40 24.83
N PRO A 120 -8.97 14.13 26.14
CA PRO A 120 -10.28 14.14 26.82
C PRO A 120 -10.77 15.55 27.09
N LEU A 121 -11.90 15.66 27.79
CA LEU A 121 -12.49 16.96 28.12
C LEU A 121 -11.58 17.74 29.06
N PRO A 122 -11.17 18.95 28.65
CA PRO A 122 -10.35 19.85 29.45
C PRO A 122 -11.18 20.58 30.50
N LEU A 123 -12.08 19.84 31.15
CA LEU A 123 -12.96 20.39 32.17
C LEU A 123 -12.16 20.99 33.33
N GLU A 124 -12.84 21.78 34.15
CA GLU A 124 -12.21 22.50 35.24
C GLU A 124 -11.41 21.58 36.14
N HIS A 125 -10.12 21.89 36.27
CA HIS A 125 -9.22 21.19 37.15
C HIS A 125 -7.97 22.02 37.33
N HIS A 126 -7.66 22.37 38.56
CA HIS A 126 -6.55 23.29 38.83
C HIS A 126 -5.21 22.65 38.49
N HIS A 127 -4.34 23.47 37.92
CA HIS A 127 -2.99 23.05 37.55
C HIS A 127 -2.15 24.31 37.33
N HIS A 128 -0.96 24.35 37.92
CA HIS A 128 -0.11 25.53 37.81
C HIS A 128 0.30 25.73 36.36
N HIS A 129 0.33 26.98 35.92
CA HIS A 129 0.69 27.30 34.56
C HIS A 129 2.19 27.55 34.45
N HIS A 130 2.64 27.97 33.28
CA HIS A 130 4.05 28.25 33.07
C HIS A 130 4.43 29.59 33.68
N MET A 1 7.32 -17.29 14.72
CA MET A 1 6.45 -16.77 13.65
C MET A 1 6.44 -15.24 13.67
N SER A 2 6.30 -14.65 12.50
CA SER A 2 6.18 -13.20 12.41
C SER A 2 4.72 -12.78 12.56
N GLN A 3 4.48 -11.48 12.63
CA GLN A 3 3.13 -10.97 12.87
C GLN A 3 2.29 -10.98 11.58
N TRP A 4 1.75 -12.13 11.24
CA TRP A 4 0.89 -12.24 10.06
C TRP A 4 -0.52 -11.76 10.40
N THR A 5 -0.94 -10.68 9.78
CA THR A 5 -2.26 -10.13 10.02
C THR A 5 -3.04 -10.03 8.71
N THR A 6 -4.31 -10.42 8.75
CA THR A 6 -5.17 -10.34 7.58
C THR A 6 -5.72 -8.92 7.43
N VAL A 7 -5.75 -8.43 6.20
CA VAL A 7 -6.35 -7.14 5.92
C VAL A 7 -7.75 -7.32 5.36
N CYS A 8 -7.82 -7.72 4.09
CA CYS A 8 -9.08 -7.96 3.42
C CYS A 8 -8.88 -8.99 2.31
N LYS A 9 -9.92 -9.21 1.50
CA LYS A 9 -9.82 -10.09 0.36
C LYS A 9 -8.94 -9.48 -0.73
N LEU A 10 -8.12 -10.29 -1.34
CA LEU A 10 -7.35 -9.89 -2.51
C LEU A 10 -8.24 -10.02 -3.73
N ASP A 11 -9.17 -10.95 -3.62
CA ASP A 11 -10.09 -11.29 -4.71
C ASP A 11 -11.03 -10.12 -4.98
N ASP A 12 -11.26 -9.29 -3.97
CA ASP A 12 -12.13 -8.14 -4.10
C ASP A 12 -11.32 -6.91 -4.55
N ILE A 13 -10.00 -7.08 -4.62
CA ILE A 13 -9.13 -6.03 -5.09
C ILE A 13 -9.18 -5.96 -6.62
N LEU A 14 -9.39 -4.76 -7.14
CA LEU A 14 -9.54 -4.56 -8.58
C LEU A 14 -8.20 -4.66 -9.30
N PRO A 15 -8.19 -5.32 -10.47
CA PRO A 15 -7.00 -5.43 -11.30
C PRO A 15 -6.59 -4.09 -11.91
N GLY A 16 -5.36 -3.69 -11.66
CA GLY A 16 -4.84 -2.46 -12.21
C GLY A 16 -4.99 -1.29 -11.26
N THR A 17 -4.99 -1.56 -9.95
CA THR A 17 -5.23 -0.50 -8.97
C THR A 17 -4.31 -0.64 -7.76
N GLY A 18 -4.47 0.27 -6.81
CA GLY A 18 -3.73 0.23 -5.56
C GLY A 18 -4.45 1.01 -4.49
N VAL A 19 -4.68 0.38 -3.35
CA VAL A 19 -5.52 1.00 -2.32
C VAL A 19 -4.82 1.15 -0.98
N CYS A 20 -5.15 2.24 -0.27
CA CYS A 20 -4.68 2.48 1.08
C CYS A 20 -5.40 1.57 2.05
N ALA A 21 -4.67 0.59 2.58
CA ALA A 21 -5.23 -0.37 3.51
C ALA A 21 -4.78 -0.05 4.93
N LEU A 22 -5.75 0.04 5.84
CA LEU A 22 -5.45 0.25 7.24
C LEU A 22 -5.23 -1.11 7.91
N VAL A 23 -3.98 -1.41 8.22
CA VAL A 23 -3.64 -2.68 8.81
C VAL A 23 -3.32 -2.51 10.29
N GLU A 24 -4.35 -2.62 11.12
CA GLU A 24 -4.25 -2.55 12.58
C GLU A 24 -3.84 -1.16 13.06
N GLN A 25 -2.63 -0.74 12.75
CA GLN A 25 -2.11 0.52 13.24
C GLN A 25 -1.37 1.30 12.15
N GLN A 26 -0.98 0.61 11.08
CA GLN A 26 -0.22 1.26 10.02
C GLN A 26 -0.96 1.25 8.69
N GLN A 27 -0.68 2.24 7.86
CA GLN A 27 -1.31 2.37 6.54
C GLN A 27 -0.35 1.93 5.44
N ILE A 28 -0.81 1.00 4.62
CA ILE A 28 -0.01 0.46 3.53
C ILE A 28 -0.78 0.51 2.23
N ALA A 29 -0.09 0.79 1.14
CA ALA A 29 -0.70 0.80 -0.19
C ALA A 29 -0.56 -0.57 -0.83
N VAL A 30 -1.67 -1.14 -1.24
CA VAL A 30 -1.65 -2.47 -1.83
C VAL A 30 -1.85 -2.40 -3.33
N PHE A 31 -0.76 -2.59 -4.06
CA PHE A 31 -0.80 -2.55 -5.52
C PHE A 31 -1.27 -3.86 -6.10
N ARG A 32 -2.22 -3.80 -7.01
CA ARG A 32 -2.54 -4.94 -7.86
C ARG A 32 -2.60 -4.47 -9.30
N PRO A 33 -1.42 -4.26 -9.93
CA PRO A 33 -1.35 -3.77 -11.30
C PRO A 33 -1.63 -4.87 -12.31
N ARG A 34 -1.49 -6.11 -11.85
CA ARG A 34 -1.73 -7.27 -12.69
C ARG A 34 -3.11 -7.84 -12.39
N ASN A 35 -3.60 -8.70 -13.27
CA ASN A 35 -4.89 -9.35 -13.05
C ASN A 35 -4.72 -10.53 -12.11
N ASP A 36 -3.48 -10.87 -11.85
CA ASP A 36 -3.15 -12.00 -10.98
C ASP A 36 -3.28 -11.62 -9.51
N GLU A 37 -3.17 -12.61 -8.64
CA GLU A 37 -3.27 -12.39 -7.21
C GLU A 37 -1.92 -11.99 -6.61
N GLN A 38 -1.12 -11.30 -7.41
CA GLN A 38 0.17 -10.80 -6.94
C GLN A 38 0.05 -9.32 -6.60
N VAL A 39 -0.02 -9.02 -5.32
CA VAL A 39 -0.14 -7.64 -4.87
C VAL A 39 1.18 -7.14 -4.29
N TYR A 40 1.28 -5.83 -4.16
CA TYR A 40 2.46 -5.20 -3.59
C TYR A 40 2.04 -4.31 -2.42
N ALA A 41 2.27 -4.79 -1.21
CA ALA A 41 1.97 -4.01 -0.03
C ALA A 41 3.19 -3.21 0.42
N ILE A 42 3.26 -1.96 -0.01
CA ILE A 42 4.35 -1.07 0.37
C ILE A 42 3.80 0.27 0.83
N SER A 43 4.61 1.04 1.53
CA SER A 43 4.17 2.34 2.02
C SER A 43 4.21 3.38 0.90
N ASN A 44 3.16 3.40 0.09
CA ASN A 44 3.08 4.36 -1.01
C ASN A 44 2.04 5.42 -0.68
N ILE A 45 1.70 5.50 0.60
CA ILE A 45 0.72 6.43 1.09
C ILE A 45 1.36 7.79 1.29
N ASP A 46 1.02 8.74 0.43
CA ASP A 46 1.56 10.09 0.51
C ASP A 46 1.17 10.74 1.83
N PRO A 47 2.14 11.33 2.54
CA PRO A 47 1.93 11.92 3.88
C PRO A 47 1.02 13.14 3.87
N PHE A 48 0.63 13.58 2.69
CA PHE A 48 -0.24 14.74 2.55
C PHE A 48 -1.60 14.30 2.00
N ALA A 49 -1.77 12.99 1.83
CA ALA A 49 -2.98 12.46 1.20
C ALA A 49 -3.62 11.35 2.04
N GLN A 50 -2.78 10.55 2.69
CA GLN A 50 -3.25 9.44 3.53
C GLN A 50 -3.97 8.37 2.69
N ALA A 51 -3.69 8.36 1.40
CA ALA A 51 -4.28 7.39 0.49
C ALA A 51 -3.28 7.03 -0.62
N SER A 52 -3.61 6.02 -1.40
CA SER A 52 -2.74 5.58 -2.48
C SER A 52 -2.89 6.45 -3.71
N VAL A 53 -2.61 7.74 -3.55
CA VAL A 53 -2.72 8.69 -4.64
C VAL A 53 -1.51 8.58 -5.56
N LEU A 54 -0.42 8.08 -5.02
CA LEU A 54 0.81 7.92 -5.76
C LEU A 54 0.76 6.64 -6.58
N SER A 55 -0.11 5.72 -6.16
CA SER A 55 -0.24 4.42 -6.79
C SER A 55 -0.97 4.52 -8.13
N ARG A 56 -1.75 5.59 -8.28
CA ARG A 56 -2.55 5.78 -9.48
C ARG A 56 -1.83 6.68 -10.48
N GLY A 57 -0.50 6.67 -10.40
CA GLY A 57 0.29 7.48 -11.30
C GLY A 57 0.67 6.73 -12.55
N ILE A 58 1.79 7.09 -13.14
CA ILE A 58 2.25 6.50 -14.39
C ILE A 58 3.05 5.24 -14.11
N VAL A 59 2.42 4.09 -14.33
CA VAL A 59 3.07 2.81 -14.17
C VAL A 59 4.00 2.56 -15.35
N ALA A 60 5.28 2.86 -15.16
CA ALA A 60 6.25 2.74 -16.23
C ALA A 60 7.20 1.57 -15.99
N GLU A 61 7.48 0.83 -17.05
CA GLU A 61 8.42 -0.27 -16.99
C GLU A 61 9.81 0.24 -17.34
N HIS A 62 10.64 0.42 -16.33
CA HIS A 62 11.96 0.99 -16.53
C HIS A 62 13.03 -0.08 -16.38
N GLN A 63 13.72 -0.35 -17.49
CA GLN A 63 14.80 -1.34 -17.55
C GLN A 63 14.27 -2.76 -17.41
N ASP A 64 14.08 -3.21 -16.18
CA ASP A 64 13.63 -4.58 -15.92
C ASP A 64 12.55 -4.61 -14.85
N ASP A 65 12.33 -3.47 -14.20
CA ASP A 65 11.41 -3.40 -13.08
C ASP A 65 10.22 -2.51 -13.40
N LEU A 66 9.33 -2.37 -12.42
CA LEU A 66 8.14 -1.55 -12.57
C LEU A 66 8.26 -0.35 -11.64
N TRP A 67 8.26 0.83 -12.24
CA TRP A 67 8.47 2.06 -11.49
C TRP A 67 7.29 3.00 -11.70
N VAL A 68 6.55 3.28 -10.64
CA VAL A 68 5.41 4.16 -10.75
C VAL A 68 5.83 5.62 -10.63
N ALA A 69 5.42 6.42 -11.60
CA ALA A 69 5.65 7.85 -11.56
C ALA A 69 4.48 8.53 -10.86
N SER A 70 4.69 8.89 -9.61
CA SER A 70 3.65 9.50 -8.79
C SER A 70 3.25 10.86 -9.35
N PRO A 71 1.95 11.16 -9.41
CA PRO A 71 1.46 12.45 -9.94
C PRO A 71 1.82 13.63 -9.05
N LEU A 72 1.90 13.38 -7.75
CA LEU A 72 2.20 14.44 -6.78
C LEU A 72 3.70 14.70 -6.66
N LYS A 73 4.46 13.62 -6.48
CA LYS A 73 5.90 13.75 -6.25
C LYS A 73 6.64 13.85 -7.57
N LYS A 74 6.03 13.27 -8.61
CA LYS A 74 6.62 13.17 -9.94
C LYS A 74 7.90 12.35 -9.89
N GLN A 75 7.95 11.45 -8.91
CA GLN A 75 9.09 10.57 -8.73
C GLN A 75 8.73 9.15 -9.11
N HIS A 76 9.73 8.39 -9.54
CA HIS A 76 9.55 6.97 -9.86
C HIS A 76 9.88 6.12 -8.64
N PHE A 77 8.93 5.26 -8.26
CA PHE A 77 9.14 4.34 -7.15
C PHE A 77 9.13 2.91 -7.65
N ARG A 78 10.10 2.10 -7.22
CA ARG A 78 10.11 0.69 -7.59
C ARG A 78 9.18 -0.08 -6.67
N LEU A 79 8.17 -0.72 -7.25
CA LEU A 79 7.08 -1.33 -6.51
C LEU A 79 7.46 -2.68 -5.89
N TYR A 80 8.74 -2.89 -5.69
CA TYR A 80 9.22 -4.14 -5.09
C TYR A 80 10.56 -3.87 -4.41
N ASP A 81 10.78 -2.62 -4.01
CA ASP A 81 12.07 -2.21 -3.46
C ASP A 81 11.87 -1.31 -2.25
N GLY A 82 11.41 -0.09 -2.49
CA GLY A 82 11.16 0.85 -1.40
C GLY A 82 11.83 2.18 -1.64
N PHE A 83 12.92 2.18 -2.41
CA PHE A 83 13.66 3.39 -2.69
C PHE A 83 13.07 4.13 -3.89
N CYS A 84 13.53 5.36 -4.09
CA CYS A 84 13.02 6.21 -5.15
C CYS A 84 14.07 6.38 -6.24
N LEU A 85 13.62 6.56 -7.47
CA LEU A 85 14.53 6.75 -8.60
C LEU A 85 14.67 8.24 -8.92
N GLU A 86 14.35 9.08 -7.96
CA GLU A 86 14.39 10.51 -8.16
C GLU A 86 15.05 11.20 -6.97
N ASP A 87 14.37 11.19 -5.82
CA ASP A 87 14.92 11.80 -4.62
C ASP A 87 14.64 10.93 -3.41
N GLY A 88 15.63 10.76 -2.55
CA GLY A 88 15.48 9.93 -1.38
C GLY A 88 14.76 10.62 -0.24
N ALA A 89 13.62 11.23 -0.55
CA ALA A 89 12.81 11.90 0.46
C ALA A 89 11.54 11.12 0.75
N TYR A 90 11.32 10.06 -0.02
CA TYR A 90 10.14 9.23 0.15
C TYR A 90 10.51 7.75 0.08
N SER A 91 11.70 7.42 0.54
CA SER A 91 12.16 6.05 0.55
C SER A 91 11.53 5.29 1.71
N VAL A 92 10.74 4.28 1.38
CA VAL A 92 9.98 3.55 2.37
C VAL A 92 10.43 2.09 2.48
N ALA A 93 9.65 1.29 3.20
CA ALA A 93 9.97 -0.11 3.39
C ALA A 93 8.98 -1.00 2.66
N ALA A 94 9.32 -2.28 2.57
CA ALA A 94 8.47 -3.27 1.91
C ALA A 94 8.18 -4.40 2.88
N TYR A 95 6.95 -4.47 3.32
CA TYR A 95 6.53 -5.48 4.29
C TYR A 95 6.23 -6.80 3.61
N ASP A 96 6.49 -7.90 4.32
CA ASP A 96 6.24 -9.24 3.79
C ASP A 96 4.75 -9.46 3.60
N THR A 97 4.35 -9.78 2.39
CA THR A 97 2.95 -10.04 2.11
C THR A 97 2.77 -11.48 1.62
N GLN A 98 1.59 -12.02 1.83
CA GLN A 98 1.28 -13.37 1.38
C GLN A 98 -0.16 -13.46 0.93
N VAL A 99 -0.43 -14.38 0.03
CA VAL A 99 -1.77 -14.61 -0.49
C VAL A 99 -2.14 -16.08 -0.29
N THR A 100 -2.99 -16.36 0.69
CA THR A 100 -3.28 -17.74 1.03
C THR A 100 -4.72 -18.15 0.69
N ASN A 101 -5.69 -17.53 1.34
CA ASN A 101 -7.08 -17.96 1.21
C ASN A 101 -7.87 -16.98 0.34
N GLY A 102 -7.17 -16.33 -0.58
CA GLY A 102 -7.79 -15.27 -1.35
C GLY A 102 -7.79 -13.97 -0.57
N ASN A 103 -7.15 -14.02 0.59
CA ASN A 103 -7.03 -12.86 1.46
C ASN A 103 -5.58 -12.40 1.50
N VAL A 104 -5.38 -11.16 1.90
CA VAL A 104 -4.04 -10.60 1.96
C VAL A 104 -3.56 -10.52 3.40
N GLN A 105 -2.39 -11.10 3.66
CA GLN A 105 -1.79 -11.03 4.98
C GLN A 105 -0.38 -10.46 4.90
N ILE A 106 -0.11 -9.48 5.75
CA ILE A 106 1.19 -8.83 5.80
C ILE A 106 1.88 -9.15 7.12
N SER A 107 3.19 -9.34 7.07
CA SER A 107 4.00 -9.52 8.25
C SER A 107 4.30 -8.16 8.87
N ILE A 108 3.54 -7.81 9.89
CA ILE A 108 3.62 -6.51 10.51
C ILE A 108 4.84 -6.40 11.42
N ALA A 109 5.92 -5.88 10.87
CA ALA A 109 7.11 -5.59 11.65
C ALA A 109 6.96 -4.24 12.32
N ASP A 110 7.30 -4.17 13.60
CA ASP A 110 7.12 -2.95 14.35
C ASP A 110 8.12 -1.88 13.91
N SER A 111 7.57 -0.76 13.49
CA SER A 111 8.38 0.37 13.08
C SER A 111 8.73 1.20 14.30
N ASP A 112 7.72 1.86 14.85
CA ASP A 112 7.87 2.62 16.09
C ASP A 112 6.65 2.42 16.96
N VAL A 113 6.76 1.51 17.92
CA VAL A 113 5.65 1.21 18.79
C VAL A 113 5.94 1.68 20.22
N ALA A 114 4.96 2.30 20.84
CA ALA A 114 5.06 2.71 22.22
C ALA A 114 4.23 1.79 23.10
N VAL A 115 4.30 1.98 24.40
CA VAL A 115 3.49 1.20 25.33
C VAL A 115 2.01 1.54 25.17
N ASP A 116 1.28 0.64 24.54
CA ASP A 116 -0.14 0.84 24.28
C ASP A 116 -0.93 0.81 25.58
N ASN A 117 -1.96 1.63 25.66
CA ASN A 117 -2.83 1.68 26.81
C ASN A 117 -3.55 0.35 26.98
N SER A 118 -3.63 -0.11 28.22
CA SER A 118 -4.07 -1.45 28.52
C SER A 118 -5.58 -1.54 28.55
N GLN A 119 -6.16 -1.57 27.36
CA GLN A 119 -7.57 -1.85 27.20
C GLN A 119 -7.81 -3.35 27.22
N PRO A 120 -9.00 -3.79 27.65
CA PRO A 120 -9.35 -5.21 27.66
C PRO A 120 -9.34 -5.79 26.26
N LEU A 121 -8.49 -6.80 26.05
CA LEU A 121 -8.37 -7.46 24.75
C LEU A 121 -9.69 -8.13 24.37
N PRO A 122 -10.03 -8.13 23.07
CA PRO A 122 -11.25 -8.78 22.56
C PRO A 122 -11.29 -10.27 22.90
N LEU A 123 -12.44 -10.89 22.69
CA LEU A 123 -12.64 -12.28 23.08
C LEU A 123 -12.05 -13.26 22.06
N GLU A 124 -10.82 -12.98 21.62
CA GLU A 124 -10.10 -13.91 20.76
C GLU A 124 -9.71 -15.12 21.60
N HIS A 125 -9.82 -16.31 21.01
CA HIS A 125 -9.69 -17.54 21.77
C HIS A 125 -8.27 -17.73 22.29
N HIS A 126 -7.28 -17.59 21.39
CA HIS A 126 -5.87 -17.82 21.73
C HIS A 126 -5.63 -19.29 22.12
N HIS A 127 -4.38 -19.61 22.43
CA HIS A 127 -4.04 -20.91 22.99
C HIS A 127 -3.27 -20.68 24.29
N HIS A 128 -3.93 -20.84 25.42
CA HIS A 128 -3.29 -20.55 26.70
C HIS A 128 -2.89 -21.83 27.41
N HIS A 129 -1.59 -21.96 27.63
CA HIS A 129 -1.03 -23.08 28.38
C HIS A 129 0.37 -22.70 28.87
N HIS A 130 0.65 -23.00 30.12
CA HIS A 130 1.97 -22.73 30.69
C HIS A 130 2.70 -24.04 30.93
N MET A 1 6.35 -16.56 13.55
CA MET A 1 5.43 -15.76 14.39
C MET A 1 5.45 -14.29 13.96
N SER A 2 5.53 -14.07 12.65
CA SER A 2 5.53 -12.72 12.11
C SER A 2 4.17 -12.05 12.30
N GLN A 3 4.16 -10.73 12.36
CA GLN A 3 2.93 -9.99 12.54
C GLN A 3 2.12 -9.96 11.24
N TRP A 4 1.49 -11.08 10.93
CA TRP A 4 0.66 -11.18 9.73
C TRP A 4 -0.75 -10.67 10.03
N THR A 5 -1.14 -9.61 9.34
CA THR A 5 -2.45 -9.03 9.50
C THR A 5 -3.23 -9.05 8.20
N THR A 6 -4.55 -9.10 8.29
CA THR A 6 -5.38 -9.22 7.10
C THR A 6 -5.68 -7.84 6.50
N VAL A 7 -5.41 -7.71 5.20
CA VAL A 7 -5.80 -6.53 4.45
C VAL A 7 -7.25 -6.63 4.05
N CYS A 8 -7.52 -7.56 3.16
CA CYS A 8 -8.86 -7.82 2.66
C CYS A 8 -8.79 -8.97 1.66
N LYS A 9 -9.82 -9.14 0.86
CA LYS A 9 -9.85 -10.18 -0.16
C LYS A 9 -9.04 -9.74 -1.36
N LEU A 10 -8.24 -10.65 -1.90
CA LEU A 10 -7.50 -10.38 -3.13
C LEU A 10 -8.46 -10.09 -4.28
N ASP A 11 -9.64 -10.70 -4.20
CA ASP A 11 -10.66 -10.60 -5.23
C ASP A 11 -11.43 -9.28 -5.08
N ASP A 12 -11.33 -8.69 -3.91
CA ASP A 12 -12.03 -7.44 -3.61
C ASP A 12 -11.18 -6.27 -4.10
N ILE A 13 -9.90 -6.53 -4.31
CA ILE A 13 -8.97 -5.50 -4.77
C ILE A 13 -9.00 -5.39 -6.29
N LEU A 14 -9.25 -4.19 -6.78
CA LEU A 14 -9.35 -3.95 -8.22
C LEU A 14 -7.97 -3.90 -8.88
N PRO A 15 -7.82 -4.60 -10.01
CA PRO A 15 -6.56 -4.64 -10.78
C PRO A 15 -6.25 -3.32 -11.46
N GLY A 16 -4.97 -2.98 -11.53
CA GLY A 16 -4.54 -1.76 -12.17
C GLY A 16 -4.44 -0.61 -11.19
N THR A 17 -4.44 -0.92 -9.89
CA THR A 17 -4.51 0.12 -8.87
C THR A 17 -3.94 -0.37 -7.54
N GLY A 18 -3.54 0.58 -6.70
CA GLY A 18 -3.07 0.25 -5.37
C GLY A 18 -3.89 0.97 -4.32
N VAL A 19 -4.23 0.28 -3.23
CA VAL A 19 -5.11 0.85 -2.23
C VAL A 19 -4.45 0.93 -0.85
N CYS A 20 -4.75 2.01 -0.11
CA CYS A 20 -4.26 2.17 1.24
C CYS A 20 -5.01 1.27 2.22
N ALA A 21 -4.37 0.21 2.66
CA ALA A 21 -4.94 -0.68 3.65
C ALA A 21 -4.70 -0.12 5.04
N LEU A 22 -5.74 -0.11 5.84
CA LEU A 22 -5.66 0.44 7.18
C LEU A 22 -5.49 -0.68 8.19
N VAL A 23 -4.26 -0.91 8.59
CA VAL A 23 -3.97 -1.93 9.58
C VAL A 23 -3.57 -1.26 10.89
N GLU A 24 -4.57 -0.64 11.54
CA GLU A 24 -4.42 0.05 12.83
C GLU A 24 -3.14 0.89 12.96
N GLN A 25 -2.03 0.26 13.31
CA GLN A 25 -0.80 0.96 13.62
C GLN A 25 -0.03 1.38 12.38
N GLN A 26 -0.40 0.85 11.22
CA GLN A 26 0.27 1.21 9.97
C GLN A 26 -0.70 1.26 8.80
N GLN A 27 -0.34 2.06 7.80
CA GLN A 27 -1.09 2.16 6.57
C GLN A 27 -0.23 1.66 5.43
N ILE A 28 -0.67 0.59 4.77
CA ILE A 28 0.13 -0.04 3.73
C ILE A 28 -0.62 -0.08 2.41
N ALA A 29 0.05 0.32 1.34
CA ALA A 29 -0.57 0.37 0.03
C ALA A 29 -0.41 -0.96 -0.68
N VAL A 30 -1.53 -1.53 -1.12
CA VAL A 30 -1.50 -2.81 -1.80
C VAL A 30 -1.72 -2.62 -3.30
N PHE A 31 -0.64 -2.75 -4.05
CA PHE A 31 -0.68 -2.61 -5.49
C PHE A 31 -1.24 -3.87 -6.14
N ARG A 32 -2.23 -3.70 -6.99
CA ARG A 32 -2.68 -4.76 -7.87
C ARG A 32 -2.26 -4.41 -9.29
N PRO A 33 -1.02 -4.74 -9.67
CA PRO A 33 -0.47 -4.36 -10.98
C PRO A 33 -1.18 -5.03 -12.14
N ARG A 34 -1.37 -6.34 -12.02
CA ARG A 34 -2.01 -7.11 -13.07
C ARG A 34 -3.30 -7.72 -12.54
N ASN A 35 -4.12 -8.21 -13.45
CA ASN A 35 -5.26 -9.03 -13.06
C ASN A 35 -4.77 -10.45 -12.83
N ASP A 36 -4.06 -10.62 -11.72
CA ASP A 36 -3.41 -11.88 -11.41
C ASP A 36 -3.33 -12.03 -9.90
N GLU A 37 -2.79 -13.13 -9.42
CA GLU A 37 -2.72 -13.42 -8.00
C GLU A 37 -1.59 -12.65 -7.33
N GLN A 38 -0.74 -12.03 -8.13
CA GLN A 38 0.38 -11.26 -7.59
C GLN A 38 -0.06 -9.91 -7.07
N VAL A 39 0.35 -9.62 -5.84
CA VAL A 39 0.05 -8.34 -5.20
C VAL A 39 1.30 -7.80 -4.50
N TYR A 40 1.35 -6.48 -4.32
CA TYR A 40 2.51 -5.85 -3.68
C TYR A 40 2.06 -4.85 -2.63
N ALA A 41 2.26 -5.21 -1.36
CA ALA A 41 1.90 -4.33 -0.27
C ALA A 41 3.13 -3.65 0.32
N ILE A 42 3.25 -2.35 0.06
CA ILE A 42 4.37 -1.57 0.59
C ILE A 42 3.86 -0.28 1.22
N SER A 43 4.67 0.35 2.03
CA SER A 43 4.29 1.61 2.65
C SER A 43 4.53 2.76 1.69
N ASN A 44 3.52 3.07 0.90
CA ASN A 44 3.62 4.12 -0.11
C ASN A 44 2.44 5.08 0.05
N ILE A 45 2.14 5.43 1.30
CA ILE A 45 1.01 6.27 1.61
C ILE A 45 1.48 7.67 2.04
N ASP A 46 0.91 8.69 1.40
CA ASP A 46 1.19 10.06 1.79
C ASP A 46 0.25 10.46 2.93
N PRO A 47 0.81 10.79 4.10
CA PRO A 47 0.04 11.10 5.31
C PRO A 47 -0.78 12.38 5.20
N PHE A 48 -0.51 13.17 4.17
CA PHE A 48 -1.22 14.42 3.98
C PHE A 48 -2.41 14.23 3.06
N ALA A 49 -2.39 13.13 2.30
CA ALA A 49 -3.46 12.81 1.39
C ALA A 49 -4.30 11.68 1.97
N GLN A 50 -3.68 10.92 2.86
CA GLN A 50 -4.36 9.90 3.65
C GLN A 50 -4.86 8.74 2.78
N ALA A 51 -4.16 8.49 1.67
CA ALA A 51 -4.55 7.45 0.74
C ALA A 51 -3.37 7.04 -0.12
N SER A 52 -3.56 6.00 -0.92
CA SER A 52 -2.54 5.50 -1.82
C SER A 52 -2.43 6.36 -3.07
N VAL A 53 -2.30 7.66 -2.87
CA VAL A 53 -2.26 8.61 -3.97
C VAL A 53 -0.95 8.49 -4.74
N LEU A 54 0.04 7.88 -4.09
CA LEU A 54 1.33 7.64 -4.72
C LEU A 54 1.34 6.25 -5.36
N SER A 55 0.26 5.52 -5.13
CA SER A 55 0.13 4.18 -5.65
C SER A 55 -0.76 4.16 -6.89
N ARG A 56 -1.77 5.03 -6.88
CA ARG A 56 -2.67 5.14 -8.02
C ARG A 56 -2.10 6.15 -9.01
N GLY A 57 -0.94 5.83 -9.53
CA GLY A 57 -0.33 6.64 -10.55
C GLY A 57 -0.11 5.85 -11.83
N ILE A 58 0.88 6.25 -12.61
CA ILE A 58 1.19 5.58 -13.86
C ILE A 58 2.29 4.55 -13.63
N VAL A 59 1.97 3.31 -13.92
CA VAL A 59 2.94 2.22 -13.82
C VAL A 59 3.97 2.34 -14.93
N ALA A 60 5.11 2.89 -14.60
CA ALA A 60 6.18 3.11 -15.55
C ALA A 60 7.11 1.92 -15.60
N GLU A 61 7.21 1.30 -16.76
CA GLU A 61 8.05 0.12 -16.92
C GLU A 61 9.43 0.50 -17.44
N HIS A 62 10.46 -0.03 -16.81
CA HIS A 62 11.82 0.17 -17.27
C HIS A 62 12.20 -1.01 -18.15
N GLN A 63 13.47 -1.31 -18.28
CA GLN A 63 13.89 -2.45 -19.09
C GLN A 63 13.68 -3.74 -18.32
N ASP A 64 13.81 -3.66 -17.00
CA ASP A 64 13.65 -4.83 -16.14
C ASP A 64 12.66 -4.54 -15.01
N ASP A 65 12.72 -3.35 -14.46
CA ASP A 65 11.99 -3.01 -13.25
C ASP A 65 10.64 -2.37 -13.55
N LEU A 66 9.74 -2.45 -12.56
CA LEU A 66 8.43 -1.84 -12.65
C LEU A 66 8.31 -0.73 -11.61
N TRP A 67 8.02 0.47 -12.07
CA TRP A 67 7.97 1.62 -11.19
C TRP A 67 6.58 2.25 -11.23
N VAL A 68 6.30 3.12 -10.28
CA VAL A 68 5.06 3.88 -10.28
C VAL A 68 5.37 5.37 -10.26
N ALA A 69 4.76 6.10 -11.20
CA ALA A 69 4.90 7.54 -11.25
C ALA A 69 3.77 8.21 -10.48
N SER A 70 4.11 8.77 -9.33
CA SER A 70 3.13 9.44 -8.50
C SER A 70 2.75 10.80 -9.11
N PRO A 71 1.46 11.12 -9.17
CA PRO A 71 0.98 12.37 -9.74
C PRO A 71 1.39 13.59 -8.92
N LEU A 72 1.34 13.45 -7.60
CA LEU A 72 1.61 14.57 -6.71
C LEU A 72 3.10 14.81 -6.52
N LYS A 73 3.80 13.78 -6.05
CA LYS A 73 5.22 13.91 -5.75
C LYS A 73 6.06 13.84 -7.02
N LYS A 74 5.57 13.08 -7.99
CA LYS A 74 6.28 12.82 -9.25
C LYS A 74 7.54 12.02 -9.00
N GLN A 75 7.59 11.39 -7.83
CA GLN A 75 8.68 10.50 -7.50
C GLN A 75 8.38 9.12 -8.03
N HIS A 76 9.37 8.47 -8.58
CA HIS A 76 9.19 7.16 -9.19
C HIS A 76 9.58 6.07 -8.21
N PHE A 77 8.58 5.40 -7.66
CA PHE A 77 8.81 4.36 -6.68
C PHE A 77 8.81 2.99 -7.35
N ARG A 78 9.84 2.21 -7.11
CA ARG A 78 9.88 0.85 -7.62
C ARG A 78 8.92 -0.02 -6.79
N LEU A 79 7.91 -0.55 -7.48
CA LEU A 79 6.75 -1.21 -6.85
C LEU A 79 7.17 -2.23 -5.79
N TYR A 80 7.94 -3.22 -6.18
CA TYR A 80 8.26 -4.35 -5.33
C TYR A 80 9.60 -4.16 -4.60
N ASP A 81 10.01 -2.92 -4.41
CA ASP A 81 11.31 -2.65 -3.80
C ASP A 81 11.26 -1.44 -2.88
N GLY A 82 10.89 -0.29 -3.41
CA GLY A 82 10.80 0.91 -2.59
C GLY A 82 11.73 2.02 -3.04
N PHE A 83 12.71 1.68 -3.87
CA PHE A 83 13.65 2.68 -4.39
C PHE A 83 12.89 3.79 -5.10
N CYS A 84 13.16 5.02 -4.69
CA CYS A 84 12.42 6.18 -5.19
C CYS A 84 13.17 6.86 -6.32
N LEU A 85 13.82 6.05 -7.16
CA LEU A 85 14.61 6.53 -8.29
C LEU A 85 15.85 7.30 -7.83
N GLU A 86 15.66 8.55 -7.44
CA GLU A 86 16.77 9.38 -6.99
C GLU A 86 16.38 10.18 -5.76
N ASP A 87 15.10 10.56 -5.69
CA ASP A 87 14.60 11.36 -4.58
C ASP A 87 14.34 10.50 -3.34
N GLY A 88 15.34 10.42 -2.48
CA GLY A 88 15.23 9.59 -1.29
C GLY A 88 14.75 10.38 -0.10
N ALA A 89 14.09 11.50 -0.37
CA ALA A 89 13.57 12.37 0.68
C ALA A 89 12.55 11.64 1.55
N TYR A 90 11.73 10.80 0.93
CA TYR A 90 10.71 10.06 1.64
C TYR A 90 11.13 8.61 1.89
N SER A 91 11.62 7.95 0.83
CA SER A 91 12.04 6.55 0.89
C SER A 91 10.97 5.65 1.53
N VAL A 92 10.16 5.03 0.69
CA VAL A 92 9.06 4.20 1.16
C VAL A 92 9.57 2.85 1.66
N ALA A 93 8.74 2.17 2.45
CA ALA A 93 9.12 0.90 3.03
C ALA A 93 8.45 -0.25 2.30
N ALA A 94 9.07 -1.43 2.35
CA ALA A 94 8.56 -2.60 1.67
C ALA A 94 8.52 -3.79 2.61
N TYR A 95 7.32 -4.15 3.05
CA TYR A 95 7.15 -5.26 3.98
C TYR A 95 6.77 -6.54 3.24
N ASP A 96 6.53 -7.60 3.98
CA ASP A 96 6.17 -8.89 3.39
C ASP A 96 4.66 -9.01 3.23
N THR A 97 4.24 -9.89 2.33
CA THR A 97 2.84 -10.09 2.03
C THR A 97 2.61 -11.55 1.63
N GLN A 98 1.37 -12.02 1.73
CA GLN A 98 1.03 -13.38 1.34
C GLN A 98 -0.46 -13.54 1.10
N VAL A 99 -0.81 -14.53 0.31
CA VAL A 99 -2.20 -14.89 0.06
C VAL A 99 -2.35 -16.41 0.21
N THR A 100 -3.28 -16.85 1.03
CA THR A 100 -3.40 -18.28 1.30
C THR A 100 -4.85 -18.76 1.26
N ASN A 101 -5.78 -17.88 1.57
CA ASN A 101 -7.20 -18.26 1.66
C ASN A 101 -8.08 -17.19 1.05
N GLY A 102 -7.57 -16.53 0.03
CA GLY A 102 -8.31 -15.44 -0.58
C GLY A 102 -8.00 -14.10 0.07
N ASN A 103 -7.83 -14.14 1.38
CA ASN A 103 -7.48 -12.94 2.14
C ASN A 103 -5.99 -12.69 2.06
N VAL A 104 -5.61 -11.44 1.92
CA VAL A 104 -4.22 -11.05 1.81
C VAL A 104 -3.68 -10.62 3.19
N GLN A 105 -2.53 -11.16 3.57
CA GLN A 105 -1.90 -10.79 4.84
C GLN A 105 -0.58 -10.10 4.60
N ILE A 106 -0.28 -9.10 5.41
CA ILE A 106 1.01 -8.40 5.34
C ILE A 106 1.70 -8.44 6.70
N SER A 107 2.99 -8.19 6.70
CA SER A 107 3.76 -8.18 7.94
C SER A 107 4.03 -6.76 8.41
N ILE A 108 3.25 -6.31 9.38
CA ILE A 108 3.48 -4.99 9.98
C ILE A 108 4.61 -5.07 11.01
N ALA A 109 5.67 -4.32 10.78
CA ALA A 109 6.85 -4.41 11.63
C ALA A 109 7.25 -3.05 12.18
N ASP A 110 6.30 -2.14 12.21
CA ASP A 110 6.54 -0.80 12.73
C ASP A 110 5.19 -0.15 13.08
N SER A 111 5.25 1.07 13.59
CA SER A 111 4.04 1.75 14.06
C SER A 111 4.32 3.24 14.27
N ASP A 112 5.34 3.75 13.60
CA ASP A 112 5.72 5.16 13.76
C ASP A 112 4.75 6.07 13.01
N VAL A 113 3.63 6.37 13.64
CA VAL A 113 2.66 7.31 13.11
C VAL A 113 1.85 7.90 14.26
N ALA A 114 1.77 9.22 14.30
CA ALA A 114 1.12 9.92 15.39
C ALA A 114 -0.32 10.25 15.03
N VAL A 115 -1.25 9.47 15.57
CA VAL A 115 -2.69 9.68 15.40
C VAL A 115 -3.15 9.37 13.97
N ASP A 116 -4.14 8.50 13.87
CA ASP A 116 -4.73 8.16 12.59
C ASP A 116 -6.19 8.61 12.55
N ASN A 117 -6.72 8.80 11.34
CA ASN A 117 -8.10 9.26 11.17
C ASN A 117 -8.83 8.41 10.14
N SER A 118 -8.30 7.22 9.88
CA SER A 118 -8.82 6.37 8.83
C SER A 118 -9.60 5.20 9.42
N GLN A 119 -10.83 5.47 9.86
CA GLN A 119 -11.69 4.42 10.36
C GLN A 119 -12.07 3.44 9.24
N PRO A 120 -12.06 2.13 9.54
CA PRO A 120 -12.37 1.08 8.55
C PRO A 120 -13.81 1.14 8.05
N LEU A 121 -14.08 0.39 6.98
CA LEU A 121 -15.39 0.39 6.35
C LEU A 121 -15.89 -1.03 6.18
N PRO A 122 -17.22 -1.24 6.31
CA PRO A 122 -17.85 -2.53 6.10
C PRO A 122 -18.05 -2.81 4.60
N LEU A 123 -18.61 -3.97 4.28
CA LEU A 123 -18.88 -4.31 2.90
C LEU A 123 -20.28 -4.89 2.76
N GLU A 124 -21.23 -4.04 2.44
CA GLU A 124 -22.61 -4.48 2.25
C GLU A 124 -22.85 -4.80 0.79
N HIS A 125 -23.25 -6.03 0.52
CA HIS A 125 -23.54 -6.45 -0.85
C HIS A 125 -24.94 -7.05 -0.91
N HIS A 126 -25.94 -6.21 -1.13
CA HIS A 126 -27.31 -6.67 -1.25
C HIS A 126 -27.70 -6.77 -2.72
N HIS A 127 -28.29 -7.89 -3.10
CA HIS A 127 -28.68 -8.12 -4.49
C HIS A 127 -29.84 -9.09 -4.56
N HIS A 128 -31.00 -8.58 -4.89
CA HIS A 128 -32.17 -9.40 -5.10
C HIS A 128 -32.59 -9.34 -6.56
N HIS A 129 -33.34 -10.35 -7.00
CA HIS A 129 -33.83 -10.44 -8.38
C HIS A 129 -32.70 -10.77 -9.35
N HIS A 130 -32.95 -11.74 -10.21
CA HIS A 130 -31.96 -12.15 -11.20
C HIS A 130 -32.68 -12.61 -12.47
N MET A 1 1.16 -20.32 10.29
CA MET A 1 0.92 -18.91 9.89
C MET A 1 0.77 -18.05 11.13
N SER A 2 1.64 -17.05 11.27
CA SER A 2 1.65 -16.20 12.45
C SER A 2 2.03 -14.77 12.10
N GLN A 3 3.07 -14.61 11.30
CA GLN A 3 3.61 -13.28 11.00
C GLN A 3 2.86 -12.59 9.87
N TRP A 4 1.59 -12.94 9.69
CA TRP A 4 0.79 -12.38 8.61
C TRP A 4 -0.51 -11.81 9.15
N THR A 5 -0.87 -10.63 8.67
CA THR A 5 -2.10 -9.97 9.10
C THR A 5 -3.01 -9.74 7.89
N THR A 6 -4.28 -10.09 8.03
CA THR A 6 -5.23 -10.01 6.92
C THR A 6 -5.58 -8.56 6.59
N VAL A 7 -5.24 -8.14 5.37
CA VAL A 7 -5.52 -6.79 4.93
C VAL A 7 -6.92 -6.71 4.33
N CYS A 8 -7.10 -7.36 3.19
CA CYS A 8 -8.34 -7.30 2.45
C CYS A 8 -8.41 -8.48 1.51
N LYS A 9 -9.48 -8.56 0.72
CA LYS A 9 -9.62 -9.65 -0.24
C LYS A 9 -8.87 -9.32 -1.52
N LEU A 10 -8.52 -10.36 -2.26
CA LEU A 10 -7.82 -10.20 -3.54
C LEU A 10 -8.79 -9.80 -4.63
N ASP A 11 -10.07 -9.73 -4.27
CA ASP A 11 -11.14 -9.48 -5.23
C ASP A 11 -11.54 -8.00 -5.26
N ASP A 12 -11.61 -7.37 -4.10
CA ASP A 12 -12.16 -6.01 -4.01
C ASP A 12 -11.09 -4.94 -4.22
N ILE A 13 -9.83 -5.35 -4.30
CA ILE A 13 -8.75 -4.41 -4.55
C ILE A 13 -8.77 -3.93 -5.99
N LEU A 14 -8.72 -2.62 -6.17
CA LEU A 14 -8.80 -2.02 -7.50
C LEU A 14 -7.64 -2.47 -8.40
N PRO A 15 -7.96 -3.03 -9.57
CA PRO A 15 -6.97 -3.54 -10.52
C PRO A 15 -6.14 -2.42 -11.16
N GLY A 16 -4.83 -2.61 -11.16
CA GLY A 16 -3.93 -1.66 -11.79
C GLY A 16 -3.58 -0.50 -10.88
N THR A 17 -3.78 -0.67 -9.57
CA THR A 17 -3.56 0.42 -8.63
C THR A 17 -3.21 -0.10 -7.25
N GLY A 18 -2.66 0.78 -6.42
CA GLY A 18 -2.36 0.44 -5.05
C GLY A 18 -3.13 1.32 -4.09
N VAL A 19 -3.90 0.71 -3.20
CA VAL A 19 -4.73 1.46 -2.26
C VAL A 19 -4.23 1.31 -0.83
N CYS A 20 -4.29 2.40 -0.06
CA CYS A 20 -3.88 2.38 1.33
C CYS A 20 -4.99 1.85 2.23
N ALA A 21 -4.96 0.54 2.47
CA ALA A 21 -5.93 -0.08 3.35
C ALA A 21 -5.50 0.09 4.80
N LEU A 22 -6.47 0.30 5.68
CA LEU A 22 -6.18 0.47 7.10
C LEU A 22 -5.95 -0.89 7.73
N VAL A 23 -4.68 -1.26 7.87
CA VAL A 23 -4.32 -2.54 8.45
C VAL A 23 -4.13 -2.39 9.95
N GLU A 24 -5.24 -2.36 10.68
CA GLU A 24 -5.26 -2.27 12.14
C GLU A 24 -4.71 -0.92 12.63
N GLN A 25 -3.41 -0.71 12.46
CA GLN A 25 -2.74 0.46 13.01
C GLN A 25 -2.12 1.32 11.91
N GLN A 26 -1.91 0.75 10.73
CA GLN A 26 -1.19 1.45 9.68
C GLN A 26 -1.85 1.24 8.33
N GLN A 27 -1.90 2.30 7.52
CA GLN A 27 -2.35 2.19 6.15
C GLN A 27 -1.19 1.84 5.24
N ILE A 28 -1.39 0.86 4.39
CA ILE A 28 -0.34 0.41 3.47
C ILE A 28 -0.92 0.32 2.06
N ALA A 29 -0.16 0.82 1.09
CA ALA A 29 -0.61 0.83 -0.30
C ALA A 29 -0.40 -0.53 -0.93
N VAL A 30 -1.49 -1.24 -1.16
CA VAL A 30 -1.43 -2.58 -1.75
C VAL A 30 -1.76 -2.50 -3.23
N PHE A 31 -0.75 -2.74 -4.05
CA PHE A 31 -0.90 -2.71 -5.50
C PHE A 31 -1.55 -3.99 -6.00
N ARG A 32 -2.47 -3.84 -6.94
CA ARG A 32 -2.98 -4.95 -7.71
C ARG A 32 -2.79 -4.65 -9.20
N PRO A 33 -1.54 -4.40 -9.63
CA PRO A 33 -1.26 -3.83 -10.95
C PRO A 33 -1.37 -4.85 -12.08
N ARG A 34 -1.17 -6.11 -11.74
CA ARG A 34 -1.24 -7.16 -12.74
C ARG A 34 -2.62 -7.83 -12.70
N ASN A 35 -3.49 -7.33 -11.81
CA ASN A 35 -4.85 -7.83 -11.67
C ASN A 35 -4.83 -9.34 -11.37
N ASP A 36 -3.78 -9.76 -10.68
CA ASP A 36 -3.51 -11.17 -10.48
C ASP A 36 -2.90 -11.38 -9.09
N GLU A 37 -2.21 -12.50 -8.89
CA GLU A 37 -1.71 -12.90 -7.58
C GLU A 37 -0.58 -12.01 -7.09
N GLN A 38 0.15 -11.40 -8.02
CA GLN A 38 1.28 -10.55 -7.65
C GLN A 38 0.81 -9.20 -7.11
N VAL A 39 0.65 -9.15 -5.81
CA VAL A 39 0.31 -7.92 -5.11
C VAL A 39 1.53 -7.34 -4.42
N TYR A 40 1.52 -6.04 -4.15
CA TYR A 40 2.65 -5.37 -3.54
C TYR A 40 2.18 -4.36 -2.52
N ALA A 41 2.52 -4.60 -1.26
CA ALA A 41 2.12 -3.70 -0.19
C ALA A 41 3.30 -2.89 0.33
N ILE A 42 3.34 -1.61 -0.02
CA ILE A 42 4.39 -0.72 0.45
C ILE A 42 3.77 0.48 1.16
N SER A 43 4.53 1.09 2.07
CA SER A 43 4.04 2.25 2.82
C SER A 43 4.10 3.50 1.96
N ASN A 44 3.39 3.47 0.84
CA ASN A 44 3.46 4.56 -0.14
C ASN A 44 2.20 5.41 -0.07
N ILE A 45 2.02 6.04 1.08
CA ILE A 45 0.86 6.89 1.32
C ILE A 45 1.32 8.34 1.49
N ASP A 46 0.66 9.25 0.80
CA ASP A 46 0.94 10.66 0.96
C ASP A 46 0.22 11.19 2.20
N PRO A 47 0.98 11.66 3.20
CA PRO A 47 0.43 12.08 4.49
C PRO A 47 -0.35 13.39 4.44
N PHE A 48 -0.33 14.05 3.28
CA PHE A 48 -1.02 15.32 3.13
C PHE A 48 -2.46 15.10 2.69
N ALA A 49 -2.69 14.04 1.91
CA ALA A 49 -4.01 13.72 1.45
C ALA A 49 -4.54 12.47 2.16
N GLN A 50 -3.61 11.78 2.82
CA GLN A 50 -3.88 10.56 3.55
C GLN A 50 -4.49 9.50 2.63
N ALA A 51 -3.73 9.14 1.61
CA ALA A 51 -4.14 8.16 0.62
C ALA A 51 -2.95 7.76 -0.22
N SER A 52 -3.05 6.59 -0.83
CA SER A 52 -1.99 6.08 -1.67
C SER A 52 -2.07 6.70 -3.07
N VAL A 53 -2.15 8.02 -3.12
CA VAL A 53 -2.21 8.74 -4.39
C VAL A 53 -0.90 8.57 -5.15
N LEU A 54 0.13 8.22 -4.40
CA LEU A 54 1.44 7.94 -4.97
C LEU A 54 1.43 6.57 -5.64
N SER A 55 0.40 5.79 -5.33
CA SER A 55 0.28 4.43 -5.84
C SER A 55 -0.96 4.29 -6.72
N ARG A 56 -1.64 5.41 -6.95
CA ARG A 56 -2.89 5.40 -7.71
C ARG A 56 -2.67 6.01 -9.09
N GLY A 57 -1.39 6.25 -9.42
CA GLY A 57 -1.07 6.88 -10.68
C GLY A 57 -0.84 5.87 -11.79
N ILE A 58 0.38 5.81 -12.29
CA ILE A 58 0.70 4.92 -13.39
C ILE A 58 1.81 3.95 -12.99
N VAL A 59 1.45 2.68 -12.94
CA VAL A 59 2.42 1.63 -12.71
C VAL A 59 3.23 1.40 -13.97
N ALA A 60 4.37 2.06 -14.06
CA ALA A 60 5.18 2.04 -15.26
C ALA A 60 6.26 0.97 -15.18
N GLU A 61 6.74 0.54 -16.33
CA GLU A 61 7.78 -0.47 -16.40
C GLU A 61 9.03 0.11 -17.06
N HIS A 62 10.14 0.04 -16.35
CA HIS A 62 11.41 0.52 -16.85
C HIS A 62 11.86 -0.32 -18.03
N GLN A 63 12.02 -1.61 -17.77
CA GLN A 63 12.48 -2.57 -18.76
C GLN A 63 12.38 -3.97 -18.15
N ASP A 64 13.07 -4.15 -17.04
CA ASP A 64 12.99 -5.39 -16.28
C ASP A 64 12.63 -5.08 -14.83
N ASP A 65 12.23 -3.84 -14.59
CA ASP A 65 11.88 -3.38 -13.26
C ASP A 65 10.55 -2.62 -13.31
N LEU A 66 9.95 -2.37 -12.16
CA LEU A 66 8.60 -1.82 -12.08
C LEU A 66 8.57 -0.59 -11.18
N TRP A 67 8.23 0.56 -11.75
CA TRP A 67 8.25 1.82 -11.04
C TRP A 67 6.92 2.56 -11.21
N VAL A 68 6.16 2.69 -10.14
CA VAL A 68 4.91 3.43 -10.19
C VAL A 68 5.18 4.94 -10.12
N ALA A 69 4.43 5.71 -10.88
CA ALA A 69 4.62 7.15 -10.93
C ALA A 69 3.47 7.89 -10.26
N SER A 70 3.82 8.77 -9.33
CA SER A 70 2.84 9.64 -8.68
C SER A 70 2.41 10.77 -9.62
N PRO A 71 1.09 10.94 -9.81
CA PRO A 71 0.56 12.02 -10.64
C PRO A 71 0.71 13.41 -9.98
N LEU A 72 0.62 13.46 -8.65
CA LEU A 72 0.66 14.73 -7.94
C LEU A 72 2.09 15.15 -7.60
N LYS A 73 2.75 14.34 -6.76
CA LYS A 73 4.11 14.65 -6.33
C LYS A 73 5.10 14.40 -7.45
N LYS A 74 4.74 13.52 -8.36
CA LYS A 74 5.61 13.06 -9.45
C LYS A 74 6.91 12.49 -8.94
N GLN A 75 6.92 11.17 -8.79
CA GLN A 75 8.14 10.45 -8.52
C GLN A 75 7.90 8.97 -8.72
N HIS A 76 8.96 8.25 -9.01
CA HIS A 76 8.87 6.83 -9.25
C HIS A 76 9.05 6.06 -7.96
N PHE A 77 8.32 4.96 -7.82
CA PHE A 77 8.48 4.08 -6.68
C PHE A 77 8.61 2.65 -7.18
N ARG A 78 9.71 1.99 -6.86
CA ARG A 78 9.86 0.59 -7.20
C ARG A 78 8.96 -0.25 -6.28
N LEU A 79 8.24 -1.18 -6.89
CA LEU A 79 7.21 -1.94 -6.19
C LEU A 79 7.78 -2.99 -5.25
N TYR A 80 9.08 -2.94 -4.99
CA TYR A 80 9.71 -3.92 -4.11
C TYR A 80 10.52 -3.23 -3.02
N ASP A 81 10.45 -1.92 -2.96
CA ASP A 81 11.12 -1.14 -1.91
C ASP A 81 10.58 0.28 -1.85
N GLY A 82 11.02 1.12 -2.76
CA GLY A 82 10.57 2.50 -2.77
C GLY A 82 11.62 3.46 -3.32
N PHE A 83 12.55 2.95 -4.12
CA PHE A 83 13.53 3.81 -4.78
C PHE A 83 12.82 4.67 -5.83
N CYS A 84 13.31 5.89 -6.02
CA CYS A 84 12.61 6.86 -6.84
C CYS A 84 13.18 6.97 -8.25
N LEU A 85 14.20 6.15 -8.54
CA LEU A 85 14.84 6.11 -9.87
C LEU A 85 15.53 7.44 -10.22
N GLU A 86 14.73 8.43 -10.58
CA GLU A 86 15.25 9.73 -10.99
C GLU A 86 14.94 10.78 -9.93
N ASP A 87 13.73 10.68 -9.39
CA ASP A 87 13.21 11.66 -8.46
C ASP A 87 13.72 11.39 -7.05
N GLY A 88 13.19 12.10 -6.07
CA GLY A 88 13.56 11.86 -4.69
C GLY A 88 12.68 12.60 -3.71
N ALA A 89 11.98 11.85 -2.87
CA ALA A 89 11.12 12.44 -1.83
C ALA A 89 10.67 11.39 -0.83
N TYR A 90 9.61 10.66 -1.16
CA TYR A 90 9.08 9.63 -0.28
C TYR A 90 9.84 8.33 -0.45
N SER A 91 10.99 8.24 0.17
CA SER A 91 11.73 6.98 0.23
C SER A 91 11.06 6.03 1.22
N VAL A 92 10.24 5.15 0.70
CA VAL A 92 9.41 4.29 1.54
C VAL A 92 10.00 2.87 1.65
N ALA A 93 9.26 2.00 2.33
CA ALA A 93 9.69 0.61 2.51
C ALA A 93 8.61 -0.35 2.02
N ALA A 94 8.93 -1.64 1.99
CA ALA A 94 8.06 -2.64 1.42
C ALA A 94 7.91 -3.85 2.32
N TYR A 95 6.70 -4.07 2.80
CA TYR A 95 6.40 -5.25 3.59
C TYR A 95 6.19 -6.45 2.67
N ASP A 96 6.48 -7.64 3.16
CA ASP A 96 6.27 -8.83 2.36
C ASP A 96 4.80 -9.24 2.44
N THR A 97 4.36 -10.05 1.49
CA THR A 97 2.94 -10.36 1.36
C THR A 97 2.73 -11.86 1.11
N GLN A 98 1.67 -12.39 1.69
CA GLN A 98 1.27 -13.77 1.47
C GLN A 98 -0.15 -13.84 0.99
N VAL A 99 -0.39 -14.70 0.02
CA VAL A 99 -1.72 -14.93 -0.49
C VAL A 99 -2.23 -16.25 0.05
N THR A 100 -3.12 -16.17 1.03
CA THR A 100 -3.58 -17.36 1.73
C THR A 100 -4.79 -17.96 1.04
N ASN A 101 -5.89 -17.24 1.11
CA ASN A 101 -7.11 -17.62 0.41
C ASN A 101 -7.43 -16.55 -0.62
N GLY A 102 -8.68 -16.11 -0.66
CA GLY A 102 -9.02 -14.98 -1.52
C GLY A 102 -8.71 -13.68 -0.83
N ASN A 103 -7.63 -13.66 -0.05
CA ASN A 103 -7.26 -12.51 0.75
C ASN A 103 -5.75 -12.31 0.75
N VAL A 104 -5.33 -11.08 0.99
CA VAL A 104 -3.92 -10.75 1.03
C VAL A 104 -3.49 -10.42 2.45
N GLN A 105 -2.43 -11.07 2.92
CA GLN A 105 -1.90 -10.82 4.25
C GLN A 105 -0.45 -10.38 4.16
N ILE A 106 -0.14 -9.25 4.78
CA ILE A 106 1.23 -8.75 4.80
C ILE A 106 1.87 -9.06 6.14
N SER A 107 3.20 -8.93 6.20
CA SER A 107 3.90 -9.17 7.44
C SER A 107 4.05 -7.88 8.23
N ILE A 108 3.15 -7.66 9.18
CA ILE A 108 3.23 -6.49 10.04
C ILE A 108 4.36 -6.65 11.05
N ALA A 109 5.47 -5.98 10.79
CA ALA A 109 6.61 -6.03 11.67
C ALA A 109 7.20 -4.63 11.83
N ASP A 110 6.88 -3.99 12.94
CA ASP A 110 7.39 -2.66 13.22
C ASP A 110 8.56 -2.74 14.17
N SER A 111 9.54 -1.86 13.97
CA SER A 111 10.69 -1.79 14.86
C SER A 111 10.22 -1.56 16.29
N ASP A 112 9.59 -0.40 16.50
CA ASP A 112 8.88 -0.12 17.75
C ASP A 112 8.09 1.17 17.60
N VAL A 113 6.92 1.05 16.98
CA VAL A 113 6.06 2.19 16.76
C VAL A 113 4.99 2.25 17.85
N ALA A 114 4.93 3.39 18.52
CA ALA A 114 3.98 3.58 19.60
C ALA A 114 3.70 5.07 19.79
N VAL A 115 2.49 5.47 19.49
CA VAL A 115 2.04 6.84 19.68
C VAL A 115 0.54 6.88 19.94
N ASP A 116 0.15 7.53 21.01
CA ASP A 116 -1.26 7.52 21.42
C ASP A 116 -1.84 8.92 21.41
N ASN A 117 -2.67 9.18 20.41
CA ASN A 117 -3.35 10.47 20.29
C ASN A 117 -4.75 10.26 19.71
N SER A 118 -4.85 9.35 18.76
CA SER A 118 -6.10 9.11 18.05
C SER A 118 -6.83 7.91 18.63
N GLN A 119 -7.50 8.13 19.74
CA GLN A 119 -8.34 7.10 20.34
C GLN A 119 -9.60 6.90 19.50
N PRO A 120 -9.73 5.74 18.84
CA PRO A 120 -10.88 5.43 18.03
C PRO A 120 -11.95 4.67 18.81
N LEU A 121 -13.09 4.46 18.17
CA LEU A 121 -14.14 3.65 18.75
C LEU A 121 -14.26 2.33 17.98
N PRO A 122 -13.52 1.31 18.41
CA PRO A 122 -13.48 0.02 17.73
C PRO A 122 -14.61 -0.90 18.17
N LEU A 123 -15.38 -1.41 17.22
CA LEU A 123 -16.45 -2.32 17.53
C LEU A 123 -15.89 -3.73 17.65
N GLU A 124 -15.59 -4.13 18.87
CA GLU A 124 -15.09 -5.46 19.15
C GLU A 124 -16.25 -6.34 19.61
N HIS A 125 -16.72 -7.20 18.73
CA HIS A 125 -17.88 -8.04 19.02
C HIS A 125 -17.60 -9.01 20.15
N HIS A 126 -16.41 -9.61 20.14
CA HIS A 126 -15.97 -10.46 21.24
C HIS A 126 -14.88 -9.74 22.01
N HIS A 127 -15.29 -9.05 23.06
CA HIS A 127 -14.41 -8.17 23.81
C HIS A 127 -13.34 -8.94 24.58
N HIS A 128 -12.10 -8.52 24.41
CA HIS A 128 -11.01 -9.00 25.24
C HIS A 128 -11.06 -8.22 26.56
N HIS A 129 -11.14 -8.93 27.67
CA HIS A 129 -11.50 -8.32 28.93
C HIS A 129 -10.48 -8.62 30.02
N HIS A 130 -10.22 -7.63 30.87
CA HIS A 130 -9.33 -7.81 32.01
C HIS A 130 -10.05 -7.43 33.29
N MET A 1 4.25 -18.01 9.70
CA MET A 1 3.17 -16.99 9.70
C MET A 1 2.77 -16.62 11.13
N SER A 2 3.29 -15.50 11.61
CA SER A 2 2.95 -15.00 12.93
C SER A 2 2.18 -13.68 12.81
N GLN A 3 2.90 -12.60 12.53
CA GLN A 3 2.27 -11.29 12.41
C GLN A 3 1.88 -11.02 10.97
N TRP A 4 0.74 -11.58 10.58
CA TRP A 4 0.22 -11.44 9.22
C TRP A 4 -1.27 -11.11 9.27
N THR A 5 -1.59 -9.84 9.11
CA THR A 5 -2.97 -9.40 9.16
C THR A 5 -3.62 -9.48 7.77
N THR A 6 -4.85 -10.00 7.74
CA THR A 6 -5.60 -10.10 6.51
C THR A 6 -6.08 -8.72 6.07
N VAL A 7 -5.52 -8.23 4.97
CA VAL A 7 -5.87 -6.90 4.47
C VAL A 7 -7.17 -6.94 3.67
N CYS A 8 -7.09 -7.50 2.46
CA CYS A 8 -8.24 -7.59 1.58
C CYS A 8 -8.11 -8.82 0.69
N LYS A 9 -9.12 -9.08 -0.12
CA LYS A 9 -9.11 -10.22 -1.02
C LYS A 9 -8.28 -9.89 -2.26
N LEU A 10 -7.52 -10.86 -2.76
CA LEU A 10 -6.77 -10.69 -4.00
C LEU A 10 -7.73 -10.43 -5.15
N ASP A 11 -8.95 -10.89 -4.96
CA ASP A 11 -10.00 -10.80 -5.97
C ASP A 11 -10.72 -9.46 -5.87
N ASP A 12 -10.61 -8.85 -4.70
CA ASP A 12 -11.32 -7.60 -4.40
C ASP A 12 -10.46 -6.39 -4.80
N ILE A 13 -9.15 -6.59 -4.82
CA ILE A 13 -8.22 -5.51 -5.15
C ILE A 13 -8.18 -5.25 -6.65
N LEU A 14 -8.60 -4.05 -7.05
CA LEU A 14 -8.65 -3.67 -8.46
C LEU A 14 -7.25 -3.52 -9.05
N PRO A 15 -7.02 -4.11 -10.23
CA PRO A 15 -5.71 -4.08 -10.90
C PRO A 15 -5.33 -2.70 -11.41
N GLY A 16 -4.04 -2.39 -11.35
CA GLY A 16 -3.54 -1.13 -11.83
C GLY A 16 -3.65 -0.02 -10.80
N THR A 17 -3.83 -0.38 -9.54
CA THR A 17 -4.06 0.62 -8.50
C THR A 17 -3.63 0.12 -7.12
N GLY A 18 -3.54 1.05 -6.17
CA GLY A 18 -3.20 0.70 -4.81
C GLY A 18 -3.92 1.59 -3.82
N VAL A 19 -4.34 1.03 -2.68
CA VAL A 19 -5.07 1.80 -1.69
C VAL A 19 -4.44 1.67 -0.30
N CYS A 20 -4.50 2.77 0.46
CA CYS A 20 -4.03 2.77 1.83
C CYS A 20 -5.01 2.04 2.74
N ALA A 21 -4.63 0.84 3.14
CA ALA A 21 -5.44 0.05 4.05
C ALA A 21 -4.98 0.24 5.48
N LEU A 22 -5.94 0.50 6.36
CA LEU A 22 -5.63 0.69 7.77
C LEU A 22 -5.68 -0.67 8.48
N VAL A 23 -4.50 -1.23 8.72
CA VAL A 23 -4.41 -2.50 9.43
C VAL A 23 -3.79 -2.32 10.81
N GLU A 24 -4.62 -2.52 11.83
CA GLU A 24 -4.22 -2.36 13.23
C GLU A 24 -3.89 -0.91 13.56
N GLN A 25 -2.76 -0.43 13.07
CA GLN A 25 -2.32 0.94 13.31
C GLN A 25 -1.39 1.43 12.21
N GLN A 26 -1.32 0.67 11.13
CA GLN A 26 -0.45 0.99 10.01
C GLN A 26 -1.26 1.21 8.73
N GLN A 27 -0.91 2.24 7.97
CA GLN A 27 -1.51 2.47 6.66
C GLN A 27 -0.58 1.96 5.57
N ILE A 28 -1.01 0.93 4.88
CA ILE A 28 -0.20 0.30 3.84
C ILE A 28 -0.90 0.41 2.49
N ALA A 29 -0.14 0.76 1.46
CA ALA A 29 -0.69 0.88 0.13
C ALA A 29 -0.57 -0.44 -0.61
N VAL A 30 -1.71 -1.03 -0.93
CA VAL A 30 -1.73 -2.34 -1.56
C VAL A 30 -1.91 -2.21 -3.07
N PHE A 31 -0.81 -2.35 -3.80
CA PHE A 31 -0.81 -2.25 -5.24
C PHE A 31 -1.28 -3.55 -5.87
N ARG A 32 -2.04 -3.41 -6.95
CA ARG A 32 -2.32 -4.53 -7.83
C ARG A 32 -1.63 -4.26 -9.17
N PRO A 33 -0.33 -4.52 -9.28
CA PRO A 33 0.48 -4.10 -10.43
C PRO A 33 0.07 -4.79 -11.72
N ARG A 34 -0.17 -6.10 -11.65
CA ARG A 34 -0.59 -6.86 -12.81
C ARG A 34 -2.01 -7.37 -12.62
N ASN A 35 -2.69 -7.65 -13.72
CA ASN A 35 -3.93 -8.41 -13.67
C ASN A 35 -3.57 -9.88 -13.47
N ASP A 36 -3.11 -10.18 -12.28
CA ASP A 36 -2.52 -11.48 -11.97
C ASP A 36 -2.55 -11.69 -10.47
N GLU A 37 -1.97 -12.80 -10.02
CA GLU A 37 -1.93 -13.12 -8.59
C GLU A 37 -0.84 -12.32 -7.90
N GLN A 38 -0.01 -11.67 -8.71
CA GLN A 38 1.08 -10.85 -8.21
C GLN A 38 0.55 -9.53 -7.63
N VAL A 39 0.90 -9.27 -6.37
CA VAL A 39 0.48 -8.05 -5.69
C VAL A 39 1.67 -7.41 -4.97
N TYR A 40 1.50 -6.17 -4.50
CA TYR A 40 2.57 -5.45 -3.82
C TYR A 40 2.02 -4.46 -2.80
N ALA A 41 2.08 -4.81 -1.53
CA ALA A 41 1.66 -3.90 -0.47
C ALA A 41 2.88 -3.30 0.22
N ILE A 42 3.12 -2.02 0.00
CA ILE A 42 4.31 -1.36 0.53
C ILE A 42 3.94 -0.06 1.24
N SER A 43 4.95 0.62 1.77
CA SER A 43 4.75 1.90 2.43
C SER A 43 4.70 3.01 1.38
N ASN A 44 3.56 3.16 0.74
CA ASN A 44 3.42 4.14 -0.34
C ASN A 44 2.28 5.10 -0.03
N ILE A 45 2.51 5.95 0.96
CA ILE A 45 1.52 6.91 1.39
C ILE A 45 2.12 8.31 1.38
N ASP A 46 1.42 9.26 0.81
CA ASP A 46 1.89 10.63 0.79
C ASP A 46 1.52 11.33 2.09
N PRO A 47 2.52 11.84 2.82
CA PRO A 47 2.32 12.45 4.14
C PRO A 47 1.43 13.69 4.09
N PHE A 48 1.27 14.27 2.91
CA PHE A 48 0.48 15.48 2.75
C PHE A 48 -0.91 15.15 2.24
N ALA A 49 -1.22 13.86 2.14
CA ALA A 49 -2.53 13.41 1.68
C ALA A 49 -3.12 12.34 2.59
N GLN A 50 -2.23 11.56 3.22
CA GLN A 50 -2.62 10.50 4.16
C GLN A 50 -3.32 9.34 3.43
N ALA A 51 -3.09 9.28 2.13
CA ALA A 51 -3.68 8.24 1.29
C ALA A 51 -2.68 7.80 0.24
N SER A 52 -3.01 6.71 -0.43
CA SER A 52 -2.14 6.14 -1.45
C SER A 52 -2.31 6.87 -2.78
N VAL A 53 -2.13 8.18 -2.77
CA VAL A 53 -2.28 8.98 -3.98
C VAL A 53 -1.12 8.69 -4.92
N LEU A 54 -0.03 8.20 -4.36
CA LEU A 54 1.15 7.82 -5.12
C LEU A 54 0.89 6.47 -5.81
N SER A 55 -0.09 5.74 -5.29
CA SER A 55 -0.38 4.39 -5.76
C SER A 55 -1.41 4.40 -6.89
N ARG A 56 -2.16 5.50 -7.00
CA ARG A 56 -3.20 5.60 -8.00
C ARG A 56 -2.70 6.39 -9.21
N GLY A 57 -1.38 6.34 -9.41
CA GLY A 57 -0.78 6.99 -10.55
C GLY A 57 -0.58 6.06 -11.72
N ILE A 58 0.65 5.94 -12.18
CA ILE A 58 0.98 5.06 -13.29
C ILE A 58 1.83 3.89 -12.82
N VAL A 59 1.20 2.74 -12.72
CA VAL A 59 1.89 1.52 -12.36
C VAL A 59 2.34 0.82 -13.63
N ALA A 60 3.62 0.88 -13.91
CA ALA A 60 4.16 0.29 -15.13
C ALA A 60 5.61 -0.17 -14.94
N GLU A 61 6.18 -0.73 -15.99
CA GLU A 61 7.56 -1.12 -15.98
C GLU A 61 8.38 -0.17 -16.84
N HIS A 62 9.68 -0.26 -16.71
CA HIS A 62 10.58 0.55 -17.51
C HIS A 62 11.59 -0.36 -18.19
N GLN A 63 11.13 -1.02 -19.26
CA GLN A 63 11.96 -1.95 -20.04
C GLN A 63 12.32 -3.20 -19.25
N ASP A 64 13.00 -3.01 -18.13
CA ASP A 64 13.48 -4.11 -17.32
C ASP A 64 12.86 -4.08 -15.92
N ASP A 65 13.05 -2.98 -15.20
CA ASP A 65 12.63 -2.88 -13.82
C ASP A 65 11.20 -2.34 -13.71
N LEU A 66 10.69 -2.24 -12.48
CA LEU A 66 9.30 -1.88 -12.24
C LEU A 66 9.20 -0.58 -11.43
N TRP A 67 8.51 0.42 -11.97
CA TRP A 67 8.47 1.74 -11.35
C TRP A 67 7.06 2.31 -11.38
N VAL A 68 6.57 2.76 -10.24
CA VAL A 68 5.28 3.42 -10.18
C VAL A 68 5.46 4.94 -10.25
N ALA A 69 4.76 5.56 -11.17
CA ALA A 69 4.85 6.99 -11.36
C ALA A 69 3.72 7.71 -10.64
N SER A 70 4.08 8.58 -9.70
CA SER A 70 3.10 9.38 -9.00
C SER A 70 2.40 10.34 -9.97
N PRO A 71 1.08 10.56 -9.80
CA PRO A 71 0.35 11.53 -10.59
C PRO A 71 0.59 12.96 -10.10
N LEU A 72 0.62 13.11 -8.79
CA LEU A 72 0.79 14.42 -8.18
C LEU A 72 2.26 14.86 -8.23
N LYS A 73 3.10 14.17 -7.48
CA LYS A 73 4.51 14.57 -7.37
C LYS A 73 5.32 14.06 -8.56
N LYS A 74 4.76 13.07 -9.26
CA LYS A 74 5.35 12.52 -10.47
C LYS A 74 6.72 11.88 -10.23
N GLN A 75 7.02 11.59 -8.97
CA GLN A 75 8.23 10.87 -8.62
C GLN A 75 8.01 9.38 -8.90
N HIS A 76 9.07 8.72 -9.37
CA HIS A 76 8.98 7.32 -9.75
C HIS A 76 9.54 6.43 -8.65
N PHE A 77 8.69 5.62 -8.06
CA PHE A 77 9.10 4.75 -6.97
C PHE A 77 9.19 3.31 -7.47
N ARG A 78 10.34 2.69 -7.29
CA ARG A 78 10.52 1.29 -7.69
C ARG A 78 9.78 0.38 -6.72
N LEU A 79 8.86 -0.42 -7.27
CA LEU A 79 8.09 -1.36 -6.46
C LEU A 79 8.95 -2.57 -6.12
N TYR A 80 9.82 -2.40 -5.14
CA TYR A 80 10.74 -3.45 -4.72
C TYR A 80 11.52 -2.99 -3.50
N ASP A 81 12.31 -1.94 -3.67
CA ASP A 81 13.14 -1.42 -2.60
C ASP A 81 12.65 -0.04 -2.15
N GLY A 82 11.94 0.64 -3.04
CA GLY A 82 11.41 1.95 -2.71
C GLY A 82 12.30 3.07 -3.21
N PHE A 83 13.16 2.76 -4.18
CA PHE A 83 14.06 3.75 -4.76
C PHE A 83 13.27 4.75 -5.60
N CYS A 84 13.58 6.03 -5.43
CA CYS A 84 12.84 7.11 -6.09
C CYS A 84 13.42 7.45 -7.47
N LEU A 85 14.07 6.47 -8.10
CA LEU A 85 14.66 6.60 -9.43
C LEU A 85 15.78 7.64 -9.46
N GLU A 86 15.42 8.90 -9.52
CA GLU A 86 16.39 9.97 -9.65
C GLU A 86 16.20 11.02 -8.56
N ASP A 87 15.12 10.88 -7.79
CA ASP A 87 14.85 11.81 -6.70
C ASP A 87 15.24 11.16 -5.37
N GLY A 88 14.99 11.86 -4.28
CA GLY A 88 15.33 11.33 -2.98
C GLY A 88 14.65 12.08 -1.85
N ALA A 89 13.54 12.74 -2.17
CA ALA A 89 12.78 13.47 -1.18
C ALA A 89 12.17 12.52 -0.16
N TYR A 90 11.37 11.58 -0.63
CA TYR A 90 10.73 10.62 0.24
C TYR A 90 10.92 9.20 -0.29
N SER A 91 11.98 8.55 0.18
CA SER A 91 12.19 7.15 -0.15
C SER A 91 11.23 6.29 0.66
N VAL A 92 10.54 5.39 0.00
CA VAL A 92 9.51 4.59 0.64
C VAL A 92 10.06 3.24 1.09
N ALA A 93 9.18 2.40 1.64
CA ALA A 93 9.58 1.09 2.13
C ALA A 93 8.67 0.01 1.57
N ALA A 94 8.94 -1.25 1.94
CA ALA A 94 8.22 -2.38 1.39
C ALA A 94 7.98 -3.43 2.46
N TYR A 95 6.73 -3.80 2.64
CA TYR A 95 6.36 -4.87 3.56
C TYR A 95 6.37 -6.20 2.82
N ASP A 96 6.26 -7.30 3.56
CA ASP A 96 6.19 -8.61 2.94
C ASP A 96 4.73 -9.07 2.91
N THR A 97 4.34 -9.67 1.79
CA THR A 97 2.95 -10.04 1.54
C THR A 97 2.83 -11.52 1.17
N GLN A 98 1.65 -12.09 1.39
CA GLN A 98 1.36 -13.44 0.94
C GLN A 98 -0.14 -13.64 0.76
N VAL A 99 -0.49 -14.34 -0.29
CA VAL A 99 -1.88 -14.71 -0.55
C VAL A 99 -2.06 -16.20 -0.30
N THR A 100 -2.41 -16.55 0.92
CA THR A 100 -2.43 -17.95 1.31
C THR A 100 -3.85 -18.43 1.60
N ASN A 101 -4.81 -17.50 1.56
CA ASN A 101 -6.19 -17.83 1.87
C ASN A 101 -7.15 -17.09 0.95
N GLY A 102 -6.66 -16.73 -0.23
CA GLY A 102 -7.46 -15.93 -1.16
C GLY A 102 -7.38 -14.45 -0.83
N ASN A 103 -6.95 -14.16 0.39
CA ASN A 103 -6.78 -12.81 0.86
C ASN A 103 -5.30 -12.49 0.94
N VAL A 104 -4.97 -11.21 0.88
CA VAL A 104 -3.59 -10.79 0.95
C VAL A 104 -3.20 -10.44 2.37
N GLN A 105 -2.25 -11.17 2.92
CA GLN A 105 -1.75 -10.91 4.25
C GLN A 105 -0.40 -10.20 4.17
N ILE A 106 -0.21 -9.23 5.04
CA ILE A 106 1.04 -8.50 5.13
C ILE A 106 1.71 -8.78 6.46
N SER A 107 3.03 -8.74 6.48
CA SER A 107 3.76 -8.93 7.73
C SER A 107 3.88 -7.60 8.46
N ILE A 108 3.49 -7.59 9.73
CA ILE A 108 3.53 -6.39 10.54
C ILE A 108 4.97 -5.93 10.76
N ALA A 109 5.34 -4.87 10.07
CA ALA A 109 6.68 -4.30 10.21
C ALA A 109 6.57 -2.88 10.76
N ASP A 110 7.60 -2.45 11.47
CA ASP A 110 7.61 -1.14 12.10
C ASP A 110 7.82 -0.05 11.07
N SER A 111 7.25 1.12 11.34
CA SER A 111 7.41 2.29 10.48
C SER A 111 7.36 3.56 11.34
N ASP A 112 6.16 3.88 11.83
CA ASP A 112 5.95 5.01 12.73
C ASP A 112 4.50 5.10 13.12
N VAL A 113 4.20 4.74 14.36
CA VAL A 113 2.85 4.88 14.88
C VAL A 113 2.67 6.29 15.41
N ALA A 114 1.77 7.02 14.79
CA ALA A 114 1.57 8.43 15.10
C ALA A 114 0.14 8.67 15.55
N VAL A 115 -0.21 9.95 15.76
CA VAL A 115 -1.59 10.31 16.02
C VAL A 115 -2.43 10.04 14.79
N ASP A 116 -3.23 8.99 14.87
CA ASP A 116 -3.95 8.49 13.71
C ASP A 116 -5.38 8.99 13.67
N ASN A 117 -5.95 8.95 12.48
CA ASN A 117 -7.36 9.21 12.29
C ASN A 117 -7.97 8.08 11.48
N SER A 118 -8.70 7.23 12.16
CA SER A 118 -9.25 6.02 11.55
C SER A 118 -10.25 6.37 10.45
N GLN A 119 -11.24 7.19 10.80
CA GLN A 119 -12.33 7.56 9.89
C GLN A 119 -13.19 6.34 9.55
N PRO A 120 -14.42 6.29 10.08
CA PRO A 120 -15.36 5.23 9.75
C PRO A 120 -15.72 5.27 8.27
N LEU A 121 -15.17 4.33 7.51
CA LEU A 121 -15.39 4.31 6.08
C LEU A 121 -16.68 3.58 5.75
N PRO A 122 -17.49 4.15 4.84
CA PRO A 122 -18.70 3.51 4.35
C PRO A 122 -18.37 2.25 3.55
N LEU A 123 -18.59 1.10 4.15
CA LEU A 123 -18.30 -0.16 3.50
C LEU A 123 -19.24 -0.39 2.32
N GLU A 124 -18.67 -0.82 1.21
CA GLU A 124 -19.45 -1.09 0.00
C GLU A 124 -19.83 -2.56 -0.04
N HIS A 125 -20.38 -2.99 -1.17
CA HIS A 125 -20.86 -4.36 -1.30
C HIS A 125 -20.03 -5.12 -2.33
N HIS A 126 -19.49 -6.26 -1.92
CA HIS A 126 -18.78 -7.15 -2.83
C HIS A 126 -19.65 -8.36 -3.12
N HIS A 127 -20.25 -8.39 -4.31
CA HIS A 127 -21.14 -9.49 -4.67
C HIS A 127 -20.37 -10.80 -4.75
N HIS A 128 -20.95 -11.87 -4.23
CA HIS A 128 -20.27 -13.16 -4.21
C HIS A 128 -20.10 -13.68 -5.65
N HIS A 129 -18.89 -14.12 -5.96
CA HIS A 129 -18.56 -14.52 -7.31
C HIS A 129 -19.25 -15.83 -7.69
N HIS A 130 -19.98 -15.79 -8.78
CA HIS A 130 -20.68 -16.97 -9.28
C HIS A 130 -19.74 -17.82 -10.12
N MET A 1 0.98 -18.63 8.77
CA MET A 1 0.38 -17.37 9.26
C MET A 1 0.57 -17.21 10.76
N SER A 2 1.43 -16.29 11.15
CA SER A 2 1.66 -16.00 12.56
C SER A 2 1.66 -14.48 12.80
N GLN A 3 2.72 -13.83 12.35
CA GLN A 3 2.83 -12.38 12.44
C GLN A 3 2.26 -11.72 11.19
N TRP A 4 1.42 -12.46 10.49
CA TRP A 4 0.85 -12.02 9.23
C TRP A 4 -0.59 -11.57 9.46
N THR A 5 -0.85 -10.29 9.23
CA THR A 5 -2.17 -9.74 9.47
C THR A 5 -2.97 -9.65 8.17
N THR A 6 -4.20 -10.12 8.23
CA THR A 6 -5.11 -10.11 7.09
C THR A 6 -5.50 -8.68 6.72
N VAL A 7 -5.17 -8.27 5.49
CA VAL A 7 -5.54 -6.94 5.02
C VAL A 7 -6.83 -6.99 4.22
N CYS A 8 -6.72 -7.31 2.94
CA CYS A 8 -7.89 -7.38 2.06
C CYS A 8 -7.74 -8.54 1.09
N LYS A 9 -8.85 -8.97 0.48
CA LYS A 9 -8.80 -10.03 -0.50
C LYS A 9 -8.05 -9.56 -1.74
N LEU A 10 -7.33 -10.48 -2.36
CA LEU A 10 -6.64 -10.18 -3.61
C LEU A 10 -7.67 -9.88 -4.71
N ASP A 11 -8.84 -10.48 -4.56
CA ASP A 11 -9.91 -10.36 -5.54
C ASP A 11 -10.78 -9.15 -5.25
N ASP A 12 -10.79 -8.75 -3.99
CA ASP A 12 -11.59 -7.60 -3.55
C ASP A 12 -10.97 -6.30 -4.04
N ILE A 13 -9.71 -6.40 -4.46
CA ILE A 13 -9.00 -5.27 -5.02
C ILE A 13 -9.09 -5.29 -6.54
N LEU A 14 -9.41 -4.14 -7.13
CA LEU A 14 -9.63 -4.06 -8.57
C LEU A 14 -8.32 -4.14 -9.35
N PRO A 15 -8.38 -4.68 -10.58
CA PRO A 15 -7.21 -4.75 -11.47
C PRO A 15 -6.75 -3.37 -11.90
N GLY A 16 -5.48 -3.09 -11.63
CA GLY A 16 -4.90 -1.81 -12.00
C GLY A 16 -5.12 -0.76 -10.93
N THR A 17 -5.11 -1.15 -9.66
CA THR A 17 -5.36 -0.20 -8.58
C THR A 17 -4.37 -0.41 -7.44
N GLY A 18 -4.51 0.42 -6.41
CA GLY A 18 -3.66 0.32 -5.24
C GLY A 18 -4.08 1.29 -4.17
N VAL A 19 -4.78 0.81 -3.15
CA VAL A 19 -5.33 1.68 -2.13
C VAL A 19 -4.75 1.39 -0.75
N CYS A 20 -4.69 2.43 0.08
CA CYS A 20 -4.20 2.30 1.44
C CYS A 20 -5.24 1.70 2.37
N ALA A 21 -4.86 0.66 3.09
CA ALA A 21 -5.69 0.10 4.14
C ALA A 21 -5.06 0.36 5.49
N LEU A 22 -5.87 0.74 6.46
CA LEU A 22 -5.36 1.05 7.79
C LEU A 22 -5.22 -0.24 8.59
N VAL A 23 -3.98 -0.67 8.80
CA VAL A 23 -3.71 -1.88 9.56
C VAL A 23 -3.03 -1.52 10.88
N GLU A 24 -3.84 -1.34 11.91
CA GLU A 24 -3.38 -1.02 13.26
C GLU A 24 -2.70 0.34 13.35
N GLN A 25 -1.48 0.44 12.86
CA GLN A 25 -0.68 1.66 13.01
C GLN A 25 0.03 2.05 11.73
N GLN A 26 -0.31 1.38 10.63
CA GLN A 26 0.31 1.66 9.35
C GLN A 26 -0.69 1.59 8.21
N GLN A 27 -0.51 2.45 7.23
CA GLN A 27 -1.31 2.40 6.02
C GLN A 27 -0.57 1.62 4.95
N ILE A 28 -1.16 0.54 4.48
CA ILE A 28 -0.56 -0.27 3.45
C ILE A 28 -1.32 -0.14 2.15
N ALA A 29 -0.64 0.31 1.11
CA ALA A 29 -1.24 0.43 -0.21
C ALA A 29 -0.99 -0.86 -0.98
N VAL A 30 -2.07 -1.48 -1.44
CA VAL A 30 -1.95 -2.77 -2.10
C VAL A 30 -2.18 -2.63 -3.61
N PHE A 31 -1.09 -2.75 -4.36
CA PHE A 31 -1.15 -2.69 -5.81
C PHE A 31 -1.67 -4.00 -6.39
N ARG A 32 -2.55 -3.91 -7.35
CA ARG A 32 -2.90 -5.05 -8.18
C ARG A 32 -2.76 -4.68 -9.65
N PRO A 33 -1.51 -4.57 -10.14
CA PRO A 33 -1.23 -4.09 -11.50
C PRO A 33 -1.79 -5.02 -12.56
N ARG A 34 -1.74 -6.30 -12.28
CA ARG A 34 -2.28 -7.31 -13.18
C ARG A 34 -3.49 -7.97 -12.56
N ASN A 35 -4.42 -8.40 -13.38
CA ASN A 35 -5.59 -9.13 -12.90
C ASN A 35 -5.21 -10.60 -12.67
N ASP A 36 -4.20 -10.77 -11.83
CA ASP A 36 -3.70 -12.09 -11.47
C ASP A 36 -3.44 -12.11 -9.98
N GLU A 37 -2.90 -13.20 -9.48
CA GLU A 37 -2.52 -13.31 -8.07
C GLU A 37 -1.15 -12.68 -7.84
N GLN A 38 -0.98 -11.49 -8.37
CA GLN A 38 0.27 -10.75 -8.26
C GLN A 38 -0.02 -9.36 -7.71
N VAL A 39 0.20 -9.19 -6.41
CA VAL A 39 -0.10 -7.93 -5.74
C VAL A 39 1.13 -7.39 -5.02
N TYR A 40 1.09 -6.11 -4.69
CA TYR A 40 2.19 -5.47 -3.99
C TYR A 40 1.66 -4.61 -2.85
N ALA A 41 1.76 -5.11 -1.64
CA ALA A 41 1.25 -4.40 -0.47
C ALA A 41 2.39 -3.79 0.33
N ILE A 42 2.65 -2.52 0.09
CA ILE A 42 3.72 -1.79 0.78
C ILE A 42 3.22 -0.47 1.32
N SER A 43 4.05 0.25 2.04
CA SER A 43 3.68 1.54 2.59
C SER A 43 3.78 2.63 1.53
N ASN A 44 3.08 2.45 0.43
CA ASN A 44 3.09 3.42 -0.67
C ASN A 44 2.04 4.49 -0.43
N ILE A 45 2.32 5.33 0.55
CA ILE A 45 1.37 6.34 0.99
C ILE A 45 2.00 7.72 0.91
N ASP A 46 1.23 8.71 0.52
CA ASP A 46 1.71 10.09 0.55
C ASP A 46 1.37 10.70 1.90
N PRO A 47 2.39 11.08 2.67
CA PRO A 47 2.23 11.62 4.03
C PRO A 47 1.43 12.92 4.06
N PHE A 48 1.31 13.57 2.92
CA PHE A 48 0.59 14.84 2.85
C PHE A 48 -0.81 14.64 2.30
N ALA A 49 -1.12 13.41 1.90
CA ALA A 49 -2.42 13.09 1.32
C ALA A 49 -3.18 12.09 2.19
N GLN A 50 -2.43 11.30 2.96
CA GLN A 50 -2.98 10.32 3.89
C GLN A 50 -3.63 9.16 3.13
N ALA A 51 -3.26 9.02 1.87
CA ALA A 51 -3.80 7.99 1.00
C ALA A 51 -2.79 7.63 -0.07
N SER A 52 -3.05 6.56 -0.80
CA SER A 52 -2.16 6.13 -1.85
C SER A 52 -2.44 6.88 -3.15
N VAL A 53 -1.86 8.05 -3.27
CA VAL A 53 -1.97 8.83 -4.50
C VAL A 53 -0.74 8.61 -5.36
N LEU A 54 0.26 7.97 -4.76
CA LEU A 54 1.49 7.62 -5.47
C LEU A 54 1.20 6.52 -6.49
N SER A 55 0.20 5.71 -6.17
CA SER A 55 -0.17 4.56 -6.97
C SER A 55 -1.19 4.93 -8.06
N ARG A 56 -1.49 6.21 -8.19
CA ARG A 56 -2.48 6.65 -9.14
C ARG A 56 -1.82 7.37 -10.32
N GLY A 57 -0.52 7.20 -10.43
CA GLY A 57 0.22 7.83 -11.51
C GLY A 57 0.42 6.88 -12.68
N ILE A 58 1.54 7.05 -13.36
CA ILE A 58 1.86 6.22 -14.51
C ILE A 58 2.76 5.07 -14.11
N VAL A 59 2.25 3.86 -14.29
CA VAL A 59 3.04 2.66 -14.02
C VAL A 59 4.12 2.52 -15.07
N ALA A 60 5.33 2.88 -14.68
CA ALA A 60 6.46 2.86 -15.59
C ALA A 60 7.25 1.57 -15.43
N GLU A 61 7.16 0.72 -16.44
CA GLU A 61 7.87 -0.53 -16.42
C GLU A 61 9.26 -0.36 -17.01
N HIS A 62 10.24 -0.83 -16.28
CA HIS A 62 11.63 -0.65 -16.68
C HIS A 62 12.21 -1.98 -17.15
N GLN A 63 11.42 -2.67 -17.97
CA GLN A 63 11.81 -3.97 -18.54
C GLN A 63 11.84 -5.06 -17.47
N ASP A 64 12.77 -4.93 -16.54
CA ASP A 64 12.96 -5.93 -15.50
C ASP A 64 12.24 -5.54 -14.23
N ASP A 65 12.36 -4.27 -13.85
CA ASP A 65 11.75 -3.79 -12.60
C ASP A 65 10.42 -3.10 -12.90
N LEU A 66 9.72 -2.71 -11.85
CA LEU A 66 8.39 -2.13 -11.97
C LEU A 66 8.29 -0.87 -11.12
N TRP A 67 8.03 0.25 -11.77
CA TRP A 67 8.02 1.54 -11.10
C TRP A 67 6.69 2.24 -11.30
N VAL A 68 6.44 3.27 -10.51
CA VAL A 68 5.27 4.10 -10.69
C VAL A 68 5.65 5.58 -10.58
N ALA A 69 5.19 6.37 -11.53
CA ALA A 69 5.43 7.81 -11.51
C ALA A 69 4.27 8.53 -10.84
N SER A 70 4.49 8.99 -9.63
CA SER A 70 3.45 9.65 -8.86
C SER A 70 3.10 11.01 -9.45
N PRO A 71 1.80 11.29 -9.60
CA PRO A 71 1.33 12.58 -10.14
C PRO A 71 1.56 13.73 -9.16
N LEU A 72 1.53 13.42 -7.87
CA LEU A 72 1.72 14.42 -6.84
C LEU A 72 3.18 14.58 -6.47
N LYS A 73 3.90 13.47 -6.45
CA LYS A 73 5.29 13.48 -6.03
C LYS A 73 6.23 13.76 -7.20
N LYS A 74 5.79 13.39 -8.41
CA LYS A 74 6.59 13.55 -9.63
C LYS A 74 7.84 12.66 -9.58
N GLN A 75 7.79 11.62 -8.76
CA GLN A 75 8.93 10.72 -8.60
C GLN A 75 8.54 9.29 -8.94
N HIS A 76 9.52 8.48 -9.31
CA HIS A 76 9.30 7.08 -9.64
C HIS A 76 9.57 6.19 -8.44
N PHE A 77 8.53 5.50 -7.98
CA PHE A 77 8.65 4.60 -6.84
C PHE A 77 8.74 3.15 -7.31
N ARG A 78 9.64 2.40 -6.69
CA ARG A 78 9.80 0.97 -7.00
C ARG A 78 8.70 0.16 -6.32
N LEU A 79 7.97 -0.61 -7.13
CA LEU A 79 6.78 -1.32 -6.65
C LEU A 79 7.13 -2.52 -5.79
N TYR A 80 8.26 -3.15 -6.05
CA TYR A 80 8.62 -4.38 -5.36
C TYR A 80 9.23 -4.10 -3.98
N ASP A 81 9.70 -2.87 -3.79
CA ASP A 81 10.37 -2.52 -2.53
C ASP A 81 9.98 -1.12 -2.09
N GLY A 82 10.60 -0.12 -2.71
CA GLY A 82 10.35 1.25 -2.33
C GLY A 82 11.52 2.15 -2.70
N PHE A 83 12.66 1.53 -3.03
CA PHE A 83 13.82 2.29 -3.50
C PHE A 83 13.44 3.14 -4.70
N CYS A 84 13.38 4.44 -4.50
CA CYS A 84 12.90 5.35 -5.52
C CYS A 84 13.96 5.58 -6.60
N LEU A 85 13.50 5.97 -7.78
CA LEU A 85 14.39 6.23 -8.90
C LEU A 85 14.89 7.67 -8.85
N GLU A 86 14.15 8.51 -8.13
CA GLU A 86 14.53 9.90 -7.93
C GLU A 86 15.44 10.04 -6.72
N ASP A 87 14.84 10.11 -5.53
CA ASP A 87 15.57 10.24 -4.29
C ASP A 87 14.88 9.46 -3.18
N GLY A 88 15.62 9.16 -2.12
CA GLY A 88 15.03 8.52 -0.98
C GLY A 88 14.30 9.52 -0.10
N ALA A 89 13.24 10.10 -0.64
CA ALA A 89 12.50 11.17 0.03
C ALA A 89 11.90 10.68 1.35
N TYR A 90 10.96 9.76 1.29
CA TYR A 90 10.29 9.29 2.48
C TYR A 90 10.85 7.97 2.97
N SER A 91 11.37 7.18 2.03
CA SER A 91 11.83 5.82 2.31
C SER A 91 10.67 4.97 2.84
N VAL A 92 9.89 4.42 1.92
CA VAL A 92 8.71 3.65 2.29
C VAL A 92 9.09 2.24 2.73
N ALA A 93 8.22 1.63 3.52
CA ALA A 93 8.48 0.29 4.04
C ALA A 93 7.86 -0.77 3.14
N ALA A 94 8.56 -1.88 2.99
CA ALA A 94 8.09 -2.98 2.16
C ALA A 94 7.84 -4.21 3.01
N TYR A 95 6.59 -4.42 3.38
CA TYR A 95 6.21 -5.57 4.19
C TYR A 95 6.05 -6.79 3.31
N ASP A 96 6.57 -7.92 3.77
CA ASP A 96 6.45 -9.17 3.03
C ASP A 96 4.99 -9.60 3.00
N THR A 97 4.53 -10.04 1.84
CA THR A 97 3.12 -10.34 1.64
C THR A 97 2.90 -11.83 1.37
N GLN A 98 1.82 -12.37 1.87
CA GLN A 98 1.42 -13.72 1.51
C GLN A 98 -0.08 -13.77 1.22
N VAL A 99 -0.42 -14.48 0.16
CA VAL A 99 -1.81 -14.64 -0.23
C VAL A 99 -2.22 -16.09 0.00
N THR A 100 -2.20 -16.48 1.27
CA THR A 100 -2.43 -17.87 1.64
C THR A 100 -3.91 -18.18 1.78
N ASN A 101 -4.67 -17.16 2.16
CA ASN A 101 -6.09 -17.32 2.43
C ASN A 101 -6.94 -16.78 1.28
N GLY A 102 -6.27 -16.16 0.33
CA GLY A 102 -6.98 -15.41 -0.70
C GLY A 102 -6.97 -13.95 -0.35
N ASN A 103 -7.00 -13.68 0.95
CA ASN A 103 -6.73 -12.36 1.47
C ASN A 103 -5.23 -12.16 1.54
N VAL A 104 -4.76 -10.99 1.20
CA VAL A 104 -3.34 -10.68 1.25
C VAL A 104 -2.96 -10.32 2.68
N GLN A 105 -2.00 -11.06 3.22
CA GLN A 105 -1.58 -10.87 4.59
C GLN A 105 -0.12 -10.44 4.64
N ILE A 106 0.11 -9.28 5.23
CA ILE A 106 1.45 -8.76 5.37
C ILE A 106 2.04 -9.08 6.73
N SER A 107 3.36 -9.15 6.79
CA SER A 107 4.05 -9.37 8.05
C SER A 107 4.17 -8.05 8.79
N ILE A 108 3.51 -7.94 9.95
CA ILE A 108 3.50 -6.70 10.70
C ILE A 108 4.84 -6.42 11.37
N ALA A 109 5.54 -5.42 10.85
CA ALA A 109 6.71 -4.88 11.52
C ALA A 109 6.34 -3.52 12.07
N ASP A 110 6.03 -3.48 13.35
CA ASP A 110 5.53 -2.27 14.00
C ASP A 110 6.50 -1.11 13.82
N SER A 111 5.96 0.05 13.51
CA SER A 111 6.77 1.23 13.22
C SER A 111 7.10 1.99 14.49
N ASP A 112 6.41 1.63 15.57
CA ASP A 112 6.58 2.26 16.89
C ASP A 112 6.43 3.77 16.80
N VAL A 113 5.18 4.22 16.73
CA VAL A 113 4.90 5.64 16.59
C VAL A 113 3.54 5.97 17.21
N ALA A 114 3.44 7.13 17.85
CA ALA A 114 2.22 7.53 18.52
C ALA A 114 1.74 8.90 18.03
N VAL A 115 0.98 8.89 16.95
CA VAL A 115 0.44 10.12 16.39
C VAL A 115 -1.08 10.15 16.55
N ASP A 116 -1.64 11.32 16.79
CA ASP A 116 -3.07 11.45 17.00
C ASP A 116 -3.83 11.48 15.69
N ASN A 117 -4.07 10.30 15.14
CA ASN A 117 -4.92 10.13 13.97
C ASN A 117 -5.37 8.67 13.89
N SER A 118 -6.25 8.36 12.95
CA SER A 118 -6.79 7.00 12.81
C SER A 118 -7.45 6.55 14.11
N GLN A 119 -8.13 7.49 14.77
CA GLN A 119 -8.73 7.25 16.08
C GLN A 119 -9.77 6.13 16.02
N PRO A 120 -9.81 5.28 17.05
CA PRO A 120 -10.81 4.21 17.15
C PRO A 120 -12.21 4.77 17.29
N LEU A 121 -13.06 4.44 16.32
CA LEU A 121 -14.43 4.96 16.26
C LEU A 121 -14.44 6.49 16.25
N PRO A 122 -14.15 7.10 15.09
CA PRO A 122 -14.16 8.54 14.93
C PRO A 122 -15.59 9.08 14.91
N LEU A 123 -15.98 9.73 16.00
CA LEU A 123 -17.33 10.26 16.18
C LEU A 123 -18.34 9.11 16.29
N GLU A 124 -18.77 8.82 17.51
CA GLU A 124 -19.65 7.70 17.77
C GLU A 124 -21.08 7.98 17.29
N HIS A 125 -22.02 7.14 17.73
CA HIS A 125 -23.40 7.18 17.26
C HIS A 125 -23.44 6.69 15.82
N HIS A 126 -22.46 5.86 15.49
CA HIS A 126 -22.31 5.34 14.13
C HIS A 126 -23.30 4.20 13.89
N HIS A 127 -24.54 4.56 13.64
CA HIS A 127 -25.57 3.57 13.31
C HIS A 127 -26.29 4.00 12.04
N HIS A 128 -26.81 3.03 11.32
CA HIS A 128 -27.50 3.31 10.06
C HIS A 128 -28.42 2.15 9.68
N HIS A 129 -29.53 2.45 9.06
CA HIS A 129 -30.47 1.43 8.65
C HIS A 129 -30.03 0.83 7.33
N HIS A 130 -30.05 -0.49 7.23
CA HIS A 130 -29.66 -1.17 6.01
C HIS A 130 -30.83 -1.14 5.02
N MET A 1 2.38 -17.51 10.11
CA MET A 1 1.31 -16.63 10.61
C MET A 1 1.57 -16.22 12.06
N SER A 2 2.63 -15.44 12.27
CA SER A 2 2.94 -14.90 13.58
C SER A 2 2.71 -13.39 13.59
N GLN A 3 3.60 -12.67 12.92
CA GLN A 3 3.49 -11.22 12.79
C GLN A 3 2.92 -10.88 11.42
N TRP A 4 1.72 -11.35 11.15
CA TRP A 4 1.06 -11.14 9.87
C TRP A 4 -0.30 -10.49 10.08
N THR A 5 -0.63 -9.55 9.21
CA THR A 5 -1.88 -8.82 9.32
C THR A 5 -2.65 -8.89 8.01
N THR A 6 -3.89 -9.36 8.08
CA THR A 6 -4.75 -9.41 6.90
C THR A 6 -5.12 -8.00 6.46
N VAL A 7 -4.75 -7.67 5.23
CA VAL A 7 -5.09 -6.37 4.66
C VAL A 7 -6.58 -6.29 4.43
N CYS A 8 -7.07 -7.20 3.59
CA CYS A 8 -8.49 -7.32 3.30
C CYS A 8 -8.72 -8.57 2.45
N LYS A 9 -8.67 -8.41 1.14
CA LYS A 9 -8.83 -9.54 0.22
C LYS A 9 -7.95 -9.33 -1.01
N LEU A 10 -7.83 -10.36 -1.82
CA LEU A 10 -7.10 -10.27 -3.09
C LEU A 10 -8.04 -9.86 -4.22
N ASP A 11 -9.16 -10.56 -4.32
CA ASP A 11 -10.11 -10.38 -5.42
C ASP A 11 -10.95 -9.13 -5.20
N ASP A 12 -11.16 -8.81 -3.93
CA ASP A 12 -11.99 -7.68 -3.56
C ASP A 12 -11.28 -6.37 -3.85
N ILE A 13 -9.98 -6.47 -4.12
CA ILE A 13 -9.19 -5.31 -4.51
C ILE A 13 -9.24 -5.15 -6.03
N LEU A 14 -9.79 -4.02 -6.47
CA LEU A 14 -9.94 -3.76 -7.90
C LEU A 14 -8.58 -3.70 -8.59
N PRO A 15 -8.39 -4.55 -9.62
CA PRO A 15 -7.14 -4.61 -10.37
C PRO A 15 -6.87 -3.32 -11.14
N GLY A 16 -5.60 -2.96 -11.25
CA GLY A 16 -5.23 -1.71 -11.87
C GLY A 16 -5.34 -0.56 -10.91
N THR A 17 -5.14 -0.84 -9.63
CA THR A 17 -5.35 0.18 -8.59
C THR A 17 -4.38 -0.02 -7.42
N GLY A 18 -4.40 0.91 -6.48
CA GLY A 18 -3.57 0.83 -5.29
C GLY A 18 -4.09 1.74 -4.22
N VAL A 19 -4.69 1.17 -3.17
CA VAL A 19 -5.34 1.98 -2.14
C VAL A 19 -4.80 1.67 -0.75
N CYS A 20 -4.91 2.67 0.14
CA CYS A 20 -4.52 2.51 1.52
C CYS A 20 -5.60 1.79 2.34
N ALA A 21 -5.23 0.63 2.88
CA ALA A 21 -6.15 -0.14 3.71
C ALA A 21 -5.85 0.10 5.18
N LEU A 22 -6.74 -0.38 6.05
CA LEU A 22 -6.61 -0.14 7.48
C LEU A 22 -5.83 -1.26 8.16
N VAL A 23 -4.69 -0.90 8.73
CA VAL A 23 -3.90 -1.82 9.54
C VAL A 23 -3.68 -1.19 10.91
N GLU A 24 -3.47 -2.01 11.93
CA GLU A 24 -3.39 -1.56 13.34
C GLU A 24 -2.53 -0.31 13.53
N GLN A 25 -1.35 -0.33 12.95
CA GLN A 25 -0.33 0.67 13.29
C GLN A 25 0.02 1.59 12.12
N GLN A 26 -0.54 1.32 10.95
CA GLN A 26 -0.14 2.06 9.75
C GLN A 26 -1.05 1.69 8.59
N GLN A 27 -1.36 2.68 7.75
CA GLN A 27 -2.10 2.41 6.52
C GLN A 27 -1.18 1.77 5.49
N ILE A 28 -1.68 0.77 4.80
CA ILE A 28 -0.86 0.05 3.84
C ILE A 28 -1.41 0.23 2.43
N ALA A 29 -0.53 0.44 1.47
CA ALA A 29 -0.94 0.63 0.09
C ALA A 29 -0.82 -0.67 -0.68
N VAL A 30 -1.90 -1.09 -1.30
CA VAL A 30 -1.93 -2.36 -2.01
C VAL A 30 -1.91 -2.14 -3.52
N PHE A 31 -0.72 -2.29 -4.09
CA PHE A 31 -0.56 -2.19 -5.52
C PHE A 31 -1.08 -3.44 -6.23
N ARG A 32 -2.13 -3.29 -7.01
CA ARG A 32 -2.54 -4.35 -7.90
C ARG A 32 -2.47 -3.84 -9.33
N PRO A 33 -1.28 -3.86 -9.93
CA PRO A 33 -1.03 -3.24 -11.24
C PRO A 33 -1.68 -4.01 -12.37
N ARG A 34 -1.79 -5.31 -12.23
CA ARG A 34 -2.33 -6.15 -13.28
C ARG A 34 -3.54 -6.92 -12.77
N ASN A 35 -4.13 -7.74 -13.64
CA ASN A 35 -5.35 -8.49 -13.30
C ASN A 35 -4.99 -9.88 -12.78
N ASP A 36 -3.78 -10.02 -12.26
CA ASP A 36 -3.30 -11.31 -11.80
C ASP A 36 -3.68 -11.58 -10.35
N GLU A 37 -3.19 -12.68 -9.83
CA GLU A 37 -3.50 -13.11 -8.48
C GLU A 37 -2.39 -12.71 -7.51
N GLN A 38 -1.73 -11.59 -7.80
CA GLN A 38 -0.68 -11.08 -6.93
C GLN A 38 -0.83 -9.58 -6.71
N VAL A 39 -0.32 -9.11 -5.58
CA VAL A 39 -0.40 -7.69 -5.23
C VAL A 39 0.86 -7.25 -4.51
N TYR A 40 1.05 -5.95 -4.40
CA TYR A 40 2.16 -5.39 -3.65
C TYR A 40 1.65 -4.48 -2.54
N ALA A 41 1.47 -5.04 -1.37
CA ALA A 41 1.00 -4.27 -0.23
C ALA A 41 2.18 -3.78 0.60
N ILE A 42 2.54 -2.52 0.40
CA ILE A 42 3.71 -1.96 1.05
C ILE A 42 3.37 -0.62 1.72
N SER A 43 4.32 -0.08 2.45
CA SER A 43 4.15 1.24 3.05
C SER A 43 4.37 2.32 2.01
N ASN A 44 3.30 2.67 1.30
CA ASN A 44 3.35 3.66 0.25
C ASN A 44 2.19 4.62 0.39
N ILE A 45 2.22 5.39 1.47
CA ILE A 45 1.18 6.37 1.75
C ILE A 45 1.79 7.76 1.77
N ASP A 46 1.03 8.72 1.28
CA ASP A 46 1.49 10.10 1.29
C ASP A 46 0.84 10.85 2.46
N PRO A 47 1.66 11.28 3.43
CA PRO A 47 1.18 11.94 4.65
C PRO A 47 0.50 13.29 4.36
N PHE A 48 0.68 13.78 3.14
CA PHE A 48 0.10 15.04 2.72
C PHE A 48 -1.36 14.85 2.27
N ALA A 49 -1.72 13.62 1.91
CA ALA A 49 -3.07 13.34 1.43
C ALA A 49 -3.74 12.27 2.27
N GLN A 50 -2.94 11.57 3.06
CA GLN A 50 -3.41 10.48 3.92
C GLN A 50 -3.97 9.33 3.07
N ALA A 51 -3.43 9.17 1.88
CA ALA A 51 -3.88 8.13 0.96
C ALA A 51 -2.73 7.64 0.11
N SER A 52 -2.95 6.57 -0.62
CA SER A 52 -1.93 6.00 -1.47
C SER A 52 -1.89 6.71 -2.82
N VAL A 53 -1.65 8.02 -2.79
CA VAL A 53 -1.60 8.81 -4.00
C VAL A 53 -0.25 8.64 -4.70
N LEU A 54 0.56 7.77 -4.13
CA LEU A 54 1.82 7.39 -4.71
C LEU A 54 1.70 5.99 -5.33
N SER A 55 0.52 5.40 -5.16
CA SER A 55 0.29 4.02 -5.57
C SER A 55 -0.47 3.95 -6.89
N ARG A 56 -1.56 4.70 -7.00
CA ARG A 56 -2.39 4.68 -8.20
C ARG A 56 -1.81 5.63 -9.24
N GLY A 57 -0.61 5.33 -9.66
CA GLY A 57 0.04 6.08 -10.71
C GLY A 57 0.25 5.25 -11.95
N ILE A 58 1.23 5.64 -12.75
CA ILE A 58 1.56 4.92 -13.96
C ILE A 58 2.67 3.92 -13.67
N VAL A 59 2.42 2.66 -13.98
CA VAL A 59 3.39 1.62 -13.77
C VAL A 59 4.33 1.51 -14.96
N ALA A 60 5.50 2.13 -14.83
CA ALA A 60 6.48 2.15 -15.89
C ALA A 60 7.65 1.24 -15.55
N GLU A 61 8.05 0.41 -16.50
CA GLU A 61 9.14 -0.51 -16.29
C GLU A 61 10.46 0.11 -16.73
N HIS A 62 11.53 -0.32 -16.09
CA HIS A 62 12.87 0.10 -16.47
C HIS A 62 13.78 -1.11 -16.51
N GLN A 63 14.08 -1.56 -17.73
CA GLN A 63 14.86 -2.78 -17.96
C GLN A 63 14.06 -4.01 -17.59
N ASP A 64 13.68 -4.11 -16.32
CA ASP A 64 12.88 -5.22 -15.83
C ASP A 64 12.13 -4.84 -14.56
N ASP A 65 12.64 -3.83 -13.84
CA ASP A 65 12.01 -3.42 -12.59
C ASP A 65 10.79 -2.54 -12.89
N LEU A 66 10.02 -2.23 -11.88
CA LEU A 66 8.76 -1.53 -12.05
C LEU A 66 8.70 -0.29 -11.17
N TRP A 67 8.60 0.86 -11.80
CA TRP A 67 8.54 2.13 -11.09
C TRP A 67 7.15 2.74 -11.25
N VAL A 68 6.53 3.10 -10.14
CA VAL A 68 5.22 3.73 -10.19
C VAL A 68 5.37 5.26 -10.21
N ALA A 69 4.71 5.90 -11.16
CA ALA A 69 4.74 7.35 -11.29
C ALA A 69 3.50 7.97 -10.67
N SER A 70 3.67 8.61 -9.52
CA SER A 70 2.58 9.26 -8.81
C SER A 70 1.85 10.27 -9.68
N PRO A 71 0.51 10.31 -9.62
CA PRO A 71 -0.29 11.29 -10.36
C PRO A 71 -0.21 12.69 -9.77
N LEU A 72 0.08 12.78 -8.48
CA LEU A 72 0.09 14.06 -7.79
C LEU A 72 1.50 14.56 -7.57
N LYS A 73 2.36 13.70 -7.03
CA LYS A 73 3.74 14.09 -6.77
C LYS A 73 4.61 13.85 -8.00
N LYS A 74 4.12 13.01 -8.91
CA LYS A 74 4.80 12.73 -10.18
C LYS A 74 6.16 12.09 -9.96
N GLN A 75 6.33 11.48 -8.80
CA GLN A 75 7.59 10.83 -8.45
C GLN A 75 7.53 9.34 -8.77
N HIS A 76 8.68 8.77 -9.08
CA HIS A 76 8.80 7.36 -9.42
C HIS A 76 9.26 6.55 -8.22
N PHE A 77 8.49 5.54 -7.85
CA PHE A 77 8.83 4.69 -6.71
C PHE A 77 9.01 3.24 -7.15
N ARG A 78 10.06 2.61 -6.67
CA ARG A 78 10.25 1.17 -6.85
C ARG A 78 9.12 0.42 -6.13
N LEU A 79 8.50 -0.52 -6.81
CA LEU A 79 7.37 -1.26 -6.23
C LEU A 79 7.82 -2.20 -5.11
N TYR A 80 8.57 -3.24 -5.46
CA TYR A 80 8.95 -4.26 -4.48
C TYR A 80 10.38 -4.06 -3.99
N ASP A 81 10.85 -2.83 -4.06
CA ASP A 81 12.19 -2.50 -3.61
C ASP A 81 12.14 -1.50 -2.47
N GLY A 82 11.71 -0.29 -2.76
CA GLY A 82 11.54 0.70 -1.72
C GLY A 82 12.22 2.03 -2.02
N PHE A 83 13.20 2.02 -2.90
CA PHE A 83 13.92 3.24 -3.24
C PHE A 83 13.08 4.17 -4.12
N CYS A 84 13.49 5.43 -4.18
CA CYS A 84 12.76 6.43 -4.94
C CYS A 84 13.70 7.10 -5.94
N LEU A 85 13.14 7.61 -7.03
CA LEU A 85 13.95 8.23 -8.07
C LEU A 85 14.18 9.72 -7.77
N GLU A 86 13.11 10.50 -7.84
CA GLU A 86 13.20 11.95 -7.68
C GLU A 86 13.66 12.35 -6.28
N ASP A 87 12.99 11.82 -5.26
CA ASP A 87 13.32 12.15 -3.88
C ASP A 87 13.50 10.89 -3.04
N GLY A 88 14.75 10.53 -2.79
CA GLY A 88 15.04 9.32 -2.04
C GLY A 88 14.95 9.51 -0.54
N ALA A 89 14.14 10.47 -0.11
CA ALA A 89 13.96 10.74 1.31
C ALA A 89 12.90 9.84 1.91
N TYR A 90 12.12 9.20 1.04
CA TYR A 90 11.06 8.31 1.49
C TYR A 90 11.61 6.94 1.86
N SER A 91 12.24 6.28 0.89
CA SER A 91 12.76 4.91 1.07
C SER A 91 11.73 4.03 1.76
N VAL A 92 10.70 3.66 1.01
CA VAL A 92 9.55 2.96 1.58
C VAL A 92 9.88 1.52 1.91
N ALA A 93 9.10 0.95 2.82
CA ALA A 93 9.30 -0.42 3.25
C ALA A 93 8.39 -1.37 2.49
N ALA A 94 8.99 -2.27 1.72
CA ALA A 94 8.25 -3.25 0.96
C ALA A 94 8.25 -4.59 1.71
N TYR A 95 7.28 -4.74 2.61
CA TYR A 95 7.20 -5.95 3.42
C TYR A 95 6.75 -7.14 2.59
N ASP A 96 6.83 -8.33 3.18
CA ASP A 96 6.44 -9.55 2.49
C ASP A 96 4.94 -9.75 2.58
N THR A 97 4.35 -10.11 1.46
CA THR A 97 2.92 -10.31 1.36
C THR A 97 2.64 -11.70 0.82
N GLN A 98 1.80 -12.46 1.52
CA GLN A 98 1.45 -13.80 1.08
C GLN A 98 -0.02 -13.92 0.80
N VAL A 99 -0.34 -14.62 -0.26
CA VAL A 99 -1.72 -14.90 -0.62
C VAL A 99 -2.01 -16.37 -0.39
N THR A 100 -2.44 -16.69 0.83
CA THR A 100 -2.68 -18.07 1.21
C THR A 100 -4.11 -18.47 0.86
N ASN A 101 -4.98 -17.48 0.75
CA ASN A 101 -6.38 -17.69 0.41
C ASN A 101 -6.86 -16.52 -0.42
N GLY A 102 -8.15 -16.25 -0.39
CA GLY A 102 -8.70 -15.11 -1.11
C GLY A 102 -8.38 -13.79 -0.43
N ASN A 103 -7.70 -13.87 0.71
CA ASN A 103 -7.31 -12.69 1.46
C ASN A 103 -5.78 -12.55 1.45
N VAL A 104 -5.30 -11.33 1.71
CA VAL A 104 -3.87 -11.06 1.64
C VAL A 104 -3.27 -10.84 3.04
N GLN A 105 -2.19 -11.56 3.32
CA GLN A 105 -1.48 -11.43 4.59
C GLN A 105 -0.16 -10.69 4.38
N ILE A 106 0.07 -9.65 5.16
CA ILE A 106 1.32 -8.90 5.12
C ILE A 106 2.06 -9.05 6.44
N SER A 107 3.38 -9.07 6.39
CA SER A 107 4.18 -9.23 7.60
C SER A 107 4.52 -7.88 8.20
N ILE A 108 4.19 -7.71 9.48
CA ILE A 108 4.53 -6.50 10.20
C ILE A 108 5.79 -6.72 11.04
N ALA A 109 6.91 -6.22 10.54
CA ALA A 109 8.19 -6.39 11.23
C ALA A 109 8.55 -5.13 12.01
N ASP A 110 7.55 -4.30 12.23
CA ASP A 110 7.70 -3.01 12.92
C ASP A 110 8.54 -2.04 12.09
N SER A 111 7.94 -0.90 11.80
CA SER A 111 8.61 0.13 11.02
C SER A 111 9.35 1.09 11.94
N ASP A 112 8.60 1.94 12.62
CA ASP A 112 9.13 2.90 13.58
C ASP A 112 7.96 3.60 14.25
N VAL A 113 6.90 2.84 14.45
CA VAL A 113 5.62 3.40 14.87
C VAL A 113 5.57 3.65 16.39
N ALA A 114 4.98 4.77 16.75
CA ALA A 114 4.60 5.05 18.12
C ALA A 114 3.09 4.96 18.22
N VAL A 115 2.60 3.96 18.93
CA VAL A 115 1.18 3.65 18.93
C VAL A 115 0.37 4.73 19.62
N ASP A 116 -0.15 5.62 18.80
CA ASP A 116 -1.08 6.65 19.24
C ASP A 116 -2.44 6.30 18.65
N ASN A 117 -3.35 7.24 18.58
CA ASN A 117 -4.63 6.96 17.96
C ASN A 117 -4.57 7.27 16.46
N SER A 118 -4.69 6.23 15.65
CA SER A 118 -4.65 6.39 14.20
C SER A 118 -6.07 6.56 13.65
N GLN A 119 -7.01 6.78 14.56
CA GLN A 119 -8.43 6.92 14.24
C GLN A 119 -9.02 5.60 13.76
N PRO A 120 -10.04 5.09 14.46
CA PRO A 120 -10.78 3.92 14.02
C PRO A 120 -11.61 4.24 12.78
N LEU A 121 -11.02 4.04 11.62
CA LEU A 121 -11.63 4.42 10.36
C LEU A 121 -12.32 3.22 9.71
N PRO A 122 -13.66 3.23 9.72
CA PRO A 122 -14.46 2.21 9.08
C PRO A 122 -14.92 2.62 7.68
N LEU A 123 -13.99 2.68 6.74
CA LEU A 123 -14.33 2.99 5.36
C LEU A 123 -15.04 1.80 4.73
N GLU A 124 -16.31 1.97 4.41
CA GLU A 124 -17.08 0.88 3.85
C GLU A 124 -16.65 0.60 2.42
N HIS A 125 -16.33 -0.65 2.15
CA HIS A 125 -15.95 -1.06 0.81
C HIS A 125 -17.18 -1.13 -0.08
N HIS A 126 -17.69 0.05 -0.44
CA HIS A 126 -18.89 0.14 -1.25
C HIS A 126 -18.60 -0.13 -2.71
N HIS A 127 -18.57 -1.41 -3.06
CA HIS A 127 -18.49 -1.81 -4.45
C HIS A 127 -19.90 -2.14 -4.92
N HIS A 128 -20.55 -1.15 -5.49
CA HIS A 128 -21.97 -1.23 -5.81
C HIS A 128 -22.24 -2.38 -6.77
N HIS A 129 -23.14 -3.26 -6.36
CA HIS A 129 -23.48 -4.45 -7.11
C HIS A 129 -24.98 -4.65 -7.17
N HIS A 130 -25.41 -5.74 -7.79
CA HIS A 130 -26.82 -6.11 -7.79
C HIS A 130 -27.19 -6.64 -6.41
N MET A 1 6.07 -13.73 16.20
CA MET A 1 7.30 -13.00 15.81
C MET A 1 6.99 -12.02 14.70
N SER A 2 6.60 -12.53 13.55
CA SER A 2 6.11 -11.71 12.46
C SER A 2 4.64 -12.02 12.22
N GLN A 3 3.78 -11.25 12.86
CA GLN A 3 2.36 -11.53 12.86
C GLN A 3 1.75 -11.25 11.50
N TRP A 4 1.27 -12.30 10.86
CA TRP A 4 0.51 -12.18 9.62
C TRP A 4 -0.82 -11.50 9.90
N THR A 5 -0.93 -10.25 9.52
CA THR A 5 -2.13 -9.48 9.76
C THR A 5 -3.04 -9.51 8.53
N THR A 6 -4.33 -9.49 8.77
CA THR A 6 -5.30 -9.56 7.69
C THR A 6 -5.53 -8.18 7.09
N VAL A 7 -5.24 -8.04 5.80
CA VAL A 7 -5.42 -6.79 5.10
C VAL A 7 -6.86 -6.66 4.61
N CYS A 8 -7.15 -7.25 3.46
CA CYS A 8 -8.46 -7.19 2.84
C CYS A 8 -8.63 -8.35 1.87
N LYS A 9 -9.83 -8.48 1.32
CA LYS A 9 -10.09 -9.46 0.26
C LYS A 9 -9.50 -8.97 -1.05
N LEU A 10 -8.81 -9.84 -1.76
CA LEU A 10 -8.17 -9.47 -3.02
C LEU A 10 -9.23 -9.16 -4.09
N ASP A 11 -10.44 -9.65 -3.87
CA ASP A 11 -11.55 -9.42 -4.79
C ASP A 11 -11.98 -7.95 -4.74
N ASP A 12 -11.77 -7.33 -3.59
CA ASP A 12 -12.11 -5.94 -3.40
C ASP A 12 -11.04 -5.07 -4.05
N ILE A 13 -9.84 -5.62 -4.16
CA ILE A 13 -8.71 -4.90 -4.75
C ILE A 13 -8.71 -5.10 -6.26
N LEU A 14 -9.05 -4.05 -6.99
CA LEU A 14 -9.19 -4.14 -8.44
C LEU A 14 -7.85 -4.35 -9.14
N PRO A 15 -7.84 -5.11 -10.24
CA PRO A 15 -6.64 -5.30 -11.06
C PRO A 15 -6.16 -4.00 -11.68
N GLY A 16 -4.90 -3.67 -11.44
CA GLY A 16 -4.34 -2.44 -11.98
C GLY A 16 -4.50 -1.28 -11.01
N THR A 17 -4.25 -1.53 -9.73
CA THR A 17 -4.40 -0.48 -8.71
C THR A 17 -3.27 -0.51 -7.70
N GLY A 18 -3.34 0.40 -6.74
CA GLY A 18 -2.39 0.47 -5.67
C GLY A 18 -2.90 1.38 -4.56
N VAL A 19 -3.77 0.85 -3.72
CA VAL A 19 -4.50 1.67 -2.76
C VAL A 19 -4.07 1.43 -1.32
N CYS A 20 -4.19 2.47 -0.51
CA CYS A 20 -3.91 2.36 0.92
C CYS A 20 -4.98 1.54 1.62
N ALA A 21 -4.58 0.39 2.14
CA ALA A 21 -5.49 -0.48 2.87
C ALA A 21 -5.28 -0.32 4.36
N LEU A 22 -6.36 -0.49 5.12
CA LEU A 22 -6.30 -0.34 6.56
C LEU A 22 -5.95 -1.70 7.20
N VAL A 23 -4.71 -1.82 7.62
CA VAL A 23 -4.24 -3.06 8.24
C VAL A 23 -3.84 -2.80 9.69
N GLU A 24 -4.75 -3.13 10.61
CA GLU A 24 -4.53 -2.94 12.05
C GLU A 24 -4.36 -1.46 12.39
N GLN A 25 -3.13 -0.96 12.28
CA GLN A 25 -2.83 0.45 12.54
C GLN A 25 -2.02 1.02 11.38
N GLN A 26 -1.80 0.21 10.37
CA GLN A 26 -0.90 0.56 9.27
C GLN A 26 -1.68 0.93 8.01
N GLN A 27 -1.23 1.98 7.34
CA GLN A 27 -1.76 2.34 6.04
C GLN A 27 -0.75 1.98 4.96
N ILE A 28 -0.95 0.82 4.34
CA ILE A 28 -0.04 0.34 3.30
C ILE A 28 -0.72 0.38 1.95
N ALA A 29 0.01 0.86 0.94
CA ALA A 29 -0.48 0.88 -0.42
C ALA A 29 -0.24 -0.47 -1.07
N VAL A 30 -1.31 -1.16 -1.40
CA VAL A 30 -1.20 -2.50 -1.96
C VAL A 30 -1.38 -2.45 -3.47
N PHE A 31 -0.28 -2.61 -4.18
CA PHE A 31 -0.28 -2.59 -5.63
C PHE A 31 -0.73 -3.93 -6.18
N ARG A 32 -1.71 -3.91 -7.05
CA ARG A 32 -2.07 -5.10 -7.81
C ARG A 32 -1.90 -4.80 -9.28
N PRO A 33 -0.65 -4.87 -9.78
CA PRO A 33 -0.32 -4.49 -11.16
C PRO A 33 -0.68 -5.58 -12.16
N ARG A 34 -1.00 -6.73 -11.63
CA ARG A 34 -1.36 -7.87 -12.46
C ARG A 34 -2.77 -8.35 -12.12
N ASN A 35 -3.36 -9.13 -13.00
CA ASN A 35 -4.72 -9.64 -12.81
C ASN A 35 -4.74 -10.73 -11.75
N ASP A 36 -3.58 -11.25 -11.42
CA ASP A 36 -3.49 -12.36 -10.48
C ASP A 36 -3.16 -11.84 -9.08
N GLU A 37 -2.59 -12.69 -8.24
CA GLU A 37 -2.38 -12.39 -6.83
C GLU A 37 -1.03 -11.71 -6.59
N GLN A 38 -0.38 -11.28 -7.67
CA GLN A 38 0.91 -10.59 -7.54
C GLN A 38 0.70 -9.19 -7.00
N VAL A 39 0.81 -9.05 -5.69
CA VAL A 39 0.59 -7.77 -5.05
C VAL A 39 1.88 -7.22 -4.44
N TYR A 40 1.94 -5.90 -4.35
CA TYR A 40 3.06 -5.21 -3.72
C TYR A 40 2.54 -4.33 -2.59
N ALA A 41 2.65 -4.82 -1.37
CA ALA A 41 2.18 -4.08 -0.22
C ALA A 41 3.33 -3.31 0.44
N ILE A 42 3.40 -2.02 0.16
CA ILE A 42 4.42 -1.17 0.75
C ILE A 42 3.81 0.10 1.30
N SER A 43 4.48 0.72 2.25
CA SER A 43 3.98 1.94 2.88
C SER A 43 4.15 3.16 1.98
N ASN A 44 3.68 3.07 0.75
CA ASN A 44 3.81 4.17 -0.21
C ASN A 44 2.60 5.09 -0.10
N ILE A 45 2.62 5.95 0.91
CA ILE A 45 1.53 6.85 1.19
C ILE A 45 2.05 8.28 1.29
N ASP A 46 1.27 9.24 0.81
CA ASP A 46 1.66 10.63 0.89
C ASP A 46 1.34 11.17 2.27
N PRO A 47 2.34 11.75 2.95
CA PRO A 47 2.20 12.25 4.33
C PRO A 47 1.20 13.41 4.44
N PHE A 48 0.81 13.98 3.32
CA PHE A 48 -0.15 15.08 3.31
C PHE A 48 -1.47 14.67 2.67
N ALA A 49 -1.67 13.36 2.50
CA ALA A 49 -2.90 12.88 1.88
C ALA A 49 -3.49 11.71 2.66
N GLN A 50 -2.62 10.88 3.24
CA GLN A 50 -3.03 9.64 3.92
C GLN A 50 -3.66 8.67 2.93
N ALA A 51 -3.31 8.84 1.67
CA ALA A 51 -3.78 7.98 0.60
C ALA A 51 -2.63 7.74 -0.36
N SER A 52 -2.74 6.68 -1.13
CA SER A 52 -1.69 6.30 -2.05
C SER A 52 -1.75 7.13 -3.34
N VAL A 53 -1.53 8.43 -3.22
CA VAL A 53 -1.50 9.31 -4.37
C VAL A 53 -0.12 9.22 -5.04
N LEU A 54 0.80 8.57 -4.34
CA LEU A 54 2.11 8.25 -4.89
C LEU A 54 2.01 6.92 -5.65
N SER A 55 0.78 6.43 -5.75
CA SER A 55 0.48 5.14 -6.36
C SER A 55 -0.77 5.30 -7.21
N ARG A 56 -0.95 6.50 -7.74
CA ARG A 56 -2.19 6.88 -8.40
C ARG A 56 -2.25 6.29 -9.82
N GLY A 57 -2.22 4.98 -9.87
CA GLY A 57 -2.53 4.26 -11.09
C GLY A 57 -1.37 4.11 -12.04
N ILE A 58 -0.62 5.19 -12.26
CA ILE A 58 0.42 5.20 -13.27
C ILE A 58 1.57 4.30 -12.87
N VAL A 59 1.63 3.14 -13.48
CA VAL A 59 2.68 2.20 -13.24
C VAL A 59 3.42 1.92 -14.54
N ALA A 60 4.70 2.26 -14.55
CA ALA A 60 5.50 2.14 -15.74
C ALA A 60 6.66 1.19 -15.53
N GLU A 61 6.86 0.29 -16.49
CA GLU A 61 8.01 -0.58 -16.46
C GLU A 61 9.23 0.20 -16.90
N HIS A 62 9.97 0.71 -15.92
CA HIS A 62 11.14 1.51 -16.20
C HIS A 62 12.34 0.61 -16.44
N GLN A 63 12.51 0.23 -17.69
CA GLN A 63 13.63 -0.58 -18.15
C GLN A 63 13.59 -2.02 -17.62
N ASP A 64 13.69 -2.20 -16.30
CA ASP A 64 13.85 -3.53 -15.73
C ASP A 64 12.73 -3.87 -14.75
N ASP A 65 12.21 -2.88 -14.04
CA ASP A 65 11.30 -3.16 -12.93
C ASP A 65 10.03 -2.32 -13.06
N LEU A 66 9.19 -2.38 -12.03
CA LEU A 66 7.92 -1.65 -12.02
C LEU A 66 8.05 -0.38 -11.19
N TRP A 67 7.88 0.76 -11.85
CA TRP A 67 8.04 2.04 -11.19
C TRP A 67 6.75 2.86 -11.31
N VAL A 68 6.17 3.21 -10.18
CA VAL A 68 4.93 3.98 -10.16
C VAL A 68 5.24 5.48 -10.29
N ALA A 69 4.32 6.22 -10.89
CA ALA A 69 4.50 7.65 -11.06
C ALA A 69 3.39 8.42 -10.36
N SER A 70 3.78 9.41 -9.57
CA SER A 70 2.82 10.23 -8.87
C SER A 70 2.67 11.58 -9.57
N PRO A 71 1.45 12.13 -9.60
CA PRO A 71 1.19 13.44 -10.21
C PRO A 71 1.72 14.59 -9.36
N LEU A 72 2.27 14.25 -8.21
CA LEU A 72 2.77 15.26 -7.28
C LEU A 72 4.30 15.31 -7.31
N LYS A 73 4.94 14.16 -7.07
CA LYS A 73 6.40 14.10 -7.01
C LYS A 73 6.97 13.81 -8.39
N LYS A 74 6.15 13.18 -9.24
CA LYS A 74 6.43 13.02 -10.67
C LYS A 74 7.50 11.96 -10.96
N GLN A 75 8.47 11.80 -10.07
CA GLN A 75 9.50 10.78 -10.25
C GLN A 75 8.93 9.39 -10.03
N HIS A 76 9.71 8.38 -10.41
CA HIS A 76 9.23 7.00 -10.38
C HIS A 76 9.65 6.29 -9.11
N PHE A 77 8.69 5.69 -8.43
CA PHE A 77 8.97 4.91 -7.23
C PHE A 77 9.05 3.44 -7.59
N ARG A 78 10.18 2.79 -7.29
CA ARG A 78 10.30 1.37 -7.57
C ARG A 78 9.46 0.57 -6.58
N LEU A 79 8.48 -0.16 -7.10
CA LEU A 79 7.51 -0.85 -6.26
C LEU A 79 8.16 -1.89 -5.36
N TYR A 80 9.31 -2.40 -5.77
CA TYR A 80 9.98 -3.45 -5.03
C TYR A 80 10.95 -2.87 -3.98
N ASP A 81 11.03 -1.55 -3.90
CA ASP A 81 11.96 -0.93 -2.97
C ASP A 81 11.37 0.31 -2.31
N GLY A 82 11.12 1.34 -3.11
CA GLY A 82 10.58 2.58 -2.57
C GLY A 82 11.32 3.80 -3.08
N PHE A 83 12.59 3.62 -3.45
CA PHE A 83 13.40 4.72 -3.95
C PHE A 83 12.75 5.42 -5.15
N CYS A 84 12.93 6.73 -5.20
CA CYS A 84 12.24 7.57 -6.16
C CYS A 84 13.12 7.86 -7.35
N LEU A 85 13.44 6.80 -8.11
CA LEU A 85 14.22 6.91 -9.35
C LEU A 85 15.65 7.38 -9.06
N GLU A 86 15.85 8.69 -9.03
CA GLU A 86 17.17 9.24 -8.76
C GLU A 86 17.27 9.76 -7.32
N ASP A 87 16.14 9.84 -6.66
CA ASP A 87 16.10 10.30 -5.27
C ASP A 87 15.59 9.21 -4.36
N GLY A 88 15.59 9.48 -3.07
CA GLY A 88 15.05 8.54 -2.10
C GLY A 88 14.23 9.26 -1.06
N ALA A 89 13.43 10.22 -1.51
CA ALA A 89 12.63 11.05 -0.62
C ALA A 89 11.72 10.19 0.25
N TYR A 90 11.06 9.22 -0.37
CA TYR A 90 10.16 8.35 0.37
C TYR A 90 10.64 6.90 0.30
N SER A 91 11.60 6.58 1.15
CA SER A 91 12.05 5.21 1.28
C SER A 91 11.05 4.42 2.11
N VAL A 92 10.16 3.72 1.42
CA VAL A 92 9.09 2.98 2.07
C VAL A 92 9.59 1.62 2.56
N ALA A 93 8.81 0.99 3.41
CA ALA A 93 9.16 -0.32 3.95
C ALA A 93 8.42 -1.42 3.20
N ALA A 94 9.19 -2.37 2.68
CA ALA A 94 8.63 -3.51 1.97
C ALA A 94 8.44 -4.67 2.93
N TYR A 95 7.23 -4.80 3.44
CA TYR A 95 6.90 -5.90 4.33
C TYR A 95 6.55 -7.14 3.51
N ASP A 96 6.77 -8.32 4.09
CA ASP A 96 6.44 -9.56 3.39
C ASP A 96 4.94 -9.77 3.39
N THR A 97 4.40 -10.02 2.23
CA THR A 97 2.97 -10.18 2.05
C THR A 97 2.68 -11.53 1.44
N GLN A 98 1.46 -12.02 1.62
CA GLN A 98 1.04 -13.29 1.05
C GLN A 98 -0.47 -13.34 0.89
N VAL A 99 -0.89 -13.94 -0.19
CA VAL A 99 -2.30 -14.15 -0.47
C VAL A 99 -2.60 -15.63 -0.35
N THR A 100 -3.26 -16.02 0.72
CA THR A 100 -3.51 -17.43 0.98
C THR A 100 -4.81 -17.89 0.30
N ASN A 101 -5.95 -17.54 0.86
CA ASN A 101 -7.24 -17.94 0.30
C ASN A 101 -8.07 -16.73 -0.05
N GLY A 102 -7.67 -16.01 -1.08
CA GLY A 102 -8.42 -14.83 -1.51
C GLY A 102 -8.13 -13.61 -0.66
N ASN A 103 -7.83 -13.84 0.61
CA ASN A 103 -7.49 -12.77 1.52
C ASN A 103 -5.98 -12.51 1.48
N VAL A 104 -5.61 -11.26 1.66
CA VAL A 104 -4.21 -10.85 1.64
C VAL A 104 -3.73 -10.58 3.06
N GLN A 105 -2.56 -11.11 3.41
CA GLN A 105 -2.01 -10.89 4.75
C GLN A 105 -0.55 -10.42 4.66
N ILE A 106 -0.16 -9.57 5.61
CA ILE A 106 1.20 -9.04 5.68
C ILE A 106 1.82 -9.41 7.02
N SER A 107 3.08 -9.83 7.01
CA SER A 107 3.78 -10.16 8.24
C SER A 107 4.50 -8.94 8.78
N ILE A 108 4.05 -8.45 9.91
CA ILE A 108 4.67 -7.30 10.54
C ILE A 108 5.06 -7.61 11.97
N ALA A 109 6.03 -6.87 12.49
CA ALA A 109 6.41 -6.97 13.88
C ALA A 109 5.38 -6.26 14.76
N ASP A 110 5.52 -6.37 16.06
CA ASP A 110 4.57 -5.74 16.98
C ASP A 110 4.63 -4.22 16.85
N SER A 111 3.46 -3.63 16.74
CA SER A 111 3.32 -2.18 16.66
C SER A 111 2.54 -1.68 17.87
N ASP A 112 2.74 -2.37 18.98
CA ASP A 112 2.02 -2.06 20.21
C ASP A 112 2.56 -0.77 20.83
N VAL A 113 2.03 0.34 20.36
CA VAL A 113 2.38 1.65 20.89
C VAL A 113 1.10 2.37 21.29
N ALA A 114 1.19 3.28 22.25
CA ALA A 114 0.03 4.02 22.72
C ALA A 114 -0.43 5.04 21.68
N VAL A 115 -1.19 4.56 20.71
CA VAL A 115 -1.73 5.41 19.66
C VAL A 115 -3.25 5.34 19.65
N ASP A 116 -3.88 6.50 19.74
CA ASP A 116 -5.34 6.56 19.71
C ASP A 116 -5.83 6.75 18.27
N ASN A 117 -7.13 6.71 18.08
CA ASN A 117 -7.70 6.85 16.75
C ASN A 117 -8.55 8.10 16.67
N SER A 118 -8.34 8.89 15.63
CA SER A 118 -9.10 10.10 15.41
C SER A 118 -10.20 9.86 14.37
N GLN A 119 -10.05 8.76 13.63
CA GLN A 119 -11.01 8.38 12.61
C GLN A 119 -11.56 7.00 12.90
N PRO A 120 -12.90 6.89 13.01
CA PRO A 120 -13.57 5.60 13.27
C PRO A 120 -13.33 4.60 12.16
N LEU A 121 -13.08 3.35 12.53
CA LEU A 121 -12.82 2.28 11.58
C LEU A 121 -14.05 2.03 10.70
N PRO A 122 -13.85 1.80 9.41
CA PRO A 122 -14.93 1.59 8.46
C PRO A 122 -15.57 0.21 8.61
N LEU A 123 -16.68 0.14 9.33
CA LEU A 123 -17.42 -1.10 9.47
C LEU A 123 -18.47 -1.17 8.38
N GLU A 124 -18.16 -1.91 7.32
CA GLU A 124 -19.03 -2.01 6.16
C GLU A 124 -19.59 -3.43 6.06
N HIS A 125 -20.91 -3.54 6.03
CA HIS A 125 -21.55 -4.85 6.01
C HIS A 125 -21.50 -5.47 4.62
N HIS A 126 -20.58 -6.39 4.44
CA HIS A 126 -20.39 -7.05 3.15
C HIS A 126 -21.49 -8.06 2.90
N HIS A 127 -22.06 -8.00 1.70
CA HIS A 127 -23.17 -8.88 1.30
C HIS A 127 -22.80 -10.35 1.44
N HIS A 128 -23.69 -11.12 2.05
CA HIS A 128 -23.53 -12.56 2.18
C HIS A 128 -24.87 -13.27 2.03
N HIS A 129 -25.02 -14.02 0.95
CA HIS A 129 -26.26 -14.73 0.68
C HIS A 129 -26.19 -16.16 1.20
N HIS A 130 -27.28 -16.59 1.82
CA HIS A 130 -27.38 -17.94 2.36
C HIS A 130 -28.83 -18.39 2.31
#